data_8X81
#
_entry.id   8X81
#
_cell.length_a   1.00
_cell.length_b   1.00
_cell.length_c   1.00
_cell.angle_alpha   90.00
_cell.angle_beta   90.00
_cell.angle_gamma   90.00
#
_symmetry.space_group_name_H-M   'P 1'
#
loop_
_entity.id
_entity.type
_entity.pdbx_description
1 polymer 'Leptin receptor'
2 polymer Leptin
3 branched 2-acetamido-2-deoxy-beta-D-glucopyranose-(1-4)-[alpha-L-fucopyranose-(1-6)]2-acetamido-2-deoxy-beta-D-glucopyranose
4 non-polymer 2-acetamido-2-deoxy-beta-D-glucopyranose
#
loop_
_entity_poly.entity_id
_entity_poly.type
_entity_poly.pdbx_seq_one_letter_code
_entity_poly.pdbx_strand_id
1 'polypeptide(L)'
;AFNLSYPITPWRFKLSCMPPNSTYDYFLLPAGLSKNTSNSNGHYETAVEPKFNSSGTHFSNLSKTTFHCCFRSEQDRNCS
LCADNIEGKTFVSTVNSLVFQQIDANWNIQCWLKGDLKLFICYVESLFKNLFRNYNYKVHLLYVLPEVLEDSPLVPQKGS
FQMVHCNCSVHECCECLVPVPTAKLNDTLLMCLKITSGGVIFQSPLMSVQPINMVKPDPPLGLHMEITDDGNLKISWSSP
PLVPFPLQYQVKYSENSTTVIREADKIVSATSLLVDSILPGSSYEVQVRGKRLDGPGIWSDWSTPRVFTTQDVIYFPPKI
LTSVGSNVSFHCIYKKENKIVPSKEIVWWMNLAEKIPQSQYDVVSDHVSKVTFFNLNETKPRGKFTYDAVYCCNEHECHH
RYAELYVIDVNINISCETDGYLTKMTCRWSTSTIQSLAESTLQLRYHRSSLYCSDIPSIHPISEPKDCYLQSDGFYECIF
QPIFLLSGYTMWIRINHSLGSLDSPPTCVLPDSVVKPLPPSSVKAEITINIGLLKISWEKPVFPENNLQFQIRYGLSGKE
VQWKMYEVYDAKSKSVSLPVPDLCAVYAVQVRCKRLDGLGYWSNWSNPAYTVVMDIKVPMRGPEFWRIINGDTMKKEKNV
TLLWKPLMKNDSLCSVQRYVINHHTSCNGTWSEDVGNHTKFTFLWTEQAHTVTVLAINSIGASVANFNLTFSWPMSKVNI
VQSLSAYPLNSSCVIVSWILSPSDYKLMYFIIEWKNLNEDGEIKWLRISSSVKKYYIHDHFIPIEKYQFSLYPIFMEGVG
KPKIINSFTQDDIEKHQSDGTHHHHHHHH
;
A,B,C
2 'polypeptide(L)'
;MHWGTLCGFLWLWPYLFYVQAVPIQKVQDDTKTLIKTIVTRINDISHTQSVSSKQKVTGLDFIPGLHPILTLSKMDQTLA
VYQQILTSMPSRNVIQISNDLENLRDLLHVLAFSKSCHLPWASGLETLDSLGGVLEASGYSTEVVALSRLQGSLQDMLWQ
LDLSPGC
;
D,F,E
#
loop_
_chem_comp.id
_chem_comp.type
_chem_comp.name
_chem_comp.formula
FUC L-saccharide, alpha linking alpha-L-fucopyranose 'C6 H12 O5'
NAG D-saccharide, beta linking 2-acetamido-2-deoxy-beta-D-glucopyranose 'C8 H15 N O6'
#
# COMPACT_ATOMS: atom_id res chain seq x y z
N ASN A 3 77.61 -18.88 66.49
CA ASN A 3 78.99 -18.78 66.02
C ASN A 3 79.07 -18.00 64.71
N LEU A 4 79.65 -16.79 64.78
CA LEU A 4 79.80 -15.92 63.61
C LEU A 4 78.45 -15.65 62.94
N SER A 5 77.41 -15.45 63.75
CA SER A 5 76.08 -15.15 63.24
C SER A 5 75.42 -14.17 64.20
N TYR A 6 75.05 -13.00 63.68
CA TYR A 6 74.42 -11.95 64.49
C TYR A 6 73.08 -11.56 63.90
N PRO A 7 71.97 -11.84 64.58
CA PRO A 7 70.66 -11.40 64.09
C PRO A 7 70.55 -9.88 64.07
N ILE A 8 69.79 -9.38 63.11
CA ILE A 8 69.61 -7.94 62.93
C ILE A 8 68.48 -7.50 63.85
N THR A 9 68.85 -6.95 65.01
CA THR A 9 67.88 -6.46 65.98
C THR A 9 68.33 -5.12 66.54
N PRO A 10 67.65 -4.02 66.21
CA PRO A 10 66.48 -3.91 65.33
C PRO A 10 66.88 -3.66 63.88
N TRP A 11 65.92 -3.27 63.03
CA TRP A 11 66.23 -3.01 61.63
C TRP A 11 67.06 -1.74 61.44
N ARG A 12 67.07 -0.85 62.43
CA ARG A 12 67.84 0.39 62.36
C ARG A 12 69.24 0.15 62.92
N PHE A 13 70.25 0.27 62.06
CA PHE A 13 71.63 0.06 62.46
C PHE A 13 72.50 1.15 61.86
N LYS A 14 73.61 1.44 62.54
CA LYS A 14 74.59 2.43 62.10
C LYS A 14 75.91 1.74 61.82
N LEU A 15 76.45 1.96 60.61
CA LEU A 15 77.72 1.38 60.19
C LEU A 15 78.75 2.50 60.09
N SER A 16 79.88 2.32 60.78
CA SER A 16 80.93 3.34 60.80
C SER A 16 82.27 2.69 60.54
N CYS A 17 83.09 3.34 59.72
CA CYS A 17 84.44 2.91 59.42
C CYS A 17 85.43 3.91 60.00
N MET A 18 86.36 3.42 60.81
CA MET A 18 87.34 4.27 61.45
C MET A 18 88.74 3.67 61.30
N PRO A 19 89.77 4.51 61.21
CA PRO A 19 91.12 3.97 61.13
C PRO A 19 91.52 3.29 62.43
N PRO A 20 92.37 2.26 62.36
CA PRO A 20 92.82 1.54 63.56
C PRO A 20 93.76 2.37 64.43
N LEU A 62 93.81 1.24 46.42
CA LEU A 62 94.48 0.22 45.62
C LEU A 62 93.60 -0.99 45.42
N SER A 63 94.17 -2.05 44.84
CA SER A 63 93.39 -3.26 44.56
C SER A 63 93.14 -4.05 45.84
N LYS A 64 94.02 -3.97 46.82
CA LYS A 64 93.88 -4.76 48.04
C LYS A 64 93.83 -3.87 49.28
N THR A 65 93.08 -2.77 49.20
CA THR A 65 92.90 -1.87 50.33
C THR A 65 91.65 -2.31 51.10
N THR A 66 91.84 -2.77 52.33
CA THR A 66 90.75 -3.25 53.17
C THR A 66 90.50 -2.24 54.28
N PHE A 67 89.24 -1.85 54.45
CA PHE A 67 88.82 -0.92 55.49
C PHE A 67 87.90 -1.63 56.47
N HIS A 68 88.20 -1.49 57.77
CA HIS A 68 87.44 -2.16 58.81
C HIS A 68 86.27 -1.29 59.24
N CYS A 69 85.05 -1.79 59.05
CA CYS A 69 83.83 -1.09 59.43
C CYS A 69 83.06 -1.95 60.43
N CYS A 70 82.39 -1.27 61.37
CA CYS A 70 81.68 -1.95 62.44
C CYS A 70 80.32 -1.30 62.65
N PHE A 71 79.40 -2.09 63.21
CA PHE A 71 78.08 -1.58 63.55
C PHE A 71 78.09 -0.99 64.96
N ARG A 72 77.61 0.25 65.08
CA ARG A 72 77.59 0.95 66.36
C ARG A 72 76.19 0.83 66.95
N SER A 73 75.98 -0.24 67.71
CA SER A 73 74.71 -0.47 68.37
C SER A 73 74.67 0.20 69.74
N GLU A 74 73.48 0.25 70.33
CA GLU A 74 73.32 0.91 71.63
C GLU A 74 74.01 0.14 72.75
N GLN A 75 74.10 -1.18 72.64
CA GLN A 75 74.66 -2.00 73.70
C GLN A 75 75.71 -3.00 73.24
N ASP A 76 75.91 -3.18 71.94
CA ASP A 76 76.86 -4.16 71.43
C ASP A 76 77.72 -3.53 70.34
N ARG A 77 78.92 -4.11 70.15
CA ARG A 77 79.85 -3.69 69.12
C ARG A 77 80.40 -4.95 68.44
N ASN A 78 79.80 -5.31 67.31
CA ASN A 78 80.19 -6.50 66.57
C ASN A 78 80.92 -6.10 65.30
N CYS A 79 82.05 -6.76 65.03
CA CYS A 79 82.88 -6.49 63.85
C CYS A 79 83.17 -7.83 63.18
N SER A 80 82.36 -8.17 62.18
CA SER A 80 82.51 -9.42 61.44
C SER A 80 82.97 -9.10 60.03
N LEU A 81 84.06 -9.72 59.60
CA LEU A 81 84.59 -9.51 58.26
C LEU A 81 83.98 -10.49 57.28
N CYS A 82 83.78 -10.03 56.04
CA CYS A 82 83.22 -10.89 55.01
C CYS A 82 84.20 -12.01 54.66
N ALA A 83 83.65 -13.16 54.27
CA ALA A 83 84.43 -14.34 53.94
C ALA A 83 84.94 -14.32 52.51
N ASP A 84 84.60 -13.29 51.73
CA ASP A 84 85.05 -13.21 50.35
C ASP A 84 86.57 -13.10 50.27
N ASN A 85 87.17 -12.29 51.13
CA ASN A 85 88.61 -12.08 51.15
C ASN A 85 89.15 -12.42 52.54
N ILE A 86 90.09 -13.37 52.58
CA ILE A 86 90.73 -13.75 53.84
C ILE A 86 92.23 -13.49 53.83
N GLU A 87 92.89 -13.47 52.67
CA GLU A 87 94.33 -13.23 52.56
C GLU A 87 94.65 -11.77 52.25
N GLY A 88 93.82 -10.84 52.72
CA GLY A 88 94.03 -9.44 52.44
C GLY A 88 94.86 -8.73 53.49
N LYS A 89 95.67 -9.48 54.23
CA LYS A 89 96.51 -8.94 55.29
C LYS A 89 97.68 -8.19 54.64
N THR A 90 97.42 -6.96 54.24
CA THR A 90 98.40 -6.09 53.61
C THR A 90 98.57 -4.83 54.42
N PHE A 91 99.81 -4.34 54.50
CA PHE A 91 100.10 -3.13 55.25
C PHE A 91 99.44 -1.92 54.60
N VAL A 92 98.93 -1.02 55.44
CA VAL A 92 98.27 0.21 54.99
C VAL A 92 99.05 1.39 55.56
N SER A 93 99.43 2.32 54.69
CA SER A 93 100.19 3.48 55.13
C SER A 93 99.33 4.39 56.00
N THR A 94 99.92 4.87 57.09
CA THR A 94 99.21 5.75 58.01
C THR A 94 99.13 7.19 57.48
N VAL A 95 99.98 7.56 56.53
CA VAL A 95 99.98 8.92 56.01
C VAL A 95 98.67 9.22 55.30
N ASN A 96 98.18 8.29 54.49
CA ASN A 96 96.95 8.49 53.74
C ASN A 96 95.70 8.43 54.62
N SER A 97 95.81 7.90 55.84
CA SER A 97 94.65 7.79 56.72
C SER A 97 94.02 9.15 56.99
N LEU A 98 94.84 10.20 57.09
CA LEU A 98 94.30 11.54 57.30
C LEU A 98 93.33 11.93 56.19
N VAL A 99 93.58 11.48 54.96
CA VAL A 99 92.64 11.74 53.87
C VAL A 99 91.28 11.13 54.18
N PHE A 100 91.26 9.92 54.73
CA PHE A 100 90.01 9.30 55.14
C PHE A 100 89.31 10.08 56.23
N GLN A 101 90.04 10.93 56.96
CA GLN A 101 89.40 11.79 57.95
C GLN A 101 88.54 12.86 57.29
N GLN A 102 88.91 13.28 56.07
CA GLN A 102 88.19 14.34 55.38
C GLN A 102 86.93 13.85 54.68
N ILE A 103 86.79 12.53 54.50
CA ILE A 103 85.63 11.96 53.82
C ILE A 103 84.93 11.04 54.81
N ASP A 104 83.65 11.31 55.07
CA ASP A 104 82.86 10.48 55.98
C ASP A 104 82.14 9.42 55.17
N ALA A 105 82.48 8.15 55.42
CA ALA A 105 81.90 7.03 54.67
C ALA A 105 80.55 6.69 55.27
N ASN A 106 79.55 7.50 54.91
CA ASN A 106 78.17 7.30 55.34
C ASN A 106 77.31 7.06 54.11
N TRP A 107 76.76 5.85 54.01
CA TRP A 107 75.92 5.46 52.88
C TRP A 107 74.68 4.76 53.39
N ASN A 108 73.57 4.91 52.66
CA ASN A 108 72.29 4.31 53.01
C ASN A 108 71.87 3.38 51.89
N ILE A 109 71.98 2.07 52.14
CA ILE A 109 71.58 1.04 51.18
C ILE A 109 70.54 0.15 51.86
N GLN A 110 69.40 -0.03 51.22
CA GLN A 110 68.30 -0.82 51.76
C GLN A 110 67.99 -1.97 50.82
N CYS A 111 68.25 -3.20 51.27
CA CYS A 111 67.98 -4.40 50.48
C CYS A 111 66.95 -5.24 51.21
N TRP A 112 65.91 -5.66 50.48
CA TRP A 112 64.84 -6.44 51.07
C TRP A 112 64.18 -7.31 50.00
N LEU A 113 63.27 -8.17 50.43
CA LEU A 113 62.53 -9.05 49.55
C LEU A 113 61.08 -8.60 49.49
N LYS A 114 60.56 -8.46 48.28
CA LYS A 114 59.19 -8.01 48.09
C LYS A 114 58.21 -9.10 48.52
N GLY A 115 56.98 -8.68 48.80
CA GLY A 115 55.97 -9.61 49.30
C GLY A 115 55.50 -10.60 48.26
N ASP A 116 55.63 -10.26 46.98
CA ASP A 116 55.22 -11.17 45.92
C ASP A 116 56.17 -12.35 45.75
N LEU A 117 57.32 -12.34 46.43
CA LEU A 117 58.32 -13.41 46.32
C LEU A 117 58.77 -13.60 44.88
N LYS A 118 58.95 -12.49 44.17
CA LYS A 118 59.38 -12.51 42.78
C LYS A 118 60.72 -11.82 42.56
N LEU A 119 60.91 -10.63 43.13
CA LEU A 119 62.12 -9.85 42.92
C LEU A 119 62.66 -9.37 44.26
N PHE A 120 63.98 -9.23 44.33
CA PHE A 120 64.67 -8.68 45.50
C PHE A 120 65.00 -7.21 45.21
N ILE A 121 64.50 -6.31 46.05
CA ILE A 121 64.64 -4.89 45.78
C ILE A 121 65.81 -4.34 46.61
N CYS A 122 66.79 -3.77 45.93
CA CYS A 122 67.93 -3.12 46.57
C CYS A 122 67.98 -1.67 46.10
N TYR A 123 67.88 -0.74 47.04
CA TYR A 123 67.88 0.68 46.74
C TYR A 123 69.12 1.32 47.35
N VAL A 124 69.88 2.04 46.52
CA VAL A 124 71.07 2.77 46.95
C VAL A 124 70.81 4.25 46.66
N GLU A 125 70.86 5.08 47.70
CA GLU A 125 70.63 6.51 47.59
C GLU A 125 71.77 7.25 48.25
N SER A 126 72.24 8.31 47.60
CA SER A 126 73.32 9.14 48.11
C SER A 126 72.74 10.38 48.76
N LEU A 127 73.04 10.58 50.04
CA LEU A 127 72.54 11.75 50.76
C LEU A 127 73.23 13.04 50.35
N PHE A 128 74.39 12.94 49.70
CA PHE A 128 75.13 14.11 49.22
C PHE A 128 74.71 14.38 47.79
N LYS A 129 73.56 15.05 47.63
CA LYS A 129 73.00 15.35 46.32
C LYS A 129 73.74 16.55 45.73
N ASN A 130 74.96 16.28 45.25
CA ASN A 130 75.80 17.30 44.63
C ASN A 130 75.86 17.04 43.13
N LEU A 131 75.48 18.04 42.34
CA LEU A 131 75.49 17.91 40.88
C LEU A 131 76.85 18.17 40.27
N PHE A 132 77.82 18.66 41.05
CA PHE A 132 79.15 18.94 40.52
C PHE A 132 79.96 17.68 40.27
N ARG A 133 79.58 16.56 40.88
CA ARG A 133 80.32 15.30 40.73
C ARG A 133 79.30 14.18 40.63
N ASN A 134 79.14 13.62 39.44
CA ASN A 134 78.23 12.50 39.19
C ASN A 134 79.09 11.26 38.92
N TYR A 135 79.41 10.52 39.98
CA TYR A 135 80.23 9.34 39.85
C TYR A 135 79.42 8.20 39.24
N ASN A 136 80.03 7.50 38.27
CA ASN A 136 79.38 6.36 37.62
C ASN A 136 79.77 5.11 38.38
N TYR A 137 78.91 4.71 39.33
CA TYR A 137 79.13 3.56 40.16
C TYR A 137 78.24 2.41 39.74
N LYS A 138 78.77 1.19 39.79
CA LYS A 138 78.04 -0.02 39.43
C LYS A 138 77.86 -0.89 40.66
N VAL A 139 76.63 -1.34 40.89
CA VAL A 139 76.29 -2.15 42.06
C VAL A 139 76.04 -3.58 41.57
N HIS A 140 76.75 -4.54 42.17
CA HIS A 140 76.62 -5.95 41.83
C HIS A 140 76.07 -6.70 43.04
N LEU A 141 75.07 -7.54 42.79
CA LEU A 141 74.41 -8.31 43.85
C LEU A 141 75.01 -9.71 43.86
N LEU A 142 75.78 -10.01 44.90
CA LEU A 142 76.40 -11.33 45.08
C LEU A 142 75.60 -12.10 46.11
N TYR A 143 74.89 -13.14 45.66
CA TYR A 143 74.06 -13.96 46.53
C TYR A 143 74.32 -15.43 46.24
N VAL A 144 74.24 -16.24 47.29
CA VAL A 144 74.41 -17.69 47.18
C VAL A 144 73.34 -18.37 48.02
N LEU A 145 72.98 -19.59 47.63
CA LEU A 145 71.97 -20.39 48.33
C LEU A 145 72.53 -21.78 48.56
N PRO A 146 73.44 -21.94 49.52
CA PRO A 146 73.99 -23.27 49.80
C PRO A 146 72.91 -24.23 50.31
N GLU A 147 73.07 -25.49 49.96
CA GLU A 147 72.15 -26.54 50.41
C GLU A 147 72.57 -27.08 51.76
N VAL A 148 71.62 -27.76 52.42
CA VAL A 148 71.87 -28.34 53.74
C VAL A 148 72.65 -29.63 53.53
N LEU A 149 73.90 -29.65 54.01
CA LEU A 149 74.77 -30.82 53.91
C LEU A 149 75.08 -31.32 55.30
N GLU A 150 74.92 -32.63 55.51
CA GLU A 150 75.14 -33.25 56.81
C GLU A 150 76.59 -33.71 57.01
N ASP A 151 77.45 -33.50 56.03
CA ASP A 151 78.86 -33.91 56.11
C ASP A 151 79.72 -32.65 56.20
N SER A 152 79.89 -32.15 57.44
CA SER A 152 80.75 -31.02 57.80
C SER A 152 80.22 -29.70 57.22
N PRO A 153 80.38 -28.59 57.95
CA PRO A 153 80.01 -27.26 57.41
C PRO A 153 81.12 -26.67 56.55
N LEU A 154 81.15 -27.10 55.29
CA LEU A 154 82.20 -26.65 54.38
C LEU A 154 82.08 -25.17 54.09
N VAL A 155 83.22 -24.50 53.99
CA VAL A 155 83.25 -23.07 53.70
C VAL A 155 83.19 -22.88 52.18
N PRO A 156 82.28 -22.07 51.66
CA PRO A 156 82.22 -21.84 50.22
C PRO A 156 83.52 -21.22 49.71
N GLN A 157 83.92 -21.64 48.51
CA GLN A 157 85.16 -21.18 47.91
C GLN A 157 84.93 -19.91 47.10
N LYS A 158 86.01 -19.36 46.55
CA LYS A 158 85.91 -18.15 45.74
C LYS A 158 85.16 -18.45 44.44
N GLY A 159 84.33 -17.50 44.01
CA GLY A 159 83.54 -17.66 42.82
C GLY A 159 82.21 -18.35 43.01
N SER A 160 81.90 -18.80 44.23
CA SER A 160 80.62 -19.47 44.48
C SER A 160 79.45 -18.50 44.29
N PHE A 161 79.62 -17.25 44.72
CA PHE A 161 78.56 -16.26 44.58
C PHE A 161 78.32 -15.94 43.12
N GLN A 162 77.06 -15.83 42.75
CA GLN A 162 76.68 -15.51 41.37
C GLN A 162 76.83 -14.02 41.10
N MET A 163 77.36 -13.68 39.92
CA MET A 163 77.57 -12.30 39.52
C MET A 163 76.49 -11.90 38.54
N VAL A 164 75.71 -10.88 38.92
CA VAL A 164 74.64 -10.35 38.09
C VAL A 164 74.84 -8.84 37.96
N HIS A 165 74.87 -8.34 36.73
CA HIS A 165 75.06 -6.92 36.48
C HIS A 165 73.72 -6.22 36.46
N CYS A 166 73.50 -5.33 37.42
CA CYS A 166 72.25 -4.59 37.50
C CYS A 166 72.23 -3.46 36.47
N ASN A 167 71.02 -3.11 36.04
CA ASN A 167 70.82 -2.03 35.07
C ASN A 167 70.72 -0.72 35.84
N CYS A 168 71.75 0.11 35.74
CA CYS A 168 71.81 1.38 36.44
C CYS A 168 71.40 2.50 35.50
N SER A 169 70.48 3.35 35.97
CA SER A 169 69.98 4.46 35.18
C SER A 169 70.93 5.65 35.24
N VAL A 170 70.53 6.75 34.61
CA VAL A 170 71.36 7.94 34.55
C VAL A 170 71.16 8.84 35.78
N HIS A 171 70.10 8.62 36.56
CA HIS A 171 69.82 9.43 37.73
C HIS A 171 70.24 8.73 39.03
N GLU A 172 71.35 7.99 38.98
CA GLU A 172 71.92 7.32 40.15
C GLU A 172 70.94 6.35 40.80
N CYS A 173 70.23 5.59 39.96
CA CYS A 173 69.32 4.55 40.42
C CYS A 173 69.58 3.28 39.64
N CYS A 174 69.73 2.17 40.37
CA CYS A 174 70.02 0.87 39.77
C CYS A 174 68.89 -0.10 40.10
N GLU A 175 68.42 -0.82 39.09
CA GLU A 175 67.36 -1.81 39.25
C GLU A 175 67.91 -3.19 38.93
N CYS A 176 67.68 -4.14 39.84
CA CYS A 176 68.16 -5.51 39.69
C CYS A 176 66.97 -6.45 39.61
N LEU A 177 67.00 -7.34 38.61
CA LEU A 177 65.94 -8.33 38.40
C LEU A 177 66.58 -9.71 38.47
N VAL A 178 66.49 -10.36 39.63
CA VAL A 178 67.07 -11.67 39.86
C VAL A 178 65.94 -12.69 39.90
N PRO A 179 65.84 -13.59 38.91
CA PRO A 179 64.79 -14.62 38.93
C PRO A 179 65.13 -15.70 39.95
N VAL A 180 64.38 -15.72 41.05
CA VAL A 180 64.58 -16.66 42.15
C VAL A 180 63.50 -17.73 42.06
N PRO A 181 63.85 -19.00 41.83
CA PRO A 181 62.83 -20.05 41.80
C PRO A 181 62.18 -20.22 43.17
N THR A 182 60.92 -20.65 43.14
CA THR A 182 60.16 -20.83 44.38
C THR A 182 60.69 -21.98 45.22
N ALA A 183 61.43 -22.91 44.62
CA ALA A 183 61.95 -24.05 45.39
C ALA A 183 63.07 -23.66 46.34
N LYS A 184 63.73 -22.53 46.10
CA LYS A 184 64.82 -22.07 46.95
C LYS A 184 64.41 -20.95 47.89
N LEU A 185 63.11 -20.68 48.03
CA LEU A 185 62.66 -19.60 48.90
C LEU A 185 62.82 -19.96 50.37
N ASN A 186 62.71 -21.24 50.71
CA ASN A 186 62.79 -21.69 52.09
C ASN A 186 64.21 -21.92 52.57
N ASP A 187 65.21 -21.75 51.71
CA ASP A 187 66.60 -21.98 52.08
C ASP A 187 67.16 -20.74 52.80
N THR A 188 68.43 -20.83 53.19
CA THR A 188 69.11 -19.74 53.88
C THR A 188 69.92 -18.94 52.88
N LEU A 189 69.75 -17.63 52.91
CA LEU A 189 70.41 -16.72 51.97
C LEU A 189 71.38 -15.83 52.74
N LEU A 190 72.62 -15.77 52.26
CA LEU A 190 73.64 -14.90 52.82
C LEU A 190 74.12 -13.92 51.76
N MET A 191 74.23 -12.65 52.15
CA MET A 191 74.59 -11.59 51.22
C MET A 191 75.78 -10.81 51.75
N CYS A 192 76.66 -10.41 50.84
CA CYS A 192 77.82 -9.58 51.19
C CYS A 192 78.01 -8.59 50.04
N LEU A 193 77.58 -7.34 50.26
CA LEU A 193 77.62 -6.33 49.21
C LEU A 193 79.07 -6.02 48.85
N LYS A 194 79.33 -5.94 47.54
CA LYS A 194 80.65 -5.63 47.00
C LYS A 194 80.52 -4.45 46.06
N ILE A 195 81.32 -3.40 46.29
CA ILE A 195 81.31 -2.20 45.48
C ILE A 195 82.69 -2.02 44.87
N THR A 196 82.75 -1.90 43.56
CA THR A 196 84.00 -1.70 42.83
C THR A 196 84.01 -0.29 42.25
N SER A 197 85.05 0.48 42.57
CA SER A 197 85.17 1.86 42.10
C SER A 197 86.65 2.16 41.86
N GLY A 198 87.02 2.27 40.59
CA GLY A 198 88.39 2.64 40.24
C GLY A 198 89.44 1.67 40.75
N GLY A 199 89.13 0.38 40.75
CA GLY A 199 90.03 -0.61 41.30
C GLY A 199 89.99 -0.74 42.80
N VAL A 200 89.12 0.00 43.48
CA VAL A 200 88.98 -0.07 44.93
C VAL A 200 87.75 -0.90 45.25
N ILE A 201 87.90 -1.86 46.16
CA ILE A 201 86.84 -2.80 46.51
C ILE A 201 86.39 -2.52 47.93
N PHE A 202 85.10 -2.31 48.11
CA PHE A 202 84.48 -2.13 49.42
C PHE A 202 83.55 -3.30 49.68
N GLN A 203 83.74 -3.97 50.82
CA GLN A 203 82.94 -5.12 51.20
C GLN A 203 82.19 -4.84 52.49
N SER A 204 80.88 -5.07 52.48
CA SER A 204 80.06 -4.86 53.66
C SER A 204 80.23 -6.03 54.63
N PRO A 205 80.05 -5.78 55.93
CA PRO A 205 80.12 -6.88 56.90
C PRO A 205 79.04 -7.92 56.66
N LEU A 206 79.37 -9.17 56.98
CA LEU A 206 78.43 -10.26 56.79
C LEU A 206 77.21 -10.09 57.70
N MET A 207 76.03 -10.34 57.13
CA MET A 207 74.77 -10.24 57.86
C MET A 207 73.98 -11.53 57.68
N SER A 208 73.38 -12.01 58.76
CA SER A 208 72.57 -13.22 58.74
C SER A 208 71.15 -12.86 59.16
N VAL A 209 70.20 -13.06 58.25
CA VAL A 209 68.79 -12.76 58.52
C VAL A 209 67.95 -13.51 57.50
N GLN A 210 66.72 -13.82 57.89
CA GLN A 210 65.78 -14.50 57.01
C GLN A 210 65.01 -13.47 56.20
N PRO A 211 65.01 -13.53 54.87
CA PRO A 211 64.27 -12.53 54.08
C PRO A 211 62.76 -12.55 54.31
N ILE A 212 62.23 -13.64 54.88
CA ILE A 212 60.79 -13.78 55.04
C ILE A 212 60.21 -12.94 56.17
N ASN A 213 61.05 -12.33 57.00
CA ASN A 213 60.55 -11.55 58.14
C ASN A 213 60.24 -10.10 57.78
N MET A 214 60.43 -9.69 56.52
CA MET A 214 60.18 -8.33 56.08
C MET A 214 59.31 -8.33 54.83
N VAL A 215 58.21 -9.07 54.88
CA VAL A 215 57.29 -9.16 53.74
C VAL A 215 56.74 -7.78 53.42
N LYS A 216 56.86 -7.37 52.16
CA LYS A 216 56.38 -6.08 51.68
C LYS A 216 55.50 -6.33 50.46
N PRO A 217 54.23 -6.67 50.65
CA PRO A 217 53.37 -7.03 49.51
C PRO A 217 53.07 -5.84 48.60
N ASP A 218 52.46 -6.13 47.45
CA ASP A 218 52.11 -5.08 46.50
C ASP A 218 51.02 -4.19 47.10
N PRO A 219 50.94 -2.93 46.67
CA PRO A 219 49.86 -2.05 47.14
C PRO A 219 48.51 -2.62 46.75
N PRO A 220 47.50 -2.47 47.60
CA PRO A 220 46.19 -3.06 47.31
C PRO A 220 45.59 -2.52 46.02
N LEU A 221 44.96 -3.42 45.26
CA LEU A 221 44.30 -3.07 44.01
C LEU A 221 42.95 -3.78 43.95
N GLY A 222 42.01 -3.15 43.26
CA GLY A 222 40.66 -3.69 43.18
C GLY A 222 39.95 -3.77 44.51
N LEU A 223 40.18 -2.80 45.39
CA LEU A 223 39.55 -2.78 46.70
C LEU A 223 38.33 -1.87 46.67
N HIS A 224 37.24 -2.33 47.29
CA HIS A 224 35.98 -1.60 47.28
C HIS A 224 35.37 -1.59 48.67
N MET A 225 34.64 -0.52 48.97
CA MET A 225 33.93 -0.34 50.23
C MET A 225 32.44 -0.32 49.97
N GLU A 226 31.68 -1.02 50.79
CA GLU A 226 30.24 -1.08 50.62
C GLU A 226 29.59 -1.35 51.97
N ILE A 227 28.27 -1.25 52.01
CA ILE A 227 27.50 -1.49 53.24
C ILE A 227 26.80 -2.83 53.11
N THR A 228 27.09 -3.74 54.04
CA THR A 228 26.45 -5.05 54.06
C THR A 228 24.98 -4.92 54.46
N ASP A 229 24.14 -5.76 53.86
CA ASP A 229 22.71 -5.80 54.12
C ASP A 229 22.38 -6.02 55.60
N ASP A 230 23.27 -6.66 56.36
CA ASP A 230 23.07 -6.89 57.78
C ASP A 230 23.38 -5.67 58.64
N GLY A 231 24.02 -4.64 58.09
CA GLY A 231 24.30 -3.44 58.84
C GLY A 231 25.75 -3.27 59.23
N ASN A 232 26.67 -3.63 58.34
CA ASN A 232 28.10 -3.49 58.59
C ASN A 232 28.78 -3.03 57.30
N LEU A 233 30.00 -2.53 57.46
CA LEU A 233 30.79 -2.00 56.36
C LEU A 233 31.84 -3.03 55.95
N LYS A 234 31.86 -3.35 54.66
CA LYS A 234 32.84 -4.29 54.09
C LYS A 234 33.83 -3.51 53.23
N ILE A 235 35.11 -3.62 53.57
CA ILE A 235 36.20 -3.13 52.73
C ILE A 235 36.93 -4.39 52.26
N SER A 236 36.97 -4.58 50.95
CA SER A 236 37.47 -5.83 50.37
C SER A 236 38.59 -5.54 49.36
N TRP A 237 39.65 -6.34 49.44
CA TRP A 237 40.75 -6.26 48.48
C TRP A 237 41.21 -7.67 48.17
N SER A 238 41.83 -7.82 46.99
CA SER A 238 42.32 -9.11 46.53
C SER A 238 43.77 -9.28 46.95
N SER A 239 43.99 -10.05 48.02
CA SER A 239 45.34 -10.32 48.49
C SER A 239 46.07 -11.25 47.52
N PRO A 240 47.38 -11.09 47.36
CA PRO A 240 48.14 -11.98 46.48
C PRO A 240 48.05 -13.43 46.95
N PRO A 241 47.94 -14.38 46.02
CA PRO A 241 47.83 -15.78 46.41
C PRO A 241 49.15 -16.54 46.52
N LEU A 242 50.27 -15.90 46.20
CA LEU A 242 51.57 -16.58 46.22
C LEU A 242 52.19 -16.65 47.61
N VAL A 243 51.60 -15.99 48.60
CA VAL A 243 52.13 -16.02 49.96
C VAL A 243 51.81 -17.39 50.57
N PRO A 244 52.81 -18.14 51.04
CA PRO A 244 52.54 -19.47 51.58
C PRO A 244 51.90 -19.47 52.96
N PHE A 245 51.90 -18.34 53.66
CA PHE A 245 51.34 -18.25 55.00
C PHE A 245 50.40 -17.04 55.08
N PRO A 246 49.40 -17.10 55.96
CA PRO A 246 48.51 -15.95 56.13
C PRO A 246 49.28 -14.73 56.63
N LEU A 247 48.89 -13.56 56.13
CA LEU A 247 49.52 -12.29 56.49
C LEU A 247 48.56 -11.46 57.32
N GLN A 248 49.02 -10.96 58.45
CA GLN A 248 48.20 -10.09 59.29
C GLN A 248 48.26 -8.66 58.77
N TYR A 249 47.09 -8.02 58.71
CA TYR A 249 46.98 -6.65 58.23
C TYR A 249 46.30 -5.80 59.28
N GLN A 250 46.89 -4.65 59.57
CA GLN A 250 46.32 -3.67 60.50
C GLN A 250 45.93 -2.43 59.71
N VAL A 251 44.71 -1.95 59.92
CA VAL A 251 44.16 -0.81 59.20
C VAL A 251 43.79 0.26 60.22
N LYS A 252 44.23 1.49 59.96
CA LYS A 252 43.92 2.61 60.84
C LYS A 252 42.60 3.22 60.42
N TYR A 253 41.60 3.17 61.30
CA TYR A 253 40.31 3.80 61.06
C TYR A 253 39.89 4.58 62.29
N SER A 254 39.06 5.61 62.05
CA SER A 254 38.59 6.49 63.10
C SER A 254 37.29 7.15 62.67
N GLU A 255 36.25 6.97 63.48
CA GLU A 255 35.01 7.72 63.32
C GLU A 255 35.36 9.17 63.64
N ASN A 256 35.10 10.05 62.69
CA ASN A 256 35.51 11.45 62.75
C ASN A 256 34.31 12.33 62.43
N SER A 257 33.53 12.66 63.46
CA SER A 257 32.41 13.57 63.31
C SER A 257 32.86 14.98 63.67
N THR A 258 31.91 15.91 63.73
CA THR A 258 32.24 17.28 64.11
C THR A 258 32.75 17.34 65.55
N THR A 259 32.14 16.57 66.45
CA THR A 259 32.52 16.54 67.85
C THR A 259 33.01 15.18 68.30
N VAL A 260 32.33 14.10 67.92
CA VAL A 260 32.69 12.76 68.38
C VAL A 260 33.90 12.28 67.58
N ILE A 261 34.94 11.83 68.28
CA ILE A 261 36.16 11.32 67.69
C ILE A 261 36.43 9.97 68.33
N ARG A 262 36.65 8.94 67.51
CA ARG A 262 36.92 7.59 68.02
C ARG A 262 37.85 6.85 67.07
N GLU A 263 39.12 6.74 67.43
CA GLU A 263 40.12 6.03 66.64
C GLU A 263 40.25 4.61 67.17
N ALA A 264 40.15 3.64 66.27
CA ALA A 264 40.22 2.23 66.67
C ALA A 264 41.19 1.49 65.75
N ASP A 265 41.79 0.43 66.29
CA ASP A 265 42.75 -0.37 65.54
C ASP A 265 42.52 -1.84 65.83
N LYS A 266 42.50 -2.64 64.78
CA LYS A 266 42.41 -4.09 64.89
C LYS A 266 43.26 -4.72 63.80
N ILE A 267 43.66 -5.97 64.03
CA ILE A 267 44.49 -6.73 63.10
C ILE A 267 43.68 -7.92 62.61
N VAL A 268 43.53 -8.02 61.28
CA VAL A 268 42.77 -9.09 60.66
C VAL A 268 43.60 -9.67 59.52
N SER A 269 43.40 -10.97 59.28
CA SER A 269 44.12 -11.69 58.23
C SER A 269 43.25 -12.06 57.05
N ALA A 270 41.93 -11.96 57.15
CA ALA A 270 41.04 -12.31 56.06
C ALA A 270 41.04 -11.22 55.00
N THR A 271 40.38 -11.52 53.88
CA THR A 271 40.28 -10.58 52.76
C THR A 271 39.24 -9.50 52.98
N SER A 272 38.44 -9.60 54.04
CA SER A 272 37.41 -8.61 54.35
C SER A 272 37.46 -8.27 55.83
N LEU A 273 37.02 -7.05 56.15
CA LEU A 273 37.00 -6.56 57.51
C LEU A 273 35.56 -6.30 57.94
N LEU A 274 35.21 -6.78 59.14
CA LEU A 274 33.87 -6.65 59.68
C LEU A 274 33.91 -5.64 60.84
N VAL A 275 33.10 -4.61 60.75
CA VAL A 275 32.95 -3.60 61.80
C VAL A 275 31.50 -3.58 62.25
N ASP A 276 31.29 -3.64 63.57
CA ASP A 276 29.94 -3.77 64.10
C ASP A 276 29.33 -2.39 64.34
N SER A 277 28.10 -2.20 63.85
CA SER A 277 27.30 -1.01 64.11
C SER A 277 28.02 0.26 63.65
N ILE A 278 28.19 0.34 62.33
CA ILE A 278 28.81 1.53 61.72
C ILE A 278 27.95 2.74 62.04
N LEU A 279 28.59 3.88 62.23
CA LEU A 279 27.88 5.09 62.65
C LEU A 279 27.51 5.94 61.43
N PRO A 280 26.23 6.30 61.30
CA PRO A 280 25.83 7.17 60.20
C PRO A 280 26.42 8.57 60.34
N GLY A 281 26.64 9.22 59.20
CA GLY A 281 27.21 10.55 59.20
C GLY A 281 28.61 10.64 59.75
N SER A 282 29.47 9.68 59.40
CA SER A 282 30.84 9.64 59.89
C SER A 282 31.80 9.43 58.72
N SER A 283 33.02 9.93 58.87
CA SER A 283 34.04 9.77 57.86
C SER A 283 35.05 8.71 58.28
N TYR A 284 35.23 7.71 57.42
CA TYR A 284 36.14 6.60 57.69
C TYR A 284 37.28 6.64 56.68
N GLU A 285 38.51 6.66 57.18
CA GLU A 285 39.69 6.57 56.33
C GLU A 285 40.34 5.20 56.49
N VAL A 286 40.83 4.66 55.39
CA VAL A 286 41.45 3.34 55.36
C VAL A 286 42.88 3.49 54.88
N GLN A 287 43.82 2.93 55.65
CA GLN A 287 45.24 2.91 55.34
C GLN A 287 45.81 1.64 55.94
N VAL A 288 46.55 0.87 55.14
CA VAL A 288 47.00 -0.46 55.56
C VAL A 288 48.51 -0.57 55.39
N ARG A 289 49.14 -1.24 56.35
CA ARG A 289 50.56 -1.54 56.30
C ARG A 289 50.77 -3.00 56.71
N GLY A 290 51.87 -3.57 56.21
CA GLY A 290 52.15 -4.98 56.40
C GLY A 290 53.13 -5.23 57.52
N LYS A 291 53.01 -6.39 58.17
CA LYS A 291 53.90 -6.81 59.24
C LYS A 291 53.77 -8.31 59.42
N ARG A 292 54.87 -8.94 59.82
CA ARG A 292 54.86 -10.38 60.04
C ARG A 292 54.02 -10.74 61.26
N LEU A 293 53.27 -11.83 61.15
CA LEU A 293 52.44 -12.29 62.26
C LEU A 293 53.29 -12.73 63.45
N ASP A 294 54.38 -13.44 63.20
CA ASP A 294 55.22 -13.99 64.25
C ASP A 294 56.52 -13.19 64.35
N GLY A 295 56.83 -12.73 65.55
CA GLY A 295 58.07 -12.01 65.80
C GLY A 295 58.06 -10.61 65.22
N PRO A 296 59.21 -9.96 65.21
CA PRO A 296 59.30 -8.60 64.65
C PRO A 296 59.24 -8.62 63.14
N GLY A 297 59.12 -7.43 62.57
CA GLY A 297 59.05 -7.31 61.12
C GLY A 297 59.33 -5.88 60.69
N ILE A 298 59.23 -5.66 59.38
CA ILE A 298 59.47 -4.36 58.77
C ILE A 298 58.17 -3.90 58.12
N TRP A 299 57.78 -2.67 58.40
CA TRP A 299 56.54 -2.13 57.85
C TRP A 299 56.60 -2.09 56.32
N SER A 300 55.49 -2.42 55.69
CA SER A 300 55.42 -2.48 54.23
C SER A 300 55.23 -1.06 53.67
N ASP A 301 54.96 -0.98 52.37
CA ASP A 301 54.78 0.31 51.72
C ASP A 301 53.50 0.99 52.21
N TRP A 302 53.51 2.32 52.18
CA TRP A 302 52.34 3.09 52.55
C TRP A 302 51.32 3.05 51.42
N SER A 303 50.22 2.33 51.64
CA SER A 303 49.16 2.21 50.65
C SER A 303 48.45 3.55 50.46
N THR A 304 47.49 3.55 49.54
CA THR A 304 46.72 4.75 49.28
C THR A 304 45.61 4.88 50.33
N PRO A 305 45.61 5.95 51.13
CA PRO A 305 44.51 6.13 52.09
C PRO A 305 43.23 6.54 51.37
N ARG A 306 42.12 5.85 51.65
CA ARG A 306 40.87 6.13 50.96
C ARG A 306 39.82 6.59 51.98
N VAL A 307 38.96 7.52 51.56
CA VAL A 307 38.00 8.17 52.45
C VAL A 307 36.59 7.77 52.03
N PHE A 308 35.77 7.43 53.00
CA PHE A 308 34.36 7.13 52.80
C PHE A 308 33.53 8.02 53.73
N THR A 309 32.52 8.68 53.17
CA THR A 309 31.64 9.55 53.94
C THR A 309 30.22 8.98 53.89
N THR A 310 29.72 8.58 55.05
CA THR A 310 28.35 8.10 55.15
C THR A 310 27.38 9.26 55.25
N GLN A 311 26.19 9.06 54.69
CA GLN A 311 25.18 10.12 54.68
C GLN A 311 24.59 10.29 56.08
N ASP A 312 23.73 11.30 56.22
CA ASP A 312 23.15 11.61 57.52
C ASP A 312 22.28 10.47 58.03
N VAL A 313 21.50 9.86 57.14
CA VAL A 313 20.63 8.73 57.47
C VAL A 313 21.14 7.51 56.72
N ILE A 314 21.11 6.35 57.38
CA ILE A 314 21.61 5.11 56.80
C ILE A 314 20.48 4.09 56.80
N TYR A 315 20.31 3.42 55.66
CA TYR A 315 19.35 2.34 55.48
C TYR A 315 20.09 1.05 55.14
N PHE A 316 19.60 -0.07 55.66
CA PHE A 316 20.11 -1.36 55.24
C PHE A 316 19.06 -2.43 55.44
N PRO A 317 18.86 -3.34 54.48
CA PRO A 317 19.53 -3.41 53.17
C PRO A 317 19.04 -2.35 52.20
N PRO A 318 19.92 -1.80 51.35
CA PRO A 318 19.49 -0.78 50.40
C PRO A 318 18.75 -1.31 49.19
N LYS A 319 19.04 -2.52 48.75
CA LYS A 319 18.38 -3.11 47.59
C LYS A 319 17.65 -4.37 48.01
N ILE A 320 16.36 -4.46 47.66
CA ILE A 320 15.53 -5.60 47.98
C ILE A 320 14.82 -6.05 46.71
N LEU A 321 14.91 -7.34 46.41
CA LEU A 321 14.24 -7.94 45.25
C LEU A 321 13.44 -9.14 45.75
N THR A 322 12.12 -9.01 45.74
CA THR A 322 11.23 -10.04 46.26
C THR A 322 10.04 -10.22 45.33
N SER A 323 9.42 -11.40 45.41
CA SER A 323 8.27 -11.72 44.58
C SER A 323 6.98 -11.23 45.24
N VAL A 324 5.88 -11.40 44.52
CA VAL A 324 4.58 -10.96 45.01
C VAL A 324 4.08 -11.93 46.09
N GLY A 325 3.66 -11.38 47.22
CA GLY A 325 3.12 -12.17 48.31
C GLY A 325 4.07 -12.46 49.44
N SER A 326 5.35 -12.15 49.29
CA SER A 326 6.33 -12.40 50.34
C SER A 326 6.34 -11.25 51.32
N ASN A 327 7.20 -11.34 52.34
CA ASN A 327 7.33 -10.31 53.36
C ASN A 327 8.77 -9.83 53.41
N VAL A 328 8.94 -8.52 53.60
CA VAL A 328 10.26 -7.91 53.65
C VAL A 328 10.36 -7.02 54.89
N SER A 329 11.60 -6.76 55.29
CA SER A 329 11.89 -5.92 56.45
C SER A 329 12.98 -4.92 56.10
N PHE A 330 12.94 -3.78 56.80
CA PHE A 330 13.89 -2.70 56.57
C PHE A 330 14.37 -2.18 57.92
N HIS A 331 15.55 -1.59 57.93
CA HIS A 331 16.12 -0.98 59.13
C HIS A 331 16.66 0.39 58.76
N CYS A 332 16.69 1.28 59.74
CA CYS A 332 17.15 2.64 59.48
C CYS A 332 17.71 3.24 60.75
N ILE A 333 18.75 4.08 60.58
CA ILE A 333 19.32 4.87 61.66
C ILE A 333 19.39 6.32 61.21
N TYR A 334 18.88 7.21 62.04
CA TYR A 334 18.78 8.63 61.71
C TYR A 334 19.60 9.46 62.69
N LYS A 335 20.30 10.48 62.16
CA LYS A 335 21.07 11.41 62.96
C LYS A 335 20.79 12.82 62.46
N LYS A 336 20.64 13.77 63.38
CA LYS A 336 20.35 15.15 63.03
C LYS A 336 20.90 16.08 64.11
N GLU A 337 21.38 17.25 63.68
CA GLU A 337 21.88 18.29 64.56
C GLU A 337 22.97 17.75 65.50
N ASN A 338 23.89 16.99 64.90
CA ASN A 338 25.01 16.39 65.61
C ASN A 338 24.53 15.55 66.80
N LYS A 339 23.43 14.83 66.60
CA LYS A 339 22.87 13.99 67.64
C LYS A 339 22.04 12.89 66.99
N ILE A 340 22.03 11.72 67.61
CA ILE A 340 21.29 10.58 67.09
C ILE A 340 19.91 10.57 67.75
N VAL A 341 18.87 10.68 66.93
CA VAL A 341 17.50 10.70 67.46
C VAL A 341 17.16 9.32 68.02
N PRO A 342 16.49 9.24 69.16
CA PRO A 342 16.08 7.93 69.68
C PRO A 342 15.08 7.26 68.75
N SER A 343 15.09 5.93 68.76
CA SER A 343 14.24 5.11 67.90
C SER A 343 12.78 5.10 68.32
N LYS A 344 12.43 5.80 69.40
CA LYS A 344 11.06 5.86 69.88
C LYS A 344 10.22 6.92 69.16
N GLU A 345 10.85 7.71 68.28
CA GLU A 345 10.14 8.75 67.54
C GLU A 345 10.31 8.61 66.03
N ILE A 346 10.57 7.40 65.53
CA ILE A 346 10.79 7.20 64.11
C ILE A 346 9.50 6.75 63.46
N VAL A 347 9.11 7.41 62.37
CA VAL A 347 7.91 7.09 61.61
C VAL A 347 8.33 6.84 60.17
N TRP A 348 7.58 5.99 59.48
CA TRP A 348 7.92 5.56 58.14
C TRP A 348 6.91 6.07 57.12
N TRP A 349 7.41 6.36 55.92
CA TRP A 349 6.60 6.86 54.82
C TRP A 349 6.88 6.04 53.57
N MET A 350 5.82 5.81 52.79
CA MET A 350 5.91 5.06 51.54
C MET A 350 5.67 6.03 50.39
N ASN A 351 6.68 6.22 49.55
CA ASN A 351 6.63 7.10 48.38
C ASN A 351 6.26 8.53 48.76
N LEU A 352 6.46 8.90 50.03
CA LEU A 352 6.12 10.22 50.56
C LEU A 352 4.63 10.54 50.38
N ALA A 353 3.79 9.53 50.21
CA ALA A 353 2.36 9.73 49.98
C ALA A 353 1.51 9.16 51.10
N GLU A 354 1.64 7.88 51.42
CA GLU A 354 0.86 7.24 52.47
C GLU A 354 1.71 7.08 53.73
N LYS A 355 1.06 7.14 54.88
CA LYS A 355 1.73 7.00 56.17
C LYS A 355 1.57 5.56 56.64
N ILE A 356 2.69 4.90 56.91
CA ILE A 356 2.66 3.50 57.37
C ILE A 356 2.15 3.46 58.80
N PRO A 357 1.18 2.60 59.11
CA PRO A 357 0.66 2.52 60.48
C PRO A 357 1.74 2.10 61.47
N GLN A 358 1.62 2.59 62.70
CA GLN A 358 2.59 2.30 63.75
C GLN A 358 2.64 0.83 64.11
N SER A 359 1.55 0.08 63.87
CA SER A 359 1.48 -1.32 64.29
C SER A 359 2.51 -2.20 63.58
N GLN A 360 3.09 -1.73 62.48
CA GLN A 360 4.09 -2.49 61.74
C GLN A 360 5.52 -2.06 62.10
N TYR A 361 5.69 -1.26 63.14
CA TYR A 361 7.01 -0.78 63.52
C TYR A 361 7.65 -1.73 64.53
N ASP A 362 8.97 -1.63 64.68
CA ASP A 362 9.70 -2.49 65.60
C ASP A 362 10.98 -1.78 66.02
N VAL A 363 11.44 -2.10 67.22
CA VAL A 363 12.66 -1.55 67.79
C VAL A 363 13.63 -2.68 68.05
N VAL A 364 14.82 -2.60 67.47
CA VAL A 364 15.84 -3.61 67.65
C VAL A 364 17.04 -3.11 68.43
N SER A 365 17.26 -1.79 68.49
CA SER A 365 18.36 -1.21 69.24
C SER A 365 17.89 0.10 69.84
N ASP A 366 18.77 0.76 70.59
CA ASP A 366 18.41 2.02 71.24
C ASP A 366 18.16 3.14 70.22
N HIS A 367 18.78 3.08 69.05
CA HIS A 367 18.63 4.13 68.06
C HIS A 367 18.51 3.55 66.65
N VAL A 368 17.95 2.35 66.51
CA VAL A 368 17.76 1.71 65.22
C VAL A 368 16.30 1.32 65.10
N SER A 369 15.67 1.70 63.99
CA SER A 369 14.26 1.40 63.78
C SER A 369 14.12 0.19 62.85
N LYS A 370 12.90 -0.35 62.77
CA LYS A 370 12.65 -1.46 61.87
C LYS A 370 11.20 -1.38 61.40
N VAL A 371 10.98 -1.68 60.12
CA VAL A 371 9.64 -1.73 59.55
C VAL A 371 9.50 -3.04 58.78
N THR A 372 8.27 -3.51 58.65
CA THR A 372 7.96 -4.74 57.93
C THR A 372 6.81 -4.49 56.98
N PHE A 373 6.82 -5.22 55.87
CA PHE A 373 5.79 -5.10 54.84
C PHE A 373 5.03 -6.40 54.71
N PHE A 374 3.71 -6.31 54.75
CA PHE A 374 2.83 -7.46 54.65
C PHE A 374 2.05 -7.42 53.34
N ASN A 375 1.86 -8.60 52.75
CA ASN A 375 1.13 -8.80 51.49
C ASN A 375 1.39 -7.67 50.50
N LEU A 376 2.67 -7.49 50.17
CA LEU A 376 3.08 -6.40 49.30
C LEU A 376 2.45 -6.54 47.92
N ASN A 377 2.45 -5.44 47.17
CA ASN A 377 1.61 -5.33 45.99
C ASN A 377 2.50 -5.07 44.78
N GLU A 378 1.95 -5.27 43.58
CA GLU A 378 2.74 -5.11 42.38
C GLU A 378 3.09 -3.64 42.16
N THR A 379 4.37 -3.36 41.91
CA THR A 379 4.87 -2.00 41.75
C THR A 379 4.66 -1.57 40.30
N LYS A 380 3.65 -0.75 40.06
CA LYS A 380 3.40 -0.25 38.72
C LYS A 380 4.47 0.77 38.35
N PRO A 381 4.97 0.74 37.11
CA PRO A 381 5.98 1.74 36.71
C PRO A 381 5.34 3.09 36.45
N ARG A 382 6.04 4.14 36.88
CA ARG A 382 5.60 5.52 36.69
C ARG A 382 6.76 6.32 36.13
N GLY A 383 6.69 6.67 34.86
CA GLY A 383 7.77 7.39 34.22
C GLY A 383 9.01 6.53 34.09
N LYS A 384 10.17 7.20 34.06
CA LYS A 384 11.45 6.50 34.01
C LYS A 384 11.76 5.75 35.30
N PHE A 385 11.10 6.10 36.40
CA PHE A 385 11.27 5.37 37.65
C PHE A 385 10.36 4.14 37.67
N THR A 386 10.90 3.03 38.17
CA THR A 386 10.17 1.77 38.23
C THR A 386 10.38 1.09 39.58
N TYR A 387 10.37 1.87 40.64
CA TYR A 387 10.59 1.34 41.99
C TYR A 387 9.91 2.26 42.99
N ASP A 388 9.65 1.73 44.18
CA ASP A 388 9.06 2.48 45.27
C ASP A 388 10.13 2.85 46.29
N ALA A 389 9.94 4.02 46.91
CA ALA A 389 10.88 4.58 47.87
C ALA A 389 10.28 4.52 49.26
N VAL A 390 11.09 4.13 50.24
CA VAL A 390 10.68 4.04 51.63
C VAL A 390 11.54 5.00 52.44
N TYR A 391 10.91 5.83 53.26
CA TYR A 391 11.60 6.81 54.08
C TYR A 391 11.33 6.56 55.56
N CYS A 392 12.31 6.89 56.38
CA CYS A 392 12.13 6.91 57.84
C CYS A 392 12.61 8.26 58.35
N CYS A 393 11.87 8.84 59.29
CA CYS A 393 12.23 10.17 59.78
C CYS A 393 11.48 10.44 61.09
N ASN A 394 11.86 11.51 61.75
CA ASN A 394 11.29 11.89 63.03
C ASN A 394 10.32 13.06 62.86
N GLU A 395 9.11 12.91 63.39
CA GLU A 395 8.09 13.96 63.40
C GLU A 395 7.82 14.53 62.01
N HIS A 396 8.41 15.68 61.71
CA HIS A 396 8.11 16.40 60.47
C HIS A 396 9.28 16.45 59.50
N GLU A 397 10.48 16.80 59.93
CA GLU A 397 11.64 16.88 59.06
C GLU A 397 12.08 15.49 58.65
N CYS A 398 12.30 15.28 57.36
CA CYS A 398 12.72 13.99 56.83
C CYS A 398 13.81 14.19 55.79
N HIS A 399 14.79 13.29 55.80
CA HIS A 399 15.91 13.37 54.86
C HIS A 399 15.47 12.97 53.46
N HIS A 400 16.26 13.37 52.47
CA HIS A 400 15.97 13.09 51.07
C HIS A 400 16.40 11.70 50.63
N ARG A 401 17.24 11.02 51.41
CA ARG A 401 17.66 9.67 51.07
C ARG A 401 16.50 8.69 51.20
N TYR A 402 16.49 7.68 50.32
CA TYR A 402 15.42 6.71 50.28
C TYR A 402 15.97 5.32 50.01
N ALA A 403 15.21 4.31 50.39
CA ALA A 403 15.51 2.92 50.06
C ALA A 403 14.53 2.43 49.02
N GLU A 404 15.06 1.83 47.95
CA GLU A 404 14.24 1.36 46.84
C GLU A 404 13.82 -0.09 47.05
N LEU A 405 12.58 -0.38 46.66
CA LEU A 405 11.99 -1.70 46.83
C LEU A 405 11.50 -2.19 45.47
N TYR A 406 11.87 -3.42 45.11
CA TYR A 406 11.47 -3.99 43.83
C TYR A 406 10.55 -5.19 44.05
N VAL A 407 9.43 -5.22 43.33
CA VAL A 407 8.48 -6.31 43.40
C VAL A 407 8.24 -6.83 42.00
N ILE A 408 8.38 -8.14 41.81
CA ILE A 408 8.22 -8.78 40.52
C ILE A 408 7.16 -9.86 40.62
N ASP A 409 6.19 -9.80 39.71
CA ASP A 409 5.22 -10.87 39.58
C ASP A 409 5.85 -12.06 38.87
N VAL A 410 6.08 -13.13 39.62
CA VAL A 410 6.90 -14.25 39.13
C VAL A 410 6.03 -15.30 38.47
N ASN A 411 4.73 -15.28 38.73
CA ASN A 411 3.83 -16.29 38.19
C ASN A 411 3.64 -16.06 36.70
N ILE A 412 3.85 -17.11 35.91
CA ILE A 412 3.69 -17.07 34.46
C ILE A 412 3.07 -18.39 34.02
N ASN A 413 2.07 -18.31 33.15
CA ASN A 413 1.40 -19.49 32.62
C ASN A 413 2.11 -19.97 31.37
N ILE A 414 2.55 -21.23 31.39
CA ILE A 414 3.26 -21.85 30.27
C ILE A 414 2.42 -23.03 29.78
N SER A 415 2.18 -23.08 28.47
CA SER A 415 1.32 -24.09 27.88
C SER A 415 2.10 -24.97 26.92
N CYS A 416 2.07 -26.28 27.15
CA CYS A 416 2.72 -27.26 26.30
C CYS A 416 1.69 -28.25 25.79
N GLU A 417 1.78 -28.61 24.50
CA GLU A 417 0.85 -29.53 23.87
C GLU A 417 1.65 -30.62 23.17
N THR A 418 1.20 -31.86 23.29
CA THR A 418 1.87 -32.98 22.63
C THR A 418 1.20 -33.26 21.31
N ASP A 419 2.01 -33.34 20.24
CA ASP A 419 1.47 -33.63 18.93
C ASP A 419 0.96 -35.07 18.85
N GLY A 420 0.09 -35.33 17.88
CA GLY A 420 -0.47 -36.66 17.71
C GLY A 420 0.56 -37.72 17.42
N TYR A 421 1.63 -37.36 16.71
CA TYR A 421 2.69 -38.31 16.37
C TYR A 421 3.53 -38.73 17.57
N LEU A 422 3.35 -38.08 18.73
CA LEU A 422 4.12 -38.37 19.94
C LEU A 422 5.62 -38.25 19.70
N THR A 423 6.02 -37.20 18.97
CA THR A 423 7.42 -37.00 18.64
C THR A 423 7.91 -35.63 19.08
N LYS A 424 7.03 -34.62 19.02
CA LYS A 424 7.42 -33.24 19.33
C LYS A 424 6.42 -32.62 20.28
N MET A 425 6.91 -31.72 21.12
CA MET A 425 6.08 -30.92 22.02
C MET A 425 6.10 -29.47 21.58
N THR A 426 4.92 -28.89 21.39
CA THR A 426 4.76 -27.49 21.03
C THR A 426 4.50 -26.70 22.30
N CYS A 427 5.48 -25.87 22.70
CA CYS A 427 5.40 -25.14 23.96
C CYS A 427 5.44 -23.65 23.69
N ARG A 428 4.49 -22.93 24.30
CA ARG A 428 4.33 -21.50 24.13
C ARG A 428 4.05 -20.85 25.48
N TRP A 429 4.39 -19.57 25.59
CA TRP A 429 3.97 -18.77 26.73
C TRP A 429 4.06 -17.30 26.35
N SER A 430 3.29 -16.48 27.06
CA SER A 430 3.18 -15.07 26.78
C SER A 430 4.02 -14.26 27.76
N THR A 431 4.37 -13.04 27.35
CA THR A 431 5.17 -12.16 28.19
C THR A 431 4.46 -10.82 28.45
N SER A 432 3.13 -10.80 28.41
CA SER A 432 2.37 -9.57 28.64
C SER A 432 2.39 -9.12 30.09
N THR A 433 2.77 -10.00 31.03
CA THR A 433 2.85 -9.64 32.44
C THR A 433 4.20 -9.06 32.83
N ILE A 434 5.13 -8.91 31.88
CA ILE A 434 6.46 -8.39 32.18
C ILE A 434 6.52 -6.87 32.23
N GLN A 435 5.39 -6.19 32.01
CA GLN A 435 5.38 -4.74 31.92
C GLN A 435 5.74 -4.07 33.24
N SER A 436 5.74 -4.80 34.35
CA SER A 436 6.11 -4.20 35.63
C SER A 436 7.54 -3.70 35.61
N LEU A 437 8.48 -4.55 35.23
CA LEU A 437 9.89 -4.18 35.09
C LEU A 437 10.42 -4.78 33.79
N ALA A 438 11.00 -3.95 32.94
CA ALA A 438 11.55 -4.40 31.66
C ALA A 438 13.03 -4.75 31.84
N GLU A 439 13.71 -4.95 30.70
CA GLU A 439 15.15 -5.26 30.65
C GLU A 439 15.57 -6.31 31.69
N SER A 440 14.77 -7.37 31.80
CA SER A 440 15.08 -8.50 32.66
C SER A 440 15.16 -9.76 31.82
N THR A 441 16.07 -10.66 32.21
CA THR A 441 16.30 -11.88 31.44
C THR A 441 15.29 -12.95 31.83
N LEU A 442 14.60 -13.51 30.85
CA LEU A 442 13.66 -14.60 31.07
C LEU A 442 14.24 -15.88 30.48
N GLN A 443 14.37 -16.93 31.31
CA GLN A 443 14.99 -18.15 30.84
C GLN A 443 14.19 -19.36 31.31
N LEU A 444 14.05 -20.34 30.41
CA LEU A 444 13.37 -21.58 30.75
C LEU A 444 14.29 -22.50 31.53
N ARG A 445 13.69 -23.46 32.23
CA ARG A 445 14.46 -24.49 32.91
C ARG A 445 13.56 -25.69 33.16
N TYR A 446 13.91 -26.82 32.53
CA TYR A 446 13.12 -28.04 32.67
C TYR A 446 14.01 -29.16 33.18
N HIS A 447 13.46 -30.00 34.05
CA HIS A 447 14.16 -31.11 34.66
C HIS A 447 13.55 -32.40 34.15
N ARG A 448 14.40 -33.32 33.69
CA ARG A 448 13.96 -34.60 33.14
C ARG A 448 14.02 -35.68 34.22
N SER A 449 12.93 -36.44 34.32
CA SER A 449 12.86 -37.53 35.29
C SER A 449 12.46 -38.80 34.56
N SER A 450 13.12 -39.91 34.89
CA SER A 450 12.77 -41.19 34.26
C SER A 450 11.33 -41.58 34.59
N LEU A 451 10.92 -41.39 35.84
CA LEU A 451 9.55 -41.65 36.24
C LEU A 451 8.70 -40.42 36.01
N TYR A 452 7.39 -40.63 35.79
CA TYR A 452 6.49 -39.54 35.51
C TYR A 452 6.33 -38.64 36.73
N CYS A 453 5.85 -37.42 36.49
CA CYS A 453 5.76 -36.43 37.56
C CYS A 453 4.75 -36.87 38.62
N SER A 454 4.94 -36.37 39.83
CA SER A 454 4.11 -36.72 40.98
C SER A 454 4.03 -35.50 41.89
N ASP A 455 3.64 -35.72 43.14
CA ASP A 455 3.58 -34.63 44.11
C ASP A 455 4.94 -33.94 44.22
N ILE A 456 4.93 -32.62 44.20
CA ILE A 456 6.15 -31.82 44.16
C ILE A 456 6.82 -31.85 45.53
N PRO A 457 7.95 -32.55 45.68
CA PRO A 457 8.64 -32.55 46.98
C PRO A 457 9.31 -31.22 47.28
N SER A 458 10.10 -30.71 46.34
CA SER A 458 10.85 -29.47 46.49
C SER A 458 11.46 -29.08 45.15
N ILE A 459 12.25 -28.00 45.17
CA ILE A 459 12.94 -27.56 43.97
C ILE A 459 14.13 -28.47 43.70
N HIS A 460 14.21 -28.98 42.48
CA HIS A 460 15.29 -29.90 42.13
C HIS A 460 16.57 -29.14 41.86
N PRO A 461 17.67 -29.43 42.56
CA PRO A 461 18.92 -28.68 42.31
C PRO A 461 19.44 -28.84 40.89
N ILE A 462 19.26 -30.01 40.29
CA ILE A 462 19.83 -30.26 38.96
C ILE A 462 18.97 -29.57 37.91
N SER A 463 19.60 -28.70 37.12
CA SER A 463 18.90 -27.97 36.08
C SER A 463 19.85 -27.67 34.93
N GLU A 464 19.29 -27.64 33.72
CA GLU A 464 20.02 -27.27 32.51
C GLU A 464 19.08 -26.48 31.62
N PRO A 465 19.59 -25.59 30.78
CA PRO A 465 18.72 -24.67 30.05
C PRO A 465 18.38 -25.10 28.62
N LYS A 466 17.49 -24.32 28.02
CA LYS A 466 17.04 -24.52 26.64
C LYS A 466 16.39 -23.24 26.16
N ASP A 467 16.82 -22.77 24.99
CA ASP A 467 16.38 -21.49 24.45
C ASP A 467 15.06 -21.62 23.68
N CYS A 468 14.40 -20.49 23.51
CA CYS A 468 13.19 -20.38 22.71
C CYS A 468 13.22 -19.07 21.92
N TYR A 469 12.50 -19.06 20.81
CA TYR A 469 12.51 -17.93 19.88
C TYR A 469 11.19 -17.18 19.95
N LEU A 470 11.15 -16.05 19.25
CA LEU A 470 9.98 -15.18 19.27
C LEU A 470 9.34 -15.10 17.88
N GLN A 471 8.04 -15.40 17.82
CA GLN A 471 7.27 -15.29 16.60
C GLN A 471 6.56 -13.94 16.52
N SER A 472 5.70 -13.82 15.50
CA SER A 472 5.01 -12.57 15.25
C SER A 472 3.92 -12.28 16.26
N ASP A 473 3.39 -13.31 16.94
CA ASP A 473 2.30 -13.10 17.90
C ASP A 473 2.78 -12.54 19.22
N GLY A 474 4.09 -12.42 19.44
CA GLY A 474 4.62 -11.93 20.69
C GLY A 474 4.73 -12.96 21.79
N PHE A 475 4.39 -14.21 21.52
CA PHE A 475 4.46 -15.28 22.51
C PHE A 475 5.73 -16.09 22.25
N TYR A 476 6.57 -16.21 23.27
CA TYR A 476 7.78 -17.01 23.15
C TYR A 476 7.43 -18.48 23.00
N GLU A 477 8.09 -19.13 22.05
CA GLU A 477 7.76 -20.49 21.64
C GLU A 477 9.03 -21.30 21.47
N CYS A 478 8.97 -22.57 21.88
CA CYS A 478 10.05 -23.51 21.59
C CYS A 478 9.49 -24.93 21.60
N ILE A 479 10.17 -25.80 20.87
CA ILE A 479 9.69 -27.15 20.57
C ILE A 479 10.62 -28.16 21.21
N PHE A 480 10.05 -29.19 21.83
CA PHE A 480 10.82 -30.27 22.43
C PHE A 480 10.84 -31.49 21.52
N GLN A 481 12.04 -31.98 21.22
CA GLN A 481 12.23 -33.14 20.37
C GLN A 481 13.63 -33.70 20.52
N PRO A 482 13.79 -35.03 20.70
CA PRO A 482 12.74 -36.04 20.87
C PRO A 482 12.16 -36.02 22.27
N ILE A 483 11.09 -36.76 22.53
CA ILE A 483 10.45 -36.79 23.85
C ILE A 483 10.25 -38.23 24.28
N PHE A 484 10.13 -38.42 25.58
CA PHE A 484 9.88 -39.73 26.18
C PHE A 484 8.43 -39.79 26.63
N LEU A 485 7.76 -40.92 26.35
CA LEU A 485 6.34 -41.03 26.62
C LEU A 485 6.05 -40.98 28.12
N LEU A 486 6.87 -41.63 28.94
CA LEU A 486 6.62 -41.76 30.37
C LEU A 486 7.72 -41.09 31.21
N SER A 487 8.14 -39.89 30.80
CA SER A 487 9.13 -39.12 31.54
C SER A 487 8.51 -37.80 31.98
N GLY A 488 8.68 -37.46 33.25
CA GLY A 488 8.12 -36.23 33.78
C GLY A 488 9.04 -35.06 33.48
N TYR A 489 8.52 -34.03 32.81
CA TYR A 489 9.29 -32.83 32.47
C TYR A 489 8.84 -31.71 33.39
N THR A 490 9.56 -31.55 34.50
CA THR A 490 9.22 -30.52 35.48
C THR A 490 9.84 -29.20 35.06
N MET A 491 9.03 -28.29 34.53
CA MET A 491 9.53 -27.08 33.90
C MET A 491 9.08 -25.84 34.66
N TRP A 492 9.89 -24.78 34.55
CA TRP A 492 9.55 -23.49 35.11
C TRP A 492 10.28 -22.41 34.31
N ILE A 493 9.93 -21.15 34.59
CA ILE A 493 10.57 -19.99 34.00
C ILE A 493 11.23 -19.20 35.13
N ARG A 494 12.33 -18.51 34.79
CA ARG A 494 13.08 -17.74 35.76
C ARG A 494 13.29 -16.32 35.23
N ILE A 495 12.97 -15.33 36.06
CA ILE A 495 13.35 -13.95 35.82
C ILE A 495 14.73 -13.77 36.45
N ASN A 496 15.58 -12.99 35.80
CA ASN A 496 17.00 -13.02 36.11
C ASN A 496 17.58 -11.65 35.79
N HIS A 497 17.91 -10.90 36.84
CA HIS A 497 18.12 -9.46 36.75
C HIS A 497 19.49 -9.13 37.33
N SER A 498 19.93 -7.90 37.10
CA SER A 498 21.22 -7.46 37.64
C SER A 498 21.27 -7.55 39.15
N LEU A 499 20.11 -7.57 39.81
CA LEU A 499 20.04 -7.65 41.26
C LEU A 499 19.92 -9.08 41.77
N GLY A 500 19.84 -10.08 40.90
CA GLY A 500 19.78 -11.46 41.33
C GLY A 500 18.89 -12.27 40.40
N SER A 501 18.04 -13.09 41.01
CA SER A 501 17.17 -13.98 40.25
C SER A 501 15.93 -14.31 41.06
N LEU A 502 14.86 -14.67 40.36
CA LEU A 502 13.62 -15.16 40.94
C LEU A 502 13.07 -16.28 40.07
N ASP A 503 12.56 -17.32 40.73
CA ASP A 503 12.09 -18.52 40.04
C ASP A 503 10.59 -18.64 40.20
N SER A 504 9.90 -18.89 39.10
CA SER A 504 8.46 -19.10 39.10
C SER A 504 8.13 -20.46 39.69
N PRO A 505 6.90 -20.64 40.17
CA PRO A 505 6.47 -21.96 40.62
C PRO A 505 6.58 -22.98 39.50
N PRO A 506 7.01 -24.20 39.81
CA PRO A 506 7.19 -25.22 38.77
C PRO A 506 5.86 -25.84 38.34
N THR A 507 5.92 -26.56 37.23
CA THR A 507 4.77 -27.33 36.76
C THR A 507 5.27 -28.59 36.08
N CYS A 508 4.56 -29.70 36.31
CA CYS A 508 4.88 -30.98 35.70
C CYS A 508 3.81 -31.30 34.66
N VAL A 509 4.23 -31.81 33.51
CA VAL A 509 3.33 -32.16 32.43
C VAL A 509 3.60 -33.61 32.04
N LEU A 510 2.55 -34.42 32.03
CA LEU A 510 2.68 -35.80 31.58
C LEU A 510 2.55 -35.84 30.05
N PRO A 511 3.51 -36.44 29.35
CA PRO A 511 3.42 -36.47 27.88
C PRO A 511 2.14 -37.10 27.36
N ASP A 512 1.65 -38.16 28.04
CA ASP A 512 0.44 -38.83 27.57
C ASP A 512 -0.81 -38.00 27.89
N SER A 513 -0.74 -37.16 28.91
CA SER A 513 -1.91 -36.41 29.37
C SER A 513 -2.33 -35.31 28.40
N VAL A 514 -1.40 -34.67 27.70
CA VAL A 514 -1.72 -33.50 26.90
C VAL A 514 -1.62 -33.80 25.40
N VAL A 515 -1.72 -35.07 25.05
CA VAL A 515 -1.66 -35.49 23.65
C VAL A 515 -2.85 -34.88 22.90
N LYS A 516 -2.62 -34.46 21.65
CA LYS A 516 -3.69 -33.97 20.81
C LYS A 516 -3.94 -34.99 19.70
N PRO A 517 -5.04 -35.75 19.75
CA PRO A 517 -5.27 -36.78 18.73
C PRO A 517 -5.38 -36.19 17.34
N LEU A 518 -4.87 -36.93 16.36
CA LEU A 518 -4.99 -36.52 14.98
C LEU A 518 -6.45 -36.58 14.53
N PRO A 519 -6.90 -35.60 13.76
CA PRO A 519 -8.31 -35.58 13.34
C PRO A 519 -8.61 -36.69 12.35
N PRO A 520 -9.62 -37.51 12.61
CA PRO A 520 -10.02 -38.52 11.63
C PRO A 520 -10.47 -37.88 10.33
N SER A 521 -10.21 -38.56 9.22
CA SER A 521 -10.54 -38.07 7.89
C SER A 521 -11.46 -39.07 7.18
N SER A 522 -11.71 -38.81 5.90
CA SER A 522 -12.49 -39.68 5.04
C SER A 522 -13.88 -39.96 5.59
N VAL A 523 -14.53 -38.95 6.16
CA VAL A 523 -15.91 -39.12 6.62
C VAL A 523 -16.86 -39.04 5.43
N LYS A 524 -17.94 -39.81 5.49
CA LYS A 524 -18.93 -39.82 4.42
C LYS A 524 -20.30 -40.09 5.00
N ALA A 525 -21.26 -39.24 4.66
CA ALA A 525 -22.64 -39.36 5.14
C ALA A 525 -23.56 -39.67 3.98
N GLU A 526 -24.61 -40.45 4.26
CA GLU A 526 -25.55 -40.86 3.23
C GLU A 526 -26.91 -41.06 3.89
N ILE A 527 -27.96 -40.96 3.09
CA ILE A 527 -29.33 -41.20 3.54
C ILE A 527 -29.71 -42.63 3.18
N THR A 528 -30.07 -43.42 4.20
CA THR A 528 -30.39 -44.82 3.99
C THR A 528 -31.63 -44.97 3.11
N ILE A 529 -31.60 -45.98 2.25
CA ILE A 529 -32.68 -46.23 1.30
C ILE A 529 -33.70 -47.16 1.95
N ASN A 530 -34.96 -46.72 1.97
CA ASN A 530 -36.07 -47.46 2.56
C ASN A 530 -35.91 -47.64 4.07
N ILE A 531 -35.03 -46.87 4.70
CA ILE A 531 -34.89 -46.91 6.15
C ILE A 531 -35.10 -45.55 6.81
N GLY A 532 -34.85 -44.44 6.10
CA GLY A 532 -35.08 -43.12 6.66
C GLY A 532 -34.08 -42.65 7.68
N LEU A 533 -32.94 -43.33 7.81
CA LEU A 533 -31.92 -42.98 8.78
C LEU A 533 -30.68 -42.43 8.06
N LEU A 534 -29.78 -41.84 8.85
CA LEU A 534 -28.54 -41.29 8.34
C LEU A 534 -27.39 -42.23 8.66
N LYS A 535 -26.63 -42.63 7.64
CA LYS A 535 -25.51 -43.54 7.80
C LYS A 535 -24.21 -42.77 7.57
N ILE A 536 -23.33 -42.80 8.57
CA ILE A 536 -22.06 -42.08 8.52
C ILE A 536 -20.94 -43.10 8.66
N SER A 537 -19.99 -43.07 7.73
CA SER A 537 -18.89 -44.04 7.69
C SER A 537 -17.56 -43.30 7.65
N TRP A 538 -16.57 -43.87 8.35
CA TRP A 538 -15.23 -43.32 8.43
C TRP A 538 -14.32 -44.39 9.03
N GLU A 539 -13.10 -43.99 9.37
CA GLU A 539 -12.13 -44.87 9.99
C GLU A 539 -11.53 -44.22 11.22
N LYS A 540 -11.22 -45.03 12.23
CA LYS A 540 -10.63 -44.52 13.45
C LYS A 540 -9.22 -44.00 13.17
N PRO A 541 -8.86 -42.84 13.75
CA PRO A 541 -7.49 -42.34 13.58
C PRO A 541 -6.47 -43.29 14.19
N VAL A 542 -5.27 -43.29 13.59
CA VAL A 542 -4.23 -44.20 14.04
C VAL A 542 -3.74 -43.83 15.45
N PHE A 543 -3.66 -42.54 15.75
CA PHE A 543 -3.11 -42.07 17.00
C PHE A 543 -4.17 -41.28 17.77
N PRO A 544 -4.43 -41.61 19.03
CA PRO A 544 -3.88 -42.72 19.82
C PRO A 544 -4.61 -44.03 19.58
N GLU A 545 -4.08 -45.15 20.08
CA GLU A 545 -4.70 -46.46 19.91
C GLU A 545 -5.58 -46.85 21.10
N ASN A 546 -5.75 -45.98 22.07
CA ASN A 546 -6.55 -46.27 23.25
C ASN A 546 -8.03 -46.05 22.95
N ASN A 547 -8.90 -46.42 23.89
CA ASN A 547 -10.33 -46.19 23.74
C ASN A 547 -10.65 -44.72 23.95
N LEU A 548 -11.74 -44.25 23.34
CA LEU A 548 -12.11 -42.84 23.33
C LEU A 548 -13.43 -42.64 22.60
N GLN A 549 -14.03 -41.48 22.81
CA GLN A 549 -15.35 -41.17 22.29
C GLN A 549 -15.28 -40.25 21.06
N PHE A 550 -16.44 -40.14 20.40
CA PHE A 550 -16.57 -39.43 19.13
C PHE A 550 -17.69 -38.41 19.25
N GLN A 551 -17.52 -37.27 18.58
CA GLN A 551 -18.51 -36.21 18.56
C GLN A 551 -18.89 -35.90 17.12
N ILE A 552 -20.18 -35.81 16.85
CA ILE A 552 -20.71 -35.57 15.51
C ILE A 552 -21.48 -34.25 15.51
N ARG A 553 -21.32 -33.48 14.45
CA ARG A 553 -22.01 -32.21 14.28
C ARG A 553 -22.40 -32.08 12.81
N TYR A 554 -23.71 -32.02 12.55
CA TYR A 554 -24.16 -32.00 11.16
C TYR A 554 -25.28 -30.99 10.99
N GLY A 555 -25.47 -30.57 9.75
CA GLY A 555 -26.51 -29.60 9.44
C GLY A 555 -26.80 -29.59 7.95
N LEU A 556 -27.81 -28.79 7.59
CA LEU A 556 -28.17 -28.62 6.18
C LEU A 556 -27.26 -27.57 5.55
N SER A 557 -26.44 -28.00 4.60
CA SER A 557 -25.35 -27.18 4.10
C SER A 557 -25.84 -25.88 3.48
N GLY A 558 -25.06 -24.82 3.68
CA GLY A 558 -25.40 -23.52 3.16
C GLY A 558 -24.37 -22.49 3.57
N LYS A 559 -24.72 -21.22 3.37
CA LYS A 559 -23.82 -20.14 3.78
C LYS A 559 -23.63 -20.14 5.29
N GLU A 560 -24.71 -20.29 6.05
CA GLU A 560 -24.67 -20.46 7.49
C GLU A 560 -25.52 -21.66 7.85
N VAL A 561 -25.04 -22.48 8.79
CA VAL A 561 -25.63 -23.78 9.08
C VAL A 561 -25.94 -23.85 10.57
N GLN A 562 -27.14 -24.31 10.90
CA GLN A 562 -27.55 -24.47 12.30
C GLN A 562 -27.16 -25.87 12.75
N TRP A 563 -25.98 -25.98 13.36
CA TRP A 563 -25.49 -27.27 13.84
C TRP A 563 -26.21 -27.67 15.12
N LYS A 564 -26.25 -28.98 15.37
CA LYS A 564 -26.69 -29.51 16.66
C LYS A 564 -25.83 -30.73 16.98
N MET A 565 -25.38 -30.81 18.23
CA MET A 565 -24.38 -31.80 18.64
C MET A 565 -24.97 -33.20 18.73
N TYR A 566 -24.07 -34.18 18.71
CA TYR A 566 -24.36 -35.57 19.01
C TYR A 566 -23.07 -36.21 19.51
N GLU A 567 -23.19 -37.16 20.43
CA GLU A 567 -22.01 -37.81 21.01
C GLU A 567 -22.21 -39.32 21.04
N VAL A 568 -21.11 -40.05 20.84
CA VAL A 568 -21.10 -41.49 21.02
C VAL A 568 -19.88 -41.86 21.87
N TYR A 569 -20.11 -42.68 22.90
CA TYR A 569 -19.09 -42.96 23.91
C TYR A 569 -18.43 -44.33 23.71
N ASP A 570 -18.83 -45.07 22.68
CA ASP A 570 -18.30 -46.42 22.44
C ASP A 570 -17.14 -46.31 21.45
N ALA A 571 -15.93 -46.65 21.92
CA ALA A 571 -14.76 -46.58 21.06
C ALA A 571 -14.84 -47.58 19.92
N LYS A 572 -15.27 -48.81 20.21
CA LYS A 572 -15.34 -49.85 19.20
C LYS A 572 -16.48 -49.63 18.21
N SER A 573 -17.41 -48.73 18.50
CA SER A 573 -18.50 -48.44 17.57
C SER A 573 -17.95 -47.76 16.31
N LYS A 574 -18.53 -48.11 15.17
CA LYS A 574 -18.12 -47.58 13.89
C LYS A 574 -19.10 -46.58 13.30
N SER A 575 -20.40 -46.89 13.27
CA SER A 575 -21.38 -46.00 12.66
C SER A 575 -22.61 -45.93 13.55
N VAL A 576 -23.37 -44.84 13.41
CA VAL A 576 -24.61 -44.63 14.14
C VAL A 576 -25.70 -44.31 13.13
N SER A 577 -26.95 -44.55 13.54
CA SER A 577 -28.10 -44.29 12.69
C SER A 577 -29.03 -43.31 13.40
N LEU A 578 -29.53 -42.35 12.64
CA LEU A 578 -30.42 -41.33 13.19
C LEU A 578 -31.30 -40.75 12.09
N PRO A 579 -32.61 -40.80 12.23
CA PRO A 579 -33.49 -40.22 11.19
C PRO A 579 -33.50 -38.70 11.26
N VAL A 580 -33.85 -38.09 10.13
CA VAL A 580 -33.98 -36.65 10.02
C VAL A 580 -35.35 -36.34 9.41
N PRO A 581 -36.04 -35.29 9.88
CA PRO A 581 -37.35 -34.96 9.29
C PRO A 581 -37.30 -34.73 7.78
N ASP A 582 -36.25 -34.10 7.27
CA ASP A 582 -36.12 -33.88 5.84
C ASP A 582 -35.74 -35.18 5.14
N LEU A 583 -36.11 -35.26 3.85
CA LEU A 583 -35.87 -36.46 3.07
C LEU A 583 -34.67 -36.37 2.12
N CYS A 584 -34.60 -35.35 1.25
CA CYS A 584 -33.46 -35.16 0.36
C CYS A 584 -32.91 -33.76 0.65
N ALA A 585 -31.92 -33.69 1.53
CA ALA A 585 -31.27 -32.42 1.83
C ALA A 585 -29.76 -32.64 1.86
N VAL A 586 -29.03 -31.77 1.17
CA VAL A 586 -27.58 -31.82 1.24
C VAL A 586 -27.15 -31.51 2.67
N TYR A 587 -26.19 -32.28 3.19
CA TYR A 587 -25.83 -32.22 4.58
C TYR A 587 -24.32 -32.11 4.73
N ALA A 588 -23.89 -31.28 5.68
CA ALA A 588 -22.50 -31.20 6.09
C ALA A 588 -22.35 -31.90 7.44
N VAL A 589 -21.42 -32.86 7.50
CA VAL A 589 -21.21 -33.68 8.69
C VAL A 589 -19.74 -33.59 9.09
N GLN A 590 -19.49 -33.38 10.38
CA GLN A 590 -18.16 -33.22 10.93
C GLN A 590 -18.01 -34.08 12.17
N VAL A 591 -16.79 -34.54 12.44
CA VAL A 591 -16.52 -35.43 13.57
C VAL A 591 -15.26 -34.99 14.29
N ARG A 592 -15.33 -34.94 15.62
CA ARG A 592 -14.16 -34.77 16.48
C ARG A 592 -13.96 -36.05 17.30
N CYS A 593 -12.75 -36.15 17.86
CA CYS A 593 -12.25 -37.39 18.45
C CYS A 593 -11.55 -37.06 19.77
N LYS A 594 -12.02 -37.64 20.87
CA LYS A 594 -11.42 -37.24 22.14
C LYS A 594 -11.52 -38.36 23.16
N ARG A 595 -10.50 -38.45 24.01
CA ARG A 595 -10.46 -39.49 25.04
C ARG A 595 -11.53 -39.25 26.11
N LEU A 596 -12.04 -40.36 26.67
CA LEU A 596 -13.20 -40.30 27.56
C LEU A 596 -12.93 -39.48 28.81
N ASP A 597 -11.83 -39.78 29.51
CA ASP A 597 -11.64 -39.30 30.88
C ASP A 597 -11.44 -37.80 30.97
N GLY A 598 -11.23 -37.10 29.86
CA GLY A 598 -11.00 -35.67 29.85
C GLY A 598 -9.58 -35.28 29.57
N LEU A 599 -8.62 -36.20 29.68
CA LEU A 599 -7.24 -35.90 29.34
C LEU A 599 -7.10 -35.71 27.84
N GLY A 600 -6.17 -34.84 27.45
CA GLY A 600 -5.95 -34.51 26.06
C GLY A 600 -6.74 -33.28 25.63
N TYR A 601 -6.47 -32.85 24.40
CA TYR A 601 -7.09 -31.66 23.83
C TYR A 601 -7.98 -32.04 22.66
N TRP A 602 -9.01 -31.22 22.43
CA TRP A 602 -9.93 -31.46 21.33
C TRP A 602 -9.20 -31.36 19.99
N SER A 603 -9.50 -32.29 19.09
CA SER A 603 -8.90 -32.28 17.77
C SER A 603 -9.66 -31.30 16.86
N ASN A 604 -9.01 -30.93 15.76
CA ASN A 604 -9.63 -30.03 14.80
C ASN A 604 -10.70 -30.74 13.99
N TRP A 605 -11.58 -29.94 13.39
CA TRP A 605 -12.67 -30.50 12.59
C TRP A 605 -12.14 -31.13 11.32
N SER A 606 -12.84 -32.15 10.84
CA SER A 606 -12.42 -32.89 9.66
C SER A 606 -12.94 -32.21 8.40
N ASN A 607 -12.75 -32.88 7.26
CA ASN A 607 -13.27 -32.38 6.00
C ASN A 607 -14.78 -32.55 5.94
N PRO A 608 -15.48 -31.63 5.28
CA PRO A 608 -16.94 -31.73 5.18
C PRO A 608 -17.36 -32.89 4.29
N ALA A 609 -18.34 -33.65 4.74
CA ALA A 609 -18.88 -34.77 3.97
C ALA A 609 -20.30 -34.43 3.50
N TYR A 610 -20.54 -34.63 2.21
CA TYR A 610 -21.81 -34.29 1.58
C TYR A 610 -22.57 -35.54 1.20
N THR A 611 -23.86 -35.36 0.96
CA THR A 611 -24.78 -36.44 0.60
C THR A 611 -25.28 -36.24 -0.83
N VAL A 612 -26.20 -37.10 -1.24
CA VAL A 612 -26.75 -37.09 -2.59
C VAL A 612 -28.27 -36.99 -2.48
N VAL A 613 -28.87 -36.28 -3.43
CA VAL A 613 -30.32 -36.09 -3.47
C VAL A 613 -30.89 -37.10 -4.45
N MET A 614 -31.71 -38.02 -3.94
CA MET A 614 -32.33 -39.07 -4.73
C MET A 614 -33.46 -39.68 -3.91
N ASP A 615 -34.49 -40.14 -4.60
CA ASP A 615 -35.75 -40.52 -3.96
C ASP A 615 -35.55 -41.72 -3.02
N ILE A 616 -36.27 -41.66 -1.89
CA ILE A 616 -36.05 -42.62 -0.81
C ILE A 616 -37.04 -43.79 -0.91
N LYS A 617 -38.33 -43.48 -0.97
CA LYS A 617 -39.36 -44.53 -0.92
C LYS A 617 -40.53 -44.14 -1.82
N VAL A 618 -41.49 -45.04 -1.90
CA VAL A 618 -42.66 -44.82 -2.76
C VAL A 618 -43.57 -43.77 -2.12
N PRO A 619 -44.02 -42.77 -2.87
CA PRO A 619 -44.92 -41.76 -2.29
C PRO A 619 -46.25 -42.38 -1.86
N MET A 620 -46.75 -41.94 -0.72
CA MET A 620 -48.06 -42.39 -0.26
C MET A 620 -49.18 -41.68 -1.01
N ARG A 621 -49.01 -40.39 -1.27
CA ARG A 621 -50.00 -39.57 -1.95
C ARG A 621 -49.41 -39.00 -3.22
N GLY A 622 -49.94 -39.42 -4.36
CA GLY A 622 -49.44 -39.01 -5.64
C GLY A 622 -50.26 -37.89 -6.27
N PRO A 623 -50.62 -38.05 -7.54
CA PRO A 623 -51.26 -36.97 -8.29
C PRO A 623 -52.73 -36.81 -7.97
N GLU A 624 -53.26 -35.65 -8.40
CA GLU A 624 -54.69 -35.34 -8.31
C GLU A 624 -55.16 -34.99 -9.72
N PHE A 625 -55.83 -35.94 -10.36
CA PHE A 625 -56.28 -35.74 -11.73
C PHE A 625 -57.59 -34.97 -11.77
N TRP A 626 -57.89 -34.44 -12.96
CA TRP A 626 -59.10 -33.63 -13.15
C TRP A 626 -59.58 -33.85 -14.57
N ARG A 627 -60.87 -34.15 -14.73
CA ARG A 627 -61.40 -34.56 -16.02
C ARG A 627 -62.03 -33.38 -16.76
N ILE A 628 -61.62 -33.21 -18.02
CA ILE A 628 -62.15 -32.17 -18.90
C ILE A 628 -62.90 -32.85 -20.02
N ILE A 629 -64.14 -32.42 -20.26
CA ILE A 629 -64.99 -32.98 -21.30
C ILE A 629 -65.29 -31.89 -22.32
N ASN A 630 -65.02 -32.19 -23.60
CA ASN A 630 -65.28 -31.28 -24.71
C ASN A 630 -66.10 -32.03 -25.76
N GLY A 631 -67.42 -32.02 -25.59
CA GLY A 631 -68.30 -32.70 -26.52
C GLY A 631 -69.74 -32.46 -26.15
N ASP A 632 -70.63 -32.90 -27.04
CA ASP A 632 -72.06 -32.74 -26.83
C ASP A 632 -72.59 -33.83 -25.91
N THR A 633 -73.57 -33.46 -25.09
CA THR A 633 -74.17 -34.41 -24.16
C THR A 633 -74.98 -35.48 -24.88
N MET A 634 -75.57 -35.15 -26.03
CA MET A 634 -76.37 -36.11 -26.77
C MET A 634 -75.52 -37.28 -27.27
N LYS A 635 -74.30 -36.99 -27.72
CA LYS A 635 -73.42 -38.04 -28.22
C LYS A 635 -73.07 -39.04 -27.12
N LYS A 636 -73.04 -40.32 -27.49
CA LYS A 636 -72.75 -41.39 -26.55
C LYS A 636 -71.26 -41.54 -26.24
N GLU A 637 -70.39 -40.92 -27.03
CA GLU A 637 -68.95 -40.99 -26.83
C GLU A 637 -68.44 -39.61 -26.46
N LYS A 638 -67.62 -39.53 -25.43
CA LYS A 638 -67.12 -38.24 -24.94
C LYS A 638 -65.61 -38.27 -24.81
N ASN A 639 -64.96 -37.16 -25.17
CA ASN A 639 -63.52 -37.04 -25.01
C ASN A 639 -63.19 -36.53 -23.62
N VAL A 640 -62.36 -37.27 -22.89
CA VAL A 640 -61.98 -36.94 -21.53
C VAL A 640 -60.48 -36.68 -21.49
N THR A 641 -60.11 -35.54 -20.91
CA THR A 641 -58.72 -35.13 -20.78
C THR A 641 -58.35 -35.11 -19.30
N LEU A 642 -57.20 -35.69 -18.97
CA LEU A 642 -56.74 -35.77 -17.60
C LEU A 642 -55.70 -34.69 -17.33
N LEU A 643 -55.88 -33.94 -16.25
CA LEU A 643 -55.00 -32.84 -15.88
C LEU A 643 -54.69 -32.95 -14.40
N TRP A 644 -53.41 -32.89 -14.04
CA TRP A 644 -52.99 -32.97 -12.64
C TRP A 644 -51.90 -31.94 -12.35
N LYS A 645 -51.92 -31.45 -11.12
CA LYS A 645 -50.92 -30.50 -10.65
C LYS A 645 -49.62 -31.23 -10.34
N PRO A 646 -48.47 -30.73 -10.83
CA PRO A 646 -47.21 -31.44 -10.59
C PRO A 646 -46.94 -31.65 -9.11
N LEU A 647 -46.36 -32.81 -8.79
CA LEU A 647 -46.12 -33.17 -7.40
C LEU A 647 -45.06 -32.26 -6.77
N MET A 648 -45.24 -31.97 -5.49
CA MET A 648 -44.28 -31.19 -4.74
C MET A 648 -43.25 -32.11 -4.09
N LYS A 649 -42.21 -31.50 -3.50
CA LYS A 649 -41.10 -32.28 -2.94
C LYS A 649 -41.57 -33.23 -1.86
N ASN A 650 -42.43 -32.74 -0.96
CA ASN A 650 -42.87 -33.57 0.17
C ASN A 650 -43.89 -34.62 -0.27
N ASP A 651 -44.81 -34.25 -1.17
CA ASP A 651 -45.88 -35.16 -1.55
C ASP A 651 -45.34 -36.39 -2.26
N SER A 652 -44.37 -36.21 -3.16
CA SER A 652 -43.76 -37.34 -3.85
C SER A 652 -42.56 -37.91 -3.11
N LEU A 653 -42.32 -37.44 -1.88
CA LEU A 653 -41.18 -37.82 -1.03
C LEU A 653 -39.86 -37.32 -1.60
N CYS A 654 -39.91 -36.75 -2.81
CA CYS A 654 -38.85 -35.99 -3.48
C CYS A 654 -39.11 -35.90 -4.97
N SER A 655 -38.55 -36.83 -5.75
CA SER A 655 -38.62 -36.78 -7.19
C SER A 655 -39.22 -38.07 -7.74
N VAL A 656 -40.12 -37.94 -8.71
CA VAL A 656 -40.66 -39.07 -9.46
C VAL A 656 -40.23 -38.92 -10.91
N GLN A 657 -39.52 -39.92 -11.42
CA GLN A 657 -38.93 -39.82 -12.75
C GLN A 657 -39.99 -39.86 -13.84
N ARG A 658 -41.04 -40.65 -13.65
CA ARG A 658 -42.01 -40.82 -14.72
C ARG A 658 -43.35 -41.23 -14.13
N TYR A 659 -44.42 -40.83 -14.82
CA TYR A 659 -45.80 -41.07 -14.39
C TYR A 659 -46.46 -42.10 -15.29
N VAL A 660 -47.39 -42.87 -14.74
CA VAL A 660 -48.10 -43.91 -15.47
C VAL A 660 -49.58 -43.82 -15.15
N ILE A 661 -50.43 -44.04 -16.16
CA ILE A 661 -51.87 -44.03 -16.00
C ILE A 661 -52.42 -45.39 -16.41
N ASN A 662 -53.25 -45.98 -15.56
CA ASN A 662 -53.86 -47.28 -15.80
C ASN A 662 -55.38 -47.13 -15.91
N HIS A 663 -55.97 -47.90 -16.83
CA HIS A 663 -57.41 -47.88 -17.07
C HIS A 663 -58.01 -49.22 -16.67
N HIS A 664 -59.20 -49.17 -16.08
CA HIS A 664 -59.95 -50.37 -15.71
C HIS A 664 -60.97 -50.67 -16.79
N THR A 665 -61.00 -51.91 -17.26
CA THR A 665 -61.87 -52.33 -18.35
C THR A 665 -62.69 -53.54 -17.90
N SER A 666 -63.87 -53.69 -18.49
CA SER A 666 -64.71 -54.85 -18.19
C SER A 666 -64.01 -56.15 -18.54
N CYS A 667 -63.11 -56.12 -19.53
CA CYS A 667 -62.31 -57.29 -19.86
C CYS A 667 -61.27 -57.62 -18.79
N ASN A 668 -61.06 -56.71 -17.83
CA ASN A 668 -60.10 -56.89 -16.74
C ASN A 668 -58.68 -57.09 -17.25
N GLY A 669 -58.31 -56.38 -18.31
CA GLY A 669 -56.95 -56.44 -18.83
C GLY A 669 -55.99 -55.61 -18.00
N THR A 670 -54.91 -56.23 -17.54
CA THR A 670 -53.92 -55.56 -16.70
C THR A 670 -52.73 -55.16 -17.56
N TRP A 671 -52.43 -53.87 -17.60
CA TRP A 671 -51.29 -53.36 -18.36
C TRP A 671 -50.90 -52.00 -17.77
N SER A 672 -50.06 -51.28 -18.50
CA SER A 672 -49.61 -49.96 -18.10
C SER A 672 -49.49 -49.07 -19.34
N GLU A 673 -49.75 -47.77 -19.15
CA GLU A 673 -49.66 -46.79 -20.22
C GLU A 673 -48.83 -45.63 -19.71
N ASP A 674 -47.80 -45.26 -20.46
CA ASP A 674 -46.84 -44.24 -20.06
C ASP A 674 -47.23 -42.89 -20.65
N VAL A 675 -47.51 -41.93 -19.77
CA VAL A 675 -47.96 -40.61 -20.20
C VAL A 675 -46.81 -39.64 -20.43
N GLY A 676 -45.67 -39.81 -19.75
CA GLY A 676 -44.58 -38.89 -19.93
C GLY A 676 -44.70 -37.67 -19.04
N ASN A 677 -43.73 -36.77 -19.16
CA ASN A 677 -43.76 -35.51 -18.42
C ASN A 677 -44.83 -34.56 -18.92
N HIS A 678 -45.46 -34.87 -20.06
CA HIS A 678 -46.54 -34.05 -20.58
C HIS A 678 -47.68 -33.99 -19.59
N THR A 679 -48.30 -32.82 -19.46
CA THR A 679 -49.35 -32.58 -18.49
C THR A 679 -50.74 -32.93 -19.04
N LYS A 680 -50.82 -33.30 -20.31
CA LYS A 680 -52.10 -33.56 -20.97
C LYS A 680 -52.17 -35.00 -21.46
N PHE A 681 -53.33 -35.62 -21.24
CA PHE A 681 -53.61 -36.95 -21.75
C PHE A 681 -55.08 -37.01 -22.15
N THR A 682 -55.37 -37.62 -23.30
CA THR A 682 -56.70 -37.65 -23.86
C THR A 682 -57.15 -39.09 -24.07
N PHE A 683 -58.45 -39.33 -23.90
CA PHE A 683 -59.02 -40.65 -24.10
C PHE A 683 -60.48 -40.48 -24.53
N LEU A 684 -61.02 -41.51 -25.18
CA LEU A 684 -62.39 -41.49 -25.67
C LEU A 684 -63.22 -42.50 -24.89
N TRP A 685 -64.19 -42.02 -24.13
CA TRP A 685 -65.03 -42.85 -23.28
C TRP A 685 -66.34 -43.16 -23.98
N THR A 686 -66.62 -44.45 -24.17
CA THR A 686 -67.82 -44.96 -24.81
C THR A 686 -68.59 -45.94 -23.95
N GLU A 687 -67.90 -46.85 -23.26
CA GLU A 687 -68.55 -47.92 -22.53
C GLU A 687 -68.95 -47.49 -21.13
N GLN A 688 -69.51 -48.42 -20.36
CA GLN A 688 -70.16 -48.07 -19.09
C GLN A 688 -69.15 -47.95 -17.95
N ALA A 689 -68.46 -49.04 -17.62
CA ALA A 689 -67.63 -49.11 -16.43
C ALA A 689 -66.17 -48.80 -16.79
N HIS A 690 -65.77 -47.55 -16.55
CA HIS A 690 -64.38 -47.14 -16.77
C HIS A 690 -63.85 -46.52 -15.49
N THR A 691 -62.63 -46.87 -15.12
CA THR A 691 -61.96 -46.31 -13.95
C THR A 691 -60.51 -46.00 -14.31
N VAL A 692 -60.01 -44.87 -13.82
CA VAL A 692 -58.66 -44.40 -14.12
C VAL A 692 -57.88 -44.30 -12.81
N THR A 693 -56.62 -44.72 -12.85
CA THR A 693 -55.76 -44.64 -11.68
C THR A 693 -54.38 -44.18 -12.12
N VAL A 694 -53.91 -43.07 -11.59
CA VAL A 694 -52.63 -42.48 -12.01
C VAL A 694 -51.55 -42.87 -11.01
N LEU A 695 -50.83 -43.94 -11.31
CA LEU A 695 -49.74 -44.44 -10.48
C LEU A 695 -48.49 -43.62 -10.82
N ALA A 696 -47.87 -43.07 -9.77
CA ALA A 696 -46.61 -42.35 -9.95
C ALA A 696 -45.44 -43.27 -9.62
N ILE A 697 -44.95 -44.01 -10.61
CA ILE A 697 -43.88 -44.98 -10.39
C ILE A 697 -42.58 -44.22 -10.19
N ASN A 698 -41.89 -44.51 -9.09
CA ASN A 698 -40.54 -44.03 -8.89
C ASN A 698 -39.54 -45.18 -9.05
N SER A 699 -38.25 -44.89 -8.88
CA SER A 699 -37.24 -45.93 -8.97
C SER A 699 -37.43 -46.99 -7.89
N ILE A 700 -37.99 -46.61 -6.74
CA ILE A 700 -38.24 -47.58 -5.68
C ILE A 700 -39.36 -48.52 -6.07
N GLY A 701 -40.46 -47.98 -6.61
CA GLY A 701 -41.60 -48.81 -6.96
C GLY A 701 -42.75 -47.95 -7.45
N ALA A 702 -43.94 -48.25 -6.92
CA ALA A 702 -45.16 -47.55 -7.27
C ALA A 702 -45.90 -47.09 -6.02
N SER A 703 -46.75 -46.07 -6.21
CA SER A 703 -47.53 -45.53 -5.10
C SER A 703 -48.55 -46.54 -4.60
N VAL A 704 -48.90 -46.41 -3.33
CA VAL A 704 -49.81 -47.36 -2.70
C VAL A 704 -51.24 -46.82 -2.59
N ALA A 705 -51.40 -45.50 -2.53
CA ALA A 705 -52.71 -44.87 -2.41
C ALA A 705 -52.90 -43.90 -3.56
N ASN A 706 -54.05 -43.99 -4.22
CA ASN A 706 -54.33 -43.17 -5.40
C ASN A 706 -55.77 -42.67 -5.34
N PHE A 707 -56.02 -41.57 -6.05
CA PHE A 707 -57.37 -41.02 -6.15
C PHE A 707 -58.17 -41.82 -7.16
N ASN A 708 -59.48 -41.58 -7.22
CA ASN A 708 -60.36 -42.51 -7.92
C ASN A 708 -61.58 -41.75 -8.44
N LEU A 709 -62.07 -42.19 -9.60
CA LEU A 709 -63.17 -41.52 -10.28
C LEU A 709 -63.86 -42.52 -11.21
N THR A 710 -65.17 -42.35 -11.39
CA THR A 710 -65.98 -43.25 -12.20
C THR A 710 -66.85 -42.43 -13.15
N PHE A 711 -67.13 -42.99 -14.33
CA PHE A 711 -67.99 -42.35 -15.32
C PHE A 711 -69.12 -43.31 -15.71
N SER A 712 -70.34 -42.80 -15.72
CA SER A 712 -71.49 -43.57 -16.20
C SER A 712 -72.66 -42.63 -16.41
N TRP A 713 -73.64 -43.08 -17.20
CA TRP A 713 -74.78 -42.25 -17.62
C TRP A 713 -75.84 -42.04 -16.54
N PRO A 714 -76.44 -43.10 -15.97
CA PRO A 714 -77.70 -42.89 -15.23
C PRO A 714 -77.60 -41.93 -14.04
N MET A 715 -76.46 -41.90 -13.34
CA MET A 715 -76.32 -41.04 -12.17
C MET A 715 -75.80 -39.65 -12.53
N SER A 716 -75.62 -39.36 -13.81
CA SER A 716 -75.16 -38.06 -14.25
C SER A 716 -76.28 -37.03 -14.34
N LYS A 717 -77.52 -37.44 -14.10
CA LYS A 717 -78.65 -36.52 -14.14
C LYS A 717 -79.19 -36.17 -12.75
N VAL A 718 -78.98 -37.03 -11.76
CA VAL A 718 -79.49 -36.77 -10.42
C VAL A 718 -78.76 -35.58 -9.81
N ASN A 719 -79.54 -34.62 -9.30
CA ASN A 719 -79.00 -33.43 -8.67
C ASN A 719 -79.38 -33.43 -7.19
N ILE A 720 -78.41 -33.19 -6.33
CA ILE A 720 -78.65 -33.18 -4.89
C ILE A 720 -78.53 -31.75 -4.36
N VAL A 721 -77.87 -30.88 -5.14
CA VAL A 721 -77.69 -29.49 -4.75
C VAL A 721 -78.65 -28.62 -5.55
N GLN A 722 -79.69 -28.10 -4.90
CA GLN A 722 -80.66 -27.28 -5.62
C GLN A 722 -80.11 -25.90 -5.94
N SER A 723 -79.41 -25.26 -4.99
CA SER A 723 -79.05 -23.88 -5.28
C SER A 723 -77.66 -23.56 -4.74
N LEU A 724 -77.08 -22.49 -5.29
CA LEU A 724 -75.84 -21.92 -4.76
C LEU A 724 -75.75 -20.47 -5.23
N SER A 725 -74.98 -19.68 -4.49
CA SER A 725 -74.76 -18.27 -4.78
C SER A 725 -73.29 -17.93 -4.62
N ALA A 726 -72.84 -16.93 -5.39
CA ALA A 726 -71.45 -16.48 -5.40
C ALA A 726 -71.42 -14.96 -5.44
N TYR A 727 -70.67 -14.36 -4.50
CA TYR A 727 -70.56 -12.91 -4.38
C TYR A 727 -69.09 -12.51 -4.33
N PRO A 728 -68.73 -11.31 -4.81
CA PRO A 728 -67.34 -10.86 -4.65
C PRO A 728 -67.11 -10.00 -3.42
N LEU A 729 -66.11 -10.38 -2.61
CA LEU A 729 -65.67 -9.53 -1.51
C LEU A 729 -64.70 -8.44 -1.98
N ASN A 730 -63.57 -8.85 -2.58
CA ASN A 730 -62.63 -7.90 -3.18
C ASN A 730 -61.89 -8.62 -4.31
N SER A 731 -60.66 -8.16 -4.60
CA SER A 731 -59.82 -8.79 -5.61
C SER A 731 -59.13 -10.06 -5.12
N SER A 732 -59.24 -10.38 -3.82
CA SER A 732 -58.50 -11.49 -3.22
C SER A 732 -59.38 -12.67 -2.81
N CYS A 733 -60.65 -12.43 -2.50
CA CYS A 733 -61.50 -13.50 -2.02
C CYS A 733 -62.89 -13.39 -2.63
N VAL A 734 -63.56 -14.54 -2.71
CA VAL A 734 -64.92 -14.64 -3.23
C VAL A 734 -65.74 -15.52 -2.30
N ILE A 735 -67.00 -15.13 -2.07
CA ILE A 735 -67.92 -15.88 -1.24
C ILE A 735 -68.67 -16.87 -2.11
N VAL A 736 -68.74 -18.12 -1.68
CA VAL A 736 -69.60 -19.12 -2.30
C VAL A 736 -70.40 -19.80 -1.21
N SER A 737 -71.69 -19.95 -1.42
CA SER A 737 -72.56 -20.71 -0.52
C SER A 737 -73.46 -21.60 -1.36
N TRP A 738 -73.92 -22.69 -0.76
CA TRP A 738 -74.80 -23.61 -1.47
C TRP A 738 -75.78 -24.24 -0.50
N ILE A 739 -76.96 -24.57 -1.02
CA ILE A 739 -77.95 -25.34 -0.28
C ILE A 739 -78.33 -26.56 -1.12
N LEU A 740 -78.25 -27.73 -0.47
CA LEU A 740 -78.52 -29.02 -1.07
C LEU A 740 -79.61 -29.72 -0.26
N SER A 741 -79.92 -30.95 -0.65
CA SER A 741 -80.93 -31.75 0.01
C SER A 741 -80.39 -33.15 0.30
N PRO A 742 -80.93 -33.84 1.30
CA PRO A 742 -80.47 -35.20 1.60
C PRO A 742 -80.73 -36.15 0.43
N SER A 743 -79.82 -37.10 0.27
CA SER A 743 -79.90 -38.09 -0.79
C SER A 743 -79.62 -39.47 -0.21
N ASP A 744 -80.15 -40.49 -0.90
CA ASP A 744 -80.00 -41.87 -0.46
C ASP A 744 -78.54 -42.32 -0.48
N TYR A 745 -77.79 -41.96 -1.52
CA TYR A 745 -76.39 -42.34 -1.61
C TYR A 745 -75.53 -41.49 -0.68
N LYS A 746 -74.40 -42.06 -0.27
CA LYS A 746 -73.49 -41.34 0.61
C LYS A 746 -72.81 -40.19 -0.12
N LEU A 747 -72.66 -39.06 0.58
CA LEU A 747 -72.00 -37.88 0.05
C LEU A 747 -70.74 -37.62 0.87
N MET A 748 -69.62 -37.42 0.17
CA MET A 748 -68.34 -37.26 0.86
C MET A 748 -67.61 -35.96 0.51
N TYR A 749 -67.62 -35.52 -0.74
CA TYR A 749 -66.82 -34.37 -1.11
C TYR A 749 -67.34 -33.77 -2.42
N PHE A 750 -66.87 -32.56 -2.71
CA PHE A 750 -67.34 -31.75 -3.83
C PHE A 750 -66.15 -31.15 -4.57
N ILE A 751 -66.37 -30.78 -5.83
CA ILE A 751 -65.39 -30.04 -6.62
C ILE A 751 -65.99 -28.67 -6.94
N ILE A 752 -65.20 -27.62 -6.79
CA ILE A 752 -65.60 -26.27 -7.21
C ILE A 752 -64.52 -25.74 -8.13
N GLU A 753 -64.92 -25.29 -9.33
CA GLU A 753 -63.94 -24.70 -10.22
C GLU A 753 -64.49 -23.43 -10.86
N TRP A 754 -63.57 -22.65 -11.43
CA TRP A 754 -63.90 -21.38 -12.03
C TRP A 754 -63.13 -21.23 -13.33
N LYS A 755 -63.69 -20.44 -14.25
CA LYS A 755 -63.07 -20.20 -15.53
C LYS A 755 -63.43 -18.80 -16.02
N ASN A 756 -62.77 -18.37 -17.08
CA ASN A 756 -62.97 -17.04 -17.65
C ASN A 756 -63.55 -17.16 -19.05
N LEU A 757 -64.54 -16.31 -19.36
CA LEU A 757 -65.13 -16.29 -20.70
C LEU A 757 -64.41 -15.34 -21.64
N ASN A 758 -63.69 -14.35 -21.10
CA ASN A 758 -62.95 -13.43 -21.96
C ASN A 758 -61.87 -14.15 -22.75
N GLU A 759 -61.16 -15.09 -22.10
CA GLU A 759 -60.16 -15.89 -22.77
C GLU A 759 -60.34 -17.35 -22.34
N ASP A 760 -60.21 -18.26 -23.31
CA ASP A 760 -60.38 -19.69 -23.05
C ASP A 760 -59.06 -20.27 -22.52
N GLY A 761 -58.77 -19.91 -21.28
CA GLY A 761 -57.55 -20.35 -20.60
C GLY A 761 -57.73 -21.69 -19.92
N GLU A 762 -56.74 -22.02 -19.09
CA GLU A 762 -56.76 -23.27 -18.36
C GLU A 762 -57.86 -23.25 -17.29
N ILE A 763 -58.25 -24.43 -16.83
CA ILE A 763 -59.32 -24.57 -15.86
C ILE A 763 -58.71 -24.68 -14.46
N LYS A 764 -59.15 -23.81 -13.56
CA LYS A 764 -58.72 -23.82 -12.17
C LYS A 764 -59.81 -24.45 -11.30
N TRP A 765 -59.41 -25.46 -10.52
CA TRP A 765 -60.36 -26.28 -9.78
C TRP A 765 -59.83 -26.50 -8.36
N LEU A 766 -60.74 -26.94 -7.48
CA LEU A 766 -60.35 -27.23 -6.10
C LEU A 766 -61.30 -28.29 -5.54
N ARG A 767 -60.74 -29.15 -4.71
CA ARG A 767 -61.44 -30.23 -4.02
C ARG A 767 -61.74 -29.86 -2.58
N ILE A 768 -63.01 -29.89 -2.21
CA ILE A 768 -63.45 -29.48 -0.88
C ILE A 768 -64.29 -30.58 -0.28
N SER A 769 -64.40 -30.60 1.04
CA SER A 769 -65.20 -31.61 1.73
C SER A 769 -66.66 -31.18 1.78
N SER A 770 -67.55 -32.18 1.89
CA SER A 770 -68.97 -31.94 1.97
C SER A 770 -69.46 -31.66 3.38
N SER A 771 -68.63 -31.91 4.39
CA SER A 771 -69.04 -31.65 5.77
C SER A 771 -69.23 -30.16 6.02
N VAL A 772 -68.34 -29.33 5.46
CA VAL A 772 -68.45 -27.89 5.65
C VAL A 772 -69.22 -27.28 4.49
N LYS A 773 -70.23 -26.48 4.83
CA LYS A 773 -71.14 -25.88 3.86
C LYS A 773 -70.67 -24.50 3.40
N LYS A 774 -69.50 -24.04 3.86
CA LYS A 774 -69.13 -22.65 3.65
C LYS A 774 -67.62 -22.58 3.45
N TYR A 775 -67.20 -21.96 2.35
CA TYR A 775 -65.78 -21.82 2.04
C TYR A 775 -65.57 -20.55 1.24
N TYR A 776 -64.45 -19.85 1.48
CA TYR A 776 -64.11 -18.63 0.74
C TYR A 776 -63.02 -18.95 -0.27
N ILE A 777 -63.27 -18.64 -1.55
CA ILE A 777 -62.24 -18.86 -2.56
C ILE A 777 -61.18 -17.78 -2.45
N HIS A 778 -59.92 -18.20 -2.31
CA HIS A 778 -58.77 -17.30 -2.24
C HIS A 778 -58.07 -17.34 -3.60
N ASP A 779 -58.33 -16.34 -4.43
CA ASP A 779 -57.78 -16.28 -5.78
C ASP A 779 -57.92 -14.85 -6.27
N HIS A 780 -57.13 -14.51 -7.29
CA HIS A 780 -57.26 -13.21 -7.94
C HIS A 780 -58.52 -13.17 -8.79
N PHE A 781 -59.17 -12.01 -8.80
CA PHE A 781 -60.43 -11.85 -9.55
C PHE A 781 -60.47 -10.43 -10.12
N ILE A 782 -60.68 -10.32 -11.42
CA ILE A 782 -60.77 -9.02 -12.08
C ILE A 782 -62.24 -8.59 -12.11
N PRO A 783 -62.59 -7.45 -11.51
CA PRO A 783 -64.00 -7.03 -11.49
C PRO A 783 -64.59 -6.82 -12.87
N ILE A 784 -63.79 -6.33 -13.83
CA ILE A 784 -64.32 -6.03 -15.14
C ILE A 784 -64.68 -7.32 -15.89
N GLU A 785 -63.80 -8.31 -15.84
CA GLU A 785 -64.02 -9.55 -16.57
C GLU A 785 -65.15 -10.37 -15.95
N LYS A 786 -65.88 -11.07 -16.81
CA LYS A 786 -66.99 -11.92 -16.40
C LYS A 786 -66.49 -13.36 -16.30
N TYR A 787 -66.80 -14.01 -15.18
CA TYR A 787 -66.30 -15.34 -14.87
C TYR A 787 -67.44 -16.35 -14.77
N GLN A 788 -67.09 -17.62 -14.94
CA GLN A 788 -68.00 -18.75 -14.80
C GLN A 788 -67.61 -19.54 -13.56
N PHE A 789 -68.58 -19.84 -12.70
CA PHE A 789 -68.34 -20.70 -11.55
C PHE A 789 -69.11 -22.01 -11.77
N SER A 790 -68.62 -23.10 -11.19
CA SER A 790 -69.37 -24.36 -11.27
C SER A 790 -69.01 -25.28 -10.12
N LEU A 791 -69.97 -26.11 -9.72
CA LEU A 791 -69.83 -27.10 -8.66
C LEU A 791 -70.19 -28.49 -9.17
N TYR A 792 -69.23 -29.41 -9.07
CA TYR A 792 -69.39 -30.80 -9.46
C TYR A 792 -69.60 -31.68 -8.24
N PRO A 793 -70.69 -32.48 -8.22
CA PRO A 793 -70.88 -33.47 -7.15
C PRO A 793 -70.19 -34.79 -7.48
N ILE A 794 -69.72 -35.46 -6.43
CA ILE A 794 -68.97 -36.70 -6.56
C ILE A 794 -69.67 -37.76 -5.74
N PHE A 795 -69.89 -38.93 -6.35
CA PHE A 795 -70.42 -40.09 -5.65
C PHE A 795 -69.63 -41.32 -6.07
N MET A 796 -69.84 -42.42 -5.35
CA MET A 796 -69.17 -43.67 -5.70
C MET A 796 -69.60 -44.15 -7.08
N GLU A 797 -70.86 -43.96 -7.45
CA GLU A 797 -71.34 -44.37 -8.76
C GLU A 797 -70.80 -43.50 -9.89
N GLY A 798 -70.41 -42.28 -9.61
CA GLY A 798 -69.86 -41.40 -10.64
C GLY A 798 -70.11 -39.95 -10.29
N VAL A 799 -70.14 -39.13 -11.34
CA VAL A 799 -70.34 -37.69 -11.20
C VAL A 799 -71.76 -37.34 -11.63
N GLY A 800 -72.46 -36.56 -10.81
CA GLY A 800 -73.83 -36.18 -11.06
C GLY A 800 -73.95 -34.98 -11.97
N LYS A 801 -75.11 -34.35 -11.94
CA LYS A 801 -75.40 -33.22 -12.79
C LYS A 801 -74.59 -32.01 -12.35
N PRO A 802 -73.79 -31.40 -13.23
CA PRO A 802 -73.02 -30.22 -12.82
C PRO A 802 -73.88 -28.97 -12.81
N LYS A 803 -73.58 -28.08 -11.87
CA LYS A 803 -74.27 -26.81 -11.73
C LYS A 803 -73.31 -25.68 -12.05
N ILE A 804 -73.65 -24.88 -13.06
CA ILE A 804 -72.79 -23.80 -13.55
C ILE A 804 -73.53 -22.47 -13.41
N ILE A 805 -72.89 -21.52 -12.76
CA ILE A 805 -73.46 -20.19 -12.55
C ILE A 805 -72.68 -19.16 -13.36
N ASN A 806 -73.43 -18.25 -13.98
CA ASN A 806 -72.91 -17.20 -14.84
C ASN A 806 -72.61 -15.94 -14.06
N SER A 807 -73.62 -15.34 -13.44
CA SER A 807 -73.50 -14.08 -12.72
C SER A 807 -74.76 -13.87 -11.90
N PHE A 808 -74.92 -12.67 -11.36
CA PHE A 808 -76.12 -12.32 -10.62
C PHE A 808 -77.34 -12.39 -11.51
N THR A 809 -78.46 -12.83 -10.93
CA THR A 809 -79.72 -12.93 -11.67
C THR A 809 -80.90 -12.51 -10.80
N ASN B 3 74.17 57.93 -13.04
CA ASN B 3 75.33 57.07 -12.81
C ASN B 3 74.95 55.82 -12.02
N LEU B 4 75.88 54.87 -11.97
CA LEU B 4 75.67 53.60 -11.27
C LEU B 4 74.42 52.89 -11.77
N SER B 5 73.31 53.04 -11.05
CA SER B 5 72.07 52.41 -11.46
C SER B 5 71.52 53.07 -12.72
N TYR B 6 71.16 52.25 -13.71
CA TYR B 6 70.65 52.74 -14.98
C TYR B 6 69.29 52.10 -15.24
N PRO B 7 68.21 52.87 -15.32
CA PRO B 7 66.90 52.28 -15.62
C PRO B 7 66.89 51.71 -17.04
N ILE B 8 66.11 50.64 -17.22
CA ILE B 8 66.04 49.96 -18.51
C ILE B 8 65.02 50.71 -19.37
N THR B 9 65.51 51.49 -20.34
CA THR B 9 64.64 52.25 -21.23
C THR B 9 65.20 52.20 -22.65
N PRO B 10 64.48 51.60 -23.61
CA PRO B 10 63.20 50.92 -23.46
C PRO B 10 63.36 49.45 -23.09
N TRP B 11 62.31 48.64 -23.23
CA TRP B 11 62.40 47.23 -22.91
C TRP B 11 63.27 46.47 -23.93
N ARG B 12 63.32 46.93 -25.17
CA ARG B 12 64.16 46.28 -26.17
C ARG B 12 65.63 46.49 -25.85
N PHE B 13 66.45 45.48 -26.13
CA PHE B 13 67.87 45.54 -25.90
C PHE B 13 68.61 44.83 -27.02
N LYS B 14 69.77 45.39 -27.38
CA LYS B 14 70.62 44.83 -28.42
C LYS B 14 71.77 44.07 -27.78
N LEU B 15 72.70 43.58 -28.61
CA LEU B 15 73.86 42.84 -28.11
C LEU B 15 74.99 43.02 -29.11
N SER B 16 75.95 43.88 -28.78
CA SER B 16 77.12 44.14 -29.61
C SER B 16 78.37 43.81 -28.79
N CYS B 17 79.06 42.73 -29.17
CA CYS B 17 80.26 42.29 -28.48
C CYS B 17 81.52 42.51 -29.30
N MET B 18 81.55 43.58 -30.09
CA MET B 18 82.73 43.88 -30.89
C MET B 18 83.88 44.31 -29.98
N PRO B 19 85.12 44.05 -30.38
CA PRO B 19 86.26 44.46 -29.54
C PRO B 19 86.37 45.98 -29.47
N PRO B 20 86.36 46.55 -28.26
CA PRO B 20 86.46 48.00 -28.07
C PRO B 20 87.85 48.54 -28.38
N LEU B 62 88.52 29.36 -22.64
CA LEU B 62 88.80 28.79 -21.33
C LEU B 62 87.96 29.46 -20.25
N SER B 63 88.21 29.08 -19.00
CA SER B 63 87.46 29.64 -17.88
C SER B 63 87.88 31.07 -17.54
N LYS B 64 88.98 31.56 -18.11
CA LYS B 64 89.45 32.91 -17.86
C LYS B 64 89.41 33.80 -19.10
N THR B 65 88.92 33.29 -20.22
CA THR B 65 88.82 34.09 -21.45
C THR B 65 87.49 34.85 -21.46
N THR B 66 87.46 35.90 -20.64
CA THR B 66 86.25 36.71 -20.50
C THR B 66 86.22 37.81 -21.55
N PHE B 67 85.11 37.87 -22.30
CA PHE B 67 84.89 38.90 -23.30
C PHE B 67 83.82 39.84 -22.77
N HIS B 68 84.21 41.08 -22.45
CA HIS B 68 83.30 42.04 -21.85
C HIS B 68 82.51 42.74 -22.96
N CYS B 69 81.20 42.52 -22.95
CA CYS B 69 80.31 43.15 -23.92
C CYS B 69 79.69 44.42 -23.33
N CYS B 70 79.06 45.21 -24.20
CA CYS B 70 78.42 46.45 -23.80
C CYS B 70 77.02 46.52 -24.40
N PHE B 71 76.12 47.20 -23.69
CA PHE B 71 74.75 47.39 -24.13
C PHE B 71 74.62 48.79 -24.71
N ARG B 72 74.13 48.88 -25.94
CA ARG B 72 73.98 50.17 -26.61
C ARG B 72 72.70 50.84 -26.14
N SER B 73 72.83 51.85 -25.28
CA SER B 73 71.68 52.57 -24.77
C SER B 73 71.31 53.71 -25.72
N GLU B 74 70.30 54.50 -25.32
CA GLU B 74 69.83 55.58 -26.18
C GLU B 74 70.85 56.72 -26.26
N GLN B 75 71.58 56.99 -25.19
CA GLN B 75 72.53 58.10 -25.16
C GLN B 75 73.95 57.71 -24.76
N ASP B 76 74.17 56.53 -24.18
CA ASP B 76 75.49 56.13 -23.75
C ASP B 76 75.63 54.62 -23.95
N ARG B 77 76.70 54.05 -23.40
CA ARG B 77 76.95 52.62 -23.44
C ARG B 77 77.15 52.10 -22.04
N ASN B 78 76.43 51.03 -21.69
CA ASN B 78 76.49 50.45 -20.35
C ASN B 78 77.63 49.44 -20.31
N CYS B 79 78.85 49.96 -20.24
CA CYS B 79 80.05 49.12 -20.18
C CYS B 79 80.50 48.93 -18.72
N SER B 80 79.58 48.35 -17.94
CA SER B 80 79.84 48.04 -16.55
C SER B 80 80.09 46.54 -16.38
N LEU B 81 80.83 46.20 -15.33
CA LEU B 81 81.24 44.83 -15.08
C LEU B 81 80.76 44.38 -13.71
N CYS B 82 80.35 43.11 -13.60
CA CYS B 82 79.95 42.55 -12.33
C CYS B 82 81.16 42.37 -11.41
N ALA B 83 80.88 42.23 -10.12
CA ALA B 83 81.93 42.05 -9.13
C ALA B 83 82.35 40.59 -8.97
N ASP B 84 81.73 39.66 -9.70
CA ASP B 84 82.09 38.26 -9.56
C ASP B 84 83.46 37.94 -10.14
N ASN B 85 83.81 38.56 -11.28
CA ASN B 85 85.09 38.30 -11.94
C ASN B 85 85.80 39.63 -12.16
N ILE B 86 87.04 39.72 -11.64
CA ILE B 86 87.88 40.90 -11.81
C ILE B 86 89.19 40.57 -12.49
N GLU B 87 89.85 39.47 -12.09
CA GLU B 87 91.14 39.07 -12.61
C GLU B 87 91.05 38.29 -13.91
N GLY B 88 89.93 38.39 -14.63
CA GLY B 88 89.75 37.66 -15.87
C GLY B 88 90.46 38.24 -17.07
N LYS B 89 91.24 39.29 -16.89
CA LYS B 89 91.97 39.91 -17.99
C LYS B 89 93.03 38.95 -18.51
N THR B 90 92.82 38.41 -19.71
CA THR B 90 93.74 37.48 -20.33
C THR B 90 94.00 37.91 -21.77
N PHE B 91 95.17 37.53 -22.28
CA PHE B 91 95.53 37.85 -23.65
C PHE B 91 94.62 37.11 -24.62
N VAL B 92 94.14 37.82 -25.63
CA VAL B 92 93.22 37.25 -26.61
C VAL B 92 94.05 36.64 -27.74
N SER B 93 94.04 35.31 -27.84
CA SER B 93 94.76 34.62 -28.90
C SER B 93 93.95 34.62 -30.19
N THR B 94 94.61 34.25 -31.28
CA THR B 94 93.94 34.16 -32.58
C THR B 94 92.87 33.08 -32.57
N VAL B 95 93.14 31.95 -31.93
CA VAL B 95 92.16 30.87 -31.87
C VAL B 95 90.91 31.29 -31.12
N ASN B 96 91.10 32.01 -30.00
CA ASN B 96 89.96 32.50 -29.24
C ASN B 96 89.11 33.48 -30.05
N SER B 97 89.78 34.38 -30.78
CA SER B 97 89.05 35.33 -31.62
C SER B 97 88.28 34.61 -32.72
N LEU B 98 88.90 33.60 -33.34
CA LEU B 98 88.23 32.83 -34.38
C LEU B 98 87.02 32.08 -33.82
N VAL B 99 87.17 31.51 -32.62
CA VAL B 99 86.05 30.80 -31.99
C VAL B 99 84.92 31.78 -31.69
N PHE B 100 85.25 32.97 -31.17
CA PHE B 100 84.23 33.97 -30.86
C PHE B 100 83.51 34.43 -32.13
N GLN B 101 84.26 34.62 -33.22
CA GLN B 101 83.64 35.04 -34.48
C GLN B 101 82.76 33.94 -35.05
N GLN B 102 83.18 32.67 -34.90
CA GLN B 102 82.40 31.56 -35.46
C GLN B 102 81.04 31.44 -34.79
N ILE B 103 81.00 31.57 -33.47
CA ILE B 103 79.77 31.41 -32.70
C ILE B 103 79.38 32.79 -32.16
N ASP B 104 78.38 33.41 -32.79
CA ASP B 104 77.91 34.72 -32.36
C ASP B 104 76.98 34.56 -31.16
N ALA B 105 77.28 35.27 -30.07
CA ALA B 105 76.49 35.20 -28.85
C ALA B 105 75.32 36.16 -28.97
N ASN B 106 74.28 35.71 -29.66
CA ASN B 106 73.05 36.49 -29.85
C ASN B 106 71.88 35.64 -29.38
N TRP B 107 71.45 35.86 -28.14
CA TRP B 107 70.34 35.12 -27.56
C TRP B 107 69.37 36.09 -26.92
N ASN B 108 68.08 35.75 -26.95
CA ASN B 108 67.03 36.56 -26.35
C ASN B 108 66.45 35.83 -25.15
N ILE B 109 66.46 36.48 -23.99
CA ILE B 109 65.95 35.92 -22.76
C ILE B 109 64.85 36.82 -22.23
N GLN B 110 63.68 36.25 -21.97
CA GLN B 110 62.52 36.97 -21.45
C GLN B 110 62.15 36.39 -20.10
N CYS B 111 62.40 37.16 -19.04
CA CYS B 111 62.11 36.74 -17.67
C CYS B 111 61.10 37.72 -17.07
N TRP B 112 60.01 37.17 -16.52
CA TRP B 112 58.97 37.98 -15.90
C TRP B 112 58.34 37.16 -14.79
N LEU B 113 57.33 37.73 -14.13
CA LEU B 113 56.64 37.09 -13.02
C LEU B 113 55.15 37.07 -13.28
N LYS B 114 54.51 35.96 -12.93
CA LYS B 114 53.07 35.85 -13.04
C LYS B 114 52.38 36.61 -11.90
N GLY B 115 51.12 36.98 -12.13
CA GLY B 115 50.38 37.77 -11.16
C GLY B 115 49.85 36.98 -9.98
N ASP B 116 50.04 35.65 -9.97
CA ASP B 116 49.56 34.82 -8.87
C ASP B 116 50.60 34.63 -7.77
N LEU B 117 51.74 35.31 -7.85
CA LEU B 117 52.83 35.18 -6.88
C LEU B 117 53.32 33.73 -6.81
N LYS B 118 53.85 33.26 -7.93
CA LYS B 118 54.32 31.89 -8.06
C LYS B 118 55.77 31.86 -8.54
N LEU B 119 56.26 30.68 -8.93
CA LEU B 119 57.63 30.53 -9.39
C LEU B 119 57.91 31.45 -10.56
N PHE B 120 59.09 32.07 -10.53
CA PHE B 120 59.47 33.02 -11.58
C PHE B 120 59.59 32.31 -12.92
N ILE B 121 59.07 32.95 -13.97
CA ILE B 121 59.12 32.41 -15.31
C ILE B 121 60.33 33.00 -16.03
N CYS B 122 61.23 32.13 -16.48
CA CYS B 122 62.45 32.53 -17.17
C CYS B 122 62.67 31.68 -18.40
N TYR B 123 61.61 31.51 -19.20
CA TYR B 123 61.71 30.72 -20.43
C TYR B 123 62.70 31.36 -21.39
N VAL B 124 63.56 30.54 -21.98
CA VAL B 124 64.59 30.98 -22.90
C VAL B 124 64.36 30.34 -24.25
N GLU B 125 64.32 31.15 -25.30
CA GLU B 125 64.15 30.68 -26.66
C GLU B 125 65.01 31.52 -27.59
N SER B 126 65.36 30.94 -28.74
CA SER B 126 66.21 31.59 -29.72
C SER B 126 65.47 31.66 -31.05
N LEU B 127 65.39 32.87 -31.62
CA LEU B 127 64.77 33.03 -32.93
C LEU B 127 65.58 32.35 -34.02
N PHE B 128 66.91 32.41 -33.91
CA PHE B 128 67.80 31.77 -34.89
C PHE B 128 67.80 30.27 -34.62
N LYS B 129 66.79 29.60 -35.17
CA LYS B 129 66.62 28.16 -35.01
C LYS B 129 67.33 27.46 -36.16
N ASN B 130 68.54 26.96 -35.88
CA ASN B 130 69.32 26.24 -36.86
C ASN B 130 68.93 24.76 -36.81
N LEU B 131 68.11 24.34 -37.77
CA LEU B 131 67.64 22.95 -37.79
C LEU B 131 68.80 21.98 -38.03
N PHE B 132 69.70 22.33 -38.95
CA PHE B 132 70.82 21.43 -39.25
C PHE B 132 71.74 21.28 -38.05
N ARG B 133 72.03 22.38 -37.36
CA ARG B 133 72.93 22.38 -36.20
C ARG B 133 72.16 22.91 -35.00
N ASN B 134 71.52 22.01 -34.26
CA ASN B 134 70.79 22.38 -33.04
C ASN B 134 71.79 22.50 -31.91
N TYR B 135 72.21 23.72 -31.63
CA TYR B 135 73.20 23.96 -30.58
C TYR B 135 72.62 23.65 -29.22
N ASN B 136 73.35 22.89 -28.42
CA ASN B 136 72.93 22.51 -27.07
C ASN B 136 73.43 23.58 -26.10
N TYR B 137 72.75 24.73 -26.13
CA TYR B 137 73.10 25.83 -25.24
C TYR B 137 72.83 25.46 -23.79
N LYS B 138 73.73 25.88 -22.91
CA LYS B 138 73.63 25.59 -21.48
C LYS B 138 73.40 26.90 -20.74
N VAL B 139 72.35 26.93 -19.92
CA VAL B 139 72.02 28.11 -19.12
C VAL B 139 72.35 27.79 -17.67
N HIS B 140 73.26 28.57 -17.09
CA HIS B 140 73.68 28.39 -15.70
C HIS B 140 73.06 29.49 -14.85
N LEU B 141 72.38 29.09 -13.77
CA LEU B 141 71.73 30.02 -12.87
C LEU B 141 72.55 30.12 -11.59
N LEU B 142 72.96 31.35 -11.25
CA LEU B 142 73.81 31.62 -10.10
C LEU B 142 73.24 32.77 -9.28
N TYR B 143 71.94 32.68 -8.96
CA TYR B 143 71.26 33.74 -8.24
C TYR B 143 71.89 33.96 -6.87
N VAL B 144 71.95 35.22 -6.46
CA VAL B 144 72.50 35.61 -5.16
C VAL B 144 71.50 36.54 -4.49
N LEU B 145 71.32 36.37 -3.18
CA LEU B 145 70.35 37.15 -2.40
C LEU B 145 71.06 37.82 -1.24
N PRO B 146 71.78 38.92 -1.50
CA PRO B 146 72.39 39.67 -0.41
C PRO B 146 71.34 40.32 0.49
N GLU B 147 71.68 40.44 1.76
CA GLU B 147 70.78 41.07 2.71
C GLU B 147 70.78 42.59 2.55
N VAL B 148 69.73 43.22 3.06
CA VAL B 148 69.60 44.67 2.98
C VAL B 148 70.56 45.30 3.97
N LEU B 149 71.67 45.83 3.47
CA LEU B 149 72.73 46.43 4.30
C LEU B 149 73.08 47.79 3.69
N GLU B 150 72.40 48.84 4.15
CA GLU B 150 72.66 50.18 3.68
C GLU B 150 73.86 50.83 4.36
N ASP B 151 74.36 50.24 5.45
CA ASP B 151 75.53 50.75 6.16
C ASP B 151 76.66 49.73 6.01
N SER B 152 77.81 50.20 5.50
CA SER B 152 78.97 49.36 5.25
C SER B 152 78.60 48.16 4.38
N PRO B 153 78.32 48.38 3.08
CA PRO B 153 77.93 47.26 2.23
C PRO B 153 79.11 46.38 1.84
N LEU B 154 79.46 45.45 2.72
CA LEU B 154 80.59 44.55 2.46
C LEU B 154 80.30 43.66 1.26
N VAL B 155 81.34 43.41 0.47
CA VAL B 155 81.20 42.57 -0.72
C VAL B 155 80.94 41.13 -0.29
N PRO B 156 79.95 40.44 -0.86
CA PRO B 156 79.72 39.03 -0.50
C PRO B 156 80.93 38.17 -0.85
N GLN B 157 81.17 37.18 -0.01
CA GLN B 157 82.31 36.28 -0.15
C GLN B 157 81.90 35.02 -0.93
N LYS B 158 82.80 34.05 -0.98
CA LYS B 158 82.55 32.83 -1.73
C LYS B 158 81.48 31.99 -1.03
N GLY B 159 80.77 31.18 -1.83
CA GLY B 159 79.74 30.31 -1.34
C GLY B 159 78.32 30.82 -1.54
N SER B 160 78.16 32.11 -1.82
CA SER B 160 76.82 32.66 -2.03
C SER B 160 76.27 32.27 -3.40
N PHE B 161 77.15 32.03 -4.37
CA PHE B 161 76.73 31.71 -5.73
C PHE B 161 76.26 30.26 -5.78
N GLN B 162 74.98 30.05 -5.46
CA GLN B 162 74.41 28.71 -5.55
C GLN B 162 74.30 28.29 -7.01
N MET B 163 74.64 27.03 -7.27
CA MET B 163 74.63 26.48 -8.63
C MET B 163 73.45 25.53 -8.77
N VAL B 164 72.56 25.83 -9.71
CA VAL B 164 71.42 24.97 -10.03
C VAL B 164 71.41 24.78 -11.54
N HIS B 165 71.44 23.53 -11.99
CA HIS B 165 71.46 23.23 -13.41
C HIS B 165 70.05 23.03 -13.94
N CYS B 166 69.76 23.66 -15.08
CA CYS B 166 68.47 23.55 -15.73
C CYS B 166 68.58 22.59 -16.91
N ASN B 167 67.74 21.58 -16.94
CA ASN B 167 67.75 20.59 -18.01
C ASN B 167 67.07 21.17 -19.24
N CYS B 168 67.81 21.28 -20.34
CA CYS B 168 67.30 21.82 -21.59
C CYS B 168 67.02 20.69 -22.57
N SER B 169 65.84 20.73 -23.19
CA SER B 169 65.42 19.70 -24.12
C SER B 169 66.03 19.96 -25.50
N VAL B 170 65.70 19.07 -26.45
CA VAL B 170 66.22 19.19 -27.80
C VAL B 170 65.63 20.40 -28.51
N HIS B 171 64.39 20.76 -28.20
CA HIS B 171 63.70 21.86 -28.86
C HIS B 171 63.94 23.20 -28.17
N GLU B 172 65.07 23.36 -27.47
CA GLU B 172 65.46 24.61 -26.84
C GLU B 172 64.42 25.05 -25.80
N CYS B 173 64.11 24.15 -24.88
CA CYS B 173 63.17 24.42 -23.79
C CYS B 173 63.77 23.89 -22.49
N CYS B 174 64.21 24.80 -21.63
CA CYS B 174 64.81 24.43 -20.36
C CYS B 174 63.80 24.55 -19.23
N GLU B 175 63.83 23.58 -18.33
CA GLU B 175 62.91 23.55 -17.19
C GLU B 175 63.71 23.23 -15.93
N CYS B 176 63.50 24.03 -14.88
CA CYS B 176 64.17 23.82 -13.60
C CYS B 176 63.31 24.47 -12.52
N LEU B 177 62.76 23.65 -11.63
CA LEU B 177 61.91 24.16 -10.55
C LEU B 177 62.77 24.76 -9.46
N VAL B 178 62.56 26.04 -9.17
CA VAL B 178 63.30 26.77 -8.15
C VAL B 178 62.33 27.06 -7.00
N PRO B 179 62.49 26.42 -5.84
CA PRO B 179 61.61 26.72 -4.71
C PRO B 179 61.84 28.13 -4.18
N VAL B 180 60.79 28.94 -4.21
CA VAL B 180 60.85 30.35 -3.81
C VAL B 180 60.11 30.48 -2.48
N PRO B 181 60.81 30.69 -1.36
CA PRO B 181 60.11 30.90 -0.09
C PRO B 181 59.31 32.19 -0.11
N THR B 182 58.21 32.18 0.65
CA THR B 182 57.35 33.36 0.71
C THR B 182 58.04 34.52 1.41
N ALA B 183 58.83 34.23 2.46
CA ALA B 183 59.49 35.29 3.20
C ALA B 183 60.60 35.96 2.37
N LYS B 184 61.15 35.25 1.39
CA LYS B 184 62.22 35.79 0.57
C LYS B 184 61.74 36.84 -0.43
N LEU B 185 60.43 37.02 -0.60
CA LEU B 185 59.93 38.01 -1.54
C LEU B 185 60.25 39.43 -1.11
N ASN B 186 60.23 39.70 0.20
CA ASN B 186 60.48 41.06 0.68
C ASN B 186 61.90 41.50 0.38
N ASP B 187 62.87 40.61 0.52
CA ASP B 187 64.27 40.96 0.29
C ASP B 187 64.50 41.31 -1.18
N THR B 188 65.30 42.34 -1.41
CA THR B 188 65.65 42.76 -2.77
C THR B 188 66.57 41.72 -3.38
N LEU B 189 66.24 41.27 -4.59
CA LEU B 189 66.98 40.23 -5.28
C LEU B 189 67.61 40.81 -6.55
N LEU B 190 68.93 40.66 -6.66
CA LEU B 190 69.66 41.14 -7.83
C LEU B 190 70.11 39.96 -8.68
N MET B 191 70.44 40.25 -9.94
CA MET B 191 70.83 39.22 -10.90
C MET B 191 72.02 39.70 -11.71
N CYS B 192 73.02 38.84 -11.84
CA CYS B 192 74.13 39.04 -12.77
C CYS B 192 74.23 37.83 -13.70
N LEU B 193 74.39 38.12 -14.99
CA LEU B 193 74.27 37.10 -16.02
C LEU B 193 75.64 36.73 -16.58
N LYS B 194 75.88 35.42 -16.67
CA LYS B 194 77.04 34.89 -17.36
C LYS B 194 76.59 33.74 -18.24
N ILE B 195 77.14 33.68 -19.45
CA ILE B 195 76.80 32.67 -20.44
C ILE B 195 78.05 31.85 -20.73
N THR B 196 77.96 30.54 -20.52
CA THR B 196 79.09 29.64 -20.77
C THR B 196 78.76 28.80 -22.00
N SER B 197 79.19 29.30 -23.16
CA SER B 197 78.94 28.64 -24.44
C SER B 197 80.24 28.05 -24.95
N GLY B 198 80.33 26.72 -24.95
CA GLY B 198 81.50 26.03 -25.45
C GLY B 198 82.77 26.36 -24.71
N GLY B 199 82.67 26.67 -23.43
CA GLY B 199 83.81 27.07 -22.62
C GLY B 199 84.09 28.55 -22.67
N VAL B 200 83.41 29.28 -23.54
CA VAL B 200 83.59 30.72 -23.63
C VAL B 200 82.60 31.41 -22.70
N ILE B 201 83.12 32.31 -21.86
CA ILE B 201 82.31 32.99 -20.85
C ILE B 201 82.03 34.41 -21.32
N PHE B 202 80.75 34.75 -21.44
CA PHE B 202 80.30 36.09 -21.78
C PHE B 202 79.61 36.66 -20.53
N GLN B 203 80.09 37.83 -20.10
CA GLN B 203 79.53 38.48 -18.92
C GLN B 203 78.56 39.58 -19.33
N SER B 204 77.52 39.80 -18.52
CA SER B 204 76.59 40.86 -18.82
C SER B 204 76.64 41.94 -17.75
N PRO B 205 76.50 43.21 -18.13
CA PRO B 205 76.49 44.28 -17.11
C PRO B 205 75.35 44.07 -16.13
N LEU B 206 75.62 44.44 -14.88
CA LEU B 206 74.61 44.29 -13.82
C LEU B 206 73.39 45.15 -14.12
N MET B 207 72.21 44.56 -13.96
CA MET B 207 70.96 45.23 -14.23
C MET B 207 70.29 45.64 -12.91
N SER B 208 69.15 46.33 -13.04
CA SER B 208 68.40 46.78 -11.88
C SER B 208 66.92 46.69 -12.21
N VAL B 209 66.20 45.84 -11.45
CA VAL B 209 64.77 45.65 -11.66
C VAL B 209 64.16 45.22 -10.33
N GLN B 210 62.87 45.51 -10.19
CA GLN B 210 62.13 45.16 -8.97
C GLN B 210 61.23 43.96 -9.26
N PRO B 211 61.47 42.80 -8.63
CA PRO B 211 60.63 41.63 -8.93
C PRO B 211 59.16 41.84 -8.62
N ILE B 212 58.83 42.62 -7.58
CA ILE B 212 57.44 42.83 -7.22
C ILE B 212 56.74 43.75 -8.22
N ASN B 213 57.48 44.48 -9.03
CA ASN B 213 56.91 45.40 -10.01
C ASN B 213 56.74 44.77 -11.39
N MET B 214 56.62 43.44 -11.45
CA MET B 214 56.41 42.72 -12.70
C MET B 214 55.20 41.81 -12.60
N VAL B 215 54.09 42.34 -12.10
CA VAL B 215 52.88 41.56 -11.92
C VAL B 215 52.15 41.47 -13.27
N LYS B 216 51.97 40.25 -13.75
CA LYS B 216 51.25 40.00 -15.01
C LYS B 216 50.05 39.12 -14.69
N PRO B 217 48.82 39.66 -14.72
CA PRO B 217 47.66 38.87 -14.28
C PRO B 217 47.17 37.90 -15.35
N ASP B 218 46.25 37.03 -14.95
CA ASP B 218 45.64 36.07 -15.85
C ASP B 218 44.67 36.78 -16.79
N PRO B 219 44.28 36.13 -17.89
CA PRO B 219 43.28 36.71 -18.76
C PRO B 219 41.99 36.97 -18.00
N PRO B 220 41.26 38.02 -18.35
CA PRO B 220 40.12 38.44 -17.53
C PRO B 220 39.07 37.35 -17.37
N LEU B 221 38.52 37.25 -16.18
CA LEU B 221 37.47 36.30 -15.88
C LEU B 221 36.11 36.95 -16.09
N GLY B 222 35.05 36.20 -15.74
CA GLY B 222 33.70 36.71 -15.98
C GLY B 222 33.41 36.92 -17.45
N LEU B 223 33.78 35.96 -18.30
CA LEU B 223 33.61 36.09 -19.73
C LEU B 223 32.26 35.62 -20.23
N HIS B 224 31.22 35.69 -19.39
CA HIS B 224 29.87 35.36 -19.81
C HIS B 224 29.10 36.65 -20.09
N MET B 225 28.86 36.94 -21.38
CA MET B 225 28.04 38.08 -21.74
C MET B 225 26.64 37.95 -21.14
N GLU B 226 26.17 39.05 -20.54
CA GLU B 226 24.84 39.12 -19.98
C GLU B 226 24.31 40.53 -20.18
N ILE B 227 23.05 40.63 -20.63
CA ILE B 227 22.47 41.94 -20.90
C ILE B 227 22.22 42.65 -19.58
N THR B 228 22.44 43.97 -19.57
CA THR B 228 22.25 44.78 -18.37
C THR B 228 20.86 45.40 -18.37
N ASP B 229 20.18 45.32 -17.23
CA ASP B 229 18.82 45.82 -17.12
C ASP B 229 18.81 47.24 -16.56
N ASP B 230 19.86 48.01 -16.85
CA ASP B 230 19.94 49.40 -16.42
C ASP B 230 20.34 50.34 -17.54
N GLY B 231 20.31 49.90 -18.80
CA GLY B 231 20.79 50.72 -19.90
C GLY B 231 22.28 51.00 -19.88
N ASN B 232 23.09 50.04 -19.46
CA ASN B 232 24.53 50.21 -19.34
C ASN B 232 25.25 48.98 -19.91
N LEU B 233 26.56 48.90 -19.65
CA LEU B 233 27.41 47.80 -20.07
C LEU B 233 28.16 47.23 -18.88
N LYS B 234 27.41 46.93 -17.81
CA LYS B 234 27.92 46.57 -16.48
C LYS B 234 28.71 45.27 -16.46
N ILE B 235 28.97 44.58 -17.58
CA ILE B 235 29.81 43.39 -17.54
C ILE B 235 31.20 43.77 -17.07
N SER B 236 31.74 43.01 -16.12
CA SER B 236 33.01 43.32 -15.49
C SER B 236 33.85 42.05 -15.39
N TRP B 237 35.11 42.24 -15.00
CA TRP B 237 36.07 41.14 -14.85
C TRP B 237 36.78 41.33 -13.50
N SER B 238 36.40 40.49 -12.53
CA SER B 238 37.01 40.58 -11.21
C SER B 238 38.47 40.17 -11.26
N SER B 239 39.31 40.93 -10.58
CA SER B 239 40.74 40.65 -10.55
C SER B 239 41.01 39.39 -9.74
N PRO B 240 41.91 38.51 -10.18
CA PRO B 240 42.25 37.34 -9.37
C PRO B 240 42.91 37.77 -8.09
N PRO B 241 42.76 36.97 -7.02
CA PRO B 241 43.34 37.37 -5.73
C PRO B 241 44.85 37.19 -5.69
N LEU B 242 45.43 37.41 -4.50
CA LEU B 242 46.88 37.28 -4.28
C LEU B 242 47.66 38.27 -5.12
N VAL B 243 47.06 39.41 -5.45
CA VAL B 243 47.77 40.45 -6.18
C VAL B 243 47.99 41.65 -5.25
N PRO B 244 49.21 42.16 -5.13
CA PRO B 244 49.48 43.27 -4.20
C PRO B 244 49.14 44.65 -4.71
N PHE B 245 48.57 44.78 -5.90
CA PHE B 245 48.23 46.08 -6.48
C PHE B 245 46.84 46.02 -7.07
N PRO B 246 46.13 47.14 -7.09
CA PRO B 246 44.81 47.18 -7.75
C PRO B 246 44.94 46.93 -9.25
N LEU B 247 43.91 46.30 -9.80
CA LEU B 247 43.89 45.92 -11.22
C LEU B 247 42.76 46.68 -11.90
N GLN B 248 43.12 47.60 -12.80
CA GLN B 248 42.16 48.35 -13.59
C GLN B 248 42.52 48.25 -15.06
N TYR B 249 41.52 47.91 -15.88
CA TYR B 249 41.70 47.75 -17.32
C TYR B 249 41.10 48.94 -18.05
N GLN B 250 41.86 49.53 -18.95
CA GLN B 250 41.37 50.61 -19.80
C GLN B 250 40.48 50.01 -20.88
N VAL B 251 39.18 50.14 -20.70
CA VAL B 251 38.23 49.49 -21.61
C VAL B 251 38.22 50.25 -22.94
N LYS B 252 38.55 49.56 -24.02
CA LYS B 252 38.52 50.10 -25.37
C LYS B 252 37.57 49.24 -26.19
N TYR B 253 36.28 49.57 -26.13
CA TYR B 253 35.26 48.81 -26.84
C TYR B 253 35.12 49.31 -28.27
N SER B 254 34.44 48.53 -29.10
CA SER B 254 34.21 48.85 -30.51
C SER B 254 32.71 48.76 -30.78
N GLU B 255 32.03 49.91 -30.68
CA GLU B 255 30.59 49.98 -30.93
C GLU B 255 30.31 50.16 -32.42
N ASN B 256 30.88 49.25 -33.21
CA ASN B 256 30.73 49.27 -34.66
C ASN B 256 29.41 48.63 -35.05
N SER B 257 29.12 48.59 -36.35
CA SER B 257 27.90 47.98 -36.86
C SER B 257 28.26 47.22 -38.13
N THR B 258 27.23 46.77 -38.86
CA THR B 258 27.46 46.03 -40.09
C THR B 258 28.10 46.90 -41.16
N THR B 259 27.58 48.11 -41.34
CA THR B 259 28.11 49.03 -42.35
C THR B 259 28.63 50.33 -41.75
N VAL B 260 27.85 50.97 -40.88
CA VAL B 260 28.23 52.26 -40.29
C VAL B 260 29.07 51.94 -39.06
N ILE B 261 30.38 52.08 -39.19
CA ILE B 261 31.31 51.80 -38.10
C ILE B 261 31.51 53.10 -37.32
N ARG B 262 30.62 53.33 -36.35
CA ARG B 262 30.71 54.52 -35.49
C ARG B 262 31.44 54.14 -34.20
N GLU B 263 32.73 53.88 -34.36
CA GLU B 263 33.55 53.46 -33.22
C GLU B 263 33.73 54.60 -32.23
N ALA B 264 33.66 54.27 -30.94
CA ALA B 264 33.87 55.23 -29.87
C ALA B 264 34.60 54.54 -28.72
N ASP B 265 35.57 55.25 -28.14
CA ASP B 265 36.34 54.71 -27.03
C ASP B 265 36.67 55.84 -26.07
N LYS B 266 36.82 55.49 -24.80
CA LYS B 266 37.13 56.46 -23.76
C LYS B 266 37.91 55.77 -22.65
N ILE B 267 38.81 56.53 -22.03
CA ILE B 267 39.64 56.01 -20.94
C ILE B 267 38.78 56.01 -19.68
N VAL B 268 38.38 54.81 -19.24
CA VAL B 268 37.55 54.66 -18.07
C VAL B 268 38.43 54.27 -16.88
N SER B 269 37.87 54.38 -15.68
CA SER B 269 38.58 54.06 -14.43
C SER B 269 37.81 53.04 -13.63
N ALA B 270 37.14 52.10 -14.31
CA ALA B 270 36.37 51.07 -13.64
C ALA B 270 36.30 49.84 -14.54
N THR B 271 36.38 48.66 -13.92
CA THR B 271 36.27 47.42 -14.68
C THR B 271 34.89 47.28 -15.30
N SER B 272 33.85 47.64 -14.55
CA SER B 272 32.48 47.57 -15.04
C SER B 272 32.17 48.80 -15.88
N LEU B 273 31.96 48.60 -17.18
CA LEU B 273 31.66 49.69 -18.09
C LEU B 273 30.26 50.25 -17.83
N LEU B 274 30.07 51.51 -18.21
CA LEU B 274 28.78 52.18 -18.01
C LEU B 274 28.37 52.97 -19.25
N VAL B 275 28.58 52.40 -20.43
CA VAL B 275 28.17 53.08 -21.66
C VAL B 275 26.66 53.04 -21.78
N ASP B 276 26.04 54.19 -22.02
CA ASP B 276 24.59 54.30 -22.03
C ASP B 276 23.98 54.27 -23.42
N SER B 277 24.76 53.94 -24.46
CA SER B 277 24.20 53.94 -25.81
C SER B 277 23.45 52.65 -26.10
N ILE B 278 24.17 51.53 -26.11
CA ILE B 278 23.63 50.21 -26.48
C ILE B 278 22.69 50.33 -27.67
N LEU B 279 23.16 50.94 -28.75
CA LEU B 279 22.33 51.05 -29.93
C LEU B 279 22.30 49.73 -30.69
N PRO B 280 21.17 49.42 -31.32
CA PRO B 280 21.00 48.09 -31.93
C PRO B 280 22.06 47.79 -32.99
N GLY B 281 22.41 46.52 -33.09
CA GLY B 281 23.38 46.06 -34.06
C GLY B 281 24.83 46.36 -33.70
N SER B 282 25.09 46.85 -32.49
CA SER B 282 26.45 47.19 -32.11
C SER B 282 27.20 45.94 -31.66
N SER B 283 28.34 45.70 -32.30
CA SER B 283 29.22 44.62 -31.86
C SER B 283 29.89 45.00 -30.54
N TYR B 284 30.36 43.98 -29.83
CA TYR B 284 31.05 44.17 -28.56
C TYR B 284 32.42 43.51 -28.61
N GLU B 285 33.15 43.75 -29.70
CA GLU B 285 34.52 43.26 -29.84
C GLU B 285 35.39 44.02 -28.85
N VAL B 286 35.72 43.38 -27.74
CA VAL B 286 36.49 44.02 -26.67
C VAL B 286 37.98 43.83 -26.97
N GLN B 287 38.71 44.93 -27.07
CA GLN B 287 40.15 44.91 -27.29
C GLN B 287 40.80 45.54 -26.05
N VAL B 288 41.03 44.72 -25.03
CA VAL B 288 41.57 45.18 -23.77
C VAL B 288 42.83 44.38 -23.46
N ARG B 289 43.92 45.09 -23.21
CA ARG B 289 45.18 44.51 -22.74
C ARG B 289 45.62 45.37 -21.57
N GLY B 290 45.16 45.00 -20.37
CA GLY B 290 45.31 45.84 -19.20
C GLY B 290 46.60 45.63 -18.44
N LYS B 291 46.75 46.42 -17.38
CA LYS B 291 47.93 46.42 -16.52
C LYS B 291 47.55 47.13 -15.23
N ARG B 292 48.44 47.03 -14.24
CA ARG B 292 48.20 47.72 -12.97
C ARG B 292 48.14 49.22 -13.19
N LEU B 293 47.24 49.88 -12.45
CA LEU B 293 46.95 51.29 -12.69
C LEU B 293 48.18 52.15 -12.41
N ASP B 294 48.90 51.86 -11.33
CA ASP B 294 50.05 52.65 -10.93
C ASP B 294 51.29 51.76 -10.79
N GLY B 295 52.44 52.36 -11.09
CA GLY B 295 53.70 51.67 -10.96
C GLY B 295 54.10 50.94 -12.24
N PRO B 296 55.40 50.73 -12.43
CA PRO B 296 55.85 49.98 -13.60
C PRO B 296 55.42 48.52 -13.54
N GLY B 297 55.26 47.92 -14.71
CA GLY B 297 54.82 46.54 -14.78
C GLY B 297 54.72 46.08 -16.22
N ILE B 298 54.18 44.87 -16.37
CA ILE B 298 54.01 44.24 -17.68
C ILE B 298 52.52 44.05 -17.92
N TRP B 299 52.06 44.43 -19.11
CA TRP B 299 50.65 44.35 -19.45
C TRP B 299 50.21 42.89 -19.53
N SER B 300 48.91 42.68 -19.34
CA SER B 300 48.34 41.33 -19.29
C SER B 300 48.24 40.76 -20.71
N ASP B 301 47.59 39.59 -20.81
CA ASP B 301 47.43 38.95 -22.11
C ASP B 301 46.40 39.68 -22.96
N TRP B 302 46.48 39.45 -24.27
CA TRP B 302 45.53 40.02 -25.22
C TRP B 302 44.19 39.31 -25.06
N SER B 303 43.22 39.99 -24.45
CA SER B 303 41.91 39.39 -24.25
C SER B 303 41.20 39.18 -25.58
N THR B 304 40.67 37.98 -25.78
CA THR B 304 39.98 37.67 -27.02
C THR B 304 38.60 38.33 -27.04
N PRO B 305 38.29 39.10 -28.08
CA PRO B 305 36.97 39.72 -28.17
C PRO B 305 35.88 38.67 -28.38
N ARG B 306 34.69 38.98 -27.85
CA ARG B 306 33.53 38.10 -27.99
C ARG B 306 32.40 38.92 -28.57
N VAL B 307 31.79 38.42 -29.66
CA VAL B 307 30.72 39.16 -30.32
C VAL B 307 29.41 38.96 -29.55
N PHE B 308 28.72 40.06 -29.29
CA PHE B 308 27.43 40.06 -28.61
C PHE B 308 26.46 40.99 -29.34
N THR B 309 26.41 40.88 -30.66
CA THR B 309 25.58 41.75 -31.47
C THR B 309 24.11 41.64 -31.07
N THR B 310 23.48 42.79 -30.87
CA THR B 310 22.08 42.83 -30.47
C THR B 310 21.20 42.39 -31.65
N GLN B 311 20.22 41.54 -31.38
CA GLN B 311 19.35 41.03 -32.43
C GLN B 311 18.22 42.03 -32.72
N ASP B 312 18.54 43.09 -33.46
CA ASP B 312 17.59 44.13 -33.83
C ASP B 312 16.89 44.72 -32.61
N VAL B 313 15.59 44.48 -32.47
CA VAL B 313 14.85 45.01 -31.34
C VAL B 313 15.32 44.34 -30.06
N ILE B 314 15.43 45.13 -28.99
CA ILE B 314 15.91 44.66 -27.70
C ILE B 314 15.03 45.23 -26.60
N TYR B 315 14.73 44.40 -25.61
CA TYR B 315 13.96 44.80 -24.43
C TYR B 315 14.80 44.53 -23.19
N PHE B 316 15.02 45.57 -22.38
CA PHE B 316 15.81 45.46 -21.15
C PHE B 316 14.96 45.96 -20.00
N PRO B 317 14.69 45.13 -18.98
CA PRO B 317 15.09 43.71 -18.85
C PRO B 317 14.24 42.78 -19.70
N PRO B 318 14.79 41.65 -20.15
CA PRO B 318 14.03 40.70 -20.95
C PRO B 318 13.27 39.65 -20.16
N LYS B 319 13.38 39.64 -18.84
CA LYS B 319 12.70 38.66 -18.02
C LYS B 319 12.26 39.33 -16.73
N ILE B 320 10.94 39.42 -16.51
CA ILE B 320 10.38 40.05 -15.32
C ILE B 320 9.35 39.11 -14.70
N LEU B 321 9.49 38.87 -13.40
CA LEU B 321 8.50 38.17 -12.59
C LEU B 321 7.73 39.20 -11.78
N THR B 322 6.41 39.22 -11.93
CA THR B 322 5.57 40.23 -11.32
C THR B 322 4.43 39.55 -10.55
N SER B 323 4.26 39.93 -9.29
CA SER B 323 3.19 39.38 -8.47
C SER B 323 1.84 39.93 -8.92
N VAL B 324 0.78 39.22 -8.54
CA VAL B 324 -0.57 39.61 -8.92
C VAL B 324 -0.95 40.90 -8.19
N GLY B 325 -1.44 41.88 -8.95
CA GLY B 325 -1.89 43.14 -8.38
C GLY B 325 -0.84 44.22 -8.31
N SER B 326 0.40 43.94 -8.69
CA SER B 326 1.48 44.92 -8.64
C SER B 326 1.63 45.59 -10.00
N ASN B 327 2.64 46.44 -10.12
CA ASN B 327 2.92 47.19 -11.35
C ASN B 327 4.25 46.76 -11.94
N VAL B 328 4.43 47.06 -13.22
CA VAL B 328 5.66 46.68 -13.94
C VAL B 328 5.86 47.68 -15.07
N SER B 329 7.13 48.00 -15.33
CA SER B 329 7.49 48.87 -16.44
C SER B 329 8.60 48.21 -17.25
N PHE B 330 8.59 48.45 -18.55
CA PHE B 330 9.55 47.88 -19.47
C PHE B 330 10.27 49.00 -20.24
N HIS B 331 11.17 48.59 -21.12
CA HIS B 331 11.89 49.50 -22.00
C HIS B 331 11.95 48.90 -23.39
N CYS B 332 12.05 49.76 -24.41
CA CYS B 332 12.04 49.28 -25.78
C CYS B 332 12.98 50.13 -26.63
N ILE B 333 13.73 49.46 -27.50
CA ILE B 333 14.65 50.09 -28.43
C ILE B 333 14.52 49.38 -29.78
N TYR B 334 14.44 50.18 -30.85
CA TYR B 334 14.15 49.65 -32.16
C TYR B 334 15.22 50.06 -33.16
N LYS B 335 15.31 49.30 -34.25
CA LYS B 335 16.21 49.60 -35.37
C LYS B 335 15.45 49.32 -36.67
N LYS B 336 15.63 50.18 -37.66
CA LYS B 336 14.90 50.05 -38.92
C LYS B 336 15.73 50.65 -40.05
N GLU B 337 16.42 49.78 -40.81
CA GLU B 337 17.28 50.14 -41.94
C GLU B 337 18.11 51.40 -41.65
N ASN B 338 19.00 51.29 -40.66
CA ASN B 338 20.00 52.28 -40.28
C ASN B 338 19.41 53.51 -39.60
N LYS B 339 18.09 53.63 -39.49
CA LYS B 339 17.46 54.65 -38.68
C LYS B 339 16.69 53.94 -37.57
N ILE B 340 17.05 54.24 -36.32
CA ILE B 340 16.60 53.43 -35.19
C ILE B 340 15.09 53.53 -34.99
N VAL B 341 14.58 54.72 -34.68
CA VAL B 341 13.15 54.93 -34.43
C VAL B 341 12.88 56.42 -34.24
N PRO B 342 11.70 56.91 -34.62
CA PRO B 342 11.28 58.25 -34.16
C PRO B 342 11.06 58.30 -32.65
N SER B 343 10.91 57.16 -31.99
CA SER B 343 10.73 56.99 -30.55
C SER B 343 9.36 57.46 -30.06
N LYS B 344 8.43 57.80 -30.97
CA LYS B 344 7.09 58.18 -30.57
C LYS B 344 6.00 57.46 -31.34
N GLU B 345 6.32 56.83 -32.47
CA GLU B 345 5.35 56.09 -33.26
C GLU B 345 5.30 54.61 -32.93
N ILE B 346 6.13 54.16 -31.99
CA ILE B 346 6.16 52.74 -31.60
C ILE B 346 4.87 52.40 -30.86
N VAL B 347 4.24 51.30 -31.26
CA VAL B 347 3.04 50.80 -30.60
C VAL B 347 3.35 49.42 -30.03
N TRP B 348 2.94 49.19 -28.79
CA TRP B 348 3.20 47.91 -28.15
C TRP B 348 2.04 46.95 -28.39
N TRP B 349 2.38 45.67 -28.46
CA TRP B 349 1.42 44.60 -28.68
C TRP B 349 1.57 43.53 -27.61
N MET B 350 0.44 43.15 -27.01
CA MET B 350 0.40 42.09 -26.02
C MET B 350 -0.22 40.85 -26.66
N ASN B 351 0.48 39.72 -26.54
CA ASN B 351 0.09 38.45 -27.14
C ASN B 351 0.06 38.50 -28.68
N LEU B 352 0.54 39.59 -29.28
CA LEU B 352 0.53 39.81 -30.73
C LEU B 352 -0.90 39.79 -31.29
N ALA B 353 -1.89 39.79 -30.42
CA ALA B 353 -3.29 39.66 -30.82
C ALA B 353 -4.20 40.75 -30.27
N GLU B 354 -3.94 41.20 -29.04
CA GLU B 354 -4.82 42.15 -28.35
C GLU B 354 -4.16 43.52 -28.32
N LYS B 355 -4.94 44.54 -28.70
CA LYS B 355 -4.41 45.90 -28.81
C LYS B 355 -4.61 46.68 -27.52
N ILE B 356 -3.51 47.06 -26.90
CA ILE B 356 -3.50 47.85 -25.68
C ILE B 356 -3.81 49.30 -26.05
N PRO B 357 -4.63 50.00 -25.28
CA PRO B 357 -4.96 51.40 -25.61
C PRO B 357 -3.72 52.29 -25.60
N GLN B 358 -3.94 53.54 -26.01
CA GLN B 358 -2.84 54.48 -26.22
C GLN B 358 -2.54 55.34 -25.00
N SER B 359 -3.20 55.09 -23.86
CA SER B 359 -3.01 55.95 -22.71
C SER B 359 -1.83 55.50 -21.85
N GLN B 360 -1.18 54.40 -22.20
CA GLN B 360 -0.09 53.84 -21.41
C GLN B 360 1.27 53.98 -22.09
N TYR B 361 1.53 55.10 -22.75
CA TYR B 361 2.85 55.41 -23.28
C TYR B 361 3.25 56.83 -22.89
N ASP B 362 4.56 57.07 -22.88
CA ASP B 362 5.12 58.37 -22.56
C ASP B 362 6.42 58.54 -23.35
N VAL B 363 7.19 59.57 -23.02
CA VAL B 363 8.48 59.83 -23.64
C VAL B 363 9.53 60.01 -22.55
N VAL B 364 10.66 59.32 -22.70
CA VAL B 364 11.75 59.40 -21.74
C VAL B 364 12.95 60.06 -22.38
N SER B 365 13.39 59.53 -23.52
CA SER B 365 14.52 60.09 -24.25
C SER B 365 14.23 60.11 -25.74
N ASP B 366 15.24 60.42 -26.55
CA ASP B 366 15.10 60.47 -27.99
C ASP B 366 14.97 59.08 -28.62
N HIS B 367 15.19 58.01 -27.86
CA HIS B 367 15.13 56.65 -28.38
C HIS B 367 14.23 55.72 -27.58
N VAL B 368 13.97 56.02 -26.31
CA VAL B 368 13.38 55.08 -25.37
C VAL B 368 11.87 55.28 -25.34
N SER B 369 11.13 54.17 -25.44
CA SER B 369 9.69 54.15 -25.26
C SER B 369 9.36 53.34 -24.01
N LYS B 370 8.36 53.80 -23.26
CA LYS B 370 8.03 53.19 -21.97
C LYS B 370 6.53 52.95 -21.88
N VAL B 371 6.16 51.95 -21.08
CA VAL B 371 4.77 51.61 -20.81
C VAL B 371 4.61 51.37 -19.32
N THR B 372 3.40 51.00 -18.93
CA THR B 372 3.11 50.62 -17.55
C THR B 372 1.87 49.73 -17.54
N PHE B 373 1.81 48.81 -16.59
CA PHE B 373 0.66 47.93 -16.45
C PHE B 373 0.01 48.10 -15.09
N PHE B 374 -1.32 48.23 -15.10
CA PHE B 374 -2.10 48.46 -13.90
C PHE B 374 -2.98 47.25 -13.62
N ASN B 375 -2.87 46.71 -12.40
CA ASN B 375 -3.68 45.59 -11.95
C ASN B 375 -3.51 44.38 -12.87
N LEU B 376 -2.28 43.87 -12.89
CA LEU B 376 -1.96 42.73 -13.75
C LEU B 376 -2.74 41.49 -13.32
N ASN B 377 -2.97 40.61 -14.28
CA ASN B 377 -3.89 39.49 -14.12
C ASN B 377 -3.06 38.20 -14.10
N GLU B 378 -3.74 37.06 -14.04
CA GLU B 378 -3.00 35.80 -14.09
C GLU B 378 -2.80 35.34 -15.52
N THR B 379 -1.62 34.77 -15.78
CA THR B 379 -1.25 34.27 -17.10
C THR B 379 -1.60 32.79 -17.14
N LYS B 380 -2.64 32.45 -17.89
CA LYS B 380 -3.09 31.07 -17.99
C LYS B 380 -2.14 30.26 -18.86
N PRO B 381 -1.73 29.07 -18.42
CA PRO B 381 -0.96 28.17 -19.28
C PRO B 381 -1.63 27.97 -20.63
N ARG B 382 -0.92 28.36 -21.69
CA ARG B 382 -1.41 28.09 -23.05
C ARG B 382 -1.15 26.65 -23.46
N GLY B 383 -0.10 26.04 -22.90
CA GLY B 383 0.33 24.71 -23.28
C GLY B 383 1.69 24.41 -22.69
N LYS B 384 2.62 23.94 -23.53
CA LYS B 384 4.00 23.75 -23.07
C LYS B 384 4.65 25.07 -22.66
N PHE B 385 4.17 26.20 -23.17
CA PHE B 385 4.67 27.50 -22.80
C PHE B 385 3.91 28.03 -21.57
N THR B 386 4.61 28.84 -20.77
CA THR B 386 4.04 29.35 -19.53
C THR B 386 4.37 30.82 -19.31
N TYR B 387 4.47 31.60 -20.39
CA TYR B 387 4.79 33.01 -20.27
C TYR B 387 4.05 33.79 -21.34
N ASP B 388 3.85 35.07 -21.09
CA ASP B 388 3.20 35.95 -22.04
C ASP B 388 4.22 36.55 -23.01
N ALA B 389 3.71 37.15 -24.09
CA ALA B 389 4.54 37.74 -25.12
C ALA B 389 4.23 39.21 -25.27
N VAL B 390 5.28 40.04 -25.30
CA VAL B 390 5.16 41.49 -25.46
C VAL B 390 6.08 41.91 -26.59
N TYR B 391 5.55 42.67 -27.54
CA TYR B 391 6.29 43.10 -28.71
C TYR B 391 6.21 44.61 -28.88
N CYS B 392 7.26 45.17 -29.48
CA CYS B 392 7.23 46.52 -30.02
C CYS B 392 6.96 46.39 -31.52
N CYS B 393 6.17 47.32 -32.06
CA CYS B 393 5.69 47.14 -33.43
C CYS B 393 5.50 48.50 -34.05
N ASN B 394 5.67 48.57 -35.37
CA ASN B 394 5.38 49.79 -36.12
C ASN B 394 3.95 49.73 -36.64
N GLU B 395 3.60 50.64 -37.55
CA GLU B 395 2.27 50.61 -38.16
C GLU B 395 2.05 49.32 -38.95
N HIS B 396 3.07 48.84 -39.66
CA HIS B 396 2.97 47.60 -40.41
C HIS B 396 4.07 46.59 -40.13
N GLU B 397 5.29 47.02 -39.80
CA GLU B 397 6.39 46.11 -39.53
C GLU B 397 6.32 45.63 -38.08
N CYS B 398 6.70 44.37 -37.87
CA CYS B 398 6.63 43.77 -36.55
C CYS B 398 7.72 42.72 -36.42
N HIS B 399 8.39 42.68 -35.27
CA HIS B 399 9.52 41.80 -35.06
C HIS B 399 9.14 40.64 -34.14
N HIS B 400 9.73 39.48 -34.41
CA HIS B 400 9.41 38.25 -33.68
C HIS B 400 9.93 38.24 -32.25
N ARG B 401 11.00 38.97 -31.94
CA ARG B 401 11.56 38.96 -30.60
C ARG B 401 10.58 39.56 -29.60
N TYR B 402 10.48 38.94 -28.43
CA TYR B 402 9.58 39.39 -27.39
C TYR B 402 10.28 39.38 -26.03
N ALA B 403 9.58 39.91 -25.03
CA ALA B 403 10.04 39.88 -23.65
C ALA B 403 9.25 38.83 -22.88
N GLU B 404 9.56 38.72 -21.58
CA GLU B 404 8.89 37.75 -20.72
C GLU B 404 8.26 38.48 -19.54
N LEU B 405 7.03 38.09 -19.22
CA LEU B 405 6.19 38.80 -18.24
C LEU B 405 5.59 37.76 -17.29
N TYR B 406 6.44 36.93 -16.69
CA TYR B 406 5.96 35.87 -15.82
C TYR B 406 5.17 36.43 -14.65
N VAL B 407 4.03 35.80 -14.36
CA VAL B 407 3.17 36.18 -13.25
C VAL B 407 2.75 34.92 -12.51
N ILE B 408 2.96 34.90 -11.20
CA ILE B 408 2.60 33.76 -10.37
C ILE B 408 1.83 34.26 -9.16
N ASP B 409 0.70 33.63 -8.88
CA ASP B 409 -0.08 33.95 -7.69
C ASP B 409 0.66 33.52 -6.43
N VAL B 410 0.52 34.32 -5.37
CA VAL B 410 1.22 34.06 -4.12
C VAL B 410 0.23 33.94 -2.97
N ASN B 411 -1.07 34.12 -3.27
CA ASN B 411 -2.09 34.07 -2.24
C ASN B 411 -2.35 32.62 -1.81
N ILE B 412 -1.67 32.18 -0.75
CA ILE B 412 -1.80 30.83 -0.21
C ILE B 412 -2.15 30.94 1.26
N ASN B 413 -3.13 30.15 1.71
CA ASN B 413 -3.60 30.25 3.08
C ASN B 413 -3.23 29.01 3.89
N ILE B 414 -2.63 29.25 5.05
CA ILE B 414 -2.26 28.22 6.02
C ILE B 414 -3.24 28.33 7.17
N SER B 415 -3.83 27.21 7.58
CA SER B 415 -4.87 27.26 8.62
C SER B 415 -4.77 26.07 9.55
N CYS B 416 -4.81 26.32 10.86
CA CYS B 416 -4.61 25.23 11.81
C CYS B 416 -5.23 25.48 13.17
N GLU B 417 -4.82 24.60 14.09
CA GLU B 417 -5.36 24.45 15.43
C GLU B 417 -4.34 23.72 16.29
N THR B 418 -4.70 23.60 17.57
CA THR B 418 -3.91 22.95 18.60
C THR B 418 -4.65 21.72 19.10
N ASP B 419 -3.90 20.71 19.52
CA ASP B 419 -4.49 19.49 20.06
C ASP B 419 -5.26 19.81 21.33
N GLY B 420 -6.27 18.97 21.61
CA GLY B 420 -7.08 19.19 22.81
C GLY B 420 -6.27 19.10 24.09
N TYR B 421 -5.24 18.27 24.10
CA TYR B 421 -4.32 18.16 25.24
C TYR B 421 -3.34 19.33 25.31
N LEU B 422 -3.37 20.21 24.31
CA LEU B 422 -2.51 21.39 24.26
C LEU B 422 -1.05 20.98 24.22
N THR B 423 -0.74 20.05 23.33
CA THR B 423 0.62 19.55 23.17
C THR B 423 1.20 19.73 21.77
N LYS B 424 0.37 20.00 20.76
CA LYS B 424 0.86 20.15 19.40
C LYS B 424 -0.11 21.01 18.59
N MET B 425 0.44 21.70 17.60
CA MET B 425 -0.31 22.59 16.72
C MET B 425 0.08 22.27 15.28
N THR B 426 -0.93 21.88 14.48
CA THR B 426 -0.65 21.27 13.17
C THR B 426 -1.49 21.91 12.08
N CYS B 427 -0.86 22.31 10.98
CA CYS B 427 -1.57 22.87 9.83
C CYS B 427 -0.93 22.66 8.48
N ARG B 428 -1.58 23.25 7.49
CA ARG B 428 -1.40 23.00 6.06
C ARG B 428 -1.79 24.23 5.29
N TRP B 429 -1.44 24.22 4.00
CA TRP B 429 -1.89 25.20 3.03
C TRP B 429 -2.52 24.47 1.85
N SER B 430 -2.83 25.22 0.79
CA SER B 430 -3.45 24.64 -0.39
C SER B 430 -2.51 24.81 -1.57
N THR B 431 -2.64 23.90 -2.53
CA THR B 431 -1.84 23.92 -3.75
C THR B 431 -2.69 23.56 -4.96
N SER B 432 -4.00 23.56 -4.79
CA SER B 432 -4.90 23.19 -5.88
C SER B 432 -4.83 24.20 -7.02
N THR B 433 -5.12 25.47 -6.72
CA THR B 433 -5.04 26.53 -7.73
C THR B 433 -3.61 26.93 -8.04
N ILE B 434 -2.67 26.62 -7.16
CA ILE B 434 -1.26 26.93 -7.40
C ILE B 434 -0.62 25.87 -8.31
N GLN B 435 -1.24 24.69 -8.41
CA GLN B 435 -0.69 23.64 -9.26
C GLN B 435 -0.62 24.06 -10.72
N SER B 436 -1.43 25.03 -11.14
CA SER B 436 -1.33 25.54 -12.50
C SER B 436 -0.01 26.23 -12.77
N LEU B 437 0.67 26.71 -11.74
CA LEU B 437 1.99 27.34 -11.85
C LEU B 437 2.98 26.45 -11.11
N ALA B 438 3.53 25.46 -11.83
CA ALA B 438 4.45 24.49 -11.28
C ALA B 438 5.89 24.91 -11.54
N GLU B 439 6.82 24.00 -11.30
CA GLU B 439 8.27 24.09 -11.53
C GLU B 439 8.95 24.97 -10.49
N SER B 440 8.22 25.64 -9.62
CA SER B 440 8.80 26.42 -8.54
C SER B 440 8.88 25.57 -7.28
N THR B 441 9.71 26.00 -6.33
CA THR B 441 9.88 25.30 -5.07
C THR B 441 9.23 26.07 -3.94
N LEU B 442 8.60 25.35 -3.02
CA LEU B 442 7.84 25.98 -1.94
C LEU B 442 8.37 25.47 -0.60
N GLN B 443 8.48 26.39 0.36
CA GLN B 443 8.94 26.07 1.70
C GLN B 443 8.30 27.04 2.68
N LEU B 444 8.27 26.64 3.95
CA LEU B 444 7.59 27.43 4.96
C LEU B 444 8.59 28.10 5.91
N ARG B 445 8.37 29.38 6.17
CA ARG B 445 9.18 30.16 7.10
C ARG B 445 8.30 30.64 8.25
N TYR B 446 8.85 30.56 9.46
CA TYR B 446 8.13 30.96 10.66
C TYR B 446 9.03 31.86 11.49
N HIS B 447 8.38 32.79 12.19
CA HIS B 447 9.08 33.72 13.08
C HIS B 447 8.30 33.78 14.38
N ARG B 448 9.01 33.93 15.50
CA ARG B 448 8.39 33.98 16.81
C ARG B 448 8.44 35.39 17.39
N SER B 449 7.30 35.83 17.91
CA SER B 449 7.23 37.09 18.64
C SER B 449 7.52 36.82 20.12
N SER B 450 7.29 37.82 20.97
CA SER B 450 7.52 37.64 22.40
C SER B 450 6.28 37.12 23.12
N LEU B 451 5.22 37.91 23.15
CA LEU B 451 3.97 37.52 23.79
C LEU B 451 2.80 37.48 22.82
N TYR B 452 2.63 38.51 21.99
CA TYR B 452 1.53 38.57 21.05
C TYR B 452 2.08 38.72 19.64
N CYS B 453 1.28 38.30 18.66
CA CYS B 453 1.73 38.23 17.27
C CYS B 453 2.13 39.61 16.75
N SER B 454 1.16 40.52 16.62
CA SER B 454 1.40 41.87 16.10
C SER B 454 0.10 42.65 16.17
N ASP B 455 0.21 43.96 15.98
CA ASP B 455 -0.90 44.87 15.81
C ASP B 455 -0.83 45.64 14.50
N ILE B 456 0.36 46.03 14.09
CA ILE B 456 0.60 46.65 12.78
C ILE B 456 1.68 45.84 12.08
N PRO B 457 1.31 44.82 11.29
CA PRO B 457 2.31 43.92 10.71
C PRO B 457 3.31 44.65 9.83
N SER B 458 4.56 44.19 9.88
CA SER B 458 5.64 44.72 9.06
C SER B 458 6.51 43.56 8.59
N ILE B 459 7.33 43.81 7.56
CA ILE B 459 8.17 42.77 7.01
C ILE B 459 9.24 42.37 8.01
N HIS B 460 9.37 41.06 8.24
CA HIS B 460 10.33 40.48 9.18
C HIS B 460 11.61 40.11 8.44
N PRO B 461 12.76 40.62 8.89
CA PRO B 461 14.03 40.29 8.21
C PRO B 461 14.61 38.95 8.66
N ILE B 462 14.12 38.43 9.78
CA ILE B 462 14.61 37.18 10.35
C ILE B 462 13.50 36.14 10.32
N SER B 463 13.83 34.95 9.81
CA SER B 463 12.88 33.86 9.74
C SER B 463 13.61 32.54 9.88
N GLU B 464 12.87 31.51 10.27
CA GLU B 464 13.43 30.18 10.44
C GLU B 464 12.68 29.18 9.57
N PRO B 465 13.32 28.59 8.57
CA PRO B 465 12.64 27.60 7.73
C PRO B 465 12.26 26.37 8.52
N LYS B 466 11.14 25.76 8.14
CA LYS B 466 10.64 24.53 8.76
C LYS B 466 10.53 23.46 7.68
N ASP B 467 11.05 22.27 7.97
CA ASP B 467 10.98 21.17 7.01
C ASP B 467 9.91 20.18 7.45
N CYS B 468 8.79 20.17 6.72
CA CYS B 468 7.71 19.24 7.00
C CYS B 468 7.20 18.67 5.67
N TYR B 469 6.59 17.49 5.76
CA TYR B 469 6.37 16.64 4.60
C TYR B 469 5.01 16.90 3.96
N LEU B 470 4.60 16.00 3.07
CA LEU B 470 3.42 16.14 2.22
C LEU B 470 2.50 14.95 2.45
N GLN B 471 1.19 15.20 2.43
CA GLN B 471 0.20 14.18 2.71
C GLN B 471 -0.52 13.75 1.43
N SER B 472 -1.19 12.58 1.51
CA SER B 472 -1.72 11.94 0.32
C SER B 472 -2.78 12.78 -0.36
N ASP B 473 -3.66 13.43 0.41
CA ASP B 473 -4.76 14.19 -0.18
C ASP B 473 -4.32 15.47 -0.90
N GLY B 474 -3.03 15.82 -0.90
CA GLY B 474 -2.55 17.00 -1.58
C GLY B 474 -2.29 18.20 -0.69
N PHE B 475 -2.45 18.07 0.63
CA PHE B 475 -2.21 19.15 1.56
C PHE B 475 -0.95 18.86 2.37
N TYR B 476 -0.07 19.86 2.45
CA TYR B 476 1.19 19.69 3.16
C TYR B 476 0.98 19.70 4.66
N GLU B 477 0.96 18.52 5.26
CA GLU B 477 0.84 18.36 6.70
C GLU B 477 2.13 18.87 7.36
N CYS B 478 1.96 19.67 8.40
CA CYS B 478 3.10 20.29 9.07
C CYS B 478 2.80 20.35 10.55
N ILE B 479 3.72 19.85 11.38
CA ILE B 479 3.47 19.67 12.81
C ILE B 479 4.48 20.49 13.61
N PHE B 480 3.96 21.26 14.56
CA PHE B 480 4.78 22.03 15.49
C PHE B 480 4.77 21.34 16.85
N GLN B 481 5.97 21.04 17.36
CA GLN B 481 6.09 20.43 18.69
C GLN B 481 7.52 20.58 19.19
N PRO B 482 7.72 21.09 20.42
CA PRO B 482 6.72 21.62 21.35
C PRO B 482 6.29 23.04 21.00
N ILE B 483 5.14 23.49 21.48
CA ILE B 483 4.64 24.84 21.20
C ILE B 483 4.45 25.59 22.51
N PHE B 484 4.22 26.89 22.39
CA PHE B 484 3.97 27.76 23.52
C PHE B 484 2.57 28.34 23.43
N LEU B 485 1.85 28.30 24.55
CA LEU B 485 0.42 28.62 24.53
C LEU B 485 0.16 30.10 24.24
N LEU B 486 1.04 30.99 24.70
CA LEU B 486 0.81 32.43 24.61
C LEU B 486 1.96 33.12 23.89
N SER B 487 2.35 32.56 22.75
CA SER B 487 3.36 33.17 21.88
C SER B 487 2.84 33.17 20.45
N GLY B 488 2.88 34.34 19.82
CA GLY B 488 2.37 34.48 18.47
C GLY B 488 3.37 34.03 17.41
N TYR B 489 2.88 33.30 16.41
CA TYR B 489 3.71 32.81 15.31
C TYR B 489 3.36 33.56 14.04
N THR B 490 4.36 34.11 13.37
CA THR B 490 4.18 34.74 12.07
C THR B 490 4.72 33.80 11.00
N MET B 491 3.83 33.23 10.20
CA MET B 491 4.19 32.20 9.24
C MET B 491 3.90 32.66 7.82
N TRP B 492 4.72 32.20 6.89
CA TRP B 492 4.48 32.44 5.47
C TRP B 492 5.16 31.35 4.66
N ILE B 493 4.93 31.37 3.35
CA ILE B 493 5.50 30.40 2.42
C ILE B 493 6.22 31.15 1.32
N ARG B 494 7.43 30.69 1.00
CA ARG B 494 8.28 31.32 -0.01
C ARG B 494 8.20 30.55 -1.31
N ILE B 495 7.98 31.25 -2.41
CA ILE B 495 7.98 30.68 -3.75
C ILE B 495 9.33 30.98 -4.37
N ASN B 496 10.03 29.95 -4.83
CA ASN B 496 11.39 30.08 -5.35
C ASN B 496 11.39 29.59 -6.80
N HIS B 497 11.53 30.52 -7.73
CA HIS B 497 11.56 30.24 -9.16
C HIS B 497 13.00 30.40 -9.64
N SER B 498 13.31 29.75 -10.77
CA SER B 498 14.65 29.74 -11.32
C SER B 498 15.22 31.12 -11.59
N LEU B 499 14.41 32.18 -11.47
CA LEU B 499 14.88 33.54 -11.74
C LEU B 499 14.69 34.47 -10.54
N GLY B 500 14.14 33.98 -9.44
CA GLY B 500 13.97 34.83 -8.28
C GLY B 500 13.17 34.15 -7.18
N SER B 501 12.68 34.99 -6.28
CA SER B 501 11.91 34.52 -5.13
C SER B 501 10.82 35.53 -4.78
N LEU B 502 9.75 35.02 -4.17
CA LEU B 502 8.64 35.84 -3.73
C LEU B 502 8.13 35.30 -2.40
N ASP B 503 7.47 36.16 -1.64
CA ASP B 503 6.97 35.82 -0.32
C ASP B 503 5.47 36.04 -0.26
N SER B 504 4.74 35.05 0.24
CA SER B 504 3.32 35.19 0.45
C SER B 504 3.05 36.12 1.62
N PRO B 505 1.86 36.73 1.68
CA PRO B 505 1.51 37.59 2.82
C PRO B 505 1.61 36.82 4.13
N PRO B 506 2.19 37.41 5.15
CA PRO B 506 2.38 36.72 6.43
C PRO B 506 1.05 36.56 7.17
N THR B 507 0.98 35.55 8.02
CA THR B 507 -0.19 35.31 8.84
C THR B 507 0.26 35.13 10.28
N CYS B 508 -0.35 35.85 11.21
CA CYS B 508 -0.02 35.73 12.62
C CYS B 508 -1.10 34.91 13.32
N VAL B 509 -0.66 33.93 14.12
CA VAL B 509 -1.55 32.97 14.76
C VAL B 509 -1.18 32.86 16.23
N LEU B 510 -2.19 32.86 17.10
CA LEU B 510 -2.01 32.59 18.52
C LEU B 510 -2.52 31.19 18.81
N PRO B 511 -1.68 30.27 19.30
CA PRO B 511 -2.15 28.90 19.55
C PRO B 511 -3.30 28.81 20.53
N ASP B 512 -3.38 29.70 21.52
CA ASP B 512 -4.47 29.66 22.48
C ASP B 512 -5.82 29.96 21.86
N SER B 513 -5.86 30.75 20.78
CA SER B 513 -7.10 31.13 20.13
C SER B 513 -7.58 30.13 19.09
N VAL B 514 -6.82 29.05 18.85
CA VAL B 514 -7.21 28.05 17.87
C VAL B 514 -7.27 26.68 18.55
N VAL B 515 -7.55 26.66 19.85
CA VAL B 515 -7.61 25.40 20.58
C VAL B 515 -8.90 24.67 20.23
N LYS B 516 -8.79 23.36 20.01
CA LYS B 516 -9.94 22.51 19.73
C LYS B 516 -10.24 21.65 20.95
N PRO B 517 -11.29 21.94 21.71
CA PRO B 517 -11.56 21.17 22.93
C PRO B 517 -11.98 19.75 22.62
N LEU B 518 -11.72 18.86 23.59
CA LEU B 518 -12.14 17.48 23.47
C LEU B 518 -13.64 17.35 23.70
N PRO B 519 -14.27 16.33 23.12
CA PRO B 519 -15.71 16.15 23.36
C PRO B 519 -16.00 15.82 24.80
N PRO B 520 -17.18 16.19 25.31
CA PRO B 520 -17.50 15.89 26.71
C PRO B 520 -17.56 14.40 26.96
N SER B 521 -17.22 14.01 28.18
CA SER B 521 -17.17 12.60 28.58
C SER B 521 -18.24 12.32 29.63
N SER B 522 -18.69 11.07 29.66
CA SER B 522 -19.68 10.58 30.62
C SER B 522 -20.99 11.40 30.52
N VAL B 523 -21.60 11.31 29.34
CA VAL B 523 -22.88 11.97 29.07
C VAL B 523 -23.99 10.96 29.34
N LYS B 524 -24.95 11.33 30.18
CA LYS B 524 -26.04 10.44 30.56
C LYS B 524 -27.37 11.13 30.31
N ALA B 525 -28.39 10.33 30.01
CA ALA B 525 -29.73 10.83 29.76
C ALA B 525 -30.74 9.90 30.44
N GLU B 526 -31.78 10.48 31.03
CA GLU B 526 -32.83 9.67 31.63
C GLU B 526 -34.12 10.46 31.73
N ILE B 527 -35.23 9.73 31.77
CA ILE B 527 -36.55 10.33 31.95
C ILE B 527 -36.80 10.51 33.44
N THR B 528 -37.11 11.73 33.86
CA THR B 528 -37.31 12.01 35.28
C THR B 528 -38.56 11.31 35.79
N ILE B 529 -38.47 10.79 37.00
CA ILE B 529 -39.56 10.04 37.60
C ILE B 529 -40.58 11.02 38.17
N ASN B 530 -41.85 10.80 37.83
CA ASN B 530 -42.98 11.60 38.34
C ASN B 530 -42.87 13.06 37.91
N ILE B 531 -42.08 13.34 36.88
CA ILE B 531 -41.92 14.69 36.38
C ILE B 531 -42.32 14.79 34.91
N GLY B 532 -41.84 13.85 34.09
CA GLY B 532 -42.20 13.82 32.69
C GLY B 532 -41.24 14.59 31.79
N LEU B 533 -40.07 14.94 32.32
CA LEU B 533 -39.06 15.67 31.56
C LEU B 533 -37.84 14.78 31.37
N LEU B 534 -37.11 15.02 30.28
CA LEU B 534 -35.91 14.29 29.94
C LEU B 534 -34.70 15.11 30.39
N LYS B 535 -33.88 14.53 31.27
CA LYS B 535 -32.74 15.21 31.85
C LYS B 535 -31.45 14.61 31.29
N ILE B 536 -30.49 15.48 31.00
CA ILE B 536 -29.19 15.09 30.47
C ILE B 536 -28.10 15.73 31.32
N SER B 537 -27.09 14.92 31.66
CA SER B 537 -25.96 15.34 32.47
C SER B 537 -24.67 15.05 31.72
N TRP B 538 -23.64 15.83 32.03
CA TRP B 538 -22.37 15.75 31.34
C TRP B 538 -21.27 16.33 32.22
N GLU B 539 -20.03 16.08 31.83
CA GLU B 539 -18.86 16.62 32.51
C GLU B 539 -18.02 17.39 31.51
N LYS B 540 -17.54 18.57 31.91
CA LYS B 540 -16.75 19.39 31.03
C LYS B 540 -15.36 18.79 30.81
N PRO B 541 -14.75 19.02 29.66
CA PRO B 541 -13.39 18.52 29.42
C PRO B 541 -12.37 19.26 30.29
N VAL B 542 -11.23 18.60 30.49
CA VAL B 542 -10.17 19.18 31.31
C VAL B 542 -9.64 20.47 30.69
N PHE B 543 -9.42 20.46 29.38
CA PHE B 543 -8.91 21.62 28.68
C PHE B 543 -9.97 22.19 27.74
N PRO B 544 -10.05 23.52 27.59
CA PRO B 544 -9.27 24.55 28.27
C PRO B 544 -9.85 24.91 29.65
N GLU B 545 -9.20 25.82 30.38
CA GLU B 545 -9.65 26.23 31.70
C GLU B 545 -10.44 27.54 31.65
N ASN B 546 -11.06 27.83 30.52
CA ASN B 546 -11.87 29.03 30.34
C ASN B 546 -13.34 28.67 30.29
N ASN B 547 -14.19 29.69 30.19
CA ASN B 547 -15.62 29.48 30.09
C ASN B 547 -15.97 28.80 28.77
N LEU B 548 -16.92 27.87 28.82
CA LEU B 548 -17.32 27.09 27.66
C LEU B 548 -18.84 27.12 27.50
N GLN B 549 -19.29 27.00 26.26
CA GLN B 549 -20.69 26.90 25.92
C GLN B 549 -20.96 25.52 25.31
N PHE B 550 -22.19 25.05 25.50
CA PHE B 550 -22.57 23.70 25.09
C PHE B 550 -23.73 23.74 24.12
N GLN B 551 -23.70 22.83 23.15
CA GLN B 551 -24.80 22.64 22.20
C GLN B 551 -25.19 21.17 22.24
N ILE B 552 -26.47 20.91 22.52
CA ILE B 552 -26.99 19.56 22.63
C ILE B 552 -27.93 19.30 21.47
N ARG B 553 -28.03 18.03 21.08
CA ARG B 553 -28.76 17.61 19.89
C ARG B 553 -29.31 16.22 20.12
N TYR B 554 -30.63 16.07 19.97
CA TYR B 554 -31.28 14.82 20.35
C TYR B 554 -32.51 14.56 19.48
N GLY B 555 -32.94 13.31 19.50
CA GLY B 555 -34.11 12.88 18.76
C GLY B 555 -34.46 11.45 19.11
N LEU B 556 -35.43 10.93 18.37
CA LEU B 556 -35.92 9.57 18.61
C LEU B 556 -35.12 8.56 17.81
N SER B 557 -34.52 7.59 18.51
CA SER B 557 -33.62 6.63 17.88
C SER B 557 -34.33 5.84 16.78
N GLY B 558 -33.61 5.64 15.69
CA GLY B 558 -34.12 4.92 14.55
C GLY B 558 -33.15 5.02 13.38
N LYS B 559 -33.60 4.53 12.22
CA LYS B 559 -32.77 4.61 11.02
C LYS B 559 -32.50 6.06 10.64
N GLU B 560 -33.53 6.89 10.68
CA GLU B 560 -33.39 8.33 10.44
C GLU B 560 -34.06 9.08 11.59
N VAL B 561 -33.41 10.15 12.03
CA VAL B 561 -33.83 10.89 13.21
C VAL B 561 -34.03 12.36 12.82
N GLN B 562 -35.12 12.95 13.31
CA GLN B 562 -35.37 14.39 13.17
C GLN B 562 -34.96 15.05 14.48
N TRP B 563 -33.66 15.28 14.64
CA TRP B 563 -33.14 15.84 15.88
C TRP B 563 -33.55 17.30 16.00
N LYS B 564 -33.31 17.85 17.20
CA LYS B 564 -33.54 19.28 17.41
C LYS B 564 -32.44 19.84 18.29
N MET B 565 -31.95 21.03 17.95
CA MET B 565 -30.81 21.63 18.62
C MET B 565 -31.26 22.40 19.87
N TYR B 566 -30.31 22.55 20.81
CA TYR B 566 -30.52 23.43 21.96
C TYR B 566 -29.16 23.95 22.41
N GLU B 567 -29.13 25.16 22.93
CA GLU B 567 -27.89 25.81 23.36
C GLU B 567 -27.94 26.12 24.84
N VAL B 568 -26.79 26.06 25.49
CA VAL B 568 -26.63 26.45 26.89
C VAL B 568 -25.55 27.52 26.96
N TYR B 569 -25.87 28.66 27.59
CA TYR B 569 -24.96 29.79 27.68
C TYR B 569 -24.40 29.98 29.09
N ASP B 570 -24.51 28.96 29.95
CA ASP B 570 -23.99 29.02 31.31
C ASP B 570 -22.87 28.01 31.46
N ALA B 571 -21.72 28.47 31.94
CA ALA B 571 -20.56 27.58 32.07
C ALA B 571 -20.70 26.67 33.28
N LYS B 572 -21.30 27.16 34.37
CA LYS B 572 -21.42 26.42 35.62
C LYS B 572 -22.46 25.32 35.56
N SER B 573 -23.31 25.30 34.54
CA SER B 573 -24.35 24.29 34.41
C SER B 573 -23.77 22.98 33.90
N LYS B 574 -24.23 21.88 34.49
CA LYS B 574 -23.81 20.54 34.10
C LYS B 574 -24.97 19.63 33.76
N SER B 575 -26.19 19.95 34.20
CA SER B 575 -27.36 19.15 33.91
C SER B 575 -28.46 20.06 33.38
N VAL B 576 -29.24 19.55 32.43
CA VAL B 576 -30.35 20.32 31.89
C VAL B 576 -31.51 19.39 31.55
N SER B 577 -32.72 19.90 31.74
CA SER B 577 -33.94 19.15 31.53
C SER B 577 -34.77 19.81 30.43
N LEU B 578 -35.25 19.00 29.49
CA LEU B 578 -36.09 19.47 28.39
C LEU B 578 -37.32 18.58 28.26
N PRO B 579 -38.43 19.14 27.81
CA PRO B 579 -39.65 18.32 27.61
C PRO B 579 -39.67 17.67 26.23
N VAL B 580 -40.34 16.52 26.16
CA VAL B 580 -40.48 15.78 24.92
C VAL B 580 -41.95 15.41 24.73
N PRO B 581 -42.43 15.31 23.49
CA PRO B 581 -43.83 14.93 23.27
C PRO B 581 -44.12 13.49 23.68
N ASP B 582 -43.28 12.56 23.23
CA ASP B 582 -43.47 11.16 23.54
C ASP B 582 -42.72 10.78 24.81
N LEU B 583 -43.31 9.87 25.58
CA LEU B 583 -42.71 9.37 26.81
C LEU B 583 -42.47 7.87 26.80
N CYS B 584 -42.55 7.22 25.65
CA CYS B 584 -42.40 5.77 25.55
C CYS B 584 -41.53 5.39 24.36
N ALA B 585 -40.41 6.10 24.17
CA ALA B 585 -39.51 5.84 23.07
C ALA B 585 -38.07 6.05 23.51
N VAL B 586 -37.15 5.44 22.76
CA VAL B 586 -35.73 5.55 23.04
C VAL B 586 -35.19 6.82 22.38
N TYR B 587 -34.47 7.62 23.16
CA TYR B 587 -33.94 8.89 22.69
C TYR B 587 -32.42 8.82 22.63
N ALA B 588 -31.84 9.51 21.64
CA ALA B 588 -30.40 9.57 21.47
C ALA B 588 -29.94 11.01 21.66
N VAL B 589 -28.91 11.21 22.48
CA VAL B 589 -28.45 12.54 22.87
C VAL B 589 -26.97 12.66 22.54
N GLN B 590 -26.58 13.83 22.00
CA GLN B 590 -25.16 14.14 21.78
C GLN B 590 -24.92 15.59 22.17
N VAL B 591 -23.69 15.86 22.61
CA VAL B 591 -23.29 17.18 23.09
C VAL B 591 -21.98 17.59 22.43
N ARG B 592 -21.83 18.90 22.22
CA ARG B 592 -20.60 19.51 21.74
C ARG B 592 -20.30 20.73 22.61
N CYS B 593 -19.02 21.07 22.70
CA CYS B 593 -18.58 22.20 23.52
C CYS B 593 -17.71 23.12 22.68
N LYS B 594 -17.73 24.40 23.03
CA LYS B 594 -16.93 25.40 22.33
C LYS B 594 -16.52 26.48 23.33
N ARG B 595 -15.45 27.20 23.01
CA ARG B 595 -15.06 28.33 23.83
C ARG B 595 -16.13 29.41 23.82
N LEU B 596 -16.42 29.97 24.98
CA LEU B 596 -17.48 30.97 25.11
C LEU B 596 -17.16 32.22 24.30
N ASP B 597 -15.89 32.66 24.34
CA ASP B 597 -15.49 33.87 23.64
C ASP B 597 -15.52 33.73 22.12
N GLY B 598 -15.63 32.52 21.59
CA GLY B 598 -15.69 32.30 20.17
C GLY B 598 -14.35 32.19 19.47
N LEU B 599 -13.24 32.36 20.19
CA LEU B 599 -11.90 32.26 19.61
C LEU B 599 -11.50 30.79 19.64
N GLY B 600 -12.02 30.02 18.70
CA GLY B 600 -11.71 28.60 18.63
C GLY B 600 -12.63 27.91 17.63
N TYR B 601 -12.51 26.59 17.60
CA TYR B 601 -13.28 25.74 16.71
C TYR B 601 -14.31 24.95 17.52
N TRP B 602 -15.11 24.15 16.80
CA TRP B 602 -16.09 23.29 17.42
C TRP B 602 -15.49 21.93 17.72
N SER B 603 -15.91 21.34 18.84
CA SER B 603 -15.38 20.06 19.28
C SER B 603 -16.07 18.92 18.53
N ASN B 604 -15.67 17.69 18.85
CA ASN B 604 -16.30 16.51 18.29
C ASN B 604 -17.59 16.19 19.05
N TRP B 605 -18.47 15.44 18.39
CA TRP B 605 -19.70 15.02 19.03
C TRP B 605 -19.41 13.97 20.10
N SER B 606 -20.08 14.11 21.23
CA SER B 606 -19.83 13.22 22.37
C SER B 606 -20.37 11.82 22.07
N ASN B 607 -20.05 10.89 22.95
CA ASN B 607 -20.53 9.52 22.82
C ASN B 607 -22.04 9.48 22.96
N PRO B 608 -22.76 8.92 21.98
CA PRO B 608 -24.23 8.86 22.11
C PRO B 608 -24.66 8.05 23.31
N ALA B 609 -25.72 8.51 23.97
CA ALA B 609 -26.27 7.85 25.15
C ALA B 609 -27.72 7.49 24.89
N TYR B 610 -28.07 6.24 25.15
CA TYR B 610 -29.42 5.74 24.94
C TYR B 610 -30.12 5.59 26.28
N THR B 611 -31.34 6.13 26.37
CA THR B 611 -32.12 6.08 27.60
C THR B 611 -32.71 4.68 27.77
N VAL B 612 -33.54 4.52 28.80
CA VAL B 612 -34.18 3.23 29.09
C VAL B 612 -35.69 3.43 29.05
N VAL B 613 -36.39 2.34 28.73
CA VAL B 613 -37.84 2.35 28.62
C VAL B 613 -38.40 1.81 29.94
N MET B 614 -39.12 2.67 30.66
CA MET B 614 -39.71 2.29 31.94
C MET B 614 -40.86 3.24 32.25
N ASP B 615 -41.69 2.83 33.20
CA ASP B 615 -42.83 3.64 33.61
C ASP B 615 -42.35 4.90 34.32
N ILE B 616 -43.13 5.97 34.18
CA ILE B 616 -42.79 7.27 34.76
C ILE B 616 -43.87 7.68 35.76
N LYS B 617 -45.10 7.82 35.28
CA LYS B 617 -46.21 8.28 36.11
C LYS B 617 -47.27 7.19 36.19
N VAL B 618 -48.31 7.46 36.97
CA VAL B 618 -49.43 6.53 37.16
C VAL B 618 -50.25 6.47 35.87
N PRO B 619 -50.96 5.37 35.63
CA PRO B 619 -51.84 5.32 34.45
C PRO B 619 -52.86 6.45 34.45
N MET B 620 -53.13 6.97 33.26
CA MET B 620 -54.04 8.10 33.13
C MET B 620 -55.50 7.66 33.29
N ARG B 621 -55.94 6.71 32.47
CA ARG B 621 -57.32 6.25 32.47
C ARG B 621 -57.37 4.73 32.44
N GLY B 622 -58.49 4.19 32.91
CA GLY B 622 -58.68 2.76 32.91
C GLY B 622 -59.17 2.24 31.58
N PRO B 623 -59.49 0.95 31.55
CA PRO B 623 -59.95 0.32 30.31
C PRO B 623 -61.46 0.36 30.18
N GLU B 624 -61.91 0.21 28.93
CA GLU B 624 -63.32 0.07 28.62
C GLU B 624 -63.70 -1.41 28.63
N PHE B 625 -64.80 -1.73 29.31
CA PHE B 625 -65.18 -3.11 29.54
C PHE B 625 -66.61 -3.32 29.07
N TRP B 626 -67.00 -4.60 29.00
CA TRP B 626 -68.37 -4.96 28.66
C TRP B 626 -68.70 -6.29 29.34
N ARG B 627 -70.00 -6.55 29.46
CA ARG B 627 -70.51 -7.70 30.19
C ARG B 627 -71.17 -8.69 29.24
N ILE B 628 -70.99 -9.97 29.54
CA ILE B 628 -71.66 -11.07 28.85
C ILE B 628 -72.40 -11.89 29.90
N ILE B 629 -73.70 -12.08 29.71
CA ILE B 629 -74.55 -12.69 30.72
C ILE B 629 -74.88 -14.11 30.28
N ASN B 630 -74.84 -15.06 31.22
CA ASN B 630 -75.41 -16.40 31.01
C ASN B 630 -76.30 -16.70 32.22
N GLY B 631 -77.41 -17.36 31.94
CA GLY B 631 -78.46 -17.55 32.93
C GLY B 631 -79.73 -16.84 32.51
N ASP B 632 -80.88 -17.45 32.77
CA ASP B 632 -82.15 -16.88 32.34
C ASP B 632 -82.50 -15.66 33.17
N THR B 633 -83.46 -14.87 32.66
CA THR B 633 -83.87 -13.65 33.35
C THR B 633 -84.51 -13.96 34.70
N MET B 634 -85.31 -15.01 34.79
CA MET B 634 -86.00 -15.36 36.03
C MET B 634 -85.10 -16.11 37.00
N LYS B 635 -83.89 -16.49 36.60
CA LYS B 635 -82.95 -17.16 37.49
C LYS B 635 -82.34 -16.16 38.45
N LYS B 636 -82.37 -16.49 39.75
CA LYS B 636 -81.80 -15.60 40.76
C LYS B 636 -80.29 -15.47 40.59
N GLU B 637 -79.62 -16.58 40.31
CA GLU B 637 -78.18 -16.59 40.14
C GLU B 637 -77.82 -16.57 38.66
N LYS B 638 -77.31 -15.43 38.20
CA LYS B 638 -76.77 -15.31 36.86
C LYS B 638 -75.26 -15.31 36.95
N ASN B 639 -74.57 -15.59 35.84
CA ASN B 639 -73.12 -15.52 35.82
C ASN B 639 -72.70 -14.54 34.72
N VAL B 640 -71.72 -13.69 35.03
CA VAL B 640 -71.35 -12.56 34.18
C VAL B 640 -69.86 -12.61 33.89
N THR B 641 -69.51 -12.43 32.61
CA THR B 641 -68.13 -12.34 32.18
C THR B 641 -67.83 -10.91 31.78
N LEU B 642 -66.90 -10.29 32.49
CA LEU B 642 -66.41 -8.95 32.18
C LEU B 642 -65.19 -9.08 31.27
N LEU B 643 -65.26 -8.42 30.12
CA LEU B 643 -64.20 -8.47 29.12
C LEU B 643 -63.79 -7.05 28.78
N TRP B 644 -62.48 -6.79 28.80
CA TRP B 644 -61.96 -5.46 28.55
C TRP B 644 -60.74 -5.55 27.64
N LYS B 645 -60.47 -4.46 26.92
CA LYS B 645 -59.37 -4.42 25.97
C LYS B 645 -58.07 -4.04 26.67
N PRO B 646 -56.93 -4.54 26.18
CA PRO B 646 -55.64 -4.18 26.79
C PRO B 646 -55.31 -2.71 26.57
N LEU B 647 -54.55 -2.16 27.51
CA LEU B 647 -54.14 -0.76 27.44
C LEU B 647 -52.99 -0.59 26.46
N MET B 648 -53.08 0.41 25.59
CA MET B 648 -52.01 0.71 24.66
C MET B 648 -50.88 1.45 25.37
N LYS B 649 -49.73 1.49 24.71
CA LYS B 649 -48.55 2.16 25.28
C LYS B 649 -48.76 3.65 25.47
N ASN B 650 -49.69 4.25 24.73
CA ASN B 650 -49.95 5.69 24.88
C ASN B 650 -50.49 6.04 26.26
N ASP B 651 -51.39 5.22 26.81
CA ASP B 651 -51.98 5.47 28.11
C ASP B 651 -51.40 4.63 29.23
N SER B 652 -50.81 3.47 28.95
CA SER B 652 -50.26 2.61 29.97
C SER B 652 -48.88 3.05 30.45
N LEU B 653 -48.25 4.00 29.76
CA LEU B 653 -46.95 4.55 30.13
C LEU B 653 -45.88 3.46 30.16
N CYS B 654 -45.71 2.81 29.01
CA CYS B 654 -44.67 1.84 28.66
C CYS B 654 -44.82 0.49 29.35
N SER B 655 -45.72 0.34 30.32
CA SER B 655 -45.90 -0.94 31.00
C SER B 655 -47.11 -0.84 31.92
N VAL B 656 -47.88 -1.94 31.96
CA VAL B 656 -48.90 -2.14 32.98
C VAL B 656 -48.74 -3.57 33.49
N GLN B 657 -48.80 -3.75 34.81
CA GLN B 657 -48.54 -5.04 35.42
C GLN B 657 -49.82 -5.84 35.68
N ARG B 658 -50.73 -5.31 36.49
CA ARG B 658 -51.87 -6.12 36.89
C ARG B 658 -53.18 -5.36 36.69
N TYR B 659 -54.26 -6.11 36.53
CA TYR B 659 -55.61 -5.56 36.50
C TYR B 659 -56.34 -5.95 37.77
N VAL B 660 -57.02 -4.99 38.38
CA VAL B 660 -57.73 -5.20 39.63
C VAL B 660 -59.15 -4.66 39.50
N ILE B 661 -60.05 -5.18 40.32
CA ILE B 661 -61.44 -4.73 40.35
C ILE B 661 -61.87 -4.54 41.79
N ASN B 662 -62.87 -3.69 42.00
CA ASN B 662 -63.47 -3.49 43.31
C ASN B 662 -64.98 -3.42 43.17
N HIS B 663 -65.66 -3.83 44.24
CA HIS B 663 -67.11 -4.01 44.24
C HIS B 663 -67.76 -3.15 45.31
N HIS B 664 -69.00 -2.75 45.04
CA HIS B 664 -69.80 -1.97 45.96
C HIS B 664 -71.19 -2.58 46.00
N THR B 665 -71.63 -3.00 47.19
CA THR B 665 -72.91 -3.65 47.38
C THR B 665 -73.81 -2.77 48.26
N SER B 666 -75.00 -3.30 48.57
CA SER B 666 -75.92 -2.59 49.46
C SER B 666 -75.44 -2.56 50.90
N CYS B 667 -74.44 -3.37 51.24
CA CYS B 667 -73.87 -3.41 52.58
C CYS B 667 -72.70 -2.46 52.76
N ASN B 668 -72.42 -1.61 51.76
CA ASN B 668 -71.32 -0.65 51.80
C ASN B 668 -69.97 -1.33 52.01
N GLY B 669 -69.78 -2.48 51.35
CA GLY B 669 -68.51 -3.18 51.45
C GLY B 669 -67.60 -2.92 50.26
N THR B 670 -66.32 -3.23 50.45
CA THR B 670 -65.31 -3.05 49.41
C THR B 670 -64.50 -4.33 49.27
N TRP B 671 -64.21 -4.69 48.02
CA TRP B 671 -63.45 -5.89 47.72
C TRP B 671 -62.30 -5.54 46.79
N SER B 672 -61.36 -6.47 46.67
CA SER B 672 -60.20 -6.28 45.79
C SER B 672 -59.76 -7.66 45.32
N GLU B 673 -59.98 -7.95 44.04
CA GLU B 673 -59.63 -9.24 43.44
C GLU B 673 -58.55 -8.99 42.39
N ASP B 674 -57.48 -9.78 42.45
CA ASP B 674 -56.37 -9.61 41.51
C ASP B 674 -56.45 -10.68 40.43
N VAL B 675 -56.19 -10.27 39.19
CA VAL B 675 -56.21 -11.16 38.04
C VAL B 675 -54.90 -11.17 37.26
N GLY B 676 -54.05 -10.16 37.45
CA GLY B 676 -52.80 -10.12 36.71
C GLY B 676 -53.00 -9.64 35.29
N ASN B 677 -52.49 -10.41 34.33
CA ASN B 677 -52.70 -10.20 32.90
C ASN B 677 -54.15 -10.44 32.48
N HIS B 678 -54.85 -11.34 33.16
CA HIS B 678 -56.12 -11.89 32.70
C HIS B 678 -57.10 -10.78 32.34
N THR B 679 -57.61 -10.83 31.11
CA THR B 679 -58.52 -9.83 30.60
C THR B 679 -59.99 -10.24 30.70
N LYS B 680 -60.28 -11.43 31.20
CA LYS B 680 -61.64 -11.91 31.34
C LYS B 680 -61.88 -12.28 32.80
N PHE B 681 -63.01 -11.82 33.34
CA PHE B 681 -63.36 -12.12 34.72
C PHE B 681 -64.75 -12.73 34.76
N THR B 682 -64.97 -13.64 35.70
CA THR B 682 -66.25 -14.31 35.86
C THR B 682 -66.76 -14.08 37.28
N PHE B 683 -68.01 -13.62 37.38
CA PHE B 683 -68.61 -13.33 38.68
C PHE B 683 -70.03 -13.87 38.73
N LEU B 684 -70.53 -14.06 39.95
CA LEU B 684 -71.88 -14.57 40.17
C LEU B 684 -72.76 -13.42 40.66
N TRP B 685 -73.77 -13.06 39.86
CA TRP B 685 -74.73 -12.04 40.25
C TRP B 685 -75.91 -12.70 40.94
N THR B 686 -76.08 -12.40 42.23
CA THR B 686 -77.19 -12.89 43.04
C THR B 686 -77.93 -11.76 43.74
N GLU B 687 -77.23 -10.73 44.17
CA GLU B 687 -77.84 -9.63 44.91
C GLU B 687 -78.64 -8.73 43.95
N GLN B 688 -79.51 -7.92 44.55
CA GLN B 688 -80.35 -7.02 43.76
C GLN B 688 -79.52 -5.96 43.05
N ALA B 689 -78.57 -5.36 43.76
CA ALA B 689 -77.77 -4.27 43.22
C ALA B 689 -76.29 -4.52 43.46
N HIS B 690 -75.47 -4.10 42.51
CA HIS B 690 -74.03 -4.24 42.61
C HIS B 690 -73.36 -3.18 41.75
N THR B 691 -72.11 -2.84 42.09
CA THR B 691 -71.31 -1.91 41.31
C THR B 691 -69.90 -2.45 41.20
N VAL B 692 -69.33 -2.40 39.99
CA VAL B 692 -67.99 -2.90 39.73
C VAL B 692 -67.17 -1.79 39.08
N THR B 693 -65.98 -1.52 39.64
CA THR B 693 -65.08 -0.53 39.07
C THR B 693 -63.70 -1.16 38.90
N VAL B 694 -63.10 -0.94 37.74
CA VAL B 694 -61.86 -1.62 37.35
C VAL B 694 -60.71 -0.63 37.33
N LEU B 695 -59.59 -1.00 37.94
CA LEU B 695 -58.37 -0.24 37.94
C LEU B 695 -57.21 -1.08 37.41
N ALA B 696 -56.40 -0.47 36.56
CA ALA B 696 -55.19 -1.09 36.04
C ALA B 696 -53.99 -0.51 36.78
N ILE B 697 -53.29 -1.36 37.54
CA ILE B 697 -52.24 -0.92 38.44
C ILE B 697 -50.90 -1.36 37.87
N ASN B 698 -50.00 -0.39 37.70
CA ASN B 698 -48.63 -0.63 37.29
C ASN B 698 -47.73 -0.74 38.53
N SER B 699 -46.42 -0.70 38.31
CA SER B 699 -45.48 -0.85 39.42
C SER B 699 -45.48 0.36 40.36
N ILE B 700 -46.08 1.48 39.95
CA ILE B 700 -46.10 2.68 40.77
C ILE B 700 -47.33 2.73 41.67
N GLY B 701 -48.52 2.70 41.08
CA GLY B 701 -49.73 2.76 41.88
C GLY B 701 -50.95 2.60 41.01
N ALA B 702 -52.11 2.77 41.63
CA ALA B 702 -53.39 2.63 40.94
C ALA B 702 -53.77 3.93 40.24
N SER B 703 -54.68 3.81 39.28
CA SER B 703 -55.16 4.97 38.54
C SER B 703 -56.15 5.77 39.38
N VAL B 704 -56.43 6.99 38.92
CA VAL B 704 -57.36 7.88 39.59
C VAL B 704 -58.66 8.04 38.81
N ALA B 705 -58.57 8.09 37.47
CA ALA B 705 -59.75 8.19 36.62
C ALA B 705 -60.00 6.85 35.96
N ASN B 706 -61.22 6.34 36.07
CA ASN B 706 -61.58 5.03 35.54
C ASN B 706 -63.08 5.01 35.21
N PHE B 707 -63.56 3.83 34.84
CA PHE B 707 -64.96 3.63 34.49
C PHE B 707 -65.58 2.63 35.46
N ASN B 708 -66.87 2.81 35.73
CA ASN B 708 -67.60 1.92 36.61
C ASN B 708 -68.91 1.51 35.95
N LEU B 709 -69.39 0.31 36.31
CA LEU B 709 -70.64 -0.21 35.80
C LEU B 709 -71.45 -0.82 36.93
N THR B 710 -72.74 -0.48 36.97
CA THR B 710 -73.62 -0.92 38.04
C THR B 710 -74.75 -1.76 37.46
N PHE B 711 -75.13 -2.81 38.18
CA PHE B 711 -76.22 -3.69 37.78
C PHE B 711 -77.30 -3.70 38.86
N SER B 712 -78.54 -3.47 38.45
CA SER B 712 -79.66 -3.45 39.40
C SER B 712 -80.87 -4.10 38.74
N TRP B 713 -81.48 -5.05 39.46
CA TRP B 713 -82.62 -5.77 38.90
C TRP B 713 -83.84 -4.88 38.65
N PRO B 714 -84.34 -4.10 39.63
CA PRO B 714 -85.59 -3.35 39.38
C PRO B 714 -85.52 -2.39 38.21
N MET B 715 -84.37 -1.74 38.01
CA MET B 715 -84.20 -0.82 36.90
C MET B 715 -84.07 -1.53 35.56
N SER B 716 -83.52 -2.74 35.53
CA SER B 716 -83.23 -3.43 34.28
C SER B 716 -84.49 -3.70 33.45
N LYS B 717 -85.67 -3.63 34.05
CA LYS B 717 -86.92 -3.84 33.34
C LYS B 717 -87.46 -2.57 32.70
N VAL B 718 -86.77 -1.43 32.85
CA VAL B 718 -87.22 -0.18 32.26
C VAL B 718 -86.76 -0.12 30.81
N ASN B 719 -87.70 0.05 29.89
CA ASN B 719 -87.44 0.09 28.47
C ASN B 719 -87.61 1.52 27.96
N ILE B 720 -86.62 2.00 27.21
CA ILE B 720 -86.65 3.36 26.68
C ILE B 720 -86.70 3.41 25.16
N VAL B 721 -86.09 2.46 24.46
CA VAL B 721 -86.03 2.50 22.99
C VAL B 721 -87.41 2.13 22.43
N GLN B 722 -87.78 2.79 21.34
CA GLN B 722 -89.07 2.57 20.69
C GLN B 722 -88.92 1.96 19.30
N SER B 723 -88.15 2.60 18.42
CA SER B 723 -87.95 2.11 17.06
C SER B 723 -86.48 2.15 16.71
N LEU B 724 -85.98 1.08 16.10
CA LEU B 724 -84.58 0.95 15.69
C LEU B 724 -84.52 0.36 14.29
N SER B 725 -83.43 0.65 13.58
CA SER B 725 -83.24 0.12 12.23
C SER B 725 -81.76 0.14 11.89
N ALA B 726 -81.39 -0.66 10.88
CA ALA B 726 -80.01 -0.75 10.43
C ALA B 726 -79.99 -1.12 8.96
N TYR B 727 -78.94 -0.67 8.25
CA TYR B 727 -78.82 -0.97 6.83
C TYR B 727 -77.37 -0.82 6.37
N PRO B 728 -76.85 -1.77 5.57
CA PRO B 728 -75.48 -1.63 5.05
C PRO B 728 -75.39 -0.82 3.76
N LEU B 729 -74.63 0.28 3.78
CA LEU B 729 -74.45 1.07 2.58
C LEU B 729 -73.67 0.30 1.52
N ASN B 730 -72.63 -0.43 1.92
CA ASN B 730 -72.01 -1.36 0.99
C ASN B 730 -71.50 -2.56 1.78
N SER B 731 -70.42 -3.18 1.27
CA SER B 731 -69.77 -4.29 1.97
C SER B 731 -68.96 -3.84 3.18
N SER B 732 -68.60 -2.55 3.27
CA SER B 732 -67.69 -2.07 4.29
C SER B 732 -68.23 -0.91 5.11
N CYS B 733 -69.53 -0.68 5.13
CA CYS B 733 -70.12 0.37 5.94
C CYS B 733 -71.57 0.06 6.25
N VAL B 734 -71.94 0.19 7.52
CA VAL B 734 -73.31 -0.04 7.97
C VAL B 734 -73.76 1.17 8.78
N ILE B 735 -74.98 1.64 8.52
CA ILE B 735 -75.54 2.79 9.21
C ILE B 735 -76.77 2.32 9.99
N VAL B 736 -76.79 2.65 11.28
CA VAL B 736 -77.91 2.31 12.15
C VAL B 736 -78.60 3.59 12.60
N SER B 737 -79.88 3.49 12.91
CA SER B 737 -80.68 4.62 13.34
C SER B 737 -81.61 4.18 14.47
N TRP B 738 -81.90 5.13 15.36
CA TRP B 738 -82.77 4.87 16.50
C TRP B 738 -83.52 6.16 16.83
N ILE B 739 -84.25 6.11 17.95
CA ILE B 739 -85.02 7.26 18.43
C ILE B 739 -85.20 7.12 19.93
N LEU B 740 -85.24 8.26 20.61
CA LEU B 740 -85.35 8.31 22.07
C LEU B 740 -86.52 9.21 22.46
N SER B 741 -87.01 9.01 23.67
CA SER B 741 -88.12 9.76 24.22
C SER B 741 -87.74 10.26 25.61
N PRO B 742 -88.32 11.37 26.05
CA PRO B 742 -88.01 11.88 27.40
C PRO B 742 -88.41 10.89 28.48
N SER B 743 -87.62 10.87 29.56
CA SER B 743 -87.87 9.99 30.69
C SER B 743 -87.30 10.65 31.94
N ASP B 744 -87.78 10.19 33.10
CA ASP B 744 -87.31 10.73 34.36
C ASP B 744 -85.82 10.46 34.56
N TYR B 745 -85.37 9.25 34.21
CA TYR B 745 -83.95 8.94 34.23
C TYR B 745 -83.26 9.55 33.01
N LYS B 746 -81.98 9.85 33.18
CA LYS B 746 -81.15 10.36 32.09
C LYS B 746 -80.23 9.26 31.60
N LEU B 747 -79.84 9.34 30.33
CA LEU B 747 -78.95 8.36 29.71
C LEU B 747 -77.65 9.03 29.32
N MET B 748 -76.55 8.30 29.46
CA MET B 748 -75.24 8.86 29.11
C MET B 748 -74.62 8.34 27.83
N TYR B 749 -74.41 7.04 27.67
CA TYR B 749 -73.77 6.56 26.45
C TYR B 749 -74.47 5.31 25.97
N PHE B 750 -74.07 4.84 24.78
CA PHE B 750 -74.65 3.67 24.15
C PHE B 750 -73.55 2.70 23.74
N ILE B 751 -73.89 1.41 23.81
CA ILE B 751 -73.01 0.34 23.38
C ILE B 751 -73.66 -0.40 22.23
N ILE B 752 -72.97 -0.46 21.10
CA ILE B 752 -73.44 -1.15 19.90
C ILE B 752 -72.86 -2.55 19.91
N GLU B 753 -73.72 -3.56 19.90
CA GLU B 753 -73.33 -4.95 19.98
C GLU B 753 -73.98 -5.75 18.88
N TRP B 754 -73.22 -6.65 18.27
CA TRP B 754 -73.74 -7.53 17.22
C TRP B 754 -73.26 -8.96 17.47
N LYS B 755 -74.01 -9.91 16.93
CA LYS B 755 -73.70 -11.32 17.09
C LYS B 755 -74.29 -12.09 15.91
N ASN B 756 -73.53 -13.03 15.40
CA ASN B 756 -73.96 -13.84 14.27
C ASN B 756 -74.92 -14.93 14.73
N LEU B 757 -75.65 -15.51 13.77
CA LEU B 757 -76.65 -16.54 14.07
C LEU B 757 -76.11 -17.94 13.82
N ASN B 758 -75.67 -18.21 12.59
CA ASN B 758 -75.24 -19.55 12.24
C ASN B 758 -73.96 -19.93 12.96
N GLU B 759 -72.99 -19.01 13.05
CA GLU B 759 -71.72 -19.27 13.69
C GLU B 759 -71.65 -18.58 15.06
N ASP B 760 -70.98 -19.23 16.00
CA ASP B 760 -70.84 -18.69 17.36
C ASP B 760 -69.53 -17.93 17.50
N GLY B 761 -69.46 -16.78 16.83
CA GLY B 761 -68.28 -15.95 16.87
C GLY B 761 -68.21 -15.10 18.13
N GLU B 762 -67.05 -14.46 18.29
CA GLU B 762 -66.84 -13.58 19.44
C GLU B 762 -67.72 -12.34 19.34
N ILE B 763 -68.19 -11.88 20.51
CA ILE B 763 -69.08 -10.73 20.55
C ILE B 763 -68.25 -9.44 20.45
N LYS B 764 -68.58 -8.62 19.47
CA LYS B 764 -67.93 -7.33 19.26
C LYS B 764 -68.82 -6.21 19.75
N TRP B 765 -68.23 -5.28 20.50
CA TRP B 765 -68.98 -4.17 21.08
C TRP B 765 -68.23 -2.88 20.82
N LEU B 766 -68.99 -1.80 20.62
CA LEU B 766 -68.45 -0.48 20.34
C LEU B 766 -69.12 0.57 21.22
N ARG B 767 -68.39 1.65 21.46
CA ARG B 767 -68.83 2.75 22.32
C ARG B 767 -69.33 3.88 21.44
N ILE B 768 -70.36 4.59 21.90
CA ILE B 768 -70.86 5.76 21.17
C ILE B 768 -71.53 6.69 22.18
N SER B 769 -71.40 7.99 21.97
CA SER B 769 -72.07 8.96 22.82
C SER B 769 -73.45 9.28 22.27
N SER B 770 -74.29 9.88 23.11
CA SER B 770 -75.66 10.20 22.72
C SER B 770 -75.78 11.51 21.95
N SER B 771 -74.69 12.28 21.83
CA SER B 771 -74.76 13.56 21.13
C SER B 771 -75.09 13.36 19.66
N VAL B 772 -74.46 12.39 19.02
CA VAL B 772 -74.66 12.13 17.59
C VAL B 772 -75.60 10.94 17.43
N LYS B 773 -76.60 11.12 16.57
CA LYS B 773 -77.66 10.13 16.39
C LYS B 773 -77.32 9.06 15.35
N LYS B 774 -76.22 9.20 14.63
CA LYS B 774 -75.85 8.30 13.56
C LYS B 774 -74.48 7.69 13.82
N TYR B 775 -74.29 6.47 13.32
CA TYR B 775 -73.01 5.77 13.45
C TYR B 775 -72.69 5.03 12.16
N TYR B 776 -71.47 5.21 11.64
CA TYR B 776 -71.01 4.52 10.44
C TYR B 776 -70.05 3.42 10.88
N ILE B 777 -70.60 2.21 11.10
CA ILE B 777 -69.77 1.08 11.45
C ILE B 777 -68.97 0.64 10.24
N HIS B 778 -67.65 0.60 10.40
CA HIS B 778 -66.73 0.23 9.33
C HIS B 778 -65.96 -1.01 9.76
N ASP B 779 -66.10 -2.09 9.01
CA ASP B 779 -65.44 -3.36 9.27
C ASP B 779 -65.75 -4.29 8.10
N HIS B 780 -65.19 -5.49 8.17
CA HIS B 780 -65.43 -6.48 7.11
C HIS B 780 -66.76 -7.20 7.35
N PHE B 781 -67.62 -7.18 6.34
CA PHE B 781 -68.96 -7.74 6.46
C PHE B 781 -69.26 -8.61 5.26
N ILE B 782 -70.03 -9.67 5.49
CA ILE B 782 -70.51 -10.57 4.45
C ILE B 782 -72.01 -10.34 4.30
N PRO B 783 -72.47 -9.75 3.20
CA PRO B 783 -73.89 -9.36 3.11
C PRO B 783 -74.87 -10.52 3.11
N ILE B 784 -74.45 -11.72 2.71
CA ILE B 784 -75.40 -12.81 2.47
C ILE B 784 -76.09 -13.27 3.76
N GLU B 785 -75.35 -13.40 4.87
CA GLU B 785 -75.94 -13.97 6.07
C GLU B 785 -76.56 -12.89 6.93
N LYS B 786 -77.59 -13.28 7.68
CA LYS B 786 -78.28 -12.39 8.59
C LYS B 786 -77.41 -12.12 9.81
N TYR B 787 -77.45 -10.88 10.31
CA TYR B 787 -76.70 -10.48 11.49
C TYR B 787 -77.64 -9.89 12.52
N GLN B 788 -77.41 -10.18 13.78
CA GLN B 788 -78.26 -9.73 14.88
C GLN B 788 -77.60 -8.53 15.55
N PHE B 789 -78.34 -7.43 15.63
CA PHE B 789 -77.85 -6.20 16.24
C PHE B 789 -78.55 -5.95 17.57
N SER B 790 -77.90 -5.16 18.42
CA SER B 790 -78.44 -4.85 19.73
C SER B 790 -77.87 -3.52 20.22
N LEU B 791 -78.76 -2.59 20.60
CA LEU B 791 -78.37 -1.31 21.18
C LEU B 791 -78.86 -1.28 22.61
N TYR B 792 -77.95 -1.03 23.55
CA TYR B 792 -78.27 -1.05 24.96
C TYR B 792 -78.08 0.34 25.57
N PRO B 793 -79.01 0.79 26.41
CA PRO B 793 -78.87 2.09 27.05
C PRO B 793 -78.22 2.10 28.43
N ILE B 794 -77.75 3.27 28.87
CA ILE B 794 -77.09 3.39 30.16
C ILE B 794 -77.63 4.62 30.88
N PHE B 795 -78.00 4.45 32.14
CA PHE B 795 -78.50 5.48 33.03
C PHE B 795 -77.72 5.45 34.35
N MET B 796 -78.20 6.20 35.33
CA MET B 796 -77.49 6.30 36.61
C MET B 796 -77.41 4.96 37.31
N GLU B 797 -78.43 4.12 37.15
CA GLU B 797 -78.47 2.81 37.81
C GLU B 797 -77.84 1.71 36.98
N GLY B 798 -77.36 2.02 35.78
CA GLY B 798 -76.64 1.03 34.98
C GLY B 798 -77.32 0.64 33.69
N VAL B 799 -77.36 -0.67 33.42
CA VAL B 799 -77.90 -1.19 32.17
C VAL B 799 -79.41 -1.27 32.26
N GLY B 800 -80.09 -0.92 31.17
CA GLY B 800 -81.53 -0.96 31.09
C GLY B 800 -82.04 -2.20 30.40
N LYS B 801 -83.22 -2.08 29.81
CA LYS B 801 -83.83 -3.21 29.10
C LYS B 801 -83.09 -3.45 27.79
N PRO B 802 -82.59 -4.67 27.55
CA PRO B 802 -81.92 -4.94 26.28
C PRO B 802 -82.87 -4.77 25.10
N LYS B 803 -82.33 -4.26 24.00
CA LYS B 803 -83.05 -4.14 22.74
C LYS B 803 -82.40 -5.04 21.69
N ILE B 804 -83.22 -5.81 20.98
CA ILE B 804 -82.72 -6.82 20.07
C ILE B 804 -83.19 -6.49 18.65
N ILE B 805 -82.26 -6.51 17.71
CA ILE B 805 -82.54 -6.39 16.28
C ILE B 805 -82.10 -7.70 15.65
N ASN B 806 -83.03 -8.43 15.04
CA ASN B 806 -82.75 -9.76 14.52
C ASN B 806 -82.58 -9.80 13.00
N SER B 807 -83.37 -9.03 12.27
CA SER B 807 -83.35 -9.06 10.81
C SER B 807 -82.94 -7.70 10.27
N PHE B 808 -82.29 -7.72 9.10
CA PHE B 808 -81.86 -6.50 8.45
C PHE B 808 -83.05 -5.72 7.92
N THR B 809 -82.96 -4.40 7.98
CA THR B 809 -84.02 -3.54 7.49
C THR B 809 -83.73 -3.06 6.08
N VAL C 22 -6.67 -44.70 44.87
CA VAL C 22 -5.89 -44.64 43.64
C VAL C 22 -5.06 -45.91 43.48
N PRO C 23 -5.66 -46.95 42.87
CA PRO C 23 -4.95 -48.21 42.65
C PRO C 23 -3.79 -48.02 41.68
N ILE C 24 -2.74 -48.82 41.85
CA ILE C 24 -1.57 -48.71 40.98
C ILE C 24 -1.73 -49.60 39.76
N GLN C 25 -2.71 -50.52 39.81
CA GLN C 25 -2.87 -51.50 38.73
C GLN C 25 -3.14 -50.84 37.37
N LYS C 26 -3.89 -49.74 37.35
CA LYS C 26 -4.15 -49.07 36.07
C LYS C 26 -2.87 -48.76 35.32
N VAL C 27 -1.72 -48.73 36.01
CA VAL C 27 -0.46 -48.43 35.36
C VAL C 27 -0.14 -49.44 34.26
N GLN C 28 -0.30 -50.75 34.54
CA GLN C 28 0.06 -51.65 33.44
C GLN C 28 -1.08 -51.82 32.45
N ASP C 29 -2.04 -50.89 32.44
CA ASP C 29 -2.90 -50.76 31.27
C ASP C 29 -2.33 -49.76 30.28
N ASP C 30 -1.17 -49.19 30.58
CA ASP C 30 -0.54 -48.22 29.69
C ASP C 30 0.58 -48.81 28.85
N THR C 31 1.09 -49.98 29.24
CA THR C 31 2.20 -50.59 28.51
C THR C 31 1.81 -50.91 27.07
N LYS C 32 0.57 -51.38 26.87
CA LYS C 32 0.10 -51.68 25.53
C LYS C 32 -0.12 -50.42 24.70
N THR C 33 -0.05 -49.24 25.32
CA THR C 33 -0.30 -47.99 24.60
C THR C 33 0.70 -47.78 23.47
N LEU C 34 1.98 -48.03 23.74
CA LEU C 34 3.01 -47.78 22.74
C LEU C 34 3.63 -49.05 22.18
N ILE C 35 3.36 -50.21 22.77
CA ILE C 35 3.96 -51.46 22.29
C ILE C 35 3.54 -51.72 20.85
N LYS C 36 2.25 -51.55 20.55
CA LYS C 36 1.79 -51.67 19.18
C LYS C 36 2.17 -50.45 18.34
N THR C 37 2.47 -49.32 18.98
CA THR C 37 2.76 -48.09 18.25
C THR C 37 4.11 -48.17 17.53
N ILE C 38 5.14 -48.59 18.26
CA ILE C 38 6.52 -48.42 17.79
C ILE C 38 6.70 -49.02 16.40
N VAL C 39 6.44 -50.32 16.27
CA VAL C 39 6.68 -50.99 14.99
C VAL C 39 5.83 -50.38 13.90
N THR C 40 4.62 -49.92 14.23
CA THR C 40 3.77 -49.32 13.20
C THR C 40 4.43 -48.06 12.64
N ARG C 41 5.08 -47.27 13.51
CA ARG C 41 5.87 -46.14 13.04
C ARG C 41 6.91 -46.61 12.04
N ILE C 42 7.63 -47.68 12.37
CA ILE C 42 8.54 -48.29 11.42
C ILE C 42 7.77 -48.80 10.21
N ASN C 43 6.61 -49.42 10.45
CA ASN C 43 5.77 -49.87 9.35
C ASN C 43 5.24 -48.69 8.55
N ASP C 44 5.30 -47.47 9.11
CA ASP C 44 4.93 -46.29 8.34
C ASP C 44 5.93 -46.01 7.23
N ILE C 45 7.18 -46.47 7.40
CA ILE C 45 8.20 -46.25 6.38
C ILE C 45 8.73 -47.56 5.80
N SER C 46 8.35 -48.70 6.36
CA SER C 46 8.81 -49.99 5.86
C SER C 46 7.64 -50.89 5.48
N LEU C 70 9.06 -65.98 31.31
CA LEU C 70 8.40 -66.23 32.59
C LEU C 70 8.79 -65.18 33.62
N THR C 71 9.98 -65.34 34.20
CA THR C 71 10.48 -64.36 35.15
C THR C 71 10.79 -63.04 34.46
N LEU C 72 10.71 -61.95 35.23
CA LEU C 72 10.90 -60.62 34.66
C LEU C 72 12.28 -60.46 34.05
N SER C 73 13.28 -61.17 34.58
CA SER C 73 14.63 -61.08 34.05
C SER C 73 14.69 -61.54 32.59
N LYS C 74 13.84 -62.49 32.20
CA LYS C 74 13.89 -63.02 30.85
C LYS C 74 13.61 -61.94 29.81
N MET C 75 12.39 -61.39 29.82
CA MET C 75 12.11 -60.34 28.85
C MET C 75 12.84 -59.05 29.15
N ASP C 76 13.30 -58.83 30.39
CA ASP C 76 14.18 -57.70 30.65
C ASP C 76 15.47 -57.82 29.83
N GLN C 77 16.11 -58.99 29.88
CA GLN C 77 17.34 -59.20 29.13
C GLN C 77 17.09 -59.18 27.62
N THR C 78 15.98 -59.78 27.17
CA THR C 78 15.68 -59.76 25.75
C THR C 78 15.46 -58.32 25.26
N LEU C 79 14.72 -57.52 26.03
CA LEU C 79 14.53 -56.12 25.67
C LEU C 79 15.84 -55.36 25.66
N ALA C 80 16.73 -55.66 26.63
CA ALA C 80 18.03 -54.99 26.66
C ALA C 80 18.85 -55.32 25.41
N VAL C 81 18.94 -56.60 25.06
CA VAL C 81 19.76 -56.97 23.90
C VAL C 81 19.14 -56.43 22.61
N TYR C 82 17.80 -56.41 22.52
CA TYR C 82 17.16 -55.75 21.39
C TYR C 82 17.49 -54.27 21.36
N GLN C 83 17.57 -53.63 22.52
CA GLN C 83 17.92 -52.22 22.57
C GLN C 83 19.34 -51.98 22.05
N GLN C 84 20.29 -52.84 22.44
CA GLN C 84 21.64 -52.70 21.92
C GLN C 84 21.67 -52.91 20.41
N ILE C 85 20.98 -53.95 19.92
CA ILE C 85 20.96 -54.22 18.49
C ILE C 85 20.38 -53.04 17.72
N LEU C 86 19.29 -52.47 18.24
CA LEU C 86 18.66 -51.32 17.60
C LEU C 86 19.56 -50.10 17.64
N THR C 87 20.17 -49.81 18.79
CA THR C 87 20.99 -48.62 18.96
C THR C 87 22.36 -48.74 18.28
N SER C 88 22.71 -49.91 17.77
CA SER C 88 23.90 -50.01 16.92
C SER C 88 23.81 -49.07 15.73
N MET C 89 22.59 -48.74 15.30
CA MET C 89 22.25 -47.79 14.25
C MET C 89 21.76 -46.48 14.86
N PRO C 90 22.49 -45.37 14.67
CA PRO C 90 22.10 -44.12 15.33
C PRO C 90 21.00 -43.34 14.63
N SER C 91 20.22 -43.99 13.76
CA SER C 91 19.12 -43.32 13.07
C SER C 91 18.10 -42.78 14.08
N ARG C 92 17.35 -41.77 13.64
CA ARG C 92 16.44 -41.07 14.56
C ARG C 92 15.29 -41.97 15.00
N ASN C 93 14.62 -42.63 14.06
CA ASN C 93 13.47 -43.46 14.42
C ASN C 93 13.88 -44.53 15.43
N VAL C 94 14.91 -45.31 15.08
CA VAL C 94 15.30 -46.44 15.91
C VAL C 94 15.70 -45.98 17.30
N ILE C 95 16.23 -44.76 17.44
CA ILE C 95 16.56 -44.31 18.78
C ILE C 95 15.32 -43.84 19.53
N GLN C 96 14.28 -43.37 18.83
CA GLN C 96 13.03 -43.12 19.56
C GLN C 96 12.41 -44.42 20.07
N ILE C 97 12.42 -45.48 19.25
CA ILE C 97 11.98 -46.77 19.78
C ILE C 97 12.87 -47.22 20.93
N SER C 98 14.18 -47.00 20.83
CA SER C 98 15.07 -47.39 21.93
C SER C 98 14.69 -46.64 23.22
N ASN C 99 14.40 -45.34 23.10
CA ASN C 99 14.03 -44.55 24.27
C ASN C 99 12.73 -45.05 24.88
N ASP C 100 11.74 -45.36 24.04
CA ASP C 100 10.47 -45.79 24.63
C ASP C 100 10.53 -47.20 25.19
N LEU C 101 11.35 -48.11 24.63
CA LEU C 101 11.57 -49.38 25.32
C LEU C 101 12.34 -49.20 26.62
N GLU C 102 13.24 -48.20 26.68
CA GLU C 102 13.88 -47.89 27.97
C GLU C 102 12.85 -47.43 28.98
N ASN C 103 11.90 -46.59 28.55
CA ASN C 103 10.81 -46.17 29.44
C ASN C 103 9.95 -47.37 29.87
N LEU C 104 9.70 -48.29 28.94
CA LEU C 104 8.95 -49.49 29.27
C LEU C 104 9.68 -50.31 30.32
N ARG C 105 10.99 -50.48 30.16
CA ARG C 105 11.76 -51.21 31.15
C ARG C 105 11.71 -50.52 32.51
N ASP C 106 11.79 -49.17 32.51
CA ASP C 106 11.71 -48.44 33.76
C ASP C 106 10.38 -48.64 34.45
N LEU C 107 9.27 -48.60 33.69
CA LEU C 107 7.97 -48.77 34.32
C LEU C 107 7.75 -50.20 34.80
N LEU C 108 8.27 -51.19 34.06
CA LEU C 108 8.19 -52.57 34.55
C LEU C 108 9.01 -52.75 35.83
N HIS C 109 10.18 -52.11 35.90
CA HIS C 109 10.97 -52.18 37.14
C HIS C 109 10.22 -51.52 38.30
N VAL C 110 9.57 -50.39 38.03
CA VAL C 110 8.79 -49.71 39.07
C VAL C 110 7.66 -50.61 39.56
N LEU C 111 6.97 -51.27 38.62
CA LEU C 111 5.88 -52.16 39.01
C LEU C 111 6.39 -53.37 39.78
N ALA C 112 7.55 -53.91 39.39
CA ALA C 112 8.14 -55.02 40.13
C ALA C 112 8.50 -54.60 41.55
N PHE C 113 9.04 -53.39 41.72
CA PHE C 113 9.30 -52.87 43.05
C PHE C 113 8.01 -52.67 43.84
N SER C 114 6.93 -52.31 43.16
CA SER C 114 5.65 -52.13 43.83
C SER C 114 5.13 -53.44 44.41
N LYS C 115 5.29 -54.54 43.68
CA LYS C 115 4.80 -55.85 44.10
C LYS C 115 5.83 -56.64 44.91
N SER C 116 6.76 -55.95 45.56
CA SER C 116 7.77 -56.59 46.41
C SER C 116 8.61 -57.60 45.64
N CYS C 117 9.09 -57.17 44.47
CA CYS C 117 9.97 -57.99 43.64
C CYS C 117 11.22 -57.18 43.32
N HIS C 118 12.36 -57.64 43.82
CA HIS C 118 13.64 -56.94 43.64
C HIS C 118 14.31 -57.52 42.40
N LEU C 119 14.10 -56.87 41.26
CA LEU C 119 14.70 -57.31 40.01
C LEU C 119 16.13 -56.82 39.90
N PRO C 120 17.10 -57.70 39.68
CA PRO C 120 18.49 -57.25 39.52
C PRO C 120 18.67 -56.44 38.25
N TRP C 121 19.68 -55.58 38.27
CA TRP C 121 19.97 -54.71 37.14
C TRP C 121 20.54 -55.50 35.97
N ALA C 122 19.68 -55.93 35.04
CA ALA C 122 20.12 -56.68 33.89
C ALA C 122 20.61 -55.74 32.80
N SER C 123 21.75 -56.08 32.19
CA SER C 123 22.32 -55.26 31.13
C SER C 123 22.28 -56.00 29.80
N GLU C 143 19.30 -53.97 7.19
CA GLU C 143 18.64 -53.38 8.35
C GLU C 143 17.12 -53.52 8.24
N VAL C 144 16.66 -53.91 7.04
CA VAL C 144 15.22 -54.09 6.83
C VAL C 144 14.71 -55.26 7.67
N VAL C 145 15.46 -56.36 7.69
CA VAL C 145 15.05 -57.53 8.47
C VAL C 145 15.11 -57.25 9.96
N ALA C 146 16.01 -56.35 10.38
CA ALA C 146 16.26 -56.15 11.81
C ALA C 146 15.00 -55.69 12.54
N LEU C 147 14.14 -54.92 11.87
CA LEU C 147 12.91 -54.48 12.52
C LEU C 147 11.93 -55.62 12.71
N SER C 148 11.90 -56.58 11.77
CA SER C 148 10.90 -57.64 11.81
C SER C 148 11.01 -58.46 13.10
N ARG C 149 12.23 -58.86 13.47
CA ARG C 149 12.41 -59.63 14.69
C ARG C 149 11.94 -58.86 15.92
N LEU C 150 11.90 -57.53 15.82
CA LEU C 150 11.37 -56.73 16.94
C LEU C 150 9.87 -56.96 17.11
N GLN C 151 9.13 -57.05 16.01
CA GLN C 151 7.67 -57.09 16.09
C GLN C 151 7.17 -58.33 16.82
N GLY C 152 7.42 -59.51 16.24
CA GLY C 152 6.76 -60.72 16.72
C GLY C 152 7.01 -61.00 18.19
N SER C 153 8.26 -60.79 18.63
CA SER C 153 8.60 -61.03 20.03
C SER C 153 7.65 -60.29 20.97
N LEU C 154 7.33 -59.03 20.65
CA LEU C 154 6.42 -58.28 21.50
C LEU C 154 5.08 -58.99 21.64
N GLN C 155 4.52 -59.48 20.52
CA GLN C 155 3.28 -60.24 20.60
C GLN C 155 3.45 -61.44 21.53
N ASP C 156 4.57 -62.14 21.44
CA ASP C 156 4.79 -63.34 22.24
C ASP C 156 4.76 -63.01 23.72
N MET C 157 4.95 -61.75 24.08
CA MET C 157 4.84 -61.35 25.48
C MET C 157 3.49 -60.71 25.77
N LEU C 158 2.91 -60.01 24.78
CA LEU C 158 1.72 -59.19 25.04
C LEU C 158 0.58 -60.02 25.59
N TRP C 159 0.57 -61.32 25.29
CA TRP C 159 -0.55 -62.16 25.71
C TRP C 159 -0.52 -62.46 27.20
N GLN C 160 0.67 -62.57 27.81
CA GLN C 160 0.70 -63.13 29.16
C GLN C 160 0.64 -62.08 30.27
N LEU C 161 0.57 -60.79 29.94
CA LEU C 161 0.47 -59.77 30.98
C LEU C 161 -0.81 -59.95 31.81
N ASP C 162 -1.92 -60.32 31.16
CA ASP C 162 -3.15 -60.56 31.91
C ASP C 162 -3.09 -61.84 32.72
N LEU C 163 -2.07 -62.67 32.53
CA LEU C 163 -1.92 -63.90 33.29
C LEU C 163 -1.19 -63.71 34.61
N SER C 164 -0.74 -62.49 34.92
CA SER C 164 -0.05 -62.15 36.16
C SER C 164 1.19 -63.02 36.36
N PRO C 165 2.23 -62.82 35.55
CA PRO C 165 3.44 -63.62 35.73
C PRO C 165 4.15 -63.30 37.04
N GLY C 166 4.84 -64.30 37.57
CA GLY C 166 5.57 -64.18 38.81
C GLY C 166 6.97 -63.63 38.61
N CYS C 167 7.70 -63.59 39.72
CA CYS C 167 9.09 -63.11 39.70
C CYS C 167 10.07 -64.25 39.93
N VAL D 22 -2.65 45.98 23.93
CA VAL D 22 -3.62 45.06 24.52
C VAL D 22 -4.05 45.55 25.89
N PRO D 23 -5.33 45.38 26.22
CA PRO D 23 -5.83 45.81 27.52
C PRO D 23 -5.19 45.03 28.66
N ILE D 24 -5.08 45.71 29.81
CA ILE D 24 -4.52 45.07 31.00
C ILE D 24 -5.42 43.93 31.48
N GLN D 25 -6.73 44.09 31.35
CA GLN D 25 -7.65 43.04 31.76
C GLN D 25 -7.44 41.76 30.95
N LYS D 26 -7.22 41.90 29.64
CA LYS D 26 -6.93 40.74 28.82
C LYS D 26 -5.63 40.06 29.24
N VAL D 27 -4.61 40.85 29.58
CA VAL D 27 -3.35 40.28 30.04
C VAL D 27 -3.55 39.51 31.34
N GLN D 28 -4.31 40.09 32.27
CA GLN D 28 -4.57 39.40 33.54
C GLN D 28 -5.37 38.12 33.33
N ASP D 29 -6.37 38.15 32.45
CA ASP D 29 -7.16 36.95 32.18
C ASP D 29 -6.30 35.87 31.55
N ASP D 30 -5.43 36.23 30.61
CA ASP D 30 -4.53 35.27 30.00
C ASP D 30 -3.57 34.69 31.03
N THR D 31 -3.07 35.54 31.94
CA THR D 31 -2.18 35.07 32.99
C THR D 31 -2.90 34.06 33.88
N LYS D 32 -4.14 34.35 34.27
CA LYS D 32 -4.89 33.43 35.11
C LYS D 32 -5.18 32.12 34.38
N THR D 33 -5.50 32.20 33.09
CA THR D 33 -5.74 30.99 32.31
C THR D 33 -4.48 30.14 32.23
N LEU D 34 -3.32 30.76 32.02
CA LEU D 34 -2.06 30.03 32.00
C LEU D 34 -1.76 29.41 33.36
N ILE D 35 -2.08 30.13 34.43
CA ILE D 35 -1.89 29.61 35.78
C ILE D 35 -2.70 28.34 35.98
N LYS D 36 -3.98 28.39 35.62
CA LYS D 36 -4.85 27.23 35.78
C LYS D 36 -4.41 26.08 34.89
N THR D 37 -3.96 26.38 33.67
CA THR D 37 -3.48 25.34 32.78
C THR D 37 -2.23 24.66 33.34
N ILE D 38 -1.31 25.44 33.92
CA ILE D 38 -0.11 24.86 34.51
C ILE D 38 -0.49 23.99 35.71
N VAL D 39 -1.43 24.46 36.53
CA VAL D 39 -1.87 23.68 37.68
C VAL D 39 -2.47 22.35 37.22
N THR D 40 -3.33 22.39 36.20
CA THR D 40 -3.94 21.17 35.67
C THR D 40 -2.89 20.23 35.11
N ARG D 41 -1.91 20.78 34.37
CA ARG D 41 -0.86 19.94 33.80
C ARG D 41 -0.03 19.27 34.89
N ILE D 42 0.28 20.01 35.97
CA ILE D 42 1.01 19.43 37.08
C ILE D 42 0.18 18.33 37.74
N ASN D 43 -1.12 18.56 37.91
CA ASN D 43 -1.98 17.58 38.55
C ASN D 43 -2.10 16.28 37.75
N ASP D 44 -1.77 16.30 36.45
CA ASP D 44 -1.89 15.11 35.63
C ASP D 44 -0.71 14.16 35.81
N ILE D 45 0.36 14.60 36.49
CA ILE D 45 1.52 13.74 36.67
C ILE D 45 1.21 12.65 37.69
N SER D 46 1.53 11.41 37.31
CA SER D 46 1.24 10.27 38.19
C SER D 46 2.09 10.32 39.46
N HIS D 47 3.27 10.94 39.41
CA HIS D 47 4.11 11.04 40.59
C HIS D 47 3.44 11.88 41.68
N THR D 48 2.80 12.98 41.28
CA THR D 48 2.17 13.89 42.24
C THR D 48 0.67 13.57 42.35
N GLN D 49 0.39 12.54 43.15
CA GLN D 49 -0.99 12.17 43.45
C GLN D 49 -1.43 12.70 44.80
N SER D 50 -0.66 12.41 45.86
CA SER D 50 -0.94 12.94 47.20
C SER D 50 0.43 13.19 47.86
N VAL D 51 0.92 14.41 47.71
CA VAL D 51 2.25 14.78 48.18
C VAL D 51 2.24 15.99 49.11
N SER D 52 1.10 16.68 49.23
CA SER D 52 0.99 17.95 49.95
C SER D 52 1.82 19.01 49.25
N SER D 53 1.98 20.18 49.86
CA SER D 53 2.64 21.28 49.18
C SER D 53 3.69 22.01 50.01
N LYS D 54 3.93 21.61 51.26
CA LYS D 54 4.91 22.30 52.10
C LYS D 54 6.12 21.42 52.41
N GLN D 55 5.92 20.27 53.05
CA GLN D 55 6.99 19.34 53.41
C GLN D 55 8.03 19.98 54.32
N LYS D 56 8.95 19.19 54.84
CA LYS D 56 10.08 19.70 55.61
C LYS D 56 11.35 18.92 55.26
N VAL D 57 11.58 18.70 53.97
CA VAL D 57 12.77 17.99 53.52
C VAL D 57 14.00 18.81 53.86
N THR D 58 14.85 18.29 54.75
CA THR D 58 16.03 19.02 55.19
C THR D 58 17.04 19.19 54.06
N GLY D 59 17.19 18.17 53.20
CA GLY D 59 18.15 18.25 52.11
C GLY D 59 17.73 19.09 50.94
N LEU D 60 16.47 19.53 50.90
CA LEU D 60 15.94 20.36 49.82
C LEU D 60 15.49 21.68 50.42
N ASP D 61 16.40 22.65 50.46
CA ASP D 61 16.10 23.97 51.00
C ASP D 61 16.24 25.10 49.99
N PHE D 62 16.97 24.89 48.89
CA PHE D 62 17.10 25.93 47.88
C PHE D 62 15.82 26.05 47.05
N ILE D 63 14.97 25.04 47.08
CA ILE D 63 13.72 25.07 46.32
C ILE D 63 12.79 26.11 46.92
N PRO D 64 12.26 27.05 46.14
CA PRO D 64 11.39 28.09 46.70
C PRO D 64 10.08 27.50 47.23
N GLY D 65 9.54 28.18 48.24
CA GLY D 65 8.31 27.74 48.88
C GLY D 65 8.26 28.16 50.33
N LEU D 66 7.44 27.47 51.14
CA LEU D 66 7.32 27.74 52.56
C LEU D 66 6.90 29.19 52.80
N HIS D 67 7.88 30.07 53.03
CA HIS D 67 7.58 31.47 53.28
C HIS D 67 6.88 32.09 52.06
N PRO D 68 5.93 32.98 52.28
CA PRO D 68 5.17 33.56 51.18
C PRO D 68 5.97 34.63 50.44
N ILE D 69 5.44 35.03 49.29
CA ILE D 69 6.06 36.03 48.43
C ILE D 69 5.14 37.25 48.38
N LEU D 70 5.73 38.43 48.57
CA LEU D 70 4.98 39.68 48.59
C LEU D 70 5.42 40.71 47.57
N THR D 71 6.55 40.51 46.89
CA THR D 71 7.08 41.48 45.95
C THR D 71 7.32 40.82 44.60
N LEU D 72 7.30 41.65 43.54
CA LEU D 72 7.50 41.15 42.19
C LEU D 72 8.93 40.68 41.94
N SER D 73 9.91 41.31 42.58
CA SER D 73 11.30 40.90 42.38
C SER D 73 11.55 39.51 42.95
N LYS D 74 11.11 39.27 44.18
CA LYS D 74 11.21 37.93 44.76
C LYS D 74 10.42 36.91 43.96
N MET D 75 9.29 37.34 43.38
CA MET D 75 8.45 36.41 42.64
C MET D 75 9.12 35.99 41.33
N ASP D 76 9.74 36.96 40.64
CA ASP D 76 10.52 36.65 39.45
C ASP D 76 11.74 35.79 39.80
N GLN D 77 12.35 36.05 40.95
CA GLN D 77 13.46 35.22 41.40
C GLN D 77 13.01 33.77 41.61
N THR D 78 11.84 33.59 42.23
CA THR D 78 11.29 32.26 42.43
C THR D 78 10.99 31.59 41.10
N LEU D 79 10.43 32.33 40.14
CA LEU D 79 10.15 31.76 38.83
C LEU D 79 11.44 31.33 38.13
N ALA D 80 12.48 32.15 38.20
CA ALA D 80 13.76 31.80 37.58
C ALA D 80 14.39 30.59 38.25
N VAL D 81 14.30 30.50 39.58
CA VAL D 81 14.85 29.35 40.28
C VAL D 81 14.10 28.08 39.89
N TYR D 82 12.77 28.17 39.78
CA TYR D 82 11.99 27.02 39.34
C TYR D 82 12.35 26.61 37.92
N GLN D 83 12.56 27.59 37.04
CA GLN D 83 12.95 27.28 35.65
C GLN D 83 14.30 26.57 35.62
N GLN D 84 15.26 27.05 36.42
CA GLN D 84 16.56 26.41 36.47
C GLN D 84 16.47 25.00 37.08
N ILE D 85 15.59 24.81 38.06
CA ILE D 85 15.38 23.49 38.64
C ILE D 85 14.85 22.54 37.57
N LEU D 86 13.87 22.99 36.79
CA LEU D 86 13.26 22.14 35.78
C LEU D 86 14.14 21.95 34.56
N THR D 87 15.13 22.83 34.35
CA THR D 87 16.00 22.70 33.20
C THR D 87 16.82 21.41 33.24
N SER D 88 17.06 20.87 34.44
CA SER D 88 17.88 19.67 34.61
C SER D 88 17.09 18.37 34.43
N MET D 89 15.95 18.44 33.73
CA MET D 89 15.12 17.26 33.52
C MET D 89 14.78 17.16 32.03
N PRO D 90 14.89 15.96 31.45
CA PRO D 90 14.63 15.80 30.00
C PRO D 90 13.21 15.38 29.63
N SER D 91 12.28 15.33 30.58
CA SER D 91 10.93 14.90 30.27
C SER D 91 10.22 15.94 29.41
N ARG D 92 9.36 15.45 28.51
CA ARG D 92 8.60 16.33 27.63
C ARG D 92 7.65 17.22 28.43
N ASN D 93 7.00 16.66 29.45
CA ASN D 93 6.10 17.44 30.29
C ASN D 93 6.87 18.53 31.02
N VAL D 94 8.08 18.22 31.49
CA VAL D 94 8.90 19.23 32.15
C VAL D 94 9.27 20.34 31.19
N ILE D 95 9.57 19.99 29.93
CA ILE D 95 9.91 21.01 28.93
C ILE D 95 8.71 21.90 28.67
N GLN D 96 7.52 21.31 28.55
CA GLN D 96 6.31 22.10 28.33
C GLN D 96 6.03 23.02 29.51
N ILE D 97 6.23 22.51 30.73
CA ILE D 97 6.01 23.34 31.92
C ILE D 97 7.02 24.48 31.96
N SER D 98 8.27 24.22 31.56
CA SER D 98 9.27 25.28 31.51
C SER D 98 8.91 26.34 30.48
N ASN D 99 8.40 25.93 29.32
CA ASN D 99 7.96 26.90 28.33
C ASN D 99 6.80 27.74 28.85
N ASP D 100 5.84 27.09 29.52
CA ASP D 100 4.74 27.83 30.12
C ASP D 100 5.22 28.79 31.20
N LEU D 101 6.22 28.38 31.98
CA LEU D 101 6.79 29.26 32.99
C LEU D 101 7.49 30.46 32.35
N GLU D 102 8.18 30.24 31.23
CA GLU D 102 8.79 31.36 30.51
C GLU D 102 7.73 32.34 30.01
N ASN D 103 6.63 31.81 29.47
CA ASN D 103 5.53 32.67 29.03
C ASN D 103 4.94 33.44 30.20
N LEU D 104 4.77 32.77 31.34
CA LEU D 104 4.26 33.44 32.53
C LEU D 104 5.21 34.53 33.01
N ARG D 105 6.52 34.28 32.94
CA ARG D 105 7.50 35.29 33.31
C ARG D 105 7.42 36.49 32.39
N ASP D 106 7.25 36.26 31.08
CA ASP D 106 7.10 37.38 30.15
C ASP D 106 5.83 38.17 30.45
N LEU D 107 4.73 37.48 30.75
CA LEU D 107 3.49 38.17 31.10
C LEU D 107 3.65 38.97 32.37
N LEU D 108 4.34 38.41 33.37
CA LEU D 108 4.56 39.12 34.62
C LEU D 108 5.43 40.36 34.41
N HIS D 109 6.44 40.24 33.54
CA HIS D 109 7.29 41.39 33.23
C HIS D 109 6.47 42.49 32.55
N VAL D 110 5.59 42.10 31.62
CA VAL D 110 4.74 43.09 30.95
C VAL D 110 3.81 43.75 31.96
N LEU D 111 3.23 42.97 32.86
CA LEU D 111 2.34 43.53 33.87
C LEU D 111 3.08 44.49 34.79
N ALA D 112 4.30 44.12 35.19
CA ALA D 112 5.08 45.01 36.05
C ALA D 112 5.44 46.30 35.33
N PHE D 113 5.79 46.22 34.04
CA PHE D 113 6.06 47.43 33.27
C PHE D 113 4.81 48.28 33.11
N SER D 114 3.64 47.65 33.07
CA SER D 114 2.39 48.40 32.92
C SER D 114 2.09 49.29 34.13
N LYS D 115 2.67 48.98 35.29
CA LYS D 115 2.44 49.75 36.51
C LYS D 115 3.58 50.73 36.78
N SER D 116 4.47 50.94 35.81
CA SER D 116 5.59 51.88 35.92
C SER D 116 6.53 51.48 37.05
N CYS D 117 6.75 50.18 37.22
CA CYS D 117 7.73 49.65 38.16
C CYS D 117 8.67 48.73 37.38
N HIS D 118 9.85 49.24 37.03
CA HIS D 118 10.79 48.48 36.23
C HIS D 118 11.34 47.30 37.02
N LEU D 119 11.32 46.12 36.41
CA LEU D 119 11.84 44.91 37.03
C LEU D 119 13.01 44.40 36.20
N PRO D 120 14.25 44.56 36.67
CA PRO D 120 15.40 44.06 35.89
C PRO D 120 15.42 42.54 35.84
N TRP D 121 15.96 42.01 34.74
CA TRP D 121 16.03 40.57 34.55
C TRP D 121 17.11 39.98 35.46
N ALA D 122 16.71 39.12 36.40
CA ALA D 122 17.62 38.50 37.35
C ALA D 122 17.64 37.00 37.12
N SER D 123 18.85 36.43 37.04
CA SER D 123 19.00 35.00 36.83
C SER D 123 18.78 34.24 38.14
N GLY D 124 19.05 32.94 38.10
CA GLY D 124 18.87 32.10 39.28
C GLY D 124 20.04 32.14 40.24
N LEU D 125 20.02 31.25 41.23
CA LEU D 125 21.09 31.20 42.22
C LEU D 125 22.40 30.72 41.60
N GLU D 126 23.50 31.36 42.02
CA GLU D 126 24.80 31.05 41.45
C GLU D 126 25.46 29.83 42.08
N THR D 127 25.06 29.46 43.29
CA THR D 127 25.68 28.35 44.02
C THR D 127 24.83 27.10 44.01
N LEU D 128 24.17 26.81 42.89
CA LEU D 128 23.31 25.64 42.76
C LEU D 128 24.08 24.38 42.35
N ASP D 129 25.41 24.40 42.42
CA ASP D 129 26.20 23.26 42.00
C ASP D 129 25.87 22.01 42.80
N SER D 130 25.76 22.12 44.12
CA SER D 130 25.39 20.98 44.96
C SER D 130 24.06 20.38 44.53
N LEU D 131 23.19 21.18 43.89
CA LEU D 131 21.96 20.65 43.33
C LEU D 131 22.22 19.40 42.51
N GLY D 132 23.21 19.44 41.62
CA GLY D 132 23.56 18.28 40.84
C GLY D 132 23.85 17.09 41.73
N GLY D 133 24.71 17.30 42.72
CA GLY D 133 24.97 16.25 43.68
C GLY D 133 23.70 15.78 44.37
N VAL D 134 22.84 16.72 44.76
CA VAL D 134 21.56 16.36 45.37
C VAL D 134 20.81 15.40 44.45
N LEU D 135 20.80 15.70 43.15
CA LEU D 135 20.15 14.82 42.19
C LEU D 135 20.71 13.41 42.30
N GLU D 136 22.04 13.26 42.22
CA GLU D 136 22.62 11.92 42.20
C GLU D 136 22.40 11.22 43.54
N ALA D 137 21.96 11.96 44.56
CA ALA D 137 21.53 11.33 45.80
C ALA D 137 20.05 11.02 45.78
N SER D 138 19.20 11.96 45.38
CA SER D 138 17.76 11.82 45.57
C SER D 138 16.99 12.35 44.36
N GLY D 139 17.46 11.99 43.16
CA GLY D 139 16.85 12.42 41.92
C GLY D 139 15.33 12.36 41.92
N TYR D 140 14.78 11.16 42.15
CA TYR D 140 13.35 11.00 42.32
C TYR D 140 12.77 12.07 43.23
N SER D 141 13.24 12.11 44.48
CA SER D 141 12.76 13.13 45.42
C SER D 141 13.01 14.53 44.86
N THR D 142 14.20 14.75 44.31
CA THR D 142 14.55 16.06 43.77
C THR D 142 13.51 16.53 42.75
N GLU D 143 12.88 15.58 42.07
CA GLU D 143 11.74 15.92 41.23
C GLU D 143 10.48 16.12 42.07
N VAL D 144 10.05 15.05 42.76
CA VAL D 144 8.67 14.94 43.22
C VAL D 144 8.29 16.14 44.08
N VAL D 145 8.96 16.31 45.22
CA VAL D 145 8.64 17.41 46.12
C VAL D 145 8.72 18.73 45.38
N ALA D 146 9.77 18.92 44.59
CA ALA D 146 9.91 20.16 43.83
C ALA D 146 8.67 20.42 43.00
N LEU D 147 8.24 19.43 42.22
CA LEU D 147 7.02 19.58 41.44
C LEU D 147 5.86 19.97 42.34
N SER D 148 5.66 19.23 43.43
CA SER D 148 4.61 19.56 44.38
C SER D 148 4.75 20.99 44.85
N ARG D 149 5.96 21.38 45.25
CA ARG D 149 6.18 22.75 45.70
C ARG D 149 5.78 23.73 44.62
N LEU D 150 6.19 23.47 43.37
CA LEU D 150 5.78 24.33 42.27
C LEU D 150 4.27 24.49 42.25
N GLN D 151 3.55 23.36 42.29
CA GLN D 151 2.09 23.41 42.30
C GLN D 151 1.60 24.26 43.45
N GLY D 152 2.17 24.05 44.64
CA GLY D 152 1.79 24.87 45.78
C GLY D 152 1.98 26.34 45.50
N SER D 153 3.15 26.71 45.01
CA SER D 153 3.38 28.10 44.64
C SER D 153 2.36 28.55 43.62
N LEU D 154 2.09 27.70 42.62
CA LEU D 154 1.11 28.05 41.61
C LEU D 154 -0.23 28.39 42.24
N GLN D 155 -0.65 27.61 43.24
CA GLN D 155 -1.90 27.95 43.93
C GLN D 155 -1.83 29.36 44.51
N ASP D 156 -0.78 29.62 45.29
CA ASP D 156 -0.59 30.97 45.82
C ASP D 156 -0.46 31.98 44.69
N MET D 157 0.17 31.55 43.58
CA MET D 157 0.19 32.35 42.36
C MET D 157 -1.18 32.98 42.10
N LEU D 158 -2.20 32.14 41.94
CA LEU D 158 -3.54 32.67 41.67
C LEU D 158 -3.99 33.61 42.79
N TRP D 159 -3.80 33.18 44.03
CA TRP D 159 -4.24 34.02 45.15
C TRP D 159 -3.48 35.34 45.15
N GLN D 160 -2.21 35.32 44.76
CA GLN D 160 -1.42 36.54 44.80
C GLN D 160 -1.90 37.53 43.75
N LEU D 161 -2.63 37.04 42.75
CA LEU D 161 -3.18 37.96 41.76
C LEU D 161 -4.65 38.28 42.03
N ASP D 162 -5.18 37.80 43.16
CA ASP D 162 -6.56 38.12 43.50
C ASP D 162 -6.64 39.20 44.57
N LEU D 163 -5.50 39.78 44.96
CA LEU D 163 -5.45 40.79 46.01
C LEU D 163 -4.78 42.08 45.53
N SER D 164 -4.54 42.21 44.22
CA SER D 164 -3.88 43.37 43.61
C SER D 164 -2.53 43.63 44.26
N PRO D 165 -1.52 42.81 43.98
CA PRO D 165 -0.21 42.98 44.63
C PRO D 165 0.49 44.26 44.16
N GLY D 166 1.34 44.78 45.04
CA GLY D 166 2.14 45.96 44.73
C GLY D 166 3.43 45.61 44.03
N CYS D 167 4.21 46.65 43.75
CA CYS D 167 5.49 46.49 43.08
C CYS D 167 6.56 46.00 44.04
N VAL E 22 -15.03 6.02 -57.50
CA VAL E 22 -14.92 7.36 -56.95
C VAL E 22 -14.67 8.36 -58.08
N PRO E 23 -15.66 9.21 -58.34
CA PRO E 23 -15.54 10.22 -59.40
C PRO E 23 -14.92 11.53 -58.90
N ILE E 24 -14.88 12.49 -59.82
CA ILE E 24 -14.31 13.80 -59.52
C ILE E 24 -15.11 14.50 -58.42
N GLN E 25 -16.43 14.42 -58.49
CA GLN E 25 -17.27 15.14 -57.53
C GLN E 25 -17.03 14.66 -56.10
N LYS E 26 -16.90 13.34 -55.91
CA LYS E 26 -16.63 12.84 -54.56
C LYS E 26 -15.23 13.23 -54.10
N VAL E 27 -14.27 13.30 -55.00
CA VAL E 27 -12.94 13.77 -54.63
C VAL E 27 -12.99 15.21 -54.16
N GLN E 28 -13.76 16.05 -54.86
CA GLN E 28 -13.96 17.42 -54.40
C GLN E 28 -14.64 17.45 -53.04
N ASP E 29 -15.64 16.59 -52.84
CA ASP E 29 -16.36 16.57 -51.57
C ASP E 29 -15.43 16.21 -50.41
N ASP E 30 -14.60 15.18 -50.60
CA ASP E 30 -13.62 14.83 -49.58
C ASP E 30 -12.60 15.95 -49.39
N THR E 31 -12.26 16.69 -50.45
CA THR E 31 -11.36 17.83 -50.30
C THR E 31 -11.97 18.88 -49.38
N LYS E 32 -13.24 19.24 -49.61
CA LYS E 32 -13.90 20.22 -48.74
C LYS E 32 -13.99 19.69 -47.32
N THR E 33 -14.33 18.40 -47.15
CA THR E 33 -14.44 17.84 -45.81
C THR E 33 -13.11 17.90 -45.07
N LEU E 34 -12.03 17.52 -45.75
CA LEU E 34 -10.71 17.57 -45.13
C LEU E 34 -10.31 19.00 -44.78
N ILE E 35 -10.55 19.94 -45.69
CA ILE E 35 -10.20 21.34 -45.43
C ILE E 35 -10.97 21.86 -44.22
N LYS E 36 -12.27 21.56 -44.16
CA LYS E 36 -13.08 22.04 -43.04
C LYS E 36 -12.62 21.41 -41.73
N THR E 37 -12.30 20.11 -41.75
CA THR E 37 -11.93 19.44 -40.50
C THR E 37 -10.56 19.91 -40.01
N ILE E 38 -9.61 20.17 -40.91
CA ILE E 38 -8.33 20.70 -40.44
C ILE E 38 -8.50 22.15 -39.96
N VAL E 39 -9.41 22.89 -40.60
CA VAL E 39 -9.67 24.27 -40.16
C VAL E 39 -10.21 24.27 -38.73
N THR E 40 -11.19 23.41 -38.44
CA THR E 40 -11.75 23.40 -37.09
C THR E 40 -10.78 22.80 -36.09
N ARG E 41 -9.93 21.86 -36.53
CA ARG E 41 -8.90 21.34 -35.64
C ARG E 41 -7.90 22.42 -35.24
N ILE E 42 -7.49 23.25 -36.21
CA ILE E 42 -6.59 24.35 -35.91
C ILE E 42 -7.28 25.39 -35.04
N ASN E 43 -8.57 25.64 -35.29
CA ASN E 43 -9.33 26.58 -34.48
C ASN E 43 -9.44 26.14 -33.03
N ASP E 44 -9.27 24.84 -32.74
CA ASP E 44 -9.30 24.34 -31.39
C ASP E 44 -8.03 24.64 -30.60
N ILE E 45 -6.98 25.12 -31.26
CA ILE E 45 -5.73 25.45 -30.58
C ILE E 45 -5.91 26.72 -29.78
N SER E 46 -5.58 26.65 -28.48
CA SER E 46 -5.73 27.81 -27.61
C SER E 46 -4.72 28.89 -27.95
N HIS E 47 -3.57 28.53 -28.51
CA HIS E 47 -2.54 29.50 -28.85
C HIS E 47 -2.95 30.39 -30.01
N THR E 48 -3.89 29.95 -30.85
CA THR E 48 -4.35 30.70 -32.01
C THR E 48 -5.86 30.90 -31.89
N GLN E 49 -6.26 31.98 -31.21
CA GLN E 49 -7.67 32.32 -31.06
C GLN E 49 -8.09 33.42 -32.02
N SER E 50 -7.46 34.59 -31.95
CA SER E 50 -7.71 35.70 -32.86
C SER E 50 -6.36 36.32 -33.21
N VAL E 51 -5.75 35.83 -34.28
CA VAL E 51 -4.45 36.34 -34.73
C VAL E 51 -4.50 36.93 -36.13
N SER E 52 -5.45 36.52 -36.97
CA SER E 52 -5.58 37.00 -38.34
C SER E 52 -4.33 36.72 -39.17
N SER E 53 -4.29 37.25 -40.39
CA SER E 53 -3.14 37.03 -41.27
C SER E 53 -2.76 38.28 -42.04
N LYS E 54 -2.99 39.47 -41.48
CA LYS E 54 -2.69 40.72 -42.17
C LYS E 54 -1.59 41.50 -41.46
N GLN E 55 -0.81 40.86 -40.60
CA GLN E 55 0.31 41.48 -39.91
C GLN E 55 1.60 40.90 -40.46
N LYS E 56 2.50 41.77 -40.91
CA LYS E 56 3.75 41.33 -41.53
C LYS E 56 4.85 41.21 -40.48
N VAL E 57 5.57 40.09 -40.51
CA VAL E 57 6.68 39.83 -39.61
C VAL E 57 7.98 39.87 -40.40
N THR E 58 8.93 40.66 -39.91
CA THR E 58 10.19 40.84 -40.62
C THR E 58 11.01 39.55 -40.62
N GLY E 59 11.14 38.90 -39.47
CA GLY E 59 11.96 37.70 -39.40
C GLY E 59 11.38 36.54 -40.18
N LEU E 60 10.08 36.31 -40.05
CA LEU E 60 9.42 35.18 -40.72
C LEU E 60 8.81 35.60 -42.05
N ASP E 61 9.63 36.21 -42.91
CA ASP E 61 9.18 36.58 -44.25
C ASP E 61 9.19 35.41 -45.23
N PHE E 62 9.89 34.32 -44.91
CA PHE E 62 9.91 33.15 -45.78
C PHE E 62 8.63 32.33 -45.68
N ILE E 63 7.82 32.56 -44.65
CA ILE E 63 6.56 31.84 -44.50
C ILE E 63 5.61 32.28 -45.61
N PRO E 64 5.08 31.35 -46.41
CA PRO E 64 4.17 31.74 -47.49
C PRO E 64 2.87 32.32 -46.95
N GLY E 65 2.28 33.21 -47.73
CA GLY E 65 1.06 33.88 -47.32
C GLY E 65 0.87 35.16 -48.10
N LEU E 66 0.09 36.06 -47.52
CA LEU E 66 -0.15 37.38 -48.12
C LEU E 66 -0.73 37.23 -49.52
N HIS E 67 0.13 37.27 -50.53
CA HIS E 67 -0.31 37.08 -51.90
C HIS E 67 -0.96 35.72 -52.06
N PRO E 68 -2.08 35.62 -52.79
CA PRO E 68 -2.78 34.33 -52.90
C PRO E 68 -2.03 33.32 -53.78
N ILE E 69 -2.60 32.13 -53.91
CA ILE E 69 -2.01 31.05 -54.68
C ILE E 69 -2.97 30.70 -55.82
N LEU E 70 -2.44 30.64 -57.04
CA LEU E 70 -3.24 30.38 -58.23
C LEU E 70 -2.95 29.03 -58.86
N THR E 71 -1.69 28.75 -59.17
CA THR E 71 -1.33 27.52 -59.85
C THR E 71 -1.14 26.38 -58.86
N LEU E 72 -1.16 25.15 -59.38
CA LEU E 72 -1.05 23.97 -58.55
C LEU E 72 0.38 23.72 -58.08
N SER E 73 1.37 24.10 -58.89
CA SER E 73 2.76 23.96 -58.48
C SER E 73 3.07 24.80 -57.26
N LYS E 74 2.55 26.03 -57.22
CA LYS E 74 2.68 26.86 -56.02
C LYS E 74 2.02 26.18 -54.83
N MET E 75 0.89 25.51 -55.05
CA MET E 75 0.25 24.76 -53.97
C MET E 75 1.18 23.66 -53.45
N ASP E 76 1.83 22.94 -54.36
CA ASP E 76 2.74 21.87 -53.94
C ASP E 76 3.91 22.43 -53.15
N GLN E 77 4.50 23.53 -53.63
CA GLN E 77 5.61 24.14 -52.92
C GLN E 77 5.19 24.63 -51.54
N THR E 78 4.01 25.27 -51.45
CA THR E 78 3.51 25.75 -50.17
C THR E 78 3.27 24.60 -49.20
N LEU E 79 2.66 23.52 -49.68
CA LEU E 79 2.39 22.38 -48.81
C LEU E 79 3.68 21.72 -48.34
N ALA E 80 4.67 21.60 -49.24
CA ALA E 80 5.95 21.00 -48.84
C ALA E 80 6.66 21.85 -47.80
N VAL E 81 6.73 23.17 -48.03
CA VAL E 81 7.43 24.03 -47.07
C VAL E 81 6.66 24.08 -45.74
N TYR E 82 5.33 23.96 -45.80
CA TYR E 82 4.56 23.94 -44.56
C TYR E 82 4.77 22.63 -43.79
N GLN E 83 4.93 21.51 -44.51
CA GLN E 83 5.30 20.26 -43.87
C GLN E 83 6.66 20.38 -43.20
N GLN E 84 7.62 20.99 -43.90
CA GLN E 84 8.94 21.19 -43.30
C GLN E 84 8.87 22.08 -42.07
N ILE E 85 8.03 23.12 -42.12
CA ILE E 85 7.85 24.00 -40.97
C ILE E 85 7.24 23.24 -39.79
N LEU E 86 6.21 22.45 -40.04
CA LEU E 86 5.50 21.74 -38.98
C LEU E 86 6.27 20.56 -38.43
N THR E 87 7.26 20.03 -39.16
CA THR E 87 8.03 18.91 -38.64
C THR E 87 8.96 19.35 -37.51
N SER E 88 9.07 20.65 -37.25
CA SER E 88 10.01 21.18 -36.27
C SER E 88 9.45 21.22 -34.86
N MET E 89 8.17 20.85 -34.67
CA MET E 89 7.56 20.85 -33.35
C MET E 89 7.17 19.43 -32.96
N PRO E 90 7.35 19.08 -31.69
CA PRO E 90 7.04 17.72 -31.23
C PRO E 90 5.65 17.53 -30.62
N SER E 91 4.77 18.53 -30.67
CA SER E 91 3.44 18.39 -30.09
C SER E 91 2.64 17.34 -30.85
N ARG E 92 1.83 16.59 -30.10
CA ARG E 92 1.02 15.53 -30.72
C ARG E 92 0.02 16.13 -31.72
N ASN E 93 -0.58 17.27 -31.36
CA ASN E 93 -1.45 17.94 -32.31
C ASN E 93 -0.68 18.32 -33.57
N VAL E 94 0.54 18.84 -33.41
CA VAL E 94 1.30 19.35 -34.55
C VAL E 94 1.59 18.24 -35.55
N ILE E 95 2.05 17.09 -35.06
CA ILE E 95 2.28 15.96 -35.95
C ILE E 95 0.95 15.46 -36.52
N GLN E 96 -0.14 15.66 -35.80
CA GLN E 96 -1.45 15.30 -36.35
C GLN E 96 -1.78 16.14 -37.58
N ILE E 97 -1.62 17.46 -37.50
CA ILE E 97 -1.88 18.27 -38.70
C ILE E 97 -0.83 17.98 -39.76
N SER E 98 0.39 17.61 -39.36
CA SER E 98 1.39 17.26 -40.37
C SER E 98 0.95 16.05 -41.18
N ASN E 99 0.44 15.02 -40.50
CA ASN E 99 -0.05 13.84 -41.21
C ASN E 99 -1.29 14.16 -42.03
N ASP E 100 -2.16 15.03 -41.51
CA ASP E 100 -3.32 15.46 -42.28
C ASP E 100 -2.89 16.18 -43.56
N LEU E 101 -1.87 17.04 -43.46
CA LEU E 101 -1.33 17.71 -44.63
C LEU E 101 -0.71 16.74 -45.61
N GLU E 102 -0.02 15.70 -45.12
CA GLU E 102 0.53 14.69 -46.02
C GLU E 102 -0.59 13.98 -46.80
N ASN E 103 -1.65 13.58 -46.09
CA ASN E 103 -2.77 12.92 -46.76
C ASN E 103 -3.43 13.87 -47.76
N LEU E 104 -3.61 15.13 -47.37
CA LEU E 104 -4.23 16.11 -48.26
C LEU E 104 -3.36 16.34 -49.49
N ARG E 105 -2.04 16.35 -49.30
CA ARG E 105 -1.11 16.48 -50.41
C ARG E 105 -1.26 15.32 -51.38
N ASP E 106 -1.35 14.10 -50.86
CA ASP E 106 -1.63 12.95 -51.74
C ASP E 106 -2.94 13.16 -52.48
N LEU E 107 -3.94 13.73 -51.80
CA LEU E 107 -5.22 13.98 -52.44
C LEU E 107 -5.07 14.93 -53.62
N LEU E 108 -4.37 16.05 -53.44
CA LEU E 108 -4.26 16.99 -54.56
C LEU E 108 -3.33 16.45 -55.63
N HIS E 109 -2.39 15.59 -55.26
CA HIS E 109 -1.56 14.94 -56.27
C HIS E 109 -2.41 14.05 -57.17
N VAL E 110 -3.31 13.27 -56.57
CA VAL E 110 -4.26 12.48 -57.36
C VAL E 110 -5.14 13.39 -58.20
N LEU E 111 -5.60 14.49 -57.61
CA LEU E 111 -6.47 15.42 -58.34
C LEU E 111 -5.76 16.00 -59.57
N ALA E 112 -4.50 16.39 -59.41
CA ALA E 112 -3.75 16.93 -60.54
C ALA E 112 -3.46 15.86 -61.58
N PHE E 113 -3.19 14.63 -61.14
CA PHE E 113 -2.92 13.56 -62.09
C PHE E 113 -4.17 13.16 -62.86
N SER E 114 -5.36 13.38 -62.28
CA SER E 114 -6.59 13.04 -62.98
C SER E 114 -6.78 13.88 -64.24
N LYS E 115 -6.44 15.17 -64.16
CA LYS E 115 -6.60 16.08 -65.30
C LYS E 115 -5.34 16.14 -66.16
N SER E 116 -4.47 15.12 -66.05
CA SER E 116 -3.25 14.99 -66.85
C SER E 116 -2.30 16.16 -66.60
N CYS E 117 -1.85 16.26 -65.35
CA CYS E 117 -0.80 17.19 -64.95
C CYS E 117 0.23 16.43 -64.12
N HIS E 118 1.37 16.13 -64.73
CA HIS E 118 2.45 15.44 -64.02
C HIS E 118 3.18 16.40 -63.09
N LEU E 119 2.60 16.66 -61.93
CA LEU E 119 3.18 17.61 -60.98
C LEU E 119 4.47 17.04 -60.40
N PRO E 120 5.60 17.73 -60.53
CA PRO E 120 6.85 17.23 -59.92
C PRO E 120 6.78 17.30 -58.40
N TRP E 121 7.30 16.26 -57.76
CA TRP E 121 7.33 16.20 -56.29
C TRP E 121 8.51 17.00 -55.78
N ALA E 122 8.29 18.29 -55.55
CA ALA E 122 9.34 19.19 -55.09
C ALA E 122 9.79 18.81 -53.69
N SER E 123 11.10 18.83 -53.46
CA SER E 123 11.65 18.50 -52.17
C SER E 123 11.70 19.73 -51.27
N GLY E 124 12.28 19.55 -50.08
CA GLY E 124 12.39 20.63 -49.12
C GLY E 124 13.23 21.79 -49.61
N LEU E 125 12.70 23.00 -49.47
CA LEU E 125 13.44 24.19 -49.87
C LEU E 125 14.62 24.43 -48.94
N GLU E 126 15.73 24.87 -49.52
CA GLU E 126 16.96 25.10 -48.77
C GLU E 126 17.01 26.47 -48.11
N THR E 127 16.00 27.31 -48.30
CA THR E 127 15.96 28.64 -47.71
C THR E 127 15.49 28.63 -46.25
N LEU E 128 15.44 27.48 -45.59
CA LEU E 128 14.98 27.37 -44.21
C LEU E 128 16.14 27.30 -43.21
N ASP E 129 17.36 27.60 -43.65
CA ASP E 129 18.51 27.55 -42.74
C ASP E 129 18.32 28.54 -41.59
N SER E 130 17.83 29.73 -41.88
CA SER E 130 17.55 30.72 -40.84
C SER E 130 16.54 30.21 -39.82
N LEU E 131 15.73 29.21 -40.19
CA LEU E 131 14.85 28.58 -39.22
C LEU E 131 15.64 28.12 -38.00
N GLY E 132 16.78 27.47 -38.23
CA GLY E 132 17.58 26.97 -37.12
C GLY E 132 18.01 28.07 -36.17
N GLY E 133 17.99 29.31 -36.64
CA GLY E 133 18.17 30.44 -35.73
C GLY E 133 16.85 30.98 -35.23
N VAL E 134 15.90 31.24 -36.15
CA VAL E 134 14.72 32.00 -35.77
C VAL E 134 13.92 31.28 -34.69
N LEU E 135 13.83 29.95 -34.77
CA LEU E 135 13.23 29.18 -33.68
C LEU E 135 13.88 29.54 -32.35
N GLU E 136 15.19 29.28 -32.24
CA GLU E 136 15.87 29.61 -30.99
C GLU E 136 15.94 31.11 -30.76
N ALA E 137 15.61 31.92 -31.77
CA ALA E 137 15.35 33.33 -31.52
C ALA E 137 14.05 33.50 -30.75
N SER E 138 12.92 33.06 -31.34
CA SER E 138 11.62 33.11 -30.66
C SER E 138 10.75 31.98 -31.21
N GLY E 139 10.81 30.81 -30.56
CA GLY E 139 10.03 29.68 -31.02
C GLY E 139 8.54 29.95 -31.00
N TYR E 140 8.05 30.52 -29.90
CA TYR E 140 6.65 30.91 -29.82
C TYR E 140 6.24 31.76 -31.01
N SER E 141 7.14 32.64 -31.47
CA SER E 141 6.83 33.47 -32.63
C SER E 141 6.41 32.60 -33.80
N THR E 142 7.22 31.60 -34.15
CA THR E 142 6.82 30.68 -35.21
C THR E 142 5.51 30.01 -34.86
N GLU E 143 5.39 29.53 -33.62
CA GLU E 143 4.18 28.84 -33.20
C GLU E 143 2.98 29.76 -33.21
N VAL E 144 3.19 31.08 -33.22
CA VAL E 144 2.05 31.99 -33.20
C VAL E 144 1.84 32.59 -34.58
N VAL E 145 2.67 32.23 -35.56
CA VAL E 145 2.53 32.84 -36.88
C VAL E 145 2.11 31.81 -37.91
N ALA E 146 2.97 30.81 -38.18
CA ALA E 146 2.76 29.94 -39.33
C ALA E 146 1.41 29.25 -39.27
N LEU E 147 1.10 28.60 -38.15
CA LEU E 147 -0.18 27.92 -37.99
C LEU E 147 -1.33 28.87 -38.31
N SER E 148 -1.29 30.09 -37.77
CA SER E 148 -2.34 31.06 -38.09
C SER E 148 -2.44 31.27 -39.60
N ARG E 149 -1.32 31.57 -40.25
CA ARG E 149 -1.32 31.72 -41.69
C ARG E 149 -1.89 30.49 -42.37
N LEU E 150 -1.55 29.30 -41.85
CA LEU E 150 -2.15 28.07 -42.36
C LEU E 150 -3.64 28.24 -42.58
N GLN E 151 -4.38 28.54 -41.50
CA GLN E 151 -5.81 28.75 -41.61
C GLN E 151 -6.14 29.66 -42.77
N GLY E 152 -5.58 30.88 -42.75
CA GLY E 152 -5.91 31.82 -43.80
C GLY E 152 -5.60 31.29 -45.18
N SER E 153 -4.39 30.73 -45.35
CA SER E 153 -4.04 30.19 -46.65
C SER E 153 -5.02 29.11 -47.06
N LEU E 154 -5.33 28.19 -46.15
CA LEU E 154 -6.29 27.15 -46.48
C LEU E 154 -7.63 27.74 -46.85
N GLN E 155 -8.07 28.77 -46.10
CA GLN E 155 -9.30 29.47 -46.48
C GLN E 155 -9.20 29.95 -47.91
N ASP E 156 -8.13 30.68 -48.24
CA ASP E 156 -7.92 31.10 -49.61
C ASP E 156 -7.91 29.89 -50.54
N MET E 157 -7.20 28.84 -50.14
CA MET E 157 -7.18 27.62 -50.93
C MET E 157 -8.60 27.14 -51.21
N LEU E 158 -9.42 27.07 -50.16
CA LEU E 158 -10.80 26.65 -50.36
C LEU E 158 -11.52 27.61 -51.30
N TRP E 159 -11.31 28.92 -51.08
CA TRP E 159 -11.98 29.91 -51.91
C TRP E 159 -11.54 29.78 -53.37
N GLN E 160 -10.36 29.21 -53.60
CA GLN E 160 -9.93 28.99 -54.97
C GLN E 160 -10.39 27.62 -55.47
N LEU E 161 -10.46 26.63 -54.58
CA LEU E 161 -10.79 25.28 -55.00
C LEU E 161 -12.24 25.17 -55.46
N ASP E 162 -13.11 26.06 -54.96
CA ASP E 162 -14.48 26.09 -55.45
C ASP E 162 -14.53 26.57 -56.90
N LEU E 163 -13.54 27.36 -57.33
CA LEU E 163 -13.52 27.87 -58.70
C LEU E 163 -12.87 26.90 -59.68
N SER E 164 -12.25 25.83 -59.20
CA SER E 164 -11.61 24.80 -60.01
C SER E 164 -10.62 25.40 -61.00
N PRO E 165 -9.48 25.91 -60.55
CA PRO E 165 -8.50 26.48 -61.47
C PRO E 165 -7.73 25.39 -62.22
N GLY E 166 -7.13 25.81 -63.33
CA GLY E 166 -6.27 24.92 -64.10
C GLY E 166 -4.85 24.88 -63.54
N CYS E 167 -4.02 24.07 -64.20
CA CYS E 167 -2.63 23.93 -63.80
C CYS E 167 -1.83 25.18 -64.15
N ASN F 3 56.77 -33.03 -65.52
CA ASN F 3 56.98 -34.30 -64.86
C ASN F 3 57.17 -34.11 -63.36
N LEU F 4 58.14 -34.86 -62.79
CA LEU F 4 58.45 -34.81 -61.37
C LEU F 4 57.21 -35.09 -60.51
N SER F 5 56.42 -36.07 -60.94
CA SER F 5 55.20 -36.46 -60.24
C SER F 5 55.09 -37.97 -60.26
N TYR F 6 54.99 -38.58 -59.08
CA TYR F 6 54.85 -40.02 -58.95
C TYR F 6 53.55 -40.33 -58.21
N PRO F 7 52.60 -41.00 -58.84
CA PRO F 7 51.34 -41.32 -58.15
C PRO F 7 51.56 -42.30 -57.01
N ILE F 8 50.73 -42.17 -55.98
CA ILE F 8 50.80 -43.03 -54.80
C ILE F 8 49.94 -44.25 -55.11
N THR F 9 50.56 -45.27 -55.68
CA THR F 9 49.88 -46.51 -56.05
C THR F 9 50.60 -47.68 -55.39
N PRO F 10 49.98 -48.36 -54.41
CA PRO F 10 48.65 -48.10 -53.84
C PRO F 10 48.70 -47.18 -52.63
N TRP F 11 47.60 -47.07 -51.89
CA TRP F 11 47.58 -46.22 -50.70
C TRP F 11 48.39 -46.81 -49.56
N ARG F 12 48.67 -48.12 -49.59
CA ARG F 12 49.42 -48.79 -48.54
C ARG F 12 50.83 -49.08 -49.02
N PHE F 13 51.82 -48.69 -48.22
CA PHE F 13 53.22 -48.92 -48.55
C PHE F 13 53.99 -49.22 -47.28
N LYS F 14 55.08 -49.96 -47.43
CA LYS F 14 55.95 -50.33 -46.31
C LYS F 14 57.36 -49.83 -46.59
N LEU F 15 58.00 -49.29 -45.56
CA LEU F 15 59.35 -48.74 -45.65
C LEU F 15 60.31 -49.65 -44.89
N SER F 16 61.33 -50.14 -45.59
CA SER F 16 62.35 -50.99 -44.99
C SER F 16 63.72 -50.39 -45.28
N CYS F 17 64.54 -50.27 -44.24
CA CYS F 17 65.87 -49.69 -44.33
C CYS F 17 66.91 -50.78 -44.12
N MET F 18 67.87 -50.87 -45.04
CA MET F 18 68.94 -51.85 -44.97
C MET F 18 70.28 -51.19 -45.22
N PRO F 19 71.37 -51.73 -44.66
CA PRO F 19 72.68 -51.15 -44.91
C PRO F 19 73.07 -51.30 -46.37
N PRO F 20 73.82 -50.34 -46.93
CA PRO F 20 74.26 -50.39 -48.33
C PRO F 20 75.46 -51.31 -48.53
N LEU F 62 76.57 -41.41 -32.15
CA LEU F 62 75.41 -42.22 -31.80
C LEU F 62 74.12 -41.42 -31.94
N SER F 63 74.08 -40.25 -31.32
CA SER F 63 72.89 -39.40 -31.38
C SER F 63 72.69 -38.81 -32.77
N LYS F 64 73.73 -38.77 -33.59
CA LYS F 64 73.65 -38.23 -34.95
C LYS F 64 73.59 -39.33 -36.01
N THR F 65 73.08 -40.51 -35.66
CA THR F 65 73.02 -41.63 -36.58
C THR F 65 71.72 -41.58 -37.37
N THR F 66 71.83 -41.20 -38.65
CA THR F 66 70.69 -41.13 -39.55
C THR F 66 70.88 -42.15 -40.66
N PHE F 67 69.85 -42.95 -40.90
CA PHE F 67 69.89 -44.02 -41.90
C PHE F 67 68.99 -43.62 -43.07
N HIS F 68 69.56 -43.62 -44.28
CA HIS F 68 68.80 -43.31 -45.48
C HIS F 68 67.93 -44.51 -45.86
N CYS F 69 66.66 -44.24 -46.15
CA CYS F 69 65.71 -45.28 -46.51
C CYS F 69 65.06 -44.95 -47.85
N CYS F 70 64.78 -45.98 -48.63
CA CYS F 70 64.16 -45.84 -49.94
C CYS F 70 62.95 -46.76 -50.04
N PHE F 71 61.92 -46.28 -50.73
CA PHE F 71 60.73 -47.09 -50.94
C PHE F 71 61.04 -48.25 -51.87
N ARG F 72 60.48 -49.41 -51.55
CA ARG F 72 60.69 -50.64 -52.32
C ARG F 72 59.38 -50.95 -53.05
N SER F 73 59.24 -50.39 -54.24
CA SER F 73 58.07 -50.62 -55.08
C SER F 73 58.36 -51.69 -56.12
N GLU F 74 57.29 -52.15 -56.78
CA GLU F 74 57.41 -53.22 -57.76
C GLU F 74 57.85 -52.73 -59.14
N GLN F 75 57.86 -51.42 -59.37
CA GLN F 75 58.19 -50.91 -60.70
C GLN F 75 59.27 -49.84 -60.65
N ASP F 76 59.34 -49.08 -59.55
CA ASP F 76 60.27 -47.97 -59.43
C ASP F 76 60.95 -47.98 -58.08
N ARG F 77 62.14 -47.39 -58.03
CA ARG F 77 62.92 -47.23 -56.79
C ARG F 77 63.40 -45.79 -56.74
N ASN F 78 62.73 -44.97 -55.93
CA ASN F 78 63.03 -43.55 -55.83
C ASN F 78 63.76 -43.27 -54.52
N CYS F 79 64.88 -42.56 -54.62
CA CYS F 79 65.68 -42.17 -53.46
C CYS F 79 65.94 -40.67 -53.54
N SER F 80 65.16 -39.89 -52.80
CA SER F 80 65.30 -38.44 -52.75
C SER F 80 65.80 -38.05 -51.37
N LEU F 81 66.85 -37.26 -51.33
CA LEU F 81 67.47 -36.83 -50.07
C LEU F 81 66.99 -35.44 -49.71
N CYS F 82 66.39 -35.30 -48.52
CA CYS F 82 65.94 -34.00 -48.05
C CYS F 82 67.13 -33.11 -47.74
N ALA F 83 66.95 -31.81 -47.96
CA ALA F 83 68.02 -30.83 -47.77
C ALA F 83 68.28 -30.51 -46.30
N ASP F 84 67.47 -31.04 -45.39
CA ASP F 84 67.61 -30.74 -43.97
C ASP F 84 68.72 -31.52 -43.29
N ASN F 85 69.31 -32.51 -43.97
CA ASN F 85 70.37 -33.32 -43.36
C ASN F 85 71.34 -33.75 -44.45
N ILE F 86 72.58 -33.28 -44.38
CA ILE F 86 73.61 -33.66 -45.32
C ILE F 86 74.81 -34.34 -44.64
N GLU F 87 75.06 -34.07 -43.36
CA GLU F 87 76.22 -34.60 -42.65
C GLU F 87 75.90 -35.89 -41.90
N GLY F 88 74.98 -36.69 -42.42
CA GLY F 88 74.61 -37.93 -41.77
C GLY F 88 75.46 -39.12 -42.16
N LYS F 89 76.63 -38.85 -42.75
CA LYS F 89 77.54 -39.91 -43.19
C LYS F 89 78.35 -40.39 -41.98
N THR F 90 77.70 -41.22 -41.18
CA THR F 90 78.29 -41.81 -39.98
C THR F 90 78.42 -43.32 -40.18
N PHE F 91 79.62 -43.84 -39.98
CA PHE F 91 79.86 -45.27 -40.14
C PHE F 91 79.29 -46.04 -38.95
N VAL F 92 78.64 -47.16 -39.26
CA VAL F 92 78.01 -48.02 -38.25
C VAL F 92 78.61 -49.41 -38.38
N SER F 93 79.04 -49.98 -37.25
CA SER F 93 79.62 -51.30 -37.24
C SER F 93 78.58 -52.36 -37.61
N THR F 94 79.03 -53.38 -38.36
CA THR F 94 78.15 -54.44 -38.80
C THR F 94 77.80 -55.42 -37.67
N VAL F 95 78.59 -55.43 -36.59
CA VAL F 95 78.34 -56.37 -35.49
C VAL F 95 76.99 -56.10 -34.86
N ASN F 96 76.67 -54.84 -34.60
CA ASN F 96 75.40 -54.46 -33.99
C ASN F 96 74.25 -54.45 -34.99
N SER F 97 74.53 -54.45 -36.30
CA SER F 97 73.47 -54.41 -37.29
C SER F 97 72.54 -55.61 -37.18
N LEU F 98 73.09 -56.78 -36.83
CA LEU F 98 72.25 -57.96 -36.64
C LEU F 98 71.21 -57.74 -35.55
N VAL F 99 71.52 -56.90 -34.55
CA VAL F 99 70.55 -56.59 -33.53
C VAL F 99 69.35 -55.89 -34.14
N PHE F 100 69.58 -55.04 -35.14
CA PHE F 100 68.47 -54.40 -35.84
C PHE F 100 67.73 -55.38 -36.74
N GLN F 101 68.32 -56.52 -37.05
CA GLN F 101 67.66 -57.48 -37.93
C GLN F 101 66.42 -58.09 -37.26
N GLN F 102 66.51 -58.36 -35.96
CA GLN F 102 65.41 -59.01 -35.25
C GLN F 102 64.26 -58.06 -34.92
N ILE F 103 64.46 -56.75 -35.06
CA ILE F 103 63.44 -55.76 -34.76
C ILE F 103 63.04 -55.09 -36.07
N ASP F 104 61.75 -55.17 -36.41
CA ASP F 104 61.22 -54.56 -37.62
C ASP F 104 60.47 -53.29 -37.25
N ALA F 105 60.84 -52.17 -37.88
CA ALA F 105 60.22 -50.88 -37.60
C ALA F 105 59.08 -50.67 -38.60
N ASN F 106 57.85 -50.87 -38.15
CA ASN F 106 56.67 -50.67 -38.97
C ASN F 106 55.80 -49.59 -38.34
N TRP F 107 55.45 -48.57 -39.11
CA TRP F 107 54.64 -47.47 -38.63
C TRP F 107 53.57 -47.15 -39.65
N ASN F 108 52.37 -46.82 -39.16
CA ASN F 108 51.25 -46.41 -40.00
C ASN F 108 50.92 -44.96 -39.71
N ILE F 109 50.97 -44.13 -40.75
CA ILE F 109 50.72 -42.70 -40.64
C ILE F 109 49.56 -42.35 -41.56
N GLN F 110 48.54 -41.69 -41.02
CA GLN F 110 47.37 -41.27 -41.78
C GLN F 110 47.09 -39.80 -41.51
N CYS F 111 47.10 -38.99 -42.57
CA CYS F 111 46.85 -37.56 -42.48
C CYS F 111 45.64 -37.19 -43.32
N TRP F 112 44.75 -36.39 -42.75
CA TRP F 112 43.57 -35.92 -43.45
C TRP F 112 43.18 -34.56 -42.90
N LEU F 113 42.41 -33.82 -43.70
CA LEU F 113 41.96 -32.49 -43.35
C LEU F 113 40.46 -32.51 -43.06
N LYS F 114 40.07 -31.90 -41.95
CA LYS F 114 38.67 -31.86 -41.55
C LYS F 114 37.89 -30.87 -42.42
N GLY F 115 36.58 -30.85 -42.23
CA GLY F 115 35.72 -29.98 -43.03
C GLY F 115 35.85 -28.51 -42.71
N ASP F 116 36.37 -28.18 -41.53
CA ASP F 116 36.54 -26.77 -41.15
C ASP F 116 37.63 -26.10 -41.98
N LEU F 117 38.53 -26.87 -42.57
CA LEU F 117 39.63 -26.34 -43.39
C LEU F 117 40.50 -25.35 -42.61
N LYS F 118 40.71 -25.62 -41.32
CA LYS F 118 41.50 -24.75 -40.46
C LYS F 118 42.62 -25.48 -39.74
N LEU F 119 42.41 -26.72 -39.33
CA LEU F 119 43.39 -27.49 -38.57
C LEU F 119 43.74 -28.77 -39.34
N PHE F 120 45.03 -29.07 -39.40
CA PHE F 120 45.53 -30.29 -40.03
C PHE F 120 45.86 -31.30 -38.95
N ILE F 121 45.26 -32.48 -39.03
CA ILE F 121 45.40 -33.52 -38.02
C ILE F 121 46.01 -34.76 -38.66
N CYS F 122 47.08 -35.26 -38.06
CA CYS F 122 47.71 -36.50 -38.48
C CYS F 122 47.67 -37.48 -37.31
N TYR F 123 47.19 -38.69 -37.57
CA TYR F 123 47.04 -39.71 -36.54
C TYR F 123 48.00 -40.86 -36.82
N VAL F 124 48.84 -41.18 -35.85
CA VAL F 124 49.81 -42.27 -35.95
C VAL F 124 49.54 -43.25 -34.82
N GLU F 125 49.38 -44.52 -35.18
CA GLU F 125 49.14 -45.59 -34.22
C GLU F 125 50.31 -46.57 -34.26
N SER F 126 50.88 -46.85 -33.10
CA SER F 126 52.02 -47.75 -32.99
C SER F 126 51.55 -49.16 -32.69
N LEU F 127 51.93 -50.11 -33.54
CA LEU F 127 51.57 -51.51 -33.35
C LEU F 127 52.50 -52.25 -32.40
N PHE F 128 53.57 -51.61 -31.95
CA PHE F 128 54.53 -52.24 -31.04
C PHE F 128 54.06 -51.99 -29.61
N LYS F 129 53.39 -52.99 -29.04
CA LYS F 129 52.90 -52.91 -27.66
C LYS F 129 53.92 -53.56 -26.74
N ASN F 130 54.94 -52.76 -26.37
CA ASN F 130 56.02 -53.21 -25.51
C ASN F 130 55.84 -52.58 -24.14
N LEU F 131 55.44 -53.40 -23.16
CA LEU F 131 55.26 -52.91 -21.80
C LEU F 131 56.56 -52.86 -21.02
N PHE F 132 57.61 -53.53 -21.48
CA PHE F 132 58.89 -53.52 -20.78
C PHE F 132 59.50 -52.12 -20.77
N ARG F 133 59.45 -51.42 -21.90
CA ARG F 133 60.02 -50.09 -22.02
C ARG F 133 59.00 -49.17 -22.67
N ASN F 134 58.84 -47.97 -22.11
CA ASN F 134 57.93 -46.96 -22.64
C ASN F 134 58.78 -45.81 -23.20
N TYR F 135 59.11 -45.91 -24.48
CA TYR F 135 59.95 -44.91 -25.12
C TYR F 135 59.15 -43.64 -25.42
N ASN F 136 59.66 -42.50 -24.97
CA ASN F 136 59.04 -41.21 -25.25
C ASN F 136 59.70 -40.57 -26.47
N TYR F 137 59.42 -41.17 -27.62
CA TYR F 137 60.02 -40.72 -28.87
C TYR F 137 59.49 -39.34 -29.26
N LYS F 138 60.34 -38.56 -29.92
CA LYS F 138 60.00 -37.23 -30.38
C LYS F 138 60.02 -37.19 -31.90
N VAL F 139 58.95 -36.69 -32.50
CA VAL F 139 58.82 -36.55 -33.94
C VAL F 139 58.79 -35.06 -34.25
N HIS F 140 59.71 -34.61 -35.10
CA HIS F 140 59.85 -33.20 -35.44
C HIS F 140 59.15 -32.93 -36.77
N LEU F 141 58.26 -31.94 -36.77
CA LEU F 141 57.51 -31.55 -37.95
C LEU F 141 58.06 -30.22 -38.46
N LEU F 142 58.53 -30.20 -39.70
CA LEU F 142 59.09 -29.01 -40.32
C LEU F 142 58.16 -28.59 -41.46
N TYR F 143 57.47 -27.47 -41.27
CA TYR F 143 56.54 -26.95 -42.26
C TYR F 143 57.01 -25.58 -42.74
N VAL F 144 56.85 -25.34 -44.03
CA VAL F 144 57.25 -24.08 -44.66
C VAL F 144 56.14 -23.64 -45.60
N LEU F 145 55.85 -22.34 -45.62
CA LEU F 145 54.82 -21.76 -46.46
C LEU F 145 55.42 -20.62 -47.26
N PRO F 146 56.20 -20.93 -48.29
CA PRO F 146 56.81 -19.86 -49.10
C PRO F 146 55.77 -19.09 -49.88
N GLU F 147 56.07 -17.83 -50.13
CA GLU F 147 55.19 -16.98 -50.93
C GLU F 147 55.27 -17.38 -52.41
N VAL F 148 54.28 -16.91 -53.17
CA VAL F 148 54.20 -17.22 -54.59
C VAL F 148 55.17 -16.33 -55.34
N LEU F 149 56.38 -16.82 -55.59
CA LEU F 149 57.42 -16.09 -56.29
C LEU F 149 57.85 -16.87 -57.53
N GLU F 150 57.80 -16.22 -58.69
CA GLU F 150 58.20 -16.83 -59.94
C GLU F 150 59.59 -16.41 -60.39
N ASP F 151 60.30 -15.64 -59.57
CA ASP F 151 61.64 -15.15 -59.92
C ASP F 151 62.70 -16.15 -59.45
N SER F 152 62.71 -17.31 -60.10
CA SER F 152 63.64 -18.41 -59.90
C SER F 152 63.42 -19.08 -58.55
N PRO F 153 63.61 -20.40 -58.46
CA PRO F 153 63.45 -21.12 -57.17
C PRO F 153 64.69 -21.01 -56.28
N LEU F 154 64.78 -19.89 -55.56
CA LEU F 154 65.90 -19.66 -54.66
C LEU F 154 65.84 -20.62 -53.49
N VAL F 155 66.99 -21.18 -53.13
CA VAL F 155 67.06 -22.12 -52.01
C VAL F 155 66.87 -21.37 -50.71
N PRO F 156 65.93 -21.77 -49.85
CA PRO F 156 65.77 -21.08 -48.56
C PRO F 156 67.01 -21.21 -47.70
N GLN F 157 67.29 -20.15 -46.94
CA GLN F 157 68.45 -20.14 -46.07
C GLN F 157 68.14 -20.82 -44.74
N LYS F 158 69.21 -21.15 -44.00
CA LYS F 158 69.06 -21.80 -42.71
C LYS F 158 68.49 -20.84 -41.68
N GLY F 159 67.77 -21.39 -40.71
CA GLY F 159 67.16 -20.61 -39.64
C GLY F 159 65.76 -20.13 -39.93
N SER F 160 65.26 -20.32 -41.15
CA SER F 160 63.90 -19.90 -41.47
C SER F 160 62.87 -20.69 -40.66
N PHE F 161 63.09 -22.00 -40.52
CA PHE F 161 62.16 -22.83 -39.78
C PHE F 161 62.20 -22.49 -38.29
N GLN F 162 61.05 -22.58 -37.65
CA GLN F 162 60.91 -22.30 -36.22
C GLN F 162 60.51 -23.58 -35.48
N MET F 163 61.09 -23.77 -34.30
CA MET F 163 60.80 -24.97 -33.51
C MET F 163 59.40 -24.89 -32.93
N VAL F 164 58.62 -25.95 -33.13
CA VAL F 164 57.26 -26.04 -32.63
C VAL F 164 57.11 -27.34 -31.84
N HIS F 165 56.63 -27.23 -30.60
CA HIS F 165 56.43 -28.39 -29.76
C HIS F 165 55.03 -28.97 -29.97
N CYS F 166 54.95 -30.29 -29.89
CA CYS F 166 53.70 -31.02 -30.07
C CYS F 166 53.23 -31.55 -28.72
N ASN F 167 51.97 -31.28 -28.39
CA ASN F 167 51.41 -31.74 -27.13
C ASN F 167 51.11 -33.23 -27.19
N CYS F 168 51.55 -33.96 -26.16
CA CYS F 168 51.36 -35.40 -26.07
C CYS F 168 50.34 -35.71 -24.99
N SER F 169 49.38 -36.57 -25.31
CA SER F 169 48.32 -36.91 -24.38
C SER F 169 48.75 -38.06 -23.46
N VAL F 170 47.83 -38.49 -22.60
CA VAL F 170 48.13 -39.58 -21.67
C VAL F 170 48.30 -40.90 -22.40
N HIS F 171 47.69 -41.04 -23.57
CA HIS F 171 47.74 -42.28 -24.35
C HIS F 171 49.01 -42.40 -25.19
N GLU F 172 50.06 -41.66 -24.84
CA GLU F 172 51.33 -41.67 -25.57
C GLU F 172 51.15 -41.28 -27.03
N CYS F 173 50.19 -40.40 -27.31
CA CYS F 173 49.95 -39.88 -28.65
C CYS F 173 50.19 -38.38 -28.65
N CYS F 174 51.04 -37.91 -29.56
CA CYS F 174 51.41 -36.50 -29.64
C CYS F 174 50.73 -35.86 -30.85
N GLU F 175 50.05 -34.75 -30.62
CA GLU F 175 49.34 -34.01 -31.66
C GLU F 175 49.98 -32.64 -31.83
N CYS F 176 50.26 -32.28 -33.07
CA CYS F 176 50.88 -30.99 -33.40
C CYS F 176 49.80 -30.06 -33.96
N LEU F 177 49.67 -28.88 -33.35
CA LEU F 177 48.70 -27.88 -33.77
C LEU F 177 49.45 -26.72 -34.41
N VAL F 178 49.29 -26.57 -35.72
CA VAL F 178 49.92 -25.51 -36.48
C VAL F 178 48.82 -24.57 -36.98
N PRO F 179 48.70 -23.36 -36.41
CA PRO F 179 47.66 -22.43 -36.89
C PRO F 179 47.97 -21.88 -38.27
N VAL F 180 47.24 -22.33 -39.28
CA VAL F 180 47.43 -21.94 -40.66
C VAL F 180 46.29 -21.01 -41.05
N PRO F 181 46.57 -19.75 -41.38
CA PRO F 181 45.49 -18.85 -41.82
C PRO F 181 44.87 -19.31 -43.12
N THR F 182 43.59 -18.95 -43.31
CA THR F 182 42.87 -19.35 -44.51
C THR F 182 43.49 -18.74 -45.76
N ALA F 183 44.12 -17.57 -45.64
CA ALA F 183 44.75 -16.94 -46.79
C ALA F 183 46.03 -17.65 -47.22
N LYS F 184 46.61 -18.48 -46.34
CA LYS F 184 47.83 -19.21 -46.65
C LYS F 184 47.56 -20.61 -47.18
N LEU F 185 46.30 -21.01 -47.33
CA LEU F 185 45.99 -22.34 -47.83
C LEU F 185 46.31 -22.48 -49.32
N ASN F 186 46.29 -21.37 -50.05
CA ASN F 186 46.54 -21.41 -51.49
C ASN F 186 48.01 -21.62 -51.82
N ASP F 187 48.90 -21.55 -50.84
CA ASP F 187 50.33 -21.72 -51.08
C ASP F 187 50.67 -23.20 -51.24
N THR F 188 51.94 -23.48 -51.48
CA THR F 188 52.43 -24.84 -51.67
C THR F 188 53.14 -25.32 -50.41
N LEU F 189 52.73 -26.49 -49.93
CA LEU F 189 53.29 -27.08 -48.71
C LEU F 189 54.09 -28.33 -49.07
N LEU F 190 55.33 -28.39 -48.58
CA LEU F 190 56.21 -29.52 -48.81
C LEU F 190 56.56 -30.17 -47.47
N MET F 191 56.52 -31.50 -47.44
CA MET F 191 56.74 -32.26 -46.21
C MET F 191 58.13 -32.87 -46.20
N CYS F 192 58.76 -32.85 -45.02
CA CYS F 192 60.04 -33.53 -44.80
C CYS F 192 60.04 -34.02 -43.35
N LEU F 193 59.63 -35.27 -43.17
CA LEU F 193 59.44 -35.82 -41.84
C LEU F 193 60.78 -36.13 -41.17
N LYS F 194 60.76 -36.13 -39.83
CA LYS F 194 61.93 -36.45 -39.03
C LYS F 194 61.46 -37.15 -37.76
N ILE F 195 61.96 -38.36 -37.52
CA ILE F 195 61.58 -39.16 -36.35
C ILE F 195 62.84 -39.50 -35.58
N THR F 196 62.80 -39.31 -34.27
CA THR F 196 63.91 -39.63 -33.38
C THR F 196 63.51 -40.80 -32.48
N SER F 197 64.30 -41.86 -32.50
CA SER F 197 64.02 -43.05 -31.71
C SER F 197 65.35 -43.63 -31.21
N GLY F 198 65.62 -43.46 -29.93
CA GLY F 198 66.81 -44.04 -29.32
C GLY F 198 68.11 -43.58 -29.95
N GLY F 199 68.18 -42.30 -30.34
CA GLY F 199 69.35 -41.79 -31.02
C GLY F 199 69.40 -42.07 -32.51
N VAL F 200 68.39 -42.75 -33.05
CA VAL F 200 68.34 -43.06 -34.47
C VAL F 200 67.39 -42.08 -35.14
N ILE F 201 67.82 -41.50 -36.25
CA ILE F 201 67.04 -40.50 -36.97
C ILE F 201 66.51 -41.12 -38.26
N PHE F 202 65.19 -41.13 -38.40
CA PHE F 202 64.53 -41.60 -39.61
C PHE F 202 64.02 -40.39 -40.38
N GLN F 203 64.41 -40.27 -41.65
CA GLN F 203 64.05 -39.15 -42.49
C GLN F 203 63.39 -39.69 -43.76
N SER F 204 62.09 -39.41 -43.92
CA SER F 204 61.36 -39.89 -45.08
C SER F 204 61.81 -39.15 -46.33
N PRO F 205 61.74 -39.80 -47.50
CA PRO F 205 62.09 -39.13 -48.75
C PRO F 205 61.13 -38.00 -49.09
N LEU F 206 61.57 -37.07 -49.93
CA LEU F 206 60.76 -35.93 -50.31
C LEU F 206 59.48 -36.39 -51.01
N MET F 207 58.35 -35.81 -50.63
CA MET F 207 57.05 -36.16 -51.18
C MET F 207 56.35 -34.87 -51.58
N SER F 208 55.82 -34.85 -52.81
CA SER F 208 55.13 -33.69 -53.36
C SER F 208 53.74 -34.11 -53.80
N VAL F 209 52.72 -33.45 -53.25
CA VAL F 209 51.33 -33.75 -53.59
C VAL F 209 50.49 -32.52 -53.26
N GLN F 210 49.37 -32.38 -53.95
CA GLN F 210 48.45 -31.27 -53.71
C GLN F 210 47.47 -31.63 -52.60
N PRO F 211 47.40 -30.84 -51.53
CA PRO F 211 46.45 -31.15 -50.45
C PRO F 211 45.00 -31.18 -50.91
N ILE F 212 44.64 -30.39 -51.93
CA ILE F 212 43.28 -30.33 -52.42
C ILE F 212 42.78 -31.66 -52.95
N ASN F 213 43.68 -32.61 -53.21
CA ASN F 213 43.29 -33.93 -53.67
C ASN F 213 42.84 -34.84 -52.53
N MET F 214 42.98 -34.41 -51.28
CA MET F 214 42.55 -35.19 -50.11
C MET F 214 41.60 -34.36 -49.25
N VAL F 215 40.63 -33.70 -49.89
CA VAL F 215 39.64 -32.92 -49.17
C VAL F 215 38.56 -33.86 -48.65
N LYS F 216 38.31 -33.80 -47.34
CA LYS F 216 37.31 -34.65 -46.69
C LYS F 216 36.11 -33.81 -46.28
N PRO F 217 34.99 -33.88 -46.99
CA PRO F 217 33.81 -33.10 -46.60
C PRO F 217 33.21 -33.62 -45.30
N ASP F 218 32.52 -32.71 -44.62
CA ASP F 218 31.83 -33.06 -43.39
C ASP F 218 30.61 -33.93 -43.69
N PRO F 219 30.26 -34.84 -42.78
CA PRO F 219 29.06 -35.65 -43.01
C PRO F 219 27.82 -34.78 -43.01
N PRO F 220 26.79 -35.17 -43.77
CA PRO F 220 25.57 -34.36 -43.83
C PRO F 220 24.87 -34.26 -42.49
N LEU F 221 24.78 -33.04 -41.96
CA LEU F 221 24.12 -32.80 -40.68
C LEU F 221 22.62 -32.60 -40.88
N GLY F 222 21.86 -32.79 -39.81
CA GLY F 222 20.42 -32.65 -39.89
C GLY F 222 19.76 -33.68 -40.78
N LEU F 223 20.19 -34.94 -40.68
CA LEU F 223 19.64 -36.02 -41.51
C LEU F 223 18.23 -36.33 -41.04
N HIS F 224 17.25 -36.12 -41.90
CA HIS F 224 15.85 -36.34 -41.57
C HIS F 224 15.13 -37.05 -42.70
N MET F 225 14.14 -37.85 -42.34
CA MET F 225 13.29 -38.57 -43.29
C MET F 225 11.90 -37.94 -43.29
N GLU F 226 11.36 -37.68 -44.48
CA GLU F 226 10.01 -37.16 -44.62
C GLU F 226 9.34 -37.84 -45.79
N ILE F 227 8.02 -37.66 -45.87
CA ILE F 227 7.21 -38.22 -46.95
C ILE F 227 6.44 -37.08 -47.59
N THR F 228 6.64 -36.88 -48.89
CA THR F 228 5.93 -35.84 -49.60
C THR F 228 4.47 -36.23 -49.81
N ASP F 229 3.63 -35.23 -50.10
CA ASP F 229 2.21 -35.47 -50.26
C ASP F 229 1.88 -36.33 -51.47
N ASP F 230 2.78 -36.39 -52.47
CA ASP F 230 2.54 -37.20 -53.65
C ASP F 230 2.88 -38.67 -53.45
N GLY F 231 3.56 -39.02 -52.37
CA GLY F 231 3.88 -40.42 -52.09
C GLY F 231 5.33 -40.78 -52.38
N ASN F 232 6.25 -39.91 -52.02
CA ASN F 232 7.67 -40.13 -52.25
C ASN F 232 8.45 -39.89 -50.97
N LEU F 233 9.40 -40.79 -50.67
CA LEU F 233 10.27 -40.61 -49.52
C LEU F 233 11.38 -39.63 -49.85
N LYS F 234 11.64 -38.71 -48.93
CA LYS F 234 12.60 -37.64 -49.11
C LYS F 234 13.59 -37.64 -47.95
N ILE F 235 14.87 -37.60 -48.28
CA ILE F 235 15.94 -37.49 -47.30
C ILE F 235 16.45 -36.06 -47.33
N SER F 236 16.42 -35.38 -46.18
CA SER F 236 16.77 -33.97 -46.09
C SER F 236 17.97 -33.79 -45.16
N TRP F 237 18.85 -32.87 -45.53
CA TRP F 237 20.00 -32.53 -44.70
C TRP F 237 20.36 -31.07 -44.95
N SER F 238 21.05 -30.49 -43.98
CA SER F 238 21.45 -29.09 -44.05
C SER F 238 22.90 -28.99 -44.52
N SER F 239 23.10 -28.34 -45.66
CA SER F 239 24.45 -28.13 -46.17
C SER F 239 25.20 -27.15 -45.28
N PRO F 240 26.49 -27.37 -45.07
CA PRO F 240 27.29 -26.44 -44.25
C PRO F 240 27.32 -25.06 -44.87
N PRO F 241 27.26 -24.01 -44.06
CA PRO F 241 27.28 -22.64 -44.60
C PRO F 241 28.66 -22.15 -45.00
N LEU F 242 29.72 -22.89 -44.67
CA LEU F 242 31.08 -22.48 -44.97
C LEU F 242 31.60 -23.08 -46.28
N VAL F 243 30.76 -23.80 -47.01
CA VAL F 243 31.15 -24.42 -48.28
C VAL F 243 30.61 -23.55 -49.41
N PRO F 244 31.46 -22.89 -50.19
CA PRO F 244 30.99 -22.05 -51.29
C PRO F 244 30.85 -22.74 -52.63
N PHE F 245 31.05 -24.05 -52.70
CA PHE F 245 30.95 -24.80 -53.93
C PHE F 245 30.04 -26.00 -53.75
N PRO F 246 29.37 -26.43 -54.81
CA PRO F 246 28.50 -27.61 -54.71
C PRO F 246 29.29 -28.87 -54.38
N LEU F 247 28.66 -29.76 -53.63
CA LEU F 247 29.26 -31.02 -53.23
C LEU F 247 28.34 -32.17 -53.59
N GLN F 248 28.91 -33.30 -53.99
CA GLN F 248 28.15 -34.48 -54.34
C GLN F 248 28.09 -35.44 -53.17
N TYR F 249 26.89 -35.90 -52.84
CA TYR F 249 26.66 -36.82 -51.74
C TYR F 249 26.15 -38.14 -52.29
N GLN F 250 26.76 -39.25 -51.88
CA GLN F 250 26.37 -40.57 -52.33
C GLN F 250 25.63 -41.29 -51.21
N VAL F 251 24.44 -41.79 -51.52
CA VAL F 251 23.58 -42.46 -50.55
C VAL F 251 23.58 -43.96 -50.84
N LYS F 252 23.81 -44.76 -49.79
CA LYS F 252 23.80 -46.21 -49.88
C LYS F 252 22.86 -46.73 -48.80
N TYR F 253 21.57 -46.83 -49.15
CA TYR F 253 20.54 -47.29 -48.22
C TYR F 253 20.24 -48.76 -48.50
N SER F 254 20.30 -49.58 -47.45
CA SER F 254 20.03 -51.01 -47.55
C SER F 254 19.02 -51.40 -46.48
N GLU F 255 17.98 -52.13 -46.89
CA GLU F 255 16.95 -52.59 -45.98
C GLU F 255 17.23 -54.05 -45.62
N ASN F 256 17.61 -54.28 -44.37
CA ASN F 256 17.95 -55.62 -43.88
C ASN F 256 16.77 -56.12 -43.04
N SER F 257 16.09 -57.15 -43.53
CA SER F 257 14.98 -57.77 -42.84
C SER F 257 15.42 -59.12 -42.26
N THR F 258 14.44 -59.85 -41.70
CA THR F 258 14.74 -61.12 -41.06
C THR F 258 15.25 -62.15 -42.06
N THR F 259 14.62 -62.23 -43.23
CA THR F 259 14.96 -63.28 -44.19
C THR F 259 15.20 -62.74 -45.60
N VAL F 260 14.59 -61.59 -45.92
CA VAL F 260 14.63 -61.03 -47.27
C VAL F 260 15.48 -59.77 -47.24
N ILE F 261 16.48 -59.71 -48.12
CA ILE F 261 17.35 -58.55 -48.24
C ILE F 261 17.22 -58.03 -49.67
N ARG F 262 16.85 -56.76 -49.80
CA ARG F 262 16.68 -56.11 -51.10
C ARG F 262 17.64 -54.94 -51.20
N GLU F 263 18.40 -54.89 -52.29
CA GLU F 263 19.38 -53.84 -52.53
C GLU F 263 19.10 -53.19 -53.88
N ALA F 264 19.04 -51.86 -53.89
CA ALA F 264 18.82 -51.08 -55.10
C ALA F 264 19.86 -49.98 -55.20
N ASP F 265 20.41 -49.78 -56.40
CA ASP F 265 21.42 -48.76 -56.65
C ASP F 265 20.84 -47.71 -57.57
N LYS F 266 20.83 -46.46 -57.10
CA LYS F 266 20.33 -45.33 -57.87
C LYS F 266 21.28 -44.16 -57.70
N ILE F 267 21.50 -43.42 -58.79
CA ILE F 267 22.39 -42.26 -58.79
C ILE F 267 21.58 -41.04 -59.20
N VAL F 268 21.63 -40.00 -58.38
CA VAL F 268 20.92 -38.75 -58.63
C VAL F 268 21.89 -37.58 -58.48
N SER F 269 21.84 -36.66 -59.44
CA SER F 269 22.71 -35.50 -59.42
C SER F 269 22.16 -34.35 -58.58
N ALA F 270 20.93 -34.46 -58.09
CA ALA F 270 20.31 -33.43 -57.28
C ALA F 270 20.32 -33.86 -55.81
N THR F 271 19.78 -32.99 -54.95
CA THR F 271 19.68 -33.24 -53.53
C THR F 271 18.40 -33.97 -53.15
N SER F 272 17.55 -34.28 -54.12
CA SER F 272 16.29 -34.97 -53.86
C SER F 272 16.32 -36.36 -54.49
N LEU F 273 15.84 -37.34 -53.73
CA LEU F 273 15.80 -38.73 -54.18
C LEU F 273 14.35 -39.20 -54.22
N LEU F 274 14.00 -39.86 -55.33
CA LEU F 274 12.66 -40.39 -55.53
C LEU F 274 12.71 -41.90 -55.40
N VAL F 275 11.79 -42.45 -54.61
CA VAL F 275 11.71 -43.89 -54.36
C VAL F 275 10.37 -44.39 -54.89
N ASP F 276 10.40 -45.54 -55.56
CA ASP F 276 9.19 -46.15 -56.10
C ASP F 276 8.72 -47.28 -55.19
N SER F 277 7.41 -47.37 -54.99
CA SER F 277 6.79 -48.42 -54.19
C SER F 277 7.32 -48.42 -52.76
N ILE F 278 7.04 -47.33 -52.04
CA ILE F 278 7.44 -47.23 -50.64
C ILE F 278 6.82 -48.36 -49.85
N LEU F 279 7.64 -49.04 -49.06
CA LEU F 279 7.15 -50.14 -48.24
C LEU F 279 6.61 -49.60 -46.92
N PRO F 280 5.32 -49.75 -46.65
CA PRO F 280 4.78 -49.26 -45.37
C PRO F 280 5.27 -50.11 -44.19
N GLY F 281 5.31 -49.48 -43.03
CA GLY F 281 5.71 -50.17 -41.82
C GLY F 281 7.12 -50.71 -41.86
N SER F 282 8.06 -49.95 -42.40
CA SER F 282 9.45 -50.37 -42.51
C SER F 282 10.36 -49.24 -42.05
N SER F 283 11.53 -49.63 -41.54
CA SER F 283 12.53 -48.68 -41.08
C SER F 283 13.61 -48.53 -42.15
N TYR F 284 13.85 -47.29 -42.56
CA TYR F 284 14.82 -46.98 -43.61
C TYR F 284 16.09 -46.45 -42.98
N GLU F 285 17.22 -47.08 -43.31
CA GLU F 285 18.53 -46.64 -42.84
C GLU F 285 19.22 -45.93 -44.00
N VAL F 286 19.48 -44.64 -43.85
CA VAL F 286 20.05 -43.81 -44.89
C VAL F 286 21.49 -43.50 -44.49
N GLN F 287 22.44 -43.92 -45.33
CA GLN F 287 23.86 -43.69 -45.11
C GLN F 287 24.40 -42.83 -46.25
N VAL F 288 24.74 -41.58 -45.94
CA VAL F 288 25.17 -40.61 -46.94
C VAL F 288 26.59 -40.16 -46.62
N ARG F 289 27.46 -40.18 -47.61
CA ARG F 289 28.84 -39.75 -47.47
C ARG F 289 29.22 -38.81 -48.62
N GLY F 290 30.12 -37.89 -48.33
CA GLY F 290 30.53 -36.91 -49.33
C GLY F 290 31.86 -37.23 -49.99
N LYS F 291 32.09 -36.68 -51.18
CA LYS F 291 33.32 -36.88 -51.92
C LYS F 291 33.53 -35.70 -52.86
N ARG F 292 34.77 -35.53 -53.30
CA ARG F 292 35.08 -34.45 -54.22
C ARG F 292 34.41 -34.70 -55.57
N LEU F 293 33.84 -33.63 -56.13
CA LEU F 293 33.11 -33.76 -57.39
C LEU F 293 34.03 -34.13 -58.55
N ASP F 294 35.21 -33.50 -58.62
CA ASP F 294 36.14 -33.69 -59.72
C ASP F 294 37.44 -34.29 -59.21
N GLY F 295 37.92 -35.32 -59.89
CA GLY F 295 39.17 -35.95 -59.56
C GLY F 295 39.06 -36.96 -58.44
N PRO F 296 40.14 -37.69 -58.18
CA PRO F 296 40.12 -38.68 -57.10
C PRO F 296 40.01 -38.02 -55.74
N GLY F 297 39.44 -38.76 -54.79
CA GLY F 297 39.25 -38.25 -53.45
C GLY F 297 39.03 -39.38 -52.46
N ILE F 298 38.83 -39.00 -51.22
CA ILE F 298 38.60 -39.94 -50.12
C ILE F 298 37.17 -39.78 -49.64
N TRP F 299 36.46 -40.89 -49.54
CA TRP F 299 35.06 -40.86 -49.09
C TRP F 299 34.98 -40.37 -47.65
N SER F 300 33.97 -39.54 -47.39
CA SER F 300 33.79 -38.96 -46.07
C SER F 300 33.21 -39.99 -45.10
N ASP F 301 33.19 -39.61 -43.82
CA ASP F 301 32.63 -40.48 -42.79
C ASP F 301 31.12 -40.61 -42.96
N TRP F 302 30.59 -41.74 -42.49
CA TRP F 302 29.17 -42.00 -42.60
C TRP F 302 28.37 -41.05 -41.71
N SER F 303 27.12 -40.83 -42.08
CA SER F 303 26.25 -39.94 -41.32
C SER F 303 25.91 -40.56 -39.97
N THR F 304 25.56 -39.69 -39.02
CA THR F 304 25.23 -40.13 -37.68
C THR F 304 23.91 -40.90 -37.70
N PRO F 305 23.88 -42.15 -37.23
CA PRO F 305 22.61 -42.90 -37.22
C PRO F 305 21.60 -42.28 -36.27
N ARG F 306 20.33 -42.35 -36.65
CA ARG F 306 19.23 -41.86 -35.83
C ARG F 306 18.19 -42.95 -35.70
N VAL F 307 17.66 -43.12 -34.48
CA VAL F 307 16.67 -44.15 -34.20
C VAL F 307 15.29 -43.65 -34.59
N PHE F 308 14.88 -43.93 -35.82
CA PHE F 308 13.55 -43.55 -36.32
C PHE F 308 12.79 -44.81 -36.70
N THR F 309 11.57 -44.94 -36.18
CA THR F 309 10.73 -46.10 -36.42
C THR F 309 9.40 -45.63 -37.01
N THR F 310 8.98 -46.27 -38.09
CA THR F 310 7.70 -45.96 -38.73
C THR F 310 6.60 -46.87 -38.19
N GLN F 311 5.37 -46.53 -38.54
CA GLN F 311 4.19 -47.28 -38.10
C GLN F 311 3.62 -48.07 -39.26
N ASP F 312 2.74 -49.02 -38.92
CA ASP F 312 2.13 -49.87 -39.94
C ASP F 312 1.25 -49.05 -40.89
N VAL F 313 0.50 -48.11 -40.35
CA VAL F 313 -0.37 -47.24 -41.13
C VAL F 313 0.27 -45.85 -41.15
N ILE F 314 0.55 -45.35 -42.35
CA ILE F 314 1.26 -44.09 -42.53
C ILE F 314 0.39 -43.15 -43.36
N TYR F 315 0.25 -41.91 -42.91
CA TYR F 315 -0.46 -40.87 -43.62
C TYR F 315 0.52 -39.77 -44.03
N PHE F 316 0.38 -39.30 -45.26
CA PHE F 316 1.22 -38.20 -45.73
C PHE F 316 0.39 -37.19 -46.50
N PRO F 317 0.23 -35.97 -45.97
CA PRO F 317 0.77 -35.48 -44.70
C PRO F 317 -0.02 -35.99 -43.49
N PRO F 318 0.66 -36.37 -42.41
CA PRO F 318 -0.08 -36.90 -41.25
C PRO F 318 -0.81 -35.82 -40.47
N LYS F 319 -0.18 -34.68 -40.24
CA LYS F 319 -0.77 -33.57 -39.49
C LYS F 319 -0.95 -32.39 -40.42
N ILE F 320 -2.16 -31.85 -40.47
CA ILE F 320 -2.51 -30.73 -41.35
C ILE F 320 -3.10 -29.62 -40.49
N LEU F 321 -2.55 -28.41 -40.66
CA LEU F 321 -3.12 -27.21 -40.06
C LEU F 321 -3.87 -26.45 -41.15
N THR F 322 -5.20 -26.53 -41.11
CA THR F 322 -6.02 -25.96 -42.17
C THR F 322 -7.29 -25.36 -41.55
N SER F 323 -8.15 -24.84 -42.42
CA SER F 323 -9.38 -24.18 -41.97
C SER F 323 -10.61 -24.79 -42.62
N VAL F 324 -11.77 -24.15 -42.44
CA VAL F 324 -13.01 -24.68 -42.97
C VAL F 324 -13.10 -24.41 -44.46
N GLY F 325 -13.53 -25.42 -45.21
CA GLY F 325 -13.75 -25.30 -46.63
C GLY F 325 -12.53 -25.59 -47.50
N SER F 326 -11.38 -25.86 -46.90
CA SER F 326 -10.18 -26.15 -47.68
C SER F 326 -10.26 -27.56 -48.25
N ASN F 327 -9.95 -27.70 -49.53
CA ASN F 327 -9.98 -28.99 -50.20
C ASN F 327 -8.58 -29.60 -50.12
N VAL F 328 -8.43 -30.59 -49.22
CA VAL F 328 -7.16 -31.26 -49.00
C VAL F 328 -7.30 -32.72 -49.42
N SER F 329 -6.16 -33.42 -49.44
CA SER F 329 -6.10 -34.81 -49.85
C SER F 329 -5.42 -35.64 -48.78
N PHE F 330 -6.01 -36.78 -48.44
CA PHE F 330 -5.45 -37.74 -47.50
C PHE F 330 -5.01 -38.98 -48.27
N HIS F 331 -3.87 -39.54 -47.89
CA HIS F 331 -3.32 -40.70 -48.59
C HIS F 331 -2.96 -41.78 -47.59
N CYS F 332 -3.22 -43.02 -47.96
CA CYS F 332 -2.95 -44.18 -47.12
C CYS F 332 -2.29 -45.29 -47.92
N ILE F 333 -1.38 -46.00 -47.25
CA ILE F 333 -0.78 -47.25 -47.76
C ILE F 333 -0.92 -48.26 -46.62
N TYR F 334 -1.76 -49.28 -46.83
CA TYR F 334 -2.01 -50.25 -45.79
C TYR F 334 -1.10 -51.47 -45.95
N LYS F 335 -0.83 -52.13 -44.83
CA LYS F 335 -0.03 -53.36 -44.81
C LYS F 335 -0.53 -54.26 -43.70
N LYS F 336 -0.68 -55.55 -44.00
CA LYS F 336 -1.17 -56.53 -43.04
C LYS F 336 -0.40 -57.83 -43.19
N GLU F 337 0.04 -58.39 -42.08
CA GLU F 337 0.73 -59.68 -42.03
C GLU F 337 1.95 -59.68 -42.95
N ASN F 338 2.72 -58.60 -42.88
CA ASN F 338 3.94 -58.42 -43.67
C ASN F 338 3.67 -58.46 -45.17
N LYS F 339 2.45 -58.11 -45.60
CA LYS F 339 2.09 -58.07 -47.00
C LYS F 339 1.50 -56.69 -47.31
N ILE F 340 2.01 -56.07 -48.37
CA ILE F 340 1.57 -54.72 -48.74
C ILE F 340 0.19 -54.81 -49.38
N VAL F 341 -0.75 -54.05 -48.83
CA VAL F 341 -2.12 -54.02 -49.33
C VAL F 341 -2.19 -53.11 -50.55
N PRO F 342 -2.69 -53.59 -51.68
CA PRO F 342 -2.82 -52.72 -52.86
C PRO F 342 -3.79 -51.59 -52.62
N SER F 343 -3.56 -50.48 -53.34
CA SER F 343 -4.40 -49.30 -53.17
C SER F 343 -5.84 -49.58 -53.58
N LYS F 344 -6.05 -50.49 -54.53
CA LYS F 344 -7.40 -50.86 -54.93
C LYS F 344 -8.15 -51.53 -53.77
N GLU F 345 -7.43 -52.17 -52.86
CA GLU F 345 -8.05 -52.79 -51.70
C GLU F 345 -8.15 -51.85 -50.50
N ILE F 346 -7.65 -50.62 -50.62
CA ILE F 346 -7.68 -49.66 -49.52
C ILE F 346 -8.94 -48.81 -49.68
N VAL F 347 -9.79 -48.81 -48.66
CA VAL F 347 -11.04 -48.08 -48.64
C VAL F 347 -11.07 -47.18 -47.42
N TRP F 348 -11.43 -45.91 -47.63
CA TRP F 348 -11.57 -44.96 -46.53
C TRP F 348 -12.91 -45.19 -45.84
N TRP F 349 -12.90 -45.07 -44.51
CA TRP F 349 -14.01 -45.53 -43.68
C TRP F 349 -13.98 -44.73 -42.39
N MET F 350 -15.10 -44.07 -42.06
CA MET F 350 -15.15 -43.14 -40.94
C MET F 350 -16.46 -43.27 -40.16
N ASN F 351 -16.35 -43.23 -38.84
CA ASN F 351 -17.46 -42.91 -37.92
C ASN F 351 -18.58 -43.94 -37.94
N LEU F 352 -18.34 -45.13 -38.49
CA LEU F 352 -19.25 -46.27 -38.37
C LEU F 352 -20.64 -45.99 -38.93
N ALA F 353 -20.82 -44.89 -39.68
CA ALA F 353 -22.15 -44.49 -40.12
C ALA F 353 -22.26 -44.09 -41.59
N GLU F 354 -21.17 -43.70 -42.24
CA GLU F 354 -21.24 -43.15 -43.58
C GLU F 354 -20.19 -43.78 -44.47
N LYS F 355 -20.47 -43.78 -45.77
CA LYS F 355 -19.54 -44.27 -46.79
C LYS F 355 -19.33 -43.17 -47.82
N ILE F 356 -18.07 -42.82 -48.05
CA ILE F 356 -17.72 -41.76 -49.00
C ILE F 356 -17.86 -42.31 -50.41
N PRO F 357 -18.42 -41.54 -51.36
CA PRO F 357 -18.57 -42.05 -52.72
C PRO F 357 -17.23 -42.34 -53.38
N GLN F 358 -17.25 -43.28 -54.33
CA GLN F 358 -16.03 -43.70 -55.00
C GLN F 358 -15.40 -42.56 -55.79
N SER F 359 -16.20 -41.58 -56.21
CA SER F 359 -15.68 -40.48 -57.01
C SER F 359 -14.57 -39.72 -56.28
N GLN F 360 -14.65 -39.67 -54.94
CA GLN F 360 -13.59 -39.06 -54.15
C GLN F 360 -12.40 -39.98 -53.92
N TYR F 361 -12.51 -41.25 -54.30
CA TYR F 361 -11.43 -42.20 -54.12
C TYR F 361 -10.59 -42.25 -55.39
N ASP F 362 -9.27 -42.13 -55.24
CA ASP F 362 -8.34 -42.11 -56.35
C ASP F 362 -7.25 -43.14 -56.13
N VAL F 363 -6.94 -43.91 -57.16
CA VAL F 363 -5.84 -44.88 -57.13
C VAL F 363 -4.63 -44.15 -57.71
N VAL F 364 -3.90 -43.45 -56.83
CA VAL F 364 -2.73 -42.70 -57.28
C VAL F 364 -1.64 -43.65 -57.76
N SER F 365 -1.34 -44.67 -56.97
CA SER F 365 -0.33 -45.66 -57.31
C SER F 365 -0.88 -47.05 -56.99
N ASP F 366 -0.04 -48.07 -57.19
CA ASP F 366 -0.45 -49.44 -56.92
C ASP F 366 -0.67 -49.69 -55.43
N HIS F 367 -0.13 -48.82 -54.56
CA HIS F 367 -0.25 -49.00 -53.11
C HIS F 367 -0.74 -47.75 -52.39
N VAL F 368 -0.84 -46.61 -53.07
CA VAL F 368 -1.22 -45.35 -52.45
C VAL F 368 -2.68 -45.08 -52.83
N SER F 369 -3.53 -44.95 -51.82
CA SER F 369 -4.93 -44.60 -52.05
C SER F 369 -5.21 -43.20 -51.53
N LYS F 370 -5.90 -42.40 -52.32
CA LYS F 370 -6.11 -40.98 -52.02
C LYS F 370 -7.60 -40.68 -51.90
N VAL F 371 -7.95 -39.82 -50.95
CA VAL F 371 -9.30 -39.32 -50.78
C VAL F 371 -9.26 -37.81 -50.72
N THR F 372 -10.17 -37.16 -51.45
CA THR F 372 -10.27 -35.70 -51.49
C THR F 372 -11.56 -35.30 -50.77
N PHE F 373 -11.43 -34.87 -49.53
CA PHE F 373 -12.57 -34.44 -48.74
C PHE F 373 -13.07 -33.11 -49.27
N PHE F 374 -14.13 -33.15 -50.08
CA PHE F 374 -14.64 -31.93 -50.70
C PHE F 374 -15.35 -31.08 -49.67
N ASN F 375 -14.98 -29.79 -49.61
CA ASN F 375 -15.58 -28.82 -48.70
C ASN F 375 -15.45 -29.30 -47.25
N LEU F 376 -14.20 -29.37 -46.80
CA LEU F 376 -13.91 -29.82 -45.45
C LEU F 376 -14.62 -28.93 -44.44
N ASN F 377 -15.23 -29.55 -43.43
CA ASN F 377 -16.13 -28.88 -42.51
C ASN F 377 -15.56 -28.87 -41.10
N GLU F 378 -16.21 -28.10 -40.23
CA GLU F 378 -15.77 -27.99 -38.85
C GLU F 378 -15.94 -29.33 -38.14
N THR F 379 -14.95 -29.68 -37.32
CA THR F 379 -14.98 -30.94 -36.58
C THR F 379 -16.02 -30.84 -35.48
N LYS F 380 -17.16 -31.50 -35.68
CA LYS F 380 -18.23 -31.48 -34.69
C LYS F 380 -17.80 -32.25 -33.45
N PRO F 381 -17.80 -31.64 -32.26
CA PRO F 381 -17.35 -32.37 -31.07
C PRO F 381 -18.28 -33.51 -30.71
N ARG F 382 -17.70 -34.61 -30.23
CA ARG F 382 -18.43 -35.76 -29.73
C ARG F 382 -17.82 -36.10 -28.37
N GLY F 383 -18.32 -35.46 -27.33
CA GLY F 383 -17.72 -35.59 -26.01
C GLY F 383 -16.52 -34.71 -25.84
N LYS F 384 -15.35 -35.31 -25.60
CA LYS F 384 -14.10 -34.59 -25.49
C LYS F 384 -13.21 -34.74 -26.73
N PHE F 385 -13.74 -35.30 -27.81
CA PHE F 385 -12.97 -35.53 -29.03
C PHE F 385 -13.11 -34.31 -29.94
N THR F 386 -12.01 -33.60 -30.15
CA THR F 386 -11.98 -32.43 -31.02
C THR F 386 -11.35 -32.71 -32.37
N TYR F 387 -11.13 -33.99 -32.70
CA TYR F 387 -10.50 -34.38 -33.96
C TYR F 387 -11.35 -35.42 -34.67
N ASP F 388 -11.32 -35.37 -36.00
CA ASP F 388 -12.07 -36.32 -36.81
C ASP F 388 -11.45 -37.70 -36.73
N ALA F 389 -12.24 -38.70 -37.11
CA ALA F 389 -11.81 -40.10 -37.09
C ALA F 389 -11.98 -40.68 -38.49
N VAL F 390 -10.89 -40.74 -39.25
CA VAL F 390 -10.88 -41.30 -40.59
C VAL F 390 -9.88 -42.43 -40.62
N TYR F 391 -10.31 -43.61 -41.09
CA TYR F 391 -9.46 -44.79 -41.13
C TYR F 391 -9.36 -45.29 -42.56
N CYS F 392 -8.28 -46.00 -42.87
CA CYS F 392 -8.15 -46.68 -44.14
C CYS F 392 -8.03 -48.18 -43.91
N CYS F 393 -8.87 -48.96 -44.60
CA CYS F 393 -9.02 -50.38 -44.35
C CYS F 393 -8.64 -51.19 -45.57
N ASN F 394 -8.08 -52.37 -45.32
CA ASN F 394 -7.86 -53.38 -46.36
C ASN F 394 -9.16 -54.16 -46.48
N GLU F 395 -9.89 -53.92 -47.57
CA GLU F 395 -11.20 -54.52 -47.81
C GLU F 395 -12.16 -54.19 -46.68
N HIS F 396 -12.28 -55.08 -45.70
CA HIS F 396 -13.22 -54.89 -44.59
C HIS F 396 -12.54 -54.92 -43.23
N GLU F 397 -11.22 -55.05 -43.16
CA GLU F 397 -10.48 -55.05 -41.90
C GLU F 397 -9.81 -53.69 -41.72
N CYS F 398 -10.07 -53.06 -40.58
CA CYS F 398 -9.68 -51.67 -40.34
C CYS F 398 -8.71 -51.58 -39.18
N HIS F 399 -7.69 -50.73 -39.33
CA HIS F 399 -6.78 -50.45 -38.23
C HIS F 399 -7.43 -49.53 -37.20
N HIS F 400 -7.09 -49.75 -35.94
CA HIS F 400 -7.67 -48.94 -34.88
C HIS F 400 -7.10 -47.53 -34.84
N ARG F 401 -5.88 -47.34 -35.35
CA ARG F 401 -5.24 -46.03 -35.30
C ARG F 401 -5.96 -45.03 -36.20
N TYR F 402 -6.01 -43.78 -35.74
CA TYR F 402 -6.62 -42.70 -36.50
C TYR F 402 -5.79 -41.44 -36.33
N ALA F 403 -5.83 -40.58 -37.34
CA ALA F 403 -5.09 -39.33 -37.34
C ALA F 403 -5.95 -38.20 -36.78
N GLU F 404 -5.28 -37.18 -36.24
CA GLU F 404 -5.94 -36.02 -35.66
C GLU F 404 -5.80 -34.84 -36.62
N LEU F 405 -6.93 -34.24 -36.98
CA LEU F 405 -6.97 -33.08 -37.86
C LEU F 405 -7.58 -31.91 -37.10
N TYR F 406 -6.91 -30.77 -37.16
CA TYR F 406 -7.35 -29.56 -36.46
C TYR F 406 -7.89 -28.56 -37.47
N VAL F 407 -9.13 -28.13 -37.28
CA VAL F 407 -9.78 -27.16 -38.15
C VAL F 407 -10.23 -26.00 -37.28
N ILE F 408 -9.82 -24.78 -37.66
CA ILE F 408 -10.12 -23.57 -36.91
C ILE F 408 -10.89 -22.62 -37.80
N ASP F 409 -12.02 -22.11 -37.31
CA ASP F 409 -12.77 -21.08 -38.01
C ASP F 409 -12.11 -19.74 -37.72
N VAL F 410 -11.56 -19.10 -38.76
CA VAL F 410 -10.81 -17.86 -38.61
C VAL F 410 -11.49 -16.70 -39.32
N ASN F 411 -12.74 -16.87 -39.73
CA ASN F 411 -13.49 -15.80 -40.40
C ASN F 411 -14.09 -14.88 -39.34
N ILE F 412 -13.21 -14.09 -38.72
CA ILE F 412 -13.60 -13.15 -37.67
C ILE F 412 -13.63 -11.75 -38.26
N ASN F 413 -14.78 -11.09 -38.14
CA ASN F 413 -14.95 -9.74 -38.66
C ASN F 413 -14.56 -8.73 -37.60
N ILE F 414 -13.49 -7.97 -37.87
CA ILE F 414 -12.97 -6.96 -36.94
C ILE F 414 -12.87 -5.65 -37.68
N SER F 415 -13.80 -4.73 -37.41
CA SER F 415 -13.78 -3.40 -37.98
C SER F 415 -13.60 -2.39 -36.85
N CYS F 416 -12.63 -1.48 -37.02
CA CYS F 416 -12.30 -0.53 -35.97
C CYS F 416 -12.89 0.84 -36.27
N GLU F 417 -13.45 1.46 -35.23
CA GLU F 417 -14.15 2.74 -35.35
C GLU F 417 -13.26 3.88 -34.87
N THR F 418 -13.51 5.06 -35.41
CA THR F 418 -12.78 6.26 -35.05
C THR F 418 -13.59 7.11 -34.08
N ASP F 419 -12.89 7.82 -33.21
CA ASP F 419 -13.55 8.68 -32.24
C ASP F 419 -14.11 9.93 -32.91
N GLY F 420 -14.99 10.63 -32.19
CA GLY F 420 -15.57 11.86 -32.71
C GLY F 420 -14.54 12.93 -33.00
N TYR F 421 -13.50 13.00 -32.16
CA TYR F 421 -12.41 13.95 -32.37
C TYR F 421 -11.50 13.57 -33.53
N LEU F 422 -11.67 12.37 -34.09
CA LEU F 422 -10.85 11.88 -35.20
C LEU F 422 -9.38 11.78 -34.79
N THR F 423 -9.13 11.40 -33.54
CA THR F 423 -7.79 11.22 -33.02
C THR F 423 -7.55 9.82 -32.46
N LYS F 424 -8.62 9.10 -32.12
CA LYS F 424 -8.50 7.80 -31.47
C LYS F 424 -9.26 6.74 -32.27
N MET F 425 -8.70 5.54 -32.32
CA MET F 425 -9.30 4.40 -32.98
C MET F 425 -9.57 3.30 -31.96
N THR F 426 -10.81 2.82 -31.91
CA THR F 426 -11.20 1.81 -30.94
C THR F 426 -12.02 0.72 -31.63
N CYS F 427 -11.87 -0.51 -31.15
CA CYS F 427 -12.63 -1.64 -31.65
C CYS F 427 -12.62 -2.74 -30.60
N ARG F 428 -13.56 -3.68 -30.74
CA ARG F 428 -13.71 -4.78 -29.81
C ARG F 428 -13.81 -6.09 -30.58
N TRP F 429 -13.15 -7.12 -30.08
CA TRP F 429 -13.23 -8.46 -30.66
C TRP F 429 -12.92 -9.47 -29.57
N SER F 430 -13.57 -10.62 -29.65
CA SER F 430 -13.46 -11.67 -28.64
C SER F 430 -12.84 -12.92 -29.25
N THR F 431 -12.64 -13.93 -28.40
CA THR F 431 -12.03 -15.20 -28.80
C THR F 431 -13.01 -16.35 -28.69
N SER F 432 -14.27 -16.14 -29.08
CA SER F 432 -15.27 -17.19 -28.98
C SER F 432 -14.94 -18.35 -29.91
N THR F 433 -14.66 -18.05 -31.19
CA THR F 433 -14.30 -19.10 -32.13
C THR F 433 -12.86 -19.58 -31.93
N ILE F 434 -11.99 -18.69 -31.45
CA ILE F 434 -10.59 -19.07 -31.21
C ILE F 434 -10.46 -20.05 -30.06
N GLN F 435 -11.56 -20.37 -29.38
CA GLN F 435 -11.57 -21.45 -28.41
C GLN F 435 -11.46 -22.82 -29.07
N SER F 436 -11.58 -22.88 -30.41
CA SER F 436 -11.45 -24.17 -31.10
C SER F 436 -10.08 -24.80 -30.85
N LEU F 437 -9.02 -24.00 -30.93
CA LEU F 437 -7.67 -24.46 -30.66
C LEU F 437 -6.97 -23.47 -29.73
N ALA F 438 -6.25 -24.00 -28.76
CA ALA F 438 -5.53 -23.19 -27.79
C ALA F 438 -4.05 -23.15 -28.14
N GLU F 439 -3.27 -22.45 -27.31
CA GLU F 439 -1.83 -22.28 -27.40
C GLU F 439 -1.41 -21.56 -28.68
N SER F 440 -2.33 -20.93 -29.40
CA SER F 440 -2.01 -20.20 -30.63
C SER F 440 -2.12 -18.70 -30.35
N THR F 441 -1.02 -17.98 -30.57
CA THR F 441 -1.02 -16.55 -30.32
C THR F 441 -1.64 -15.80 -31.51
N LEU F 442 -2.03 -14.55 -31.27
CA LEU F 442 -2.71 -13.74 -32.28
C LEU F 442 -1.87 -12.52 -32.62
N GLN F 443 -2.00 -12.03 -33.85
CA GLN F 443 -1.32 -10.80 -34.25
C GLN F 443 -2.18 -10.12 -35.31
N LEU F 444 -2.68 -8.92 -35.00
CA LEU F 444 -3.51 -8.18 -35.94
C LEU F 444 -2.64 -7.30 -36.82
N ARG F 445 -2.34 -7.79 -38.03
CA ARG F 445 -1.50 -7.10 -38.97
C ARG F 445 -2.33 -6.11 -39.78
N TYR F 446 -1.70 -5.02 -40.19
CA TYR F 446 -2.40 -3.98 -40.95
C TYR F 446 -1.50 -3.48 -42.07
N HIS F 447 -2.13 -3.00 -43.14
CA HIS F 447 -1.45 -2.35 -44.25
C HIS F 447 -2.12 -1.01 -44.52
N ARG F 448 -1.30 -0.01 -44.83
CA ARG F 448 -1.76 1.36 -45.03
C ARG F 448 -1.58 1.77 -46.49
N SER F 449 -2.61 2.38 -47.06
CA SER F 449 -2.57 2.88 -48.42
C SER F 449 -2.95 4.35 -48.44
N SER F 450 -2.20 5.13 -49.22
CA SER F 450 -2.47 6.58 -49.29
C SER F 450 -3.85 6.86 -49.88
N LEU F 451 -4.24 6.10 -50.91
CA LEU F 451 -5.53 6.27 -51.55
C LEU F 451 -6.59 5.57 -50.69
N TYR F 452 -7.81 5.45 -51.20
CA TYR F 452 -8.89 4.79 -50.47
C TYR F 452 -8.66 3.28 -50.52
N CYS F 453 -9.65 2.52 -50.04
CA CYS F 453 -9.54 1.07 -50.04
C CYS F 453 -9.47 0.54 -51.47
N SER F 454 -8.72 -0.54 -51.64
CA SER F 454 -8.52 -1.14 -52.95
C SER F 454 -9.84 -1.66 -53.52
N ASP F 455 -9.91 -1.68 -54.85
CA ASP F 455 -11.13 -2.12 -55.52
C ASP F 455 -11.43 -3.59 -55.21
N ILE F 456 -10.41 -4.43 -55.20
CA ILE F 456 -10.55 -5.85 -54.89
C ILE F 456 -9.92 -6.11 -53.53
N PRO F 457 -10.50 -6.99 -52.70
CA PRO F 457 -9.87 -7.32 -51.42
C PRO F 457 -8.79 -8.37 -51.58
N SER F 458 -7.53 -8.00 -51.32
CA SER F 458 -6.41 -8.93 -51.43
C SER F 458 -5.52 -8.78 -50.20
N ILE F 459 -4.91 -9.88 -49.78
CA ILE F 459 -4.01 -9.86 -48.62
C ILE F 459 -2.62 -9.47 -49.11
N HIS F 460 -2.20 -8.25 -48.80
CA HIS F 460 -0.90 -7.77 -49.22
C HIS F 460 0.20 -8.46 -48.41
N PRO F 461 1.30 -8.86 -49.05
CA PRO F 461 2.38 -9.54 -48.31
C PRO F 461 2.98 -8.69 -47.21
N ILE F 462 3.08 -7.38 -47.38
CA ILE F 462 3.68 -6.51 -46.39
C ILE F 462 2.68 -6.23 -45.28
N SER F 463 3.16 -6.28 -44.04
CA SER F 463 2.31 -6.06 -42.88
C SER F 463 3.15 -5.55 -41.72
N GLU F 464 2.49 -4.96 -40.73
CA GLU F 464 3.17 -4.44 -39.56
C GLU F 464 2.55 -5.00 -38.28
N PRO F 465 3.37 -5.46 -37.34
CA PRO F 465 2.83 -6.01 -36.09
C PRO F 465 2.65 -4.95 -35.01
N LYS F 466 1.55 -5.04 -34.27
CA LYS F 466 1.29 -4.12 -33.18
C LYS F 466 0.88 -4.91 -31.94
N ASP F 467 0.90 -4.24 -30.79
CA ASP F 467 0.56 -4.85 -29.53
C ASP F 467 -0.64 -4.10 -28.97
N CYS F 468 -1.66 -4.86 -28.55
CA CYS F 468 -2.82 -4.26 -27.91
C CYS F 468 -3.32 -5.21 -26.82
N TYR F 469 -3.90 -4.65 -25.77
CA TYR F 469 -4.21 -5.38 -24.55
C TYR F 469 -5.66 -5.83 -24.50
N LEU F 470 -6.05 -6.36 -23.35
CA LEU F 470 -7.40 -6.82 -23.08
C LEU F 470 -7.81 -6.44 -21.66
N GLN F 471 -9.13 -6.40 -21.45
CA GLN F 471 -9.70 -6.06 -20.15
C GLN F 471 -10.03 -7.34 -19.39
N SER F 472 -10.68 -7.16 -18.23
CA SER F 472 -10.97 -8.29 -17.35
C SER F 472 -12.22 -9.05 -17.78
N ASP F 473 -13.00 -8.52 -18.72
CA ASP F 473 -14.22 -9.18 -19.16
C ASP F 473 -13.98 -10.17 -20.29
N GLY F 474 -12.73 -10.35 -20.72
CA GLY F 474 -12.41 -11.30 -21.77
C GLY F 474 -12.42 -10.74 -23.17
N PHE F 475 -12.86 -9.49 -23.37
CA PHE F 475 -12.87 -8.87 -24.68
C PHE F 475 -11.48 -8.28 -24.97
N TYR F 476 -11.25 -7.88 -26.22
CA TYR F 476 -9.98 -7.31 -26.62
C TYR F 476 -10.19 -5.97 -27.27
N GLU F 477 -9.40 -4.97 -26.87
CA GLU F 477 -9.45 -3.63 -27.44
C GLU F 477 -8.05 -3.20 -27.82
N CYS F 478 -7.95 -2.39 -28.86
CA CYS F 478 -6.65 -1.90 -29.32
C CYS F 478 -6.75 -0.41 -29.67
N ILE F 479 -5.61 0.27 -29.59
CA ILE F 479 -5.54 1.71 -29.77
C ILE F 479 -4.56 2.03 -30.91
N PHE F 480 -4.99 2.89 -31.83
CA PHE F 480 -4.15 3.38 -32.90
C PHE F 480 -3.91 4.87 -32.70
N GLN F 481 -2.69 5.31 -33.00
CA GLN F 481 -2.33 6.72 -32.87
C GLN F 481 -1.04 6.99 -33.64
N PRO F 482 -1.02 7.98 -34.55
CA PRO F 482 -2.13 8.84 -34.98
C PRO F 482 -2.98 8.19 -36.07
N ILE F 483 -4.10 8.81 -36.43
CA ILE F 483 -5.00 8.27 -37.44
C ILE F 483 -4.81 9.04 -38.75
N PHE F 484 -4.69 8.29 -39.84
CA PHE F 484 -4.67 8.84 -41.19
C PHE F 484 -6.12 8.89 -41.66
N LEU F 485 -6.74 10.07 -41.51
CA LEU F 485 -8.18 10.21 -41.71
C LEU F 485 -8.63 9.92 -43.14
N LEU F 486 -7.77 10.10 -44.13
CA LEU F 486 -8.15 9.91 -45.53
C LEU F 486 -7.25 8.87 -46.19
N SER F 487 -6.97 7.78 -45.47
CA SER F 487 -6.13 6.70 -45.98
C SER F 487 -6.80 5.36 -45.72
N GLY F 488 -6.55 4.40 -46.62
CA GLY F 488 -7.12 3.08 -46.46
C GLY F 488 -6.30 2.21 -45.52
N TYR F 489 -7.01 1.47 -44.67
CA TYR F 489 -6.38 0.59 -43.67
C TYR F 489 -6.98 -0.81 -43.87
N THR F 490 -6.14 -1.76 -44.23
CA THR F 490 -6.58 -3.14 -44.39
C THR F 490 -5.99 -4.00 -43.29
N MET F 491 -6.84 -4.60 -42.46
CA MET F 491 -6.38 -5.36 -41.31
C MET F 491 -6.77 -6.83 -41.48
N TRP F 492 -5.94 -7.70 -40.90
CA TRP F 492 -6.22 -9.13 -40.90
C TRP F 492 -5.51 -9.76 -39.70
N ILE F 493 -6.16 -10.77 -39.12
CA ILE F 493 -5.65 -11.46 -37.95
C ILE F 493 -4.83 -12.66 -38.43
N ARG F 494 -3.61 -12.76 -37.91
CA ARG F 494 -2.69 -13.85 -38.23
C ARG F 494 -2.47 -14.68 -36.97
N ILE F 495 -2.63 -15.99 -37.10
CA ILE F 495 -2.38 -16.90 -35.99
C ILE F 495 -0.92 -17.31 -36.00
N ASN F 496 -0.40 -17.62 -34.81
CA ASN F 496 0.98 -18.07 -34.65
C ASN F 496 0.94 -19.35 -33.82
N HIS F 497 1.40 -20.45 -34.42
CA HIS F 497 1.38 -21.76 -33.79
C HIS F 497 2.54 -22.58 -34.32
N SER F 498 2.88 -23.64 -33.58
CA SER F 498 3.98 -24.51 -33.98
C SER F 498 3.71 -25.20 -35.31
N LEU F 499 2.44 -25.39 -35.67
CA LEU F 499 2.10 -26.08 -36.91
C LEU F 499 2.13 -25.17 -38.13
N GLY F 500 2.15 -23.86 -37.94
CA GLY F 500 2.21 -22.94 -39.06
C GLY F 500 1.33 -21.74 -38.80
N SER F 501 1.06 -21.00 -39.88
CA SER F 501 0.25 -19.79 -39.83
C SER F 501 -0.67 -19.75 -41.05
N LEU F 502 -1.74 -18.98 -40.93
CA LEU F 502 -2.72 -18.82 -42.00
C LEU F 502 -3.19 -17.37 -42.04
N ASP F 503 -3.85 -17.01 -43.14
CA ASP F 503 -4.31 -15.65 -43.38
C ASP F 503 -5.83 -15.59 -43.35
N SER F 504 -6.36 -14.62 -42.63
CA SER F 504 -7.79 -14.36 -42.56
C SER F 504 -8.24 -13.57 -43.79
N PRO F 505 -9.53 -13.59 -44.10
CA PRO F 505 -10.03 -12.80 -45.23
C PRO F 505 -9.72 -11.32 -45.04
N PRO F 506 -9.36 -10.62 -46.12
CA PRO F 506 -8.96 -9.21 -45.99
C PRO F 506 -10.17 -8.31 -45.77
N THR F 507 -10.03 -7.35 -44.85
CA THR F 507 -11.04 -6.35 -44.59
C THR F 507 -10.38 -4.98 -44.59
N CYS F 508 -10.92 -4.06 -45.39
CA CYS F 508 -10.41 -2.70 -45.48
C CYS F 508 -11.54 -1.72 -45.14
N VAL F 509 -11.25 -0.79 -44.25
CA VAL F 509 -12.21 0.23 -43.84
C VAL F 509 -11.55 1.59 -43.93
N LEU F 510 -12.24 2.53 -44.53
CA LEU F 510 -11.86 3.95 -44.55
C LEU F 510 -12.26 4.59 -43.23
N PRO F 511 -11.39 5.36 -42.59
CA PRO F 511 -11.76 5.98 -41.33
C PRO F 511 -12.48 7.33 -41.42
N ASP F 512 -12.97 7.72 -42.61
CA ASP F 512 -14.00 8.75 -42.70
C ASP F 512 -15.39 8.14 -42.82
N SER F 513 -15.47 6.84 -43.07
CA SER F 513 -16.73 6.13 -43.21
C SER F 513 -17.18 5.46 -41.91
N VAL F 514 -16.39 5.51 -40.85
CA VAL F 514 -16.76 4.87 -39.59
C VAL F 514 -16.64 5.88 -38.45
N VAL F 515 -16.84 7.16 -38.75
CA VAL F 515 -16.78 8.19 -37.72
C VAL F 515 -17.93 8.01 -36.74
N LYS F 516 -17.72 8.46 -35.50
CA LYS F 516 -18.72 8.36 -34.44
C LYS F 516 -18.88 9.76 -33.84
N PRO F 517 -19.76 10.59 -34.41
CA PRO F 517 -19.88 11.97 -33.92
C PRO F 517 -20.45 12.02 -32.51
N LEU F 518 -20.01 13.03 -31.77
CA LEU F 518 -20.50 13.25 -30.42
C LEU F 518 -21.97 13.69 -30.46
N PRO F 519 -22.75 13.33 -29.45
CA PRO F 519 -24.15 13.76 -29.40
C PRO F 519 -24.25 15.27 -29.29
N PRO F 520 -25.29 15.87 -29.86
CA PRO F 520 -25.45 17.32 -29.76
C PRO F 520 -25.56 17.76 -28.30
N SER F 521 -24.94 18.90 -28.00
CA SER F 521 -24.87 19.42 -26.64
C SER F 521 -25.78 20.62 -26.48
N SER F 522 -26.26 20.81 -25.24
CA SER F 522 -27.07 21.96 -24.85
C SER F 522 -28.32 22.08 -25.71
N VAL F 523 -29.05 20.97 -25.79
CA VAL F 523 -30.34 20.99 -26.47
C VAL F 523 -31.29 21.88 -25.68
N LYS F 524 -32.15 22.62 -26.38
CA LYS F 524 -32.95 23.65 -25.74
C LYS F 524 -34.38 23.54 -26.25
N ALA F 525 -35.31 23.30 -25.34
CA ALA F 525 -36.71 23.11 -25.67
C ALA F 525 -37.58 23.99 -24.79
N GLU F 526 -38.67 24.50 -25.35
CA GLU F 526 -39.62 25.30 -24.58
C GLU F 526 -40.99 25.22 -25.22
N ILE F 527 -41.96 25.84 -24.58
CA ILE F 527 -43.33 25.92 -25.08
C ILE F 527 -43.56 27.36 -25.56
N THR F 528 -44.02 27.49 -26.80
CA THR F 528 -44.26 28.81 -27.37
C THR F 528 -45.40 29.48 -26.62
N ILE F 529 -45.27 30.78 -26.38
CA ILE F 529 -46.33 31.53 -25.73
C ILE F 529 -47.50 31.68 -26.68
N ASN F 530 -48.70 31.85 -26.12
CA ASN F 530 -50.02 32.00 -26.75
C ASN F 530 -50.17 31.30 -28.09
N ILE F 531 -49.46 30.18 -28.32
CA ILE F 531 -49.71 29.31 -29.46
C ILE F 531 -49.99 27.88 -29.02
N GLY F 532 -49.10 27.29 -28.23
CA GLY F 532 -49.28 25.92 -27.78
C GLY F 532 -48.43 24.88 -28.47
N LEU F 533 -47.42 25.28 -29.25
CA LEU F 533 -46.55 24.33 -29.92
C LEU F 533 -45.21 24.23 -29.21
N LEU F 534 -44.71 23.02 -29.07
CA LEU F 534 -43.41 22.77 -28.45
C LEU F 534 -42.31 23.06 -29.46
N LYS F 535 -41.41 23.97 -29.11
CA LYS F 535 -40.31 24.37 -29.97
C LYS F 535 -39.01 23.80 -29.41
N ILE F 536 -38.27 23.08 -30.26
CA ILE F 536 -37.03 22.42 -29.86
C ILE F 536 -35.92 22.85 -30.82
N SER F 537 -34.78 23.25 -30.26
CA SER F 537 -33.66 23.74 -31.04
C SER F 537 -32.36 23.14 -30.50
N TRP F 538 -31.38 23.02 -31.39
CA TRP F 538 -30.08 22.45 -31.06
C TRP F 538 -29.06 23.01 -32.05
N GLU F 539 -27.80 22.62 -31.85
CA GLU F 539 -26.72 23.02 -32.74
C GLU F 539 -25.96 21.78 -33.21
N LYS F 540 -25.39 21.88 -34.40
CA LYS F 540 -24.64 20.76 -34.96
C LYS F 540 -23.38 20.51 -34.14
N PRO F 541 -23.01 19.25 -33.92
CA PRO F 541 -21.75 18.97 -33.20
C PRO F 541 -20.56 19.49 -33.98
N VAL F 542 -19.51 19.83 -33.23
CA VAL F 542 -18.32 20.45 -33.83
C VAL F 542 -17.61 19.47 -34.75
N PHE F 543 -17.91 18.17 -34.63
CA PHE F 543 -17.40 17.18 -35.57
C PHE F 543 -18.48 16.19 -35.94
N PRO F 544 -18.56 15.77 -37.21
CA PRO F 544 -17.74 16.19 -38.34
C PRO F 544 -18.27 17.45 -39.02
N GLU F 545 -17.84 17.72 -40.25
CA GLU F 545 -18.27 18.91 -40.98
C GLU F 545 -19.24 18.62 -42.12
N ASN F 546 -19.46 17.34 -42.45
CA ASN F 546 -20.36 16.99 -43.54
C ASN F 546 -21.81 17.13 -43.09
N ASN F 547 -22.73 17.02 -44.04
CA ASN F 547 -24.14 17.13 -43.74
C ASN F 547 -24.59 15.97 -42.85
N LEU F 548 -25.41 16.30 -41.85
CA LEU F 548 -25.90 15.33 -40.88
C LEU F 548 -27.39 15.56 -40.68
N GLN F 549 -28.11 14.46 -40.40
CA GLN F 549 -29.51 14.57 -40.03
C GLN F 549 -29.70 14.05 -38.60
N PHE F 550 -30.85 14.39 -38.01
CA PHE F 550 -31.04 14.24 -36.58
C PHE F 550 -32.27 13.42 -36.27
N GLN F 551 -32.19 12.71 -35.14
CA GLN F 551 -33.27 11.88 -34.62
C GLN F 551 -33.73 12.47 -33.30
N ILE F 552 -34.88 13.13 -33.33
CA ILE F 552 -35.43 13.87 -32.20
C ILE F 552 -36.62 13.11 -31.63
N ARG F 553 -36.63 12.88 -30.32
CA ARG F 553 -37.76 12.24 -29.69
C ARG F 553 -38.23 13.03 -28.47
N TYR F 554 -39.54 13.12 -28.34
CA TYR F 554 -40.20 13.81 -27.23
C TYR F 554 -41.25 12.87 -26.65
N GLY F 555 -41.55 13.05 -25.38
CA GLY F 555 -42.53 12.23 -24.72
C GLY F 555 -42.76 12.69 -23.29
N LEU F 556 -43.74 12.05 -22.65
CA LEU F 556 -44.10 12.38 -21.28
C LEU F 556 -43.03 11.91 -20.31
N SER F 557 -42.37 12.84 -19.64
CA SER F 557 -41.32 12.50 -18.69
C SER F 557 -41.91 11.91 -17.42
N GLY F 558 -41.10 11.11 -16.73
CA GLY F 558 -41.55 10.47 -15.51
C GLY F 558 -40.78 9.19 -15.25
N LYS F 559 -41.39 8.32 -14.44
CA LYS F 559 -40.78 7.01 -14.18
C LYS F 559 -40.66 6.19 -15.46
N GLU F 560 -41.70 6.20 -16.29
CA GLU F 560 -41.68 5.56 -17.59
C GLU F 560 -42.12 6.58 -18.64
N VAL F 561 -41.42 6.59 -19.77
CA VAL F 561 -41.65 7.59 -20.82
C VAL F 561 -42.20 6.87 -22.05
N GLN F 562 -43.36 7.33 -22.52
CA GLN F 562 -43.92 6.85 -23.79
C GLN F 562 -43.30 7.70 -24.89
N TRP F 563 -42.27 7.15 -25.53
CA TRP F 563 -41.42 7.92 -26.41
C TRP F 563 -42.06 8.06 -27.80
N LYS F 564 -42.06 9.28 -28.33
CA LYS F 564 -42.54 9.56 -29.67
C LYS F 564 -41.37 10.02 -30.53
N MET F 565 -41.29 9.52 -31.76
CA MET F 565 -40.06 9.61 -32.54
C MET F 565 -40.28 10.54 -33.73
N TYR F 566 -39.18 11.17 -34.18
CA TYR F 566 -39.26 12.12 -35.28
C TYR F 566 -37.87 12.18 -35.94
N GLU F 567 -37.84 12.09 -37.26
CA GLU F 567 -36.61 12.25 -38.02
C GLU F 567 -36.63 13.59 -38.74
N VAL F 568 -35.54 14.35 -38.60
CA VAL F 568 -35.33 15.55 -39.39
C VAL F 568 -34.11 15.32 -40.28
N TYR F 569 -34.25 15.69 -41.56
CA TYR F 569 -33.25 15.35 -42.58
C TYR F 569 -32.58 16.59 -43.15
N ASP F 570 -33.07 17.78 -42.81
CA ASP F 570 -32.53 19.03 -43.31
C ASP F 570 -31.31 19.42 -42.49
N ALA F 571 -30.18 19.62 -43.16
CA ALA F 571 -28.95 19.95 -42.45
C ALA F 571 -28.99 21.34 -41.84
N LYS F 572 -29.65 22.28 -42.52
CA LYS F 572 -29.72 23.66 -42.03
C LYS F 572 -30.90 23.91 -41.10
N SER F 573 -31.51 22.86 -40.56
CA SER F 573 -32.61 23.03 -39.63
C SER F 573 -32.10 22.98 -38.19
N LYS F 574 -31.90 24.15 -37.59
CA LYS F 574 -31.43 24.25 -36.22
C LYS F 574 -32.56 24.28 -35.19
N SER F 575 -33.81 24.35 -35.64
CA SER F 575 -34.95 24.39 -34.73
C SER F 575 -36.19 23.89 -35.46
N VAL F 576 -37.16 23.41 -34.68
CA VAL F 576 -38.41 22.91 -35.25
C VAL F 576 -39.50 22.97 -34.18
N SER F 577 -40.72 23.27 -34.61
CA SER F 577 -41.88 23.36 -33.74
C SER F 577 -42.86 22.26 -34.09
N LEU F 578 -43.48 21.67 -33.07
CA LEU F 578 -44.42 20.58 -33.25
C LEU F 578 -45.61 20.76 -32.33
N PRO F 579 -46.82 20.52 -32.80
CA PRO F 579 -47.99 20.59 -31.93
C PRO F 579 -48.10 19.40 -30.99
N VAL F 580 -48.54 19.69 -29.78
CA VAL F 580 -48.68 18.68 -28.73
C VAL F 580 -50.05 18.84 -28.10
N PRO F 581 -50.81 17.75 -27.88
CA PRO F 581 -52.13 17.87 -27.25
C PRO F 581 -52.07 18.47 -25.86
N ASP F 582 -51.24 17.91 -24.98
CA ASP F 582 -51.11 18.44 -23.64
C ASP F 582 -50.30 19.73 -23.65
N LEU F 583 -50.74 20.72 -22.87
CA LEU F 583 -50.09 22.01 -22.84
C LEU F 583 -49.50 22.37 -21.48
N CYS F 584 -49.74 21.58 -20.45
CA CYS F 584 -49.29 21.88 -19.09
C CYS F 584 -48.63 20.64 -18.45
N ALA F 585 -47.74 20.00 -19.20
CA ALA F 585 -47.04 18.81 -18.72
C ALA F 585 -45.55 18.95 -18.99
N VAL F 586 -44.76 18.32 -18.12
CA VAL F 586 -43.30 18.31 -18.28
C VAL F 586 -42.93 17.23 -19.29
N TYR F 587 -42.02 17.57 -20.20
CA TYR F 587 -41.64 16.69 -21.30
C TYR F 587 -40.13 16.50 -21.32
N ALA F 588 -39.72 15.36 -21.89
CA ALA F 588 -38.32 15.01 -22.03
C ALA F 588 -37.95 14.98 -23.51
N VAL F 589 -36.72 15.40 -23.82
CA VAL F 589 -36.26 15.56 -25.19
C VAL F 589 -34.92 14.86 -25.35
N GLN F 590 -34.84 13.94 -26.33
CA GLN F 590 -33.60 13.23 -26.63
C GLN F 590 -33.25 13.41 -28.10
N VAL F 591 -31.95 13.43 -28.39
CA VAL F 591 -31.43 13.66 -29.73
C VAL F 591 -30.30 12.68 -30.03
N ARG F 592 -30.35 12.06 -31.20
CA ARG F 592 -29.20 11.40 -31.82
C ARG F 592 -28.89 12.06 -33.15
N CYS F 593 -27.69 11.79 -33.66
CA CYS F 593 -27.25 12.38 -34.92
C CYS F 593 -26.69 11.28 -35.81
N LYS F 594 -26.79 11.48 -37.12
CA LYS F 594 -26.31 10.48 -38.07
C LYS F 594 -25.88 11.17 -39.34
N ARG F 595 -25.07 10.46 -40.13
CA ARG F 595 -24.50 11.01 -41.35
C ARG F 595 -25.43 10.78 -42.54
N LEU F 596 -25.33 11.66 -43.54
CA LEU F 596 -26.22 11.59 -44.69
C LEU F 596 -25.85 10.44 -45.62
N ASP F 597 -24.55 10.23 -45.86
CA ASP F 597 -24.13 9.20 -46.81
C ASP F 597 -24.39 7.79 -46.29
N GLY F 598 -24.74 7.65 -45.02
CA GLY F 598 -25.00 6.36 -44.41
C GLY F 598 -23.78 5.70 -43.80
N LEU F 599 -22.60 6.26 -44.01
CA LEU F 599 -21.39 5.72 -43.41
C LEU F 599 -21.34 6.07 -41.93
N GLY F 600 -20.63 5.25 -41.16
CA GLY F 600 -20.56 5.42 -39.73
C GLY F 600 -21.85 4.95 -39.05
N TYR F 601 -21.93 5.24 -37.75
CA TYR F 601 -23.08 4.86 -36.95
C TYR F 601 -23.65 6.10 -36.27
N TRP F 602 -24.80 5.92 -35.62
CA TRP F 602 -25.47 7.01 -34.93
C TRP F 602 -24.70 7.39 -33.67
N SER F 603 -25.04 8.55 -33.11
CA SER F 603 -24.48 9.00 -31.85
C SER F 603 -25.31 8.41 -30.70
N ASN F 604 -25.08 8.87 -29.48
CA ASN F 604 -25.93 8.48 -28.37
C ASN F 604 -26.93 9.58 -28.01
N TRP F 605 -27.83 9.23 -27.10
CA TRP F 605 -28.76 10.17 -26.48
C TRP F 605 -28.01 11.28 -25.75
N SER F 606 -28.53 12.50 -25.88
CA SER F 606 -27.94 13.66 -25.23
C SER F 606 -28.46 13.80 -23.80
N ASN F 607 -28.05 14.88 -23.14
CA ASN F 607 -28.49 15.14 -21.78
C ASN F 607 -29.96 15.53 -21.78
N PRO F 608 -30.82 14.82 -21.05
CA PRO F 608 -32.25 15.19 -21.03
C PRO F 608 -32.44 16.58 -20.45
N ALA F 609 -33.41 17.30 -21.01
CA ALA F 609 -33.77 18.63 -20.57
C ALA F 609 -35.23 18.63 -20.13
N TYR F 610 -35.48 19.09 -18.90
CA TYR F 610 -36.82 19.13 -18.33
C TYR F 610 -37.31 20.57 -18.42
N THR F 611 -38.49 20.76 -19.02
CA THR F 611 -39.06 22.08 -19.18
C THR F 611 -40.07 22.37 -18.08
N VAL F 612 -39.87 23.48 -17.38
CA VAL F 612 -40.79 23.91 -16.34
C VAL F 612 -42.01 24.55 -17.00
N VAL F 613 -43.16 24.40 -16.35
CA VAL F 613 -44.44 24.81 -16.92
C VAL F 613 -44.83 26.19 -16.38
N MET F 614 -45.25 27.06 -17.30
CA MET F 614 -45.80 28.36 -16.93
C MET F 614 -47.17 28.49 -17.58
N ASP F 615 -47.76 29.67 -17.44
CA ASP F 615 -49.01 29.98 -18.12
C ASP F 615 -48.77 30.09 -19.62
N ILE F 616 -49.69 29.53 -20.40
CA ILE F 616 -49.55 29.44 -21.84
C ILE F 616 -50.48 30.39 -22.58
N LYS F 617 -51.78 30.33 -22.28
CA LYS F 617 -52.76 31.14 -22.99
C LYS F 617 -53.90 31.46 -22.05
N VAL F 618 -54.68 32.48 -22.41
CA VAL F 618 -55.80 32.94 -21.61
C VAL F 618 -56.87 31.84 -21.57
N PRO F 619 -57.67 31.76 -20.50
CA PRO F 619 -58.72 30.74 -20.46
C PRO F 619 -59.80 31.03 -21.48
N MET F 620 -60.59 30.01 -21.79
CA MET F 620 -61.75 30.15 -22.67
C MET F 620 -63.06 29.86 -21.96
N ARG F 621 -63.03 29.20 -20.81
CA ARG F 621 -64.23 28.83 -20.07
C ARG F 621 -64.06 29.23 -18.61
N GLY F 622 -64.98 30.07 -18.13
CA GLY F 622 -64.98 30.45 -16.73
C GLY F 622 -65.46 29.32 -15.84
N PRO F 623 -66.00 29.68 -14.67
CA PRO F 623 -66.48 28.65 -13.75
C PRO F 623 -67.95 28.31 -13.87
N GLU F 624 -68.37 27.28 -13.15
CA GLU F 624 -69.79 26.95 -12.97
C GLU F 624 -70.17 27.52 -11.61
N PHE F 625 -70.94 28.59 -11.63
CA PHE F 625 -71.25 29.35 -10.43
C PHE F 625 -72.76 29.46 -10.23
N TRP F 626 -73.15 29.57 -8.96
CA TRP F 626 -74.56 29.47 -8.58
C TRP F 626 -74.79 30.36 -7.36
N ARG F 627 -76.04 30.80 -7.21
CA ARG F 627 -76.44 31.73 -6.17
C ARG F 627 -77.47 31.09 -5.25
N ILE F 628 -77.30 31.31 -3.95
CA ILE F 628 -78.22 30.81 -2.93
C ILE F 628 -78.99 31.99 -2.36
N ILE F 629 -80.32 31.86 -2.32
CA ILE F 629 -81.16 32.91 -1.75
C ILE F 629 -81.51 32.56 -0.31
N ASN F 630 -81.55 33.58 0.55
CA ASN F 630 -81.84 33.37 1.97
C ASN F 630 -82.40 34.66 2.55
N GLY F 631 -83.37 34.54 3.44
CA GLY F 631 -83.96 35.65 4.15
C GLY F 631 -85.43 35.79 3.84
N ASP F 632 -85.99 36.93 4.24
CA ASP F 632 -87.41 37.17 4.03
C ASP F 632 -87.67 37.62 2.59
N THR F 633 -88.72 37.05 2.00
CA THR F 633 -89.05 37.37 0.61
C THR F 633 -89.52 38.80 0.45
N MET F 634 -90.25 39.33 1.45
CA MET F 634 -90.83 40.67 1.34
C MET F 634 -89.78 41.76 1.29
N LYS F 635 -88.55 41.50 1.73
CA LYS F 635 -87.50 42.50 1.74
C LYS F 635 -87.06 42.80 0.32
N LYS F 636 -86.96 44.09 -0.01
CA LYS F 636 -86.45 44.49 -1.32
C LYS F 636 -84.99 44.09 -1.50
N GLU F 637 -84.18 44.27 -0.46
CA GLU F 637 -82.77 43.92 -0.53
C GLU F 637 -82.54 42.51 -0.01
N LYS F 638 -81.96 41.66 -0.86
CA LYS F 638 -81.67 40.28 -0.52
C LYS F 638 -80.19 40.01 -0.74
N ASN F 639 -79.57 39.30 0.19
CA ASN F 639 -78.18 38.89 -0.01
C ASN F 639 -78.09 37.69 -0.94
N VAL F 640 -77.10 37.76 -1.84
CA VAL F 640 -76.83 36.75 -2.84
C VAL F 640 -75.43 36.24 -2.58
N THR F 641 -75.29 34.92 -2.49
CA THR F 641 -74.01 34.28 -2.24
C THR F 641 -73.58 33.50 -3.49
N LEU F 642 -72.40 33.82 -4.00
CA LEU F 642 -71.87 33.18 -5.21
C LEU F 642 -70.94 32.04 -4.81
N LEU F 643 -71.18 30.86 -5.38
CA LEU F 643 -70.24 29.75 -5.23
C LEU F 643 -69.89 29.20 -6.60
N TRP F 644 -68.61 28.92 -6.81
CA TRP F 644 -68.11 28.57 -8.13
C TRP F 644 -67.22 27.34 -8.05
N LYS F 645 -67.36 26.46 -9.04
CA LYS F 645 -66.51 25.28 -9.16
C LYS F 645 -65.12 25.69 -9.62
N PRO F 646 -64.06 25.23 -8.96
CA PRO F 646 -62.70 25.57 -9.40
C PRO F 646 -62.42 25.04 -10.80
N LEU F 647 -61.63 25.81 -11.55
CA LEU F 647 -61.28 25.47 -12.92
C LEU F 647 -60.32 24.29 -12.94
N MET F 648 -60.48 23.42 -13.93
CA MET F 648 -59.61 22.27 -14.09
C MET F 648 -58.50 22.63 -15.08
N LYS F 649 -57.56 21.69 -15.27
CA LYS F 649 -56.34 21.98 -16.02
C LYS F 649 -56.64 22.38 -17.47
N ASN F 650 -57.58 21.70 -18.11
CA ASN F 650 -57.83 21.94 -19.54
C ASN F 650 -58.41 23.34 -19.77
N ASP F 651 -59.45 23.71 -19.02
CA ASP F 651 -60.08 25.00 -19.23
C ASP F 651 -59.24 26.14 -18.69
N SER F 652 -58.60 25.95 -17.53
CA SER F 652 -57.76 27.00 -16.96
C SER F 652 -56.46 27.16 -17.73
N LEU F 653 -56.07 26.16 -18.53
CA LEU F 653 -54.83 26.21 -19.31
C LEU F 653 -53.63 26.46 -18.41
N CYS F 654 -53.34 25.47 -17.56
CA CYS F 654 -52.25 25.40 -16.58
C CYS F 654 -52.72 25.90 -15.22
N SER F 655 -52.82 27.21 -15.05
CA SER F 655 -53.25 27.74 -13.76
C SER F 655 -53.88 29.12 -13.96
N VAL F 656 -54.86 29.41 -13.12
CA VAL F 656 -55.50 30.72 -13.06
C VAL F 656 -55.41 31.22 -11.63
N GLN F 657 -54.70 32.33 -11.44
CA GLN F 657 -54.40 32.83 -10.10
C GLN F 657 -55.35 33.95 -9.66
N ARG F 658 -56.27 34.40 -10.52
CA ARG F 658 -57.09 35.56 -10.18
C ARG F 658 -58.47 35.39 -10.83
N TYR F 659 -59.51 35.51 -10.01
CA TYR F 659 -60.88 35.57 -10.48
C TYR F 659 -61.49 36.91 -10.11
N VAL F 660 -62.24 37.50 -11.04
CA VAL F 660 -62.86 38.80 -10.84
C VAL F 660 -64.34 38.68 -11.20
N ILE F 661 -65.16 39.58 -10.67
CA ILE F 661 -66.59 39.59 -10.94
C ILE F 661 -66.98 41.01 -11.35
N ASN F 662 -67.51 41.18 -12.55
CA ASN F 662 -67.92 42.50 -13.02
C ASN F 662 -69.44 42.56 -13.16
N HIS F 663 -70.01 43.69 -12.78
CA HIS F 663 -71.45 43.87 -12.72
C HIS F 663 -71.90 44.93 -13.73
N HIS F 664 -73.20 44.93 -14.01
CA HIS F 664 -73.82 45.89 -14.92
C HIS F 664 -75.25 46.11 -14.45
N THR F 665 -75.54 47.33 -13.98
CA THR F 665 -76.87 47.68 -13.53
C THR F 665 -77.64 48.40 -14.64
N SER F 666 -78.81 48.94 -14.26
CA SER F 666 -79.59 49.73 -15.21
C SER F 666 -78.96 51.08 -15.48
N CYS F 667 -78.00 51.52 -14.65
CA CYS F 667 -77.33 52.79 -14.82
C CYS F 667 -76.00 52.67 -15.57
N ASN F 668 -75.76 51.53 -16.22
CA ASN F 668 -74.53 51.28 -16.97
C ASN F 668 -73.30 51.41 -16.07
N GLY F 669 -73.43 50.96 -14.82
CA GLY F 669 -72.32 50.98 -13.90
C GLY F 669 -71.43 49.76 -14.01
N THR F 670 -70.23 49.93 -14.57
CA THR F 670 -69.30 48.84 -14.77
C THR F 670 -68.15 48.97 -13.78
N TRP F 671 -67.92 47.91 -13.00
CA TRP F 671 -66.83 47.88 -12.05
C TRP F 671 -66.45 46.43 -11.79
N SER F 672 -65.24 46.24 -11.27
CA SER F 672 -64.70 44.91 -11.03
C SER F 672 -64.49 44.70 -9.53
N GLU F 673 -64.96 43.57 -9.02
CA GLU F 673 -64.79 43.19 -7.63
C GLU F 673 -63.92 41.94 -7.54
N ASP F 674 -63.08 41.91 -6.51
CA ASP F 674 -62.16 40.82 -6.28
C ASP F 674 -62.64 39.98 -5.10
N VAL F 675 -62.61 38.66 -5.26
CA VAL F 675 -63.01 37.75 -4.19
C VAL F 675 -61.81 37.09 -3.52
N GLY F 676 -60.67 37.01 -4.17
CA GLY F 676 -59.49 36.42 -3.54
C GLY F 676 -59.69 34.93 -3.30
N ASN F 677 -59.13 34.45 -2.18
CA ASN F 677 -59.22 33.05 -1.79
C ASN F 677 -60.42 32.77 -0.90
N HIS F 678 -61.46 33.60 -1.00
CA HIS F 678 -62.65 33.47 -0.17
C HIS F 678 -63.64 32.51 -0.83
N THR F 679 -64.28 31.68 -0.01
CA THR F 679 -65.16 30.63 -0.51
C THR F 679 -66.52 31.14 -0.93
N LYS F 680 -66.87 32.38 -0.60
CA LYS F 680 -68.17 32.94 -0.97
C LYS F 680 -68.08 34.45 -1.01
N PHE F 681 -69.18 35.08 -1.43
CA PHE F 681 -69.24 36.53 -1.54
C PHE F 681 -70.70 36.94 -1.44
N THR F 682 -70.94 38.02 -0.71
CA THR F 682 -72.29 38.51 -0.42
C THR F 682 -72.57 39.78 -1.20
N PHE F 683 -73.70 39.82 -1.89
CA PHE F 683 -74.10 41.00 -2.65
C PHE F 683 -75.55 41.35 -2.33
N LEU F 684 -75.81 42.65 -2.18
CA LEU F 684 -77.14 43.17 -1.87
C LEU F 684 -77.87 43.43 -3.18
N TRP F 685 -78.78 42.53 -3.55
CA TRP F 685 -79.54 42.66 -4.79
C TRP F 685 -80.82 43.44 -4.50
N THR F 686 -80.87 44.65 -5.04
CA THR F 686 -82.03 45.52 -4.82
C THR F 686 -82.71 45.88 -6.14
N GLU F 687 -81.92 46.15 -7.17
CA GLU F 687 -82.46 46.47 -8.48
C GLU F 687 -83.16 45.26 -9.09
N GLN F 688 -84.21 45.52 -9.85
CA GLN F 688 -84.96 44.44 -10.49
C GLN F 688 -84.12 43.69 -11.51
N ALA F 689 -83.34 44.41 -12.32
CA ALA F 689 -82.52 43.81 -13.36
C ALA F 689 -81.04 44.06 -13.06
N HIS F 690 -80.22 43.03 -13.28
CA HIS F 690 -78.79 43.12 -13.02
C HIS F 690 -78.07 42.06 -13.84
N THR F 691 -76.84 42.38 -14.25
CA THR F 691 -75.99 41.46 -14.99
C THR F 691 -74.70 41.25 -14.21
N VAL F 692 -74.25 40.01 -14.09
CA VAL F 692 -73.03 39.67 -13.39
C VAL F 692 -72.24 38.67 -14.23
N THR F 693 -70.94 38.87 -14.33
CA THR F 693 -70.08 37.98 -15.10
C THR F 693 -68.81 37.69 -14.31
N VAL F 694 -68.39 36.43 -14.32
CA VAL F 694 -67.18 36.01 -13.62
C VAL F 694 -66.08 35.78 -14.65
N LEU F 695 -64.98 36.50 -14.51
CA LEU F 695 -63.87 36.47 -15.46
C LEU F 695 -62.65 35.88 -14.76
N ALA F 696 -62.07 34.84 -15.36
CA ALA F 696 -60.87 34.22 -14.84
C ALA F 696 -59.65 34.86 -15.51
N ILE F 697 -59.03 35.81 -14.82
CA ILE F 697 -57.91 36.58 -15.36
C ILE F 697 -56.61 35.95 -14.90
N ASN F 698 -55.97 35.19 -15.77
CA ASN F 698 -54.67 34.62 -15.48
C ASN F 698 -53.59 35.65 -15.81
N SER F 699 -52.32 35.23 -15.77
CA SER F 699 -51.24 36.15 -16.10
C SER F 699 -51.26 36.54 -17.57
N ILE F 700 -51.73 35.65 -18.44
CA ILE F 700 -51.73 35.93 -19.87
C ILE F 700 -52.75 37.02 -20.22
N GLY F 701 -53.95 36.91 -19.67
CA GLY F 701 -54.98 37.89 -19.98
C GLY F 701 -56.33 37.46 -19.45
N ALA F 702 -57.36 37.82 -20.20
CA ALA F 702 -58.73 37.60 -19.78
C ALA F 702 -59.39 36.49 -20.61
N SER F 703 -60.34 35.80 -19.99
CA SER F 703 -61.12 34.78 -20.68
C SER F 703 -62.02 35.42 -21.73
N VAL F 704 -62.22 34.72 -22.84
CA VAL F 704 -62.92 35.29 -23.98
C VAL F 704 -64.40 34.92 -23.98
N ALA F 705 -64.76 33.76 -23.43
CA ALA F 705 -66.14 33.29 -23.41
C ALA F 705 -66.59 33.14 -21.96
N ASN F 706 -67.69 33.79 -21.62
CA ASN F 706 -68.25 33.73 -20.27
C ASN F 706 -69.77 33.86 -20.34
N PHE F 707 -70.43 33.40 -19.28
CA PHE F 707 -71.88 33.38 -19.22
C PHE F 707 -72.36 34.31 -18.12
N ASN F 708 -73.33 35.15 -18.47
CA ASN F 708 -73.84 36.20 -17.59
C ASN F 708 -75.31 35.96 -17.26
N LEU F 709 -75.71 36.41 -16.07
CA LEU F 709 -77.04 36.17 -15.54
C LEU F 709 -77.93 37.39 -15.74
N THR F 710 -79.23 37.19 -15.55
CA THR F 710 -80.22 38.25 -15.52
C THR F 710 -81.24 37.95 -14.44
N PHE F 711 -81.84 39.01 -13.89
CA PHE F 711 -82.80 38.87 -12.80
C PHE F 711 -83.99 39.77 -13.05
N SER F 712 -85.12 39.41 -12.43
CA SER F 712 -86.35 40.19 -12.55
C SER F 712 -87.24 39.85 -11.36
N TRP F 713 -87.99 40.86 -10.88
CA TRP F 713 -88.88 40.62 -9.74
C TRP F 713 -90.13 39.84 -10.15
N PRO F 714 -90.97 40.33 -11.09
CA PRO F 714 -92.21 39.62 -11.39
C PRO F 714 -92.00 38.34 -12.18
N MET F 715 -91.07 38.36 -13.13
CA MET F 715 -90.87 37.22 -14.01
C MET F 715 -90.28 36.02 -13.27
N SER F 716 -89.69 36.26 -12.10
CA SER F 716 -89.11 35.15 -11.34
C SER F 716 -90.16 34.34 -10.60
N LYS F 717 -91.40 34.82 -10.56
CA LYS F 717 -92.47 34.14 -9.83
C LYS F 717 -93.30 33.21 -10.72
N VAL F 718 -92.97 33.08 -12.00
CA VAL F 718 -93.72 32.22 -12.92
C VAL F 718 -93.14 30.82 -12.85
N ASN F 719 -94.01 29.83 -13.03
CA ASN F 719 -93.64 28.43 -12.96
C ASN F 719 -93.89 27.77 -14.31
N ILE F 720 -92.89 27.03 -14.80
CA ILE F 720 -92.98 26.35 -16.07
C ILE F 720 -92.83 24.84 -15.92
N VAL F 721 -92.91 24.32 -14.70
CA VAL F 721 -92.72 22.90 -14.44
C VAL F 721 -94.07 22.29 -14.06
N GLN F 722 -94.53 21.32 -14.87
CA GLN F 722 -95.76 20.62 -14.53
C GLN F 722 -95.55 19.69 -13.33
N SER F 723 -94.47 18.92 -13.34
CA SER F 723 -94.19 17.99 -12.25
C SER F 723 -92.73 17.56 -12.30
N LEU F 724 -92.25 17.06 -11.17
CA LEU F 724 -90.89 16.54 -11.04
C LEU F 724 -90.93 15.33 -10.11
N SER F 725 -90.27 14.24 -10.52
CA SER F 725 -90.33 12.99 -9.76
C SER F 725 -88.95 12.35 -9.72
N ALA F 726 -88.73 11.59 -8.64
CA ALA F 726 -87.50 10.84 -8.44
C ALA F 726 -87.85 9.42 -8.03
N TYR F 727 -87.16 8.45 -8.63
CA TYR F 727 -87.40 7.03 -8.39
C TYR F 727 -86.14 6.36 -7.88
N PRO F 728 -86.19 5.69 -6.73
CA PRO F 728 -84.97 5.08 -6.16
C PRO F 728 -84.61 3.80 -6.91
N LEU F 729 -83.40 3.76 -7.46
CA LEU F 729 -82.89 2.57 -8.13
C LEU F 729 -81.95 1.78 -7.24
N ASN F 730 -80.89 2.42 -6.75
CA ASN F 730 -79.94 1.82 -5.82
C ASN F 730 -79.12 2.95 -5.19
N SER F 731 -78.07 2.57 -4.46
CA SER F 731 -77.30 3.55 -3.70
C SER F 731 -76.31 4.33 -4.55
N SER F 732 -76.19 4.02 -5.83
CA SER F 732 -75.27 4.74 -6.71
C SER F 732 -75.95 5.51 -7.83
N CYS F 733 -77.19 5.16 -8.18
CA CYS F 733 -77.90 5.86 -9.24
C CYS F 733 -79.39 5.97 -8.89
N VAL F 734 -79.97 7.12 -9.16
CA VAL F 734 -81.40 7.36 -8.94
C VAL F 734 -82.02 7.97 -10.19
N ILE F 735 -83.20 7.50 -10.55
CA ILE F 735 -83.96 8.01 -11.69
C ILE F 735 -84.52 9.39 -11.34
N VAL F 736 -84.37 10.35 -12.26
CA VAL F 736 -84.94 11.67 -12.10
C VAL F 736 -85.66 12.03 -13.41
N SER F 737 -86.93 12.40 -13.29
CA SER F 737 -87.74 12.79 -14.44
C SER F 737 -88.46 14.10 -14.14
N TRP F 738 -88.76 14.86 -15.18
CA TRP F 738 -89.45 16.14 -15.05
C TRP F 738 -90.29 16.40 -16.28
N ILE F 739 -91.51 16.90 -16.06
CA ILE F 739 -92.42 17.28 -17.14
C ILE F 739 -92.72 18.76 -16.98
N LEU F 740 -92.59 19.51 -18.06
CA LEU F 740 -92.67 20.97 -18.04
C LEU F 740 -93.95 21.43 -18.72
N SER F 741 -94.55 22.48 -18.18
CA SER F 741 -95.68 23.14 -18.83
C SER F 741 -95.19 24.01 -19.98
N PRO F 742 -96.03 24.23 -21.00
CA PRO F 742 -95.60 25.07 -22.13
C PRO F 742 -95.28 26.50 -21.69
N SER F 743 -94.29 27.08 -22.37
CA SER F 743 -93.86 28.44 -22.09
C SER F 743 -93.83 29.24 -23.39
N ASP F 744 -94.11 30.53 -23.28
CA ASP F 744 -94.19 31.38 -24.46
C ASP F 744 -92.82 31.65 -25.07
N TYR F 745 -91.83 31.97 -24.25
CA TYR F 745 -90.52 32.37 -24.74
C TYR F 745 -89.56 31.18 -24.87
N LYS F 746 -88.29 31.47 -25.10
CA LYS F 746 -87.27 30.47 -25.41
C LYS F 746 -86.63 29.96 -24.14
N LEU F 747 -86.33 28.65 -24.11
CA LEU F 747 -85.81 27.97 -22.94
C LEU F 747 -84.61 27.12 -23.31
N MET F 748 -83.59 27.11 -22.44
CA MET F 748 -82.33 26.44 -22.77
C MET F 748 -81.97 25.32 -21.80
N TYR F 749 -81.98 25.55 -20.49
CA TYR F 749 -81.51 24.52 -19.56
C TYR F 749 -82.08 24.78 -18.17
N PHE F 750 -81.88 23.81 -17.28
CA PHE F 750 -82.37 23.85 -15.90
C PHE F 750 -81.22 23.54 -14.95
N ILE F 751 -81.43 23.90 -13.68
CA ILE F 751 -80.52 23.54 -12.59
C ILE F 751 -81.34 22.84 -11.51
N ILE F 752 -80.73 21.83 -10.89
CA ILE F 752 -81.37 21.03 -9.85
C ILE F 752 -80.47 21.00 -8.63
N GLU F 753 -81.06 21.22 -7.46
CA GLU F 753 -80.37 21.16 -6.18
C GLU F 753 -81.06 20.12 -5.31
N TRP F 754 -80.28 19.29 -4.63
CA TRP F 754 -80.85 18.36 -3.67
C TRP F 754 -80.03 18.37 -2.39
N LYS F 755 -80.72 18.46 -1.26
CA LYS F 755 -80.09 18.63 0.03
C LYS F 755 -80.67 17.61 1.01
N ASN F 756 -79.79 17.10 1.89
CA ASN F 756 -80.23 16.22 2.95
C ASN F 756 -81.13 16.99 3.93
N LEU F 757 -82.18 16.32 4.41
CA LEU F 757 -83.17 16.97 5.25
C LEU F 757 -82.87 16.83 6.74
N ASN F 758 -82.45 15.63 7.16
CA ASN F 758 -82.23 15.39 8.59
C ASN F 758 -80.95 16.04 9.08
N GLU F 759 -80.05 16.42 8.17
CA GLU F 759 -78.78 17.04 8.53
C GLU F 759 -78.55 18.24 7.61
N ASP F 760 -77.76 19.20 8.10
CA ASP F 760 -77.49 20.41 7.35
C ASP F 760 -76.56 20.03 6.19
N GLY F 761 -77.14 19.83 5.01
CA GLY F 761 -76.35 19.46 3.86
C GLY F 761 -75.69 20.66 3.21
N GLU F 762 -74.83 20.35 2.24
CA GLU F 762 -74.10 21.37 1.50
C GLU F 762 -74.74 21.51 0.12
N ILE F 763 -74.99 22.75 -0.30
CA ILE F 763 -75.78 22.99 -1.51
C ILE F 763 -74.92 22.70 -2.73
N LYS F 764 -75.16 21.56 -3.37
CA LYS F 764 -74.40 21.15 -4.55
C LYS F 764 -75.37 20.93 -5.71
N TRP F 765 -74.98 21.41 -6.89
CA TRP F 765 -75.90 21.63 -8.00
C TRP F 765 -75.74 20.58 -9.10
N LEU F 766 -76.66 20.64 -10.06
CA LEU F 766 -76.55 19.86 -11.29
C LEU F 766 -77.22 20.64 -12.41
N ARG F 767 -76.45 20.98 -13.44
CA ARG F 767 -76.93 21.75 -14.58
C ARG F 767 -77.15 20.81 -15.76
N ILE F 768 -78.31 20.91 -16.40
CA ILE F 768 -78.65 20.01 -17.50
C ILE F 768 -79.50 20.74 -18.52
N SER F 769 -79.22 20.52 -19.81
CA SER F 769 -80.00 21.13 -20.87
C SER F 769 -81.42 20.59 -20.86
N SER F 770 -82.36 21.41 -21.35
CA SER F 770 -83.77 21.06 -21.33
C SER F 770 -84.17 20.12 -22.46
N SER F 771 -83.24 19.80 -23.37
CA SER F 771 -83.57 18.91 -24.48
C SER F 771 -83.87 17.49 -24.04
N VAL F 772 -83.48 17.12 -22.82
CA VAL F 772 -83.70 15.78 -22.30
C VAL F 772 -84.52 15.86 -21.01
N LYS F 773 -85.52 14.99 -20.90
CA LYS F 773 -86.44 14.98 -19.78
C LYS F 773 -86.15 13.89 -18.74
N LYS F 774 -84.97 13.29 -18.76
CA LYS F 774 -84.66 12.12 -17.94
C LYS F 774 -83.17 12.05 -17.68
N TYR F 775 -82.81 11.93 -16.39
CA TYR F 775 -81.40 11.82 -16.02
C TYR F 775 -81.24 10.83 -14.87
N TYR F 776 -80.15 10.06 -14.95
CA TYR F 776 -79.64 9.31 -13.81
C TYR F 776 -78.75 10.22 -12.99
N ILE F 777 -79.00 10.29 -11.68
CA ILE F 777 -78.13 11.03 -10.77
C ILE F 777 -77.25 10.02 -10.04
N HIS F 778 -75.95 10.30 -10.02
CA HIS F 778 -74.93 9.37 -9.55
C HIS F 778 -74.09 10.01 -8.45
N ASP F 779 -74.47 9.77 -7.20
CA ASP F 779 -73.67 10.09 -6.03
C ASP F 779 -74.15 9.22 -4.88
N HIS F 780 -73.78 9.58 -3.67
CA HIS F 780 -74.14 8.79 -2.50
C HIS F 780 -75.54 9.13 -2.02
N PHE F 781 -76.39 8.11 -1.91
CA PHE F 781 -77.73 8.25 -1.34
C PHE F 781 -77.87 7.36 -0.13
N ILE F 782 -78.44 7.89 0.95
CA ILE F 782 -78.72 7.14 2.17
C ILE F 782 -80.23 7.00 2.29
N PRO F 783 -80.80 5.80 2.10
CA PRO F 783 -82.27 5.67 2.11
C PRO F 783 -82.91 5.93 3.46
N ILE F 784 -82.13 5.90 4.56
CA ILE F 784 -82.72 6.01 5.89
C ILE F 784 -83.38 7.36 6.08
N GLU F 785 -82.71 8.43 5.69
CA GLU F 785 -83.24 9.76 5.90
C GLU F 785 -83.54 10.45 4.57
N LYS F 786 -84.47 11.40 4.61
CA LYS F 786 -85.11 11.96 3.43
C LYS F 786 -84.28 13.10 2.83
N TYR F 787 -84.49 13.34 1.53
CA TYR F 787 -83.86 14.42 0.80
C TYR F 787 -84.92 15.40 0.30
N GLN F 788 -84.48 16.60 -0.06
CA GLN F 788 -85.35 17.59 -0.69
C GLN F 788 -84.73 18.09 -1.98
N PHE F 789 -85.57 18.29 -2.99
CA PHE F 789 -85.12 18.72 -4.31
C PHE F 789 -85.77 20.04 -4.66
N SER F 790 -84.97 20.97 -5.16
CA SER F 790 -85.43 22.24 -5.71
C SER F 790 -84.97 22.34 -7.16
N LEU F 791 -85.92 22.40 -8.08
CA LEU F 791 -85.65 22.59 -9.49
C LEU F 791 -85.86 24.05 -9.85
N TYR F 792 -84.82 24.67 -10.41
CA TYR F 792 -84.88 26.06 -10.85
C TYR F 792 -84.71 26.10 -12.37
N PRO F 793 -85.75 26.51 -13.10
CA PRO F 793 -85.56 26.78 -14.53
C PRO F 793 -84.72 28.04 -14.74
N ILE F 794 -83.96 28.03 -15.82
CA ILE F 794 -83.10 29.15 -16.20
C ILE F 794 -83.74 29.86 -17.40
N PHE F 795 -83.75 31.19 -17.36
CA PHE F 795 -84.43 31.95 -18.39
C PHE F 795 -83.64 33.23 -18.65
N MET F 796 -83.89 33.83 -19.81
CA MET F 796 -83.14 35.02 -20.19
C MET F 796 -83.57 36.23 -19.37
N GLU F 797 -84.76 36.18 -18.77
CA GLU F 797 -85.18 37.26 -17.88
C GLU F 797 -84.78 37.01 -16.44
N GLY F 798 -84.70 35.76 -16.02
CA GLY F 798 -84.34 35.43 -14.65
C GLY F 798 -84.46 33.94 -14.41
N VAL F 799 -84.85 33.59 -13.19
CA VAL F 799 -85.01 32.21 -12.76
C VAL F 799 -86.46 32.01 -12.32
N GLY F 800 -87.10 30.97 -12.84
CA GLY F 800 -88.51 30.74 -12.60
C GLY F 800 -88.83 30.29 -11.19
N LYS F 801 -90.10 29.98 -10.98
CA LYS F 801 -90.57 29.58 -9.67
C LYS F 801 -89.93 28.26 -9.25
N PRO F 802 -89.59 28.09 -7.98
CA PRO F 802 -89.01 26.82 -7.52
C PRO F 802 -89.98 25.67 -7.70
N LYS F 803 -89.42 24.49 -8.00
CA LYS F 803 -90.16 23.24 -7.94
C LYS F 803 -89.57 22.41 -6.80
N ILE F 804 -90.27 22.38 -5.68
CA ILE F 804 -89.74 21.80 -4.44
C ILE F 804 -90.48 20.49 -4.16
N ILE F 805 -89.73 19.40 -4.05
CA ILE F 805 -90.25 18.09 -3.68
C ILE F 805 -89.52 17.63 -2.43
N ASN F 806 -90.29 17.36 -1.36
CA ASN F 806 -89.71 16.95 -0.08
C ASN F 806 -89.79 15.45 0.18
N SER F 807 -90.31 14.67 -0.77
CA SER F 807 -90.49 13.24 -0.55
C SER F 807 -90.02 12.47 -1.78
N PHE F 808 -89.95 11.15 -1.62
CA PHE F 808 -89.57 10.24 -2.69
C PHE F 808 -90.82 9.66 -3.34
N THR F 809 -90.91 9.78 -4.67
CA THR F 809 -92.06 9.28 -5.40
C THR F 809 -91.63 8.41 -6.58
C1 NAG G . 3.98 -13.11 55.46
C2 NAG G . 4.04 -14.60 55.13
C3 NAG G . 2.64 -15.22 55.24
C4 NAG G . 2.02 -14.92 56.60
C5 NAG G . 2.06 -13.42 56.86
C6 NAG G . 1.58 -13.06 58.25
C7 NAG G . 5.42 -15.84 53.52
C8 NAG G . 5.90 -15.92 52.10
N2 NAG G . 4.59 -14.83 53.81
O3 NAG G . 2.73 -16.63 55.04
O4 NAG G . 0.68 -15.39 56.63
O5 NAG G . 3.40 -12.93 56.75
O6 NAG G . 0.58 -12.05 58.22
O7 NAG G . 5.76 -16.66 54.37
C1 NAG G . 0.58 -16.47 57.59
C2 NAG G . -0.55 -17.40 57.13
C3 NAG G . -0.68 -18.58 58.09
C4 NAG G . 0.67 -19.28 58.25
C5 NAG G . 1.74 -18.27 58.66
C6 NAG G . 3.12 -18.88 58.73
C7 NAG G . -2.73 -16.96 56.09
C8 NAG G . -3.97 -16.12 56.13
N2 NAG G . -1.81 -16.69 57.03
O3 NAG G . -1.64 -19.50 57.59
O4 NAG G . 0.57 -20.29 59.26
O5 NAG G . 1.80 -17.20 57.71
O6 NAG G . 3.36 -19.76 57.64
O7 NAG G . -2.56 -17.84 55.25
C1 FUC G . 0.24 -11.65 59.56
C2 FUC G . -1.19 -12.17 59.86
C3 FUC G . -1.31 -12.70 61.30
C4 FUC G . -0.54 -11.81 62.28
C5 FUC G . 0.95 -11.82 61.90
C6 FUC G . 1.66 -10.50 62.16
O2 FUC G . -1.62 -13.14 58.92
O3 FUC G . -2.68 -12.71 61.70
O4 FUC G . -1.04 -10.48 62.24
O5 FUC G . 1.18 -12.15 60.50
C1 NAG H . -59.53 -8.77 0.64
C2 NAG H . -58.28 -8.06 1.15
C3 NAG H . -57.43 -9.03 1.95
C4 NAG H . -58.25 -9.70 3.05
C5 NAG H . -59.54 -10.29 2.48
C6 NAG H . -60.47 -10.80 3.56
C7 NAG H . -56.74 -6.40 0.20
C8 NAG H . -56.01 -5.94 -1.04
N2 NAG H . -57.53 -7.48 0.06
O3 NAG H . -56.33 -8.32 2.52
O4 NAG H . -57.51 -10.75 3.63
O5 NAG H . -60.28 -9.29 1.75
O6 NAG H . -61.63 -11.39 3.00
O7 NAG H . -56.64 -5.80 1.26
C1 NAG I . -7.24 -26.47 15.76
C2 NAG I . -6.88 -25.28 14.87
C3 NAG I . -6.00 -24.30 15.63
C4 NAG I . -6.67 -23.89 16.94
C5 NAG I . -7.04 -25.13 17.75
C6 NAG I . -7.81 -24.80 19.00
C7 NAG I . -6.54 -25.28 12.43
C8 NAG I . -5.76 -25.85 11.30
N2 NAG I . -6.21 -25.73 13.66
O3 NAG I . -5.77 -23.15 14.83
O4 NAG I . -5.78 -23.08 17.71
O5 NAG I . -7.87 -26.00 16.96
O6 NAG I . -9.18 -24.51 18.71
O7 NAG I . -7.45 -24.47 12.27
C1 NAG J . -3.07 -4.29 47.02
C2 NAG J . -3.31 -3.82 48.45
C3 NAG J . -4.63 -4.38 48.97
C4 NAG J . -5.76 -4.01 48.02
C5 NAG J . -5.42 -4.45 46.59
C6 NAG J . -6.45 -4.00 45.58
C7 NAG J . -1.52 -3.31 50.05
C8 NAG J . -0.42 -3.87 50.89
N2 NAG J . -2.21 -4.20 49.32
O3 NAG J . -4.89 -3.83 50.26
O4 NAG J . -6.96 -4.66 48.44
O5 NAG J . -4.16 -3.88 46.18
O6 NAG J . -7.76 -4.09 46.12
O7 NAG J . -1.77 -2.12 50.02
C1 NAG K . 21.34 -14.74 35.05
C2 NAG K . 22.34 -14.69 33.89
C3 NAG K . 23.64 -15.37 34.29
C4 NAG K . 24.17 -14.78 35.60
C5 NAG K . 23.08 -14.77 36.67
C6 NAG K . 23.50 -14.09 37.95
C7 NAG K . 21.79 -14.77 31.50
C8 NAG K . 22.44 -13.42 31.40
N2 NAG K . 21.78 -15.33 32.70
O3 NAG K . 24.60 -15.21 33.26
O4 NAG K . 25.27 -15.55 36.06
O5 NAG K . 21.91 -14.09 36.18
O6 NAG K . 23.09 -14.84 39.09
O7 NAG K . 21.32 -15.33 30.51
C1 NAG L . -61.58 -45.97 -5.58
C2 NAG L . -62.16 -47.30 -5.08
C3 NAG L . -62.53 -47.17 -3.60
C4 NAG L . -61.34 -46.68 -2.79
C5 NAG L . -60.79 -45.38 -3.39
C6 NAG L . -59.54 -44.90 -2.70
C7 NAG L . -63.26 -48.69 -6.77
C8 NAG L . -64.54 -48.99 -7.49
N2 NAG L . -63.31 -47.70 -5.87
O3 NAG L . -62.95 -48.45 -3.12
O4 NAG L . -61.74 -46.43 -1.45
O5 NAG L . -60.46 -45.60 -4.77
O6 NAG L . -58.40 -45.00 -3.54
O7 NAG L . -62.23 -49.34 -6.98
C1 NAG M . -68.79 2.14 1.38
C2 NAG M . -67.48 2.27 0.56
C3 NAG M . -66.39 2.93 1.40
C4 NAG M . -66.89 4.22 2.06
C5 NAG M . -68.23 4.02 2.77
C6 NAG M . -68.82 5.33 3.23
C7 NAG M . -67.00 0.57 -1.17
C8 NAG M . -66.47 -0.82 -1.41
N2 NAG M . -67.03 0.96 0.11
O3 NAG M . -65.27 3.23 0.57
O4 NAG M . -65.93 4.65 3.02
O5 NAG M . -69.18 3.43 1.88
O6 NAG M . -68.78 6.30 2.19
O7 NAG M . -67.37 1.30 -2.09
C1 NAG N . -13.24 13.63 15.71
C2 NAG N . -12.23 12.53 15.99
C3 NAG N . -11.40 12.24 14.74
C4 NAG N . -12.32 11.93 13.57
C5 NAG N . -13.33 13.06 13.38
C6 NAG N . -14.35 12.76 12.30
C7 NAG N . -11.61 12.53 18.37
C8 NAG N . -10.61 12.98 19.39
N2 NAG N . -11.37 12.89 17.11
O3 NAG N . -10.55 11.13 15.00
O4 NAG N . -11.55 11.79 12.38
O5 NAG N . -14.07 13.26 14.60
O6 NAG N . -14.13 13.56 11.14
O7 NAG N . -12.59 11.85 18.68
C1 NAG O . 15.80 29.83 -5.98
C2 NAG O . 16.82 29.33 -4.96
C3 NAG O . 18.20 29.18 -5.61
C4 NAG O . 18.10 28.29 -6.86
C5 NAG O . 17.03 28.84 -7.80
C6 NAG O . 16.79 27.94 -9.00
C7 NAG O . 16.76 29.78 -2.55
C8 NAG O . 16.86 30.84 -1.48
N2 NAG O . 16.90 30.21 -3.81
O3 NAG O . 19.11 28.60 -4.68
O4 NAG O . 19.36 28.26 -7.53
O5 NAG O . 15.78 28.95 -7.12
O6 NAG O . 17.52 28.38 -10.14
O7 NAG O . 16.55 28.60 -2.28
C1 NAG P . -48.78 -8.77 32.66
C2 NAG P . -47.56 -9.62 33.05
C3 NAG P . -46.30 -8.76 33.10
C4 NAG P . -46.11 -8.01 31.79
C5 NAG P . -47.37 -7.21 31.47
C6 NAG P . -47.30 -6.52 30.12
C7 NAG P . -47.19 -11.46 34.63
C8 NAG P . -47.52 -12.03 35.98
N2 NAG P . -47.78 -10.30 34.31
O3 NAG P . -45.16 -9.59 33.34
O4 NAG P . -45.00 -7.12 31.89
O5 NAG P . -48.51 -8.09 31.42
O6 NAG P . -45.96 -6.39 29.67
O7 NAG P . -46.44 -12.05 33.86
C1 NAG Q . -71.84 -19.69 35.33
C2 NAG Q . -71.98 -21.20 35.03
C3 NAG Q . -71.64 -22.01 36.28
C4 NAG Q . -70.26 -21.64 36.79
C5 NAG Q . -70.21 -20.13 37.03
C6 NAG Q . -68.85 -19.64 37.48
C7 NAG Q . -73.52 -22.25 33.44
C8 NAG Q . -74.96 -22.50 33.07
N2 NAG Q . -73.31 -21.53 34.54
O3 NAG Q . -71.71 -23.40 35.99
O4 NAG Q . -69.97 -22.31 38.00
O5 NAG Q . -70.52 -19.42 35.83
O6 NAG Q . -68.87 -19.27 38.86
O7 NAG Q . -72.60 -22.68 32.76
C1 NAG R . -69.01 6.08 38.92
C2 NAG R . -70.51 6.27 38.74
C3 NAG R . -70.86 7.76 38.78
C4 NAG R . -70.31 8.41 40.05
C5 NAG R . -68.82 8.13 40.17
C6 NAG R . -68.22 8.63 41.47
C7 NAG R . -72.15 5.06 37.39
C8 NAG R . -72.47 4.49 36.03
N2 NAG R . -70.97 5.67 37.50
O3 NAG R . -72.28 7.92 38.73
O4 NAG R . -70.52 9.81 40.02
O5 NAG R . -68.57 6.71 40.14
O6 NAG R . -68.22 7.63 42.47
O7 NAG R . -72.93 4.95 38.33
C1 NAG S . -8.40 40.83 -15.41
C2 NAG S . -8.43 42.06 -16.32
C3 NAG S . -9.62 42.94 -15.99
C4 NAG S . -10.91 42.12 -16.01
C5 NAG S . -10.76 40.89 -15.12
C6 NAG S . -11.96 39.96 -15.20
C7 NAG S . -6.45 43.16 -17.28
C8 NAG S . -5.20 43.94 -17.00
N2 NAG S . -7.19 42.82 -16.22
O3 NAG S . -9.71 44.00 -16.94
O4 NAG S . -11.99 42.92 -15.52
O5 NAG S . -9.62 40.12 -15.54
O6 NAG S . -11.81 38.98 -16.20
O7 NAG S . -6.76 42.84 -18.43
C1 NAG T . -77.04 1.03 -9.68
C2 NAG T . -75.73 0.25 -9.56
C3 NAG T . -74.79 0.63 -10.69
C4 NAG T . -75.46 0.47 -12.04
C5 NAG T . -76.78 1.24 -12.06
C6 NAG T . -77.57 1.03 -13.34
C7 NAG T . -75.18 -0.39 -7.26
C8 NAG T . -74.47 0.02 -6.00
N2 NAG T . -75.10 0.48 -8.26
O3 NAG T . -73.61 -0.18 -10.63
O4 NAG T . -74.62 0.95 -13.08
O5 NAG T . -77.61 0.81 -10.98
O6 NAG T . -77.72 -0.36 -13.63
O7 NAG T . -75.77 -1.46 -7.35
C1 NAG U . -21.82 6.40 -26.34
C2 NAG U . -22.03 5.42 -25.18
C3 NAG U . -20.76 4.59 -24.95
C4 NAG U . -20.34 3.91 -26.24
C5 NAG U . -20.19 4.94 -27.36
C6 NAG U . -19.86 4.33 -28.70
C7 NAG U . -23.64 6.12 -23.47
C8 NAG U . -23.86 6.89 -22.21
N2 NAG U . -22.41 6.12 -23.97
O3 NAG U . -21.02 3.62 -23.95
O4 NAG U . -19.09 3.25 -26.06
O5 NAG U . -21.43 5.68 -27.52
O6 NAG U . -20.79 3.31 -29.04
O7 NAG U . -24.55 5.49 -24.03
C1 NAG V . -19.65 -31.23 -43.14
C2 NAG V . -19.51 -31.89 -44.52
C3 NAG V . -20.59 -31.37 -45.46
C4 NAG V . -21.97 -31.57 -44.84
C5 NAG V . -22.01 -30.94 -43.44
C6 NAG V . -23.32 -31.20 -42.72
C7 NAG V . -17.28 -32.60 -45.28
C8 NAG V . -17.69 -33.99 -44.87
N2 NAG V . -18.19 -31.64 -45.08
O3 NAG V . -20.52 -32.07 -46.69
O4 NAG V . -22.96 -30.97 -45.65
O5 NAG V . -20.97 -31.48 -42.63
O6 NAG V . -23.93 -29.99 -42.32
O7 NAG V . -16.18 -32.37 -45.74
C1 NAG W . -13.00 -26.55 -53.22
C2 NAG W . -12.62 -25.08 -53.18
C3 NAG W . -13.86 -24.21 -53.41
C4 NAG W . -14.57 -24.61 -54.69
C5 NAG W . -14.86 -26.12 -54.69
C6 NAG W . -15.45 -26.61 -55.99
C7 NAG W . -10.84 -24.02 -51.85
C8 NAG W . -10.31 -23.76 -50.48
N2 NAG W . -11.98 -24.72 -51.93
O3 NAG W . -13.48 -22.84 -53.48
O4 NAG W . -15.79 -23.90 -54.83
O5 NAG W . -13.65 -26.86 -54.46
O6 NAG W . -14.43 -27.07 -56.87
O7 NAG W . -10.27 -23.62 -52.87
C1 NAG X . -55.64 34.53 1.22
C2 NAG X . -54.23 34.15 1.75
C3 NAG X . -53.16 34.33 0.66
C4 NAG X . -53.62 35.30 -0.42
C5 NAG X . -54.41 36.43 0.22
C6 NAG X . -54.77 37.53 -0.76
C7 NAG X . -54.32 34.60 4.16
C8 NAG X . -53.86 35.50 5.27
N2 NAG X . -53.88 34.91 2.93
O3 NAG X . -52.86 33.06 0.08
O4 NAG X . -52.50 35.83 -1.12
O5 NAG X . -55.65 35.92 0.74
O6 NAG X . -53.84 38.60 -0.69
O7 NAG X . -55.06 33.64 4.35
C1 NAG Y . -78.58 39.97 4.70
C2 NAG Y . -78.00 39.32 5.96
C3 NAG Y . -78.31 40.17 7.19
C4 NAG Y . -77.82 41.59 6.99
C5 NAG Y . -78.42 42.18 5.71
C6 NAG Y . -77.90 43.55 5.38
C7 NAG Y . -77.76 36.95 6.52
C8 NAG Y . -78.46 35.62 6.64
N2 NAG Y . -78.52 37.97 6.12
O3 NAG Y . -77.67 39.59 8.32
O4 NAG Y . -78.21 42.40 8.09
O5 NAG Y . -78.09 41.33 4.60
O6 NAG Y . -76.57 43.73 5.87
O7 NAG Y . -76.57 37.07 6.78
C1 NAG Z . -74.91 38.88 -21.53
C2 NAG Z . -76.42 38.76 -21.73
C3 NAG Z . -76.78 38.90 -23.20
C4 NAG Z . -76.19 40.19 -23.77
C5 NAG Z . -74.69 40.26 -23.49
C6 NAG Z . -74.07 41.57 -23.92
C7 NAG Z . -78.15 37.32 -20.73
C8 NAG Z . -78.47 35.95 -20.23
N2 NAG Z . -76.90 37.49 -21.21
O3 NAG Z . -78.19 38.89 -23.36
O4 NAG Z . -76.41 40.25 -25.18
O5 NAG Z . -74.46 40.13 -22.08
O6 NAG Z . -74.93 42.30 -24.79
O7 NAG Z . -78.96 38.24 -20.69
#